data_4DL1
#
_entry.id   4DL1
#
_cell.length_a   63.829
_cell.length_b   242.636
_cell.length_c   151.505
_cell.angle_alpha   90.00
_cell.angle_beta   91.19
_cell.angle_gamma   90.00
#
_symmetry.space_group_name_H-M   'P 1 21 1'
#
loop_
_entity.id
_entity.type
_entity.pdbx_description
1 polymer 'Myeloperoxidase light chain'
2 polymer 'Myeloperoxidase heavy chain'
3 branched alpha-D-mannopyranose-(1-3)-[alpha-D-mannopyranose-(1-6)]beta-D-mannopyranose-(1-4)-2-acetamido-2-deoxy-beta-D-glucopyranose-(1-4)-[alpha-L-fucopyranose-(1-6)]2-acetamido-2-deoxy-beta-D-glucopyranose
4 branched alpha-D-mannopyranose-(1-3)-[alpha-D-mannopyranose-(1-6)]beta-D-mannopyranose-(1-4)-2-acetamido-2-deoxy-beta-D-glucopyranose-(1-4)-2-acetamido-2-deoxy-beta-D-glucopyranose
5 non-polymer 'CHLORIDE ION'
6 non-polymer 3-[(2R)-2-ethoxypropyl]-2-thioxo-1,2,3,9-tetrahydro-6H-purin-6-one
7 non-polymer 'PROTOPORPHYRIN IX CONTAINING FE'
8 non-polymer 2-acetamido-2-deoxy-beta-D-glucopyranose
9 non-polymer 'CALCIUM ION'
10 water water
#
loop_
_entity_poly.entity_id
_entity_poly.type
_entity_poly.pdbx_seq_one_letter_code
_entity_poly.pdbx_strand_id
1 'polypeptide(L)'
;CPEQDKYRTITGMCNNRRSPTLGASNRAFVRWLPAEYEDGFSLPYGWTPGVKRNGFPVALARAVSNEIVRFPTDQLTPDQ
ERSLMFMQWGQLLDHDLDFTPEPA
;
A,B,E,F,I,J,M,N
2 'polypeptide(L)'
;VNCETSCVQQPPCFPLKIPPNDPRIKNQADCIPFFRS(CSO)PACPGSNITIRNQINALTSFVDASMVYGSEEPLARNLR
NMSNQLGLLAVNQRFQDNGRALLPFDNLHDDPCLLTNRSARIPCFLAGDTRSSEMPELTSMHTLLLREHNRLATELKSLN
PRWDGERLYQEARKIVGAMVQIITYRDYLPLVLGPTAMRKYLPTYRSYNDSVDPRIANVFTNAFRYGHTLIQPFMFRLDN
RYQPMEPNPRVPLSRVFFASWRVVLEGGIDPILRGLMATPAKLNRQNQIAVDEIRERLFEQVMRIGLDLPALNMQRSRDH
GLPGYNAWRRFCGLPQPETVGQLGTVLRNLKLARKLMEQYGTPNNIDIWMGGVSEPLKRKGRVGPLLACIIGTQFRKLRD
GDRFWWENEGVFSMQQRQALAQISLPRIICDNTGITTVSKNNIFMSNSYPRDFVNCSTLPALNLASWREA
;
C,D,G,H,K,L,O,P
#
loop_
_chem_comp.id
_chem_comp.type
_chem_comp.name
_chem_comp.formula
0KY non-polymer 3-[(2R)-2-ethoxypropyl]-2-thioxo-1,2,3,9-tetrahydro-6H-purin-6-one 'C10 H14 N4 O2 S'
BMA D-saccharide, beta linking beta-D-mannopyranose 'C6 H12 O6'
CA non-polymer 'CALCIUM ION' 'Ca 2'
CL non-polymer 'CHLORIDE ION' 'Cl -1'
FUC L-saccharide, alpha linking alpha-L-fucopyranose 'C6 H12 O5'
HEM non-polymer 'PROTOPORPHYRIN IX CONTAINING FE' 'C34 H32 Fe N4 O4'
MAN D-saccharide, alpha linking alpha-D-mannopyranose 'C6 H12 O6'
NAG D-saccharide, beta linking 2-acetamido-2-deoxy-beta-D-glucopyranose 'C8 H15 N O6'
#
# COMPACT_ATOMS: atom_id res chain seq x y z
N CYS A 1 3.73 -47.54 19.25
CA CYS A 1 3.24 -46.65 18.15
C CYS A 1 2.32 -47.48 17.27
N PRO A 2 1.13 -46.95 16.96
CA PRO A 2 0.22 -47.68 16.09
C PRO A 2 0.83 -47.95 14.73
N GLU A 3 0.62 -49.16 14.24
CA GLU A 3 1.47 -49.75 13.23
C GLU A 3 1.25 -49.09 11.87
N GLN A 4 -0.01 -48.78 11.55
CA GLN A 4 -0.33 -47.91 10.44
C GLN A 4 -1.31 -46.83 10.88
N ASP A 5 -1.20 -45.64 10.28
CA ASP A 5 -1.82 -44.45 10.84
C ASP A 5 -1.99 -43.38 9.77
N LYS A 6 -3.21 -42.88 9.59
CA LYS A 6 -3.49 -41.95 8.49
C LYS A 6 -3.21 -40.51 8.89
N TYR A 7 -3.27 -40.24 10.19
CA TYR A 7 -3.25 -38.85 10.68
C TYR A 7 -2.17 -38.68 11.73
N ARG A 8 -1.54 -37.51 11.75
CA ARG A 8 -0.70 -37.09 12.88
C ARG A 8 -1.38 -37.27 14.23
N THR A 9 -0.58 -37.55 15.27
CA THR A 9 -1.05 -37.34 16.64
C THR A 9 -1.03 -35.82 16.90
N ILE A 10 -1.75 -35.39 17.93
CA ILE A 10 -1.74 -33.98 18.35
C ILE A 10 -0.40 -33.58 18.96
N THR A 11 0.17 -34.44 19.81
CA THR A 11 1.45 -34.12 20.49
C THR A 11 2.67 -34.29 19.60
N GLY A 12 2.50 -35.01 18.50
CA GLY A 12 3.60 -35.23 17.54
C GLY A 12 4.33 -36.56 17.82
N MET A 13 3.91 -37.22 18.89
CA MET A 13 4.41 -38.55 19.21
C MET A 13 4.19 -39.50 18.02
N CYS A 14 5.19 -40.35 17.79
CA CYS A 14 5.12 -41.42 16.80
C CYS A 14 5.26 -41.00 15.35
N ASN A 15 5.54 -39.72 15.11
CA ASN A 15 5.93 -39.31 13.78
C ASN A 15 7.19 -40.09 13.42
N ASN A 16 8.15 -40.08 14.33
CA ASN A 16 9.34 -40.89 14.19
C ASN A 16 9.19 -42.15 14.98
N ARG A 17 9.12 -43.27 14.28
CA ARG A 17 8.75 -44.51 14.93
C ARG A 17 9.93 -45.11 15.68
N ARG A 18 11.13 -44.83 15.24
CA ARG A 18 12.30 -45.36 15.93
C ARG A 18 12.59 -44.59 17.22
N SER A 19 12.35 -43.28 17.20
CA SER A 19 12.52 -42.45 18.40
C SER A 19 11.33 -41.50 18.55
N PRO A 20 10.26 -41.98 19.18
CA PRO A 20 8.90 -41.43 18.97
C PRO A 20 8.54 -40.16 19.72
N THR A 21 9.48 -39.56 20.45
CA THR A 21 9.26 -38.22 21.01
C THR A 21 9.79 -37.11 20.13
N LEU A 22 10.55 -37.46 19.10
CA LEU A 22 11.32 -36.45 18.34
C LEU A 22 10.34 -35.61 17.51
N GLY A 23 10.33 -34.31 17.75
CA GLY A 23 9.38 -33.41 17.14
C GLY A 23 8.15 -33.27 18.01
N ALA A 24 8.03 -34.14 19.01
CA ALA A 24 6.88 -34.12 19.89
C ALA A 24 6.99 -32.96 20.88
N SER A 25 5.84 -32.54 21.40
CA SER A 25 5.73 -31.40 22.30
C SER A 25 6.13 -31.70 23.73
N ASN A 26 6.48 -30.64 24.45
CA ASN A 26 6.95 -30.73 25.81
C ASN A 26 8.18 -31.59 25.97
N ARG A 27 9.15 -31.38 25.10
CA ARG A 27 10.47 -32.03 25.14
C ARG A 27 11.52 -30.97 25.00
N ALA A 28 12.74 -31.30 25.46
CA ALA A 28 13.89 -30.41 25.37
C ALA A 28 14.20 -30.13 23.92
N PHE A 29 14.62 -28.91 23.60
CA PHE A 29 15.26 -28.63 22.28
C PHE A 29 16.49 -29.50 22.06
N VAL A 30 16.83 -29.72 20.81
CA VAL A 30 18.12 -30.30 20.48
C VAL A 30 19.15 -29.16 20.46
N ARG A 31 20.35 -29.44 20.94
CA ARG A 31 21.41 -28.44 20.85
C ARG A 31 22.28 -28.76 19.67
N TRP A 32 22.58 -27.78 18.84
CA TRP A 32 23.50 -27.96 17.73
C TRP A 32 24.95 -27.62 18.14
N LEU A 33 25.11 -26.94 19.28
CA LEU A 33 26.41 -26.67 19.90
C LEU A 33 26.25 -26.76 21.41
N PRO A 34 27.31 -27.11 22.12
CA PRO A 34 27.18 -27.13 23.59
C PRO A 34 26.80 -25.78 24.16
N ALA A 35 26.10 -25.80 25.28
CA ALA A 35 25.72 -24.55 25.94
C ALA A 35 26.89 -23.82 26.63
N GLU A 36 26.80 -22.50 26.63
CA GLU A 36 27.81 -21.62 27.24
C GLU A 36 27.15 -20.75 28.27
N TYR A 37 27.39 -21.12 29.52
CA TYR A 37 26.88 -20.45 30.67
C TYR A 37 28.03 -20.00 31.58
N GLU A 38 27.72 -19.02 32.41
CA GLU A 38 28.70 -18.30 33.20
C GLU A 38 29.39 -19.24 34.19
N ASP A 39 28.67 -20.27 34.63
CA ASP A 39 29.22 -21.27 35.54
C ASP A 39 29.37 -22.64 34.85
N GLY A 40 29.13 -22.68 33.54
CA GLY A 40 29.23 -23.91 32.79
C GLY A 40 27.94 -24.70 32.68
N PHE A 41 26.99 -24.53 33.60
CA PHE A 41 25.83 -25.41 33.59
C PHE A 41 24.44 -24.78 33.73
N SER A 42 24.36 -23.52 34.17
CA SER A 42 23.09 -22.90 34.53
C SER A 42 23.00 -21.35 34.47
N LEU A 43 23.92 -20.66 35.13
CA LEU A 43 23.86 -19.20 35.23
C LEU A 43 24.22 -18.52 33.92
N PRO A 44 23.39 -17.57 33.51
CA PRO A 44 23.68 -17.01 32.18
C PRO A 44 24.74 -15.94 32.31
N TYR A 45 25.46 -15.71 31.22
CA TYR A 45 26.35 -14.56 31.11
C TYR A 45 25.64 -13.26 31.41
N GLY A 46 26.23 -12.50 32.32
CA GLY A 46 25.61 -11.28 32.82
C GLY A 46 24.96 -11.38 34.18
N TRP A 47 24.89 -12.59 34.70
CA TRP A 47 24.27 -12.81 36.02
C TRP A 47 25.10 -12.21 37.16
N THR A 48 26.40 -12.56 37.21
CA THR A 48 27.25 -12.14 38.34
C THR A 48 28.10 -10.93 37.92
N PRO A 49 27.96 -9.82 38.63
CA PRO A 49 28.65 -8.59 38.26
C PRO A 49 30.17 -8.82 38.30
N GLY A 50 30.88 -8.31 37.30
CA GLY A 50 32.33 -8.46 37.23
C GLY A 50 32.80 -9.76 36.60
N VAL A 51 31.89 -10.70 36.38
CA VAL A 51 32.25 -11.86 35.59
C VAL A 51 32.23 -11.58 34.09
N LYS A 52 33.40 -11.82 33.49
CA LYS A 52 33.61 -11.53 32.07
C LYS A 52 33.24 -12.73 31.23
N ARG A 53 33.10 -12.51 29.92
CA ARG A 53 32.99 -13.61 28.97
C ARG A 53 34.18 -13.62 28.00
N ASN A 54 35.00 -14.68 28.01
CA ASN A 54 36.02 -14.82 26.99
C ASN A 54 36.98 -13.64 27.06
N GLY A 55 37.14 -13.05 28.26
CA GLY A 55 38.12 -11.96 28.44
C GLY A 55 37.53 -10.55 28.30
N PHE A 56 36.23 -10.46 28.05
CA PHE A 56 35.60 -9.16 27.88
C PHE A 56 34.32 -9.00 28.73
N PRO A 57 33.99 -7.76 29.14
CA PRO A 57 32.76 -7.48 29.86
C PRO A 57 31.53 -7.85 29.06
N VAL A 58 30.52 -8.39 29.73
CA VAL A 58 29.25 -8.72 29.06
C VAL A 58 28.54 -7.42 28.75
N ALA A 59 28.24 -7.16 27.47
CA ALA A 59 27.51 -5.98 27.08
C ALA A 59 26.07 -6.08 27.58
N LEU A 60 25.59 -5.04 28.26
CA LEU A 60 24.15 -4.99 28.57
C LEU A 60 23.41 -5.11 27.25
N ALA A 61 22.45 -6.03 27.18
CA ALA A 61 21.62 -6.17 26.00
C ALA A 61 20.97 -4.84 25.65
N ARG A 62 20.48 -4.13 26.66
CA ARG A 62 19.87 -2.84 26.41
C ARG A 62 20.87 -1.81 25.84
N ALA A 63 22.14 -1.90 26.21
CA ALA A 63 23.11 -0.96 25.70
C ALA A 63 23.38 -1.28 24.25
N VAL A 64 23.42 -2.56 23.89
CA VAL A 64 23.61 -2.96 22.48
C VAL A 64 22.44 -2.49 21.60
N SER A 65 21.22 -2.73 22.08
CA SER A 65 20.02 -2.24 21.42
C SER A 65 20.05 -0.71 21.24
N ASN A 66 20.43 0.03 22.28
CA ASN A 66 20.53 1.50 22.22
C ASN A 66 21.56 1.96 21.20
N GLU A 67 22.70 1.29 21.19
CA GLU A 67 23.79 1.78 20.42
C GLU A 67 23.73 1.26 18.98
N ILE A 68 23.17 0.09 18.76
CA ILE A 68 23.25 -0.48 17.41
C ILE A 68 21.90 -0.65 16.71
N VAL A 69 20.85 -0.88 17.49
CA VAL A 69 19.54 -1.21 16.90
C VAL A 69 18.68 0.04 16.74
N ARG A 70 18.80 0.95 17.69
CA ARG A 70 18.02 2.19 17.71
C ARG A 70 18.30 3.02 16.47
N PHE A 71 17.24 3.46 15.79
CA PHE A 71 17.36 4.37 14.66
C PHE A 71 16.09 5.21 14.56
N PRO A 72 16.19 6.37 13.87
CA PRO A 72 15.05 7.27 13.71
C PRO A 72 13.97 6.72 12.77
N THR A 73 12.76 6.58 13.27
CA THR A 73 11.69 5.94 12.51
C THR A 73 11.38 6.61 11.16
N ASP A 74 11.57 7.93 11.06
CA ASP A 74 11.33 8.65 9.80
C ASP A 74 12.32 8.31 8.69
N GLN A 75 13.33 7.50 9.01
CA GLN A 75 14.28 6.97 8.03
C GLN A 75 13.88 5.58 7.52
N LEU A 76 12.85 4.98 8.11
CA LEU A 76 12.39 3.65 7.69
C LEU A 76 12.33 3.49 6.16
N THR A 77 12.88 2.37 5.68
CA THR A 77 12.84 2.02 4.27
C THR A 77 11.81 0.93 4.00
N PRO A 78 10.72 1.30 3.32
CA PRO A 78 9.76 0.31 2.85
C PRO A 78 10.47 -0.71 1.99
N ASP A 79 10.13 -1.99 2.13
CA ASP A 79 10.69 -3.00 1.27
C ASP A 79 9.88 -3.09 -0.02
N GLN A 80 10.48 -2.72 -1.14
CA GLN A 80 9.75 -2.65 -2.41
C GLN A 80 9.41 -4.04 -2.98
N GLU A 81 9.93 -5.10 -2.36
CA GLU A 81 9.71 -6.44 -2.85
C GLU A 81 9.16 -7.40 -1.78
N ARG A 82 8.75 -6.86 -0.64
CA ARG A 82 8.06 -7.69 0.37
C ARG A 82 6.82 -7.00 0.93
N SER A 83 5.76 -7.76 1.12
CA SER A 83 4.61 -7.21 1.81
C SER A 83 4.73 -7.52 3.29
N LEU A 84 3.93 -6.82 4.09
CA LEU A 84 3.88 -7.04 5.52
C LEU A 84 3.33 -8.45 5.76
N MET A 85 2.60 -8.98 4.76
CA MET A 85 2.18 -10.39 4.85
C MET A 85 3.38 -11.35 5.01
N PHE A 86 4.51 -10.98 4.42
CA PHE A 86 5.78 -11.70 4.60
C PHE A 86 6.25 -11.75 6.05
N MET A 87 6.06 -10.64 6.76
CA MET A 87 6.38 -10.58 8.21
C MET A 87 5.39 -11.46 8.97
N GLN A 88 4.10 -11.27 8.68
CA GLN A 88 3.07 -11.91 9.43
C GLN A 88 3.04 -13.45 9.30
N TRP A 89 3.36 -13.97 8.12
CA TRP A 89 3.45 -15.42 7.95
C TRP A 89 4.63 -16.01 8.74
N GLY A 90 5.67 -15.21 8.91
CA GLY A 90 6.83 -15.63 9.72
C GLY A 90 6.46 -15.82 11.17
N GLN A 91 5.71 -14.89 11.73
CA GLN A 91 5.29 -15.04 13.11
C GLN A 91 4.33 -16.21 13.30
N LEU A 92 3.31 -16.32 12.46
CA LEU A 92 2.43 -17.46 12.49
C LEU A 92 3.16 -18.81 12.41
N LEU A 93 4.06 -18.93 11.44
CA LEU A 93 4.78 -20.15 11.21
C LEU A 93 5.71 -20.44 12.40
N ASP A 94 6.36 -19.40 12.90
CA ASP A 94 7.08 -19.51 14.18
C ASP A 94 6.21 -20.16 15.26
N HIS A 95 4.94 -19.79 15.33
CA HIS A 95 4.05 -20.29 16.37
C HIS A 95 3.47 -21.68 16.05
N ASP A 96 3.82 -22.21 14.89
CA ASP A 96 3.64 -23.62 14.57
C ASP A 96 4.83 -24.39 15.15
N LEU A 97 5.99 -23.77 15.34
CA LEU A 97 7.25 -24.53 15.45
C LEU A 97 7.75 -24.56 16.91
N ASP A 98 7.77 -23.40 17.56
CA ASP A 98 8.27 -23.31 18.92
C ASP A 98 7.60 -22.33 19.90
N PHE A 99 7.39 -22.81 21.10
CA PHE A 99 7.05 -21.94 22.21
C PHE A 99 7.88 -22.40 23.38
N THR A 100 8.61 -21.48 23.98
CA THR A 100 9.53 -21.80 25.10
C THR A 100 8.94 -21.30 26.45
N PRO A 101 8.43 -22.21 27.31
CA PRO A 101 7.73 -21.66 28.47
C PRO A 101 8.59 -21.03 29.54
N GLU A 102 7.94 -20.18 30.32
CA GLU A 102 8.51 -19.49 31.46
C GLU A 102 7.52 -19.69 32.59
N PRO A 103 7.97 -19.52 33.85
CA PRO A 103 7.00 -19.32 34.91
C PRO A 103 6.14 -18.09 34.65
N ALA A 104 4.87 -18.12 35.00
CA ALA A 104 4.01 -16.97 34.71
C ALA A 104 4.06 -15.97 35.88
N VAL B 1 9.13 -14.21 43.51
CA VAL B 1 9.77 -12.91 43.82
C VAL B 1 9.25 -11.85 42.85
N ASN B 2 8.49 -12.30 41.84
CA ASN B 2 7.77 -11.40 40.90
C ASN B 2 8.66 -10.56 39.99
N CYS B 3 8.88 -11.09 38.82
CA CYS B 3 9.79 -10.52 37.85
C CYS B 3 9.14 -9.34 37.11
N GLU B 4 7.82 -9.19 37.21
CA GLU B 4 7.14 -8.23 36.37
C GLU B 4 7.10 -6.88 37.05
N THR B 5 7.15 -6.87 38.38
CA THR B 5 6.99 -5.64 39.15
C THR B 5 8.20 -5.28 40.03
N SER B 6 9.31 -6.01 39.89
CA SER B 6 10.54 -5.66 40.59
C SER B 6 11.79 -5.90 39.77
N CYS B 7 12.92 -5.42 40.28
CA CYS B 7 14.19 -5.65 39.62
C CYS B 7 15.15 -6.53 40.43
N VAL B 8 14.62 -7.22 41.44
CA VAL B 8 15.45 -8.16 42.19
C VAL B 8 15.83 -9.35 41.31
N GLN B 9 17.13 -9.66 41.27
CA GLN B 9 17.61 -10.76 40.44
C GLN B 9 17.70 -12.00 41.29
N GLN B 10 16.57 -12.67 41.47
CA GLN B 10 16.54 -13.96 42.11
C GLN B 10 15.73 -14.84 41.18
N PRO B 11 16.05 -16.14 41.13
CA PRO B 11 15.29 -17.00 40.23
C PRO B 11 13.81 -16.97 40.57
N PRO B 12 12.94 -16.95 39.54
CA PRO B 12 13.31 -17.12 38.14
C PRO B 12 13.64 -15.84 37.34
N CYS B 13 13.87 -14.71 37.99
CA CYS B 13 13.97 -13.44 37.24
C CYS B 13 15.40 -13.17 36.81
N PHE B 14 15.57 -12.72 35.57
CA PHE B 14 16.86 -12.25 35.05
C PHE B 14 16.71 -10.91 34.36
N PRO B 15 16.38 -9.89 35.14
CA PRO B 15 16.01 -8.59 34.62
C PRO B 15 17.13 -7.95 33.85
N LEU B 16 16.80 -7.23 32.77
CA LEU B 16 17.79 -6.46 32.01
C LEU B 16 18.21 -5.18 32.75
N LYS B 17 19.49 -5.15 33.10
CA LYS B 17 20.12 -3.95 33.59
C LYS B 17 20.16 -2.81 32.57
N ILE B 18 20.21 -1.59 33.11
CA ILE B 18 19.99 -0.36 32.37
C ILE B 18 21.30 0.40 32.34
N PRO B 19 21.76 0.79 31.14
CA PRO B 19 23.04 1.49 30.99
C PRO B 19 22.98 2.97 31.40
N PRO B 20 24.15 3.60 31.61
CA PRO B 20 24.09 5.04 31.87
C PRO B 20 23.53 5.78 30.66
N ASN B 21 22.80 6.86 30.91
CA ASN B 21 22.35 7.70 29.82
C ASN B 21 21.47 6.94 28.84
N ASP B 22 20.76 5.93 29.33
CA ASP B 22 19.67 5.35 28.56
C ASP B 22 18.76 6.48 28.08
N PRO B 23 18.28 6.41 26.83
CA PRO B 23 17.35 7.42 26.31
C PRO B 23 15.96 7.41 26.96
N ARG B 24 15.57 6.31 27.58
CA ARG B 24 14.22 6.20 28.17
C ARG B 24 14.28 6.04 29.69
N ILE B 25 15.04 5.06 30.15
CA ILE B 25 15.01 4.69 31.57
C ILE B 25 16.15 5.37 32.30
N LYS B 26 15.81 6.47 32.93
CA LYS B 26 16.78 7.41 33.43
C LYS B 26 17.36 6.96 34.77
N ASN B 27 16.65 6.11 35.49
CA ASN B 27 17.20 5.52 36.70
C ASN B 27 17.97 4.24 36.43
N GLN B 28 19.27 4.30 36.65
CA GLN B 28 20.17 3.19 36.37
C GLN B 28 19.93 2.01 37.32
N ALA B 29 19.29 2.27 38.45
CA ALA B 29 18.92 1.20 39.39
C ALA B 29 17.80 0.29 38.86
N ASP B 30 17.09 0.73 37.83
CA ASP B 30 15.88 0.04 37.39
C ASP B 30 16.22 -1.04 36.38
N CYS B 31 15.23 -1.51 35.61
CA CYS B 31 15.45 -2.68 34.79
C CYS B 31 14.34 -2.91 33.77
N ILE B 32 14.57 -3.81 32.83
CA ILE B 32 13.49 -4.34 31.97
C ILE B 32 13.15 -5.77 32.41
N PRO B 33 11.86 -6.04 32.70
CA PRO B 33 11.34 -7.36 33.18
C PRO B 33 11.82 -8.54 32.37
N PHE B 34 12.23 -9.63 33.03
CA PHE B 34 12.63 -10.86 32.30
C PHE B 34 12.53 -12.10 33.17
N PHE B 35 11.79 -13.10 32.70
CA PHE B 35 11.70 -14.41 33.35
C PHE B 35 12.63 -15.36 32.58
N ARG B 36 13.44 -16.16 33.28
CA ARG B 36 14.14 -17.27 32.60
C ARG B 36 13.21 -18.38 32.05
N SER B 37 13.51 -18.87 30.85
CA SER B 37 12.82 -20.04 30.31
C SER B 37 12.96 -21.20 31.31
N CSO B 38 11.87 -21.97 31.46
CA CSO B 38 11.84 -23.14 32.33
CB CSO B 38 10.46 -23.85 32.21
SG CSO B 38 9.08 -22.94 32.74
C CSO B 38 12.92 -24.14 31.93
O CSO B 38 13.08 -24.45 30.76
OD CSO B 38 9.07 -22.78 34.24
N PRO B 39 13.66 -24.66 32.91
CA PRO B 39 14.62 -25.70 32.64
C PRO B 39 13.99 -27.08 32.49
N ALA B 40 14.65 -27.93 31.71
CA ALA B 40 14.16 -29.26 31.36
C ALA B 40 14.22 -30.16 32.54
N CYS B 41 15.20 -29.91 33.41
CA CYS B 41 15.42 -30.73 34.59
C CYS B 41 15.62 -29.84 35.83
N PRO B 42 14.53 -29.31 36.39
CA PRO B 42 14.72 -28.24 37.38
C PRO B 42 15.49 -28.76 38.60
N GLY B 43 16.44 -27.99 39.10
CA GLY B 43 17.09 -28.31 40.38
C GLY B 43 18.38 -29.12 40.22
N SER B 44 18.66 -29.56 39.00
CA SER B 44 19.67 -30.59 38.77
C SER B 44 21.07 -30.05 39.01
N ASN B 45 21.90 -30.83 39.68
CA ASN B 45 23.32 -30.57 39.69
C ASN B 45 24.10 -31.48 38.70
N ILE B 46 23.40 -32.06 37.72
CA ILE B 46 24.03 -32.92 36.71
C ILE B 46 23.87 -32.31 35.29
N THR B 47 22.63 -32.01 34.88
CA THR B 47 22.41 -31.52 33.51
C THR B 47 23.03 -30.17 33.25
N ILE B 48 23.38 -29.95 31.99
CA ILE B 48 23.58 -28.63 31.48
C ILE B 48 22.21 -28.04 31.09
N ARG B 49 21.85 -26.89 31.66
CA ARG B 49 20.52 -26.37 31.56
C ARG B 49 20.11 -26.33 30.10
N ASN B 50 18.91 -26.79 29.80
CA ASN B 50 18.34 -26.62 28.46
C ASN B 50 16.85 -26.32 28.61
N GLN B 51 16.25 -25.88 27.50
CA GLN B 51 14.93 -25.30 27.57
C GLN B 51 13.96 -26.23 26.80
N ILE B 52 12.67 -25.92 26.91
CA ILE B 52 11.62 -26.84 26.52
C ILE B 52 10.84 -26.22 25.35
N ASN B 53 10.49 -27.03 24.38
CA ASN B 53 9.50 -26.64 23.36
C ASN B 53 8.15 -27.23 23.76
N ALA B 54 7.15 -26.37 23.97
CA ALA B 54 5.81 -26.86 24.25
C ALA B 54 5.03 -27.25 22.97
N LEU B 55 5.60 -27.03 21.81
CA LEU B 55 4.87 -27.27 20.53
C LEU B 55 5.47 -28.41 19.73
N THR B 56 4.71 -28.96 18.78
CA THR B 56 5.25 -29.95 17.86
C THR B 56 6.14 -29.18 16.92
N SER B 57 7.36 -29.67 16.69
CA SER B 57 8.27 -29.01 15.73
C SER B 57 7.69 -28.98 14.32
N PHE B 58 6.90 -29.99 13.97
CA PHE B 58 6.52 -30.19 12.58
C PHE B 58 5.67 -29.02 12.09
N VAL B 59 5.79 -28.73 10.81
CA VAL B 59 4.86 -27.83 10.18
C VAL B 59 3.55 -28.54 9.96
N ASP B 60 2.73 -28.56 11.00
CA ASP B 60 1.53 -29.39 11.06
C ASP B 60 0.30 -28.58 11.50
N ALA B 61 0.39 -27.25 11.40
CA ALA B 61 -0.66 -26.34 11.83
C ALA B 61 -1.07 -26.53 13.28
N SER B 62 -0.13 -26.83 14.16
CA SER B 62 -0.46 -26.98 15.57
C SER B 62 -0.85 -25.67 16.22
N MET B 63 -0.56 -24.56 15.54
CA MET B 63 -1.05 -23.24 15.99
C MET B 63 -2.54 -23.09 15.74
N VAL B 64 -3.15 -24.03 15.02
CA VAL B 64 -4.63 -24.09 14.83
C VAL B 64 -5.22 -25.17 15.74
N TYR B 65 -4.55 -26.31 15.87
CA TYR B 65 -5.17 -27.46 16.50
C TYR B 65 -4.72 -27.76 17.93
N GLY B 66 -3.65 -27.15 18.39
CA GLY B 66 -3.10 -27.53 19.70
C GLY B 66 -2.04 -28.59 19.57
N SER B 67 -1.14 -28.64 20.55
CA SER B 67 -0.10 -29.62 20.57
C SER B 67 -0.26 -30.51 21.79
N GLU B 68 -1.36 -30.35 22.51
CA GLU B 68 -1.63 -31.16 23.71
C GLU B 68 -3.11 -31.51 23.69
N GLU B 69 -3.48 -32.71 24.16
CA GLU B 69 -4.77 -33.35 23.80
C GLU B 69 -6.00 -32.72 24.45
N PRO B 70 -5.81 -32.17 25.68
CA PRO B 70 -6.90 -31.44 26.35
C PRO B 70 -7.32 -30.19 25.56
N LEU B 71 -6.36 -29.30 25.35
CA LEU B 71 -6.60 -28.15 24.47
C LEU B 71 -7.21 -28.57 23.12
N ALA B 72 -6.66 -29.61 22.50
CA ALA B 72 -7.05 -29.97 21.13
C ALA B 72 -8.53 -30.31 21.07
N ARG B 73 -9.00 -31.05 22.06
CA ARG B 73 -10.41 -31.38 22.18
C ARG B 73 -11.25 -30.12 22.41
N ASN B 74 -10.83 -29.31 23.38
CA ASN B 74 -11.57 -28.11 23.72
C ASN B 74 -11.62 -27.09 22.57
N LEU B 75 -10.76 -27.25 21.58
CA LEU B 75 -10.82 -26.37 20.44
C LEU B 75 -11.89 -26.84 19.44
N ARG B 76 -12.41 -28.05 19.67
CA ARG B 76 -13.32 -28.67 18.72
C ARG B 76 -14.76 -28.39 19.07
N ASN B 77 -15.61 -28.30 18.05
CA ASN B 77 -17.06 -28.26 18.23
C ASN B 77 -17.58 -29.67 18.34
N MET B 78 -17.98 -30.07 19.55
CA MET B 78 -18.44 -31.45 19.77
C MET B 78 -19.97 -31.55 19.93
N SER B 79 -20.72 -30.56 19.44
CA SER B 79 -22.18 -30.57 19.61
C SER B 79 -22.80 -31.39 18.50
N ASN B 80 -22.00 -31.75 17.51
CA ASN B 80 -22.51 -32.41 16.31
C ASN B 80 -21.39 -33.20 15.64
N GLN B 81 -21.68 -33.77 14.48
CA GLN B 81 -20.72 -34.61 13.77
C GLN B 81 -20.14 -33.92 12.55
N LEU B 82 -19.95 -32.61 12.66
CA LEU B 82 -19.53 -31.81 11.52
C LEU B 82 -18.02 -31.63 11.42
N GLY B 83 -17.30 -32.09 12.46
CA GLY B 83 -15.84 -32.02 12.52
C GLY B 83 -15.30 -30.61 12.57
N LEU B 84 -16.04 -29.67 13.17
CA LEU B 84 -15.69 -28.27 13.13
C LEU B 84 -14.77 -27.90 14.30
N LEU B 85 -14.05 -26.80 14.14
CA LEU B 85 -13.48 -26.11 15.29
C LEU B 85 -14.53 -25.21 15.88
N ALA B 86 -14.47 -25.08 17.19
CA ALA B 86 -15.33 -24.17 17.92
C ALA B 86 -15.13 -22.72 17.47
N VAL B 87 -16.22 -21.96 17.52
CA VAL B 87 -16.19 -20.54 17.14
C VAL B 87 -16.70 -19.69 18.28
N ASN B 88 -16.34 -18.41 18.26
CA ASN B 88 -16.88 -17.44 19.20
C ASN B 88 -18.41 -17.45 19.38
N GLN B 89 -18.87 -17.61 20.62
CA GLN B 89 -20.30 -17.67 20.90
C GLN B 89 -20.96 -16.31 21.14
N ARG B 90 -20.18 -15.22 21.08
CA ARG B 90 -20.75 -13.89 21.30
C ARG B 90 -20.68 -12.97 20.09
N PHE B 91 -19.66 -13.13 19.24
CA PHE B 91 -19.44 -12.22 18.11
C PHE B 91 -19.17 -12.93 16.78
N GLN B 92 -19.60 -12.29 15.70
CA GLN B 92 -19.19 -12.66 14.36
C GLN B 92 -18.67 -11.45 13.62
N ASP B 93 -17.95 -11.73 12.54
CA ASP B 93 -17.31 -10.73 11.71
C ASP B 93 -18.11 -10.66 10.40
N ASN B 94 -19.07 -9.75 10.35
CA ASN B 94 -20.00 -9.66 9.21
C ASN B 94 -20.49 -11.04 8.81
N GLY B 95 -20.87 -11.85 9.80
CA GLY B 95 -21.47 -13.16 9.56
C GLY B 95 -20.50 -14.33 9.54
N ARG B 96 -19.20 -14.05 9.63
CA ARG B 96 -18.20 -15.11 9.57
C ARG B 96 -17.63 -15.35 10.95
N ALA B 97 -16.97 -16.48 11.13
CA ALA B 97 -16.58 -16.92 12.46
C ALA B 97 -15.40 -16.12 13.00
N LEU B 98 -15.42 -15.91 14.31
CA LEU B 98 -14.22 -15.49 15.04
C LEU B 98 -13.75 -16.59 15.96
N LEU B 99 -12.52 -16.47 16.42
CA LEU B 99 -11.96 -17.40 17.36
C LEU B 99 -12.76 -17.34 18.66
N PRO B 100 -12.90 -18.48 19.35
CA PRO B 100 -13.49 -18.44 20.68
C PRO B 100 -12.65 -17.62 21.67
N PHE B 101 -13.27 -17.13 22.71
CA PHE B 101 -12.55 -16.47 23.78
C PHE B 101 -11.93 -17.50 24.71
N ASP B 102 -10.69 -17.23 25.12
CA ASP B 102 -10.03 -17.97 26.20
C ASP B 102 -10.71 -17.61 27.52
N ASN B 103 -10.47 -18.42 28.56
CA ASN B 103 -10.69 -17.98 29.93
C ASN B 103 -9.38 -17.89 30.72
N LEU B 104 -8.71 -16.76 30.61
CA LEU B 104 -7.39 -16.57 31.20
C LEU B 104 -7.51 -15.96 32.59
N HIS B 105 -6.44 -16.09 33.35
CA HIS B 105 -6.38 -15.62 34.72
C HIS B 105 -6.18 -14.10 34.74
N ASP B 106 -5.04 -13.65 34.22
CA ASP B 106 -4.73 -12.23 34.19
C ASP B 106 -4.75 -11.83 32.74
N ASP B 107 -5.93 -11.92 32.11
CA ASP B 107 -6.03 -11.78 30.68
C ASP B 107 -5.43 -10.44 30.27
N PRO B 108 -4.34 -10.46 29.48
CA PRO B 108 -3.77 -9.15 29.12
C PRO B 108 -4.60 -8.36 28.11
N CYS B 109 -5.41 -9.04 27.32
CA CYS B 109 -6.26 -8.35 26.33
C CYS B 109 -7.27 -7.38 26.98
N LEU B 110 -7.84 -7.78 28.10
CA LEU B 110 -8.74 -6.91 28.87
C LEU B 110 -8.05 -5.60 29.32
N LEU B 111 -6.74 -5.64 29.52
CA LEU B 111 -6.00 -4.46 29.98
C LEU B 111 -5.84 -3.39 28.88
N THR B 112 -5.99 -3.77 27.60
CA THR B 112 -5.70 -2.87 26.47
C THR B 112 -6.79 -1.85 26.18
N ASN B 113 -8.04 -2.30 26.19
CA ASN B 113 -9.14 -1.37 26.28
C ASN B 113 -10.07 -1.81 27.40
N ARG B 114 -9.91 -1.17 28.55
CA ARG B 114 -10.50 -1.66 29.78
C ARG B 114 -11.99 -1.58 29.72
N SER B 115 -12.52 -0.61 28.98
CA SER B 115 -13.94 -0.38 28.95
C SER B 115 -14.62 -1.45 28.09
N ALA B 116 -13.97 -1.88 27.02
CA ALA B 116 -14.57 -2.82 26.05
C ALA B 116 -14.66 -4.24 26.61
N ARG B 117 -13.73 -4.61 27.49
CA ARG B 117 -13.75 -5.90 28.18
C ARG B 117 -13.82 -7.08 27.20
N ILE B 118 -13.00 -7.03 26.16
CA ILE B 118 -12.92 -8.11 25.20
C ILE B 118 -11.72 -9.00 25.56
N PRO B 119 -11.98 -10.26 25.95
CA PRO B 119 -10.91 -11.15 26.36
C PRO B 119 -9.99 -11.58 25.24
N CYS B 120 -8.90 -12.26 25.62
CA CYS B 120 -8.02 -12.91 24.67
C CYS B 120 -8.73 -14.06 23.98
N PHE B 121 -8.32 -14.36 22.76
CA PHE B 121 -8.87 -15.47 22.03
C PHE B 121 -8.25 -16.76 22.46
N LEU B 122 -8.98 -17.85 22.24
CA LEU B 122 -8.42 -19.21 22.41
C LEU B 122 -8.07 -19.79 21.04
N ALA B 123 -6.82 -20.26 20.88
CA ALA B 123 -6.41 -20.96 19.65
C ALA B 123 -5.45 -22.08 19.99
N GLY B 124 -4.92 -22.74 18.96
CA GLY B 124 -4.04 -23.89 19.20
C GLY B 124 -2.72 -23.47 19.85
N ASP B 125 -2.33 -22.21 19.63
CA ASP B 125 -1.13 -21.62 20.26
C ASP B 125 -1.56 -20.42 21.12
N THR B 126 -0.93 -20.27 22.28
CA THR B 126 -1.35 -19.30 23.32
C THR B 126 -1.12 -17.84 22.93
N ARG B 127 -0.39 -17.59 21.86
CA ARG B 127 -0.03 -16.23 21.50
C ARG B 127 -0.91 -15.63 20.38
N SER B 128 -2.06 -16.23 20.15
CA SER B 128 -2.88 -15.82 19.00
C SER B 128 -3.36 -14.37 19.06
N SER B 129 -3.41 -13.80 20.26
CA SER B 129 -3.93 -12.45 20.45
C SER B 129 -2.87 -11.35 20.46
N GLU B 130 -1.60 -11.75 20.34
CA GLU B 130 -0.48 -10.86 20.61
C GLU B 130 -0.50 -9.60 19.74
N MET B 131 -0.90 -9.74 18.48
CA MET B 131 -1.22 -8.58 17.65
C MET B 131 -2.37 -8.95 16.68
N PRO B 132 -3.22 -7.97 16.31
CA PRO B 132 -4.45 -8.36 15.60
C PRO B 132 -4.23 -8.97 14.22
N GLU B 133 -3.16 -8.55 13.56
CA GLU B 133 -2.69 -9.17 12.32
C GLU B 133 -2.42 -10.67 12.43
N LEU B 134 -1.80 -11.08 13.54
CA LEU B 134 -1.61 -12.51 13.81
C LEU B 134 -2.97 -13.16 14.09
N THR B 135 -3.75 -12.54 14.96
CA THR B 135 -5.13 -12.97 15.20
C THR B 135 -5.88 -13.18 13.89
N SER B 136 -5.73 -12.25 12.93
CA SER B 136 -6.44 -12.39 11.65
C SER B 136 -6.05 -13.66 10.87
N MET B 137 -4.77 -14.03 10.94
CA MET B 137 -4.24 -15.18 10.23
C MET B 137 -4.74 -16.47 10.82
N HIS B 138 -4.78 -16.53 12.15
CA HIS B 138 -5.41 -17.62 12.90
C HIS B 138 -6.89 -17.78 12.55
N THR B 139 -7.58 -16.67 12.49
CA THR B 139 -8.99 -16.68 12.19
C THR B 139 -9.21 -17.20 10.79
N LEU B 140 -8.39 -16.72 9.86
CA LEU B 140 -8.41 -17.19 8.49
C LEU B 140 -8.38 -18.72 8.45
N LEU B 141 -7.40 -19.31 9.13
CA LEU B 141 -7.18 -20.74 9.09
C LEU B 141 -8.29 -21.54 9.78
N LEU B 142 -8.77 -21.05 10.91
CA LEU B 142 -9.95 -21.59 11.54
C LEU B 142 -11.14 -21.66 10.58
N ARG B 143 -11.37 -20.58 9.84
CA ARG B 143 -12.48 -20.59 8.89
C ARG B 143 -12.22 -21.62 7.81
N GLU B 144 -10.95 -21.70 7.38
CA GLU B 144 -10.58 -22.65 6.32
C GLU B 144 -10.85 -24.11 6.72
N HIS B 145 -10.49 -24.48 7.95
CA HIS B 145 -10.84 -25.76 8.50
C HIS B 145 -12.34 -26.04 8.41
N ASN B 146 -13.16 -25.07 8.79
CA ASN B 146 -14.60 -25.29 8.89
C ASN B 146 -15.23 -25.33 7.49
N ARG B 147 -14.66 -24.57 6.56
CA ARG B 147 -15.01 -24.64 5.16
C ARG B 147 -14.73 -26.03 4.57
N LEU B 148 -13.51 -26.53 4.75
CA LEU B 148 -13.15 -27.86 4.28
C LEU B 148 -14.00 -28.96 4.92
N ALA B 149 -14.26 -28.86 6.22
CA ALA B 149 -15.10 -29.87 6.87
C ALA B 149 -16.50 -29.86 6.28
N THR B 150 -17.05 -28.67 6.11
CA THR B 150 -18.36 -28.52 5.45
C THR B 150 -18.37 -29.16 4.06
N GLU B 151 -17.35 -28.87 3.27
CA GLU B 151 -17.29 -29.32 1.86
C GLU B 151 -16.99 -30.83 1.77
N LEU B 152 -16.21 -31.35 2.70
CA LEU B 152 -15.93 -32.77 2.75
C LEU B 152 -17.19 -33.59 3.11
N LYS B 153 -17.99 -33.05 4.01
CA LYS B 153 -19.27 -33.67 4.38
C LYS B 153 -20.25 -33.70 3.20
N SER B 154 -20.34 -32.61 2.45
CA SER B 154 -21.23 -32.59 1.26
C SER B 154 -20.81 -33.74 0.37
N LEU B 155 -19.50 -33.93 0.31
CA LEU B 155 -18.90 -34.80 -0.67
C LEU B 155 -18.89 -36.25 -0.17
N ASN B 156 -18.63 -36.46 1.11
CA ASN B 156 -18.66 -37.80 1.66
C ASN B 156 -19.69 -37.86 2.78
N PRO B 157 -20.98 -38.02 2.42
CA PRO B 157 -21.99 -37.83 3.46
C PRO B 157 -21.93 -38.84 4.60
N ARG B 158 -21.35 -40.01 4.38
CA ARG B 158 -21.25 -40.99 5.46
C ARG B 158 -20.17 -40.65 6.51
N TRP B 159 -19.28 -39.71 6.24
CA TRP B 159 -18.17 -39.45 7.17
C TRP B 159 -18.68 -38.87 8.49
N ASP B 160 -18.12 -39.34 9.61
CA ASP B 160 -18.50 -38.84 10.92
C ASP B 160 -17.61 -37.68 11.36
N GLY B 161 -17.93 -37.12 12.52
CA GLY B 161 -17.29 -35.89 12.98
C GLY B 161 -15.78 -36.01 13.03
N GLU B 162 -15.32 -37.12 13.60
CA GLU B 162 -13.88 -37.34 13.79
C GLU B 162 -13.15 -37.41 12.45
N ARG B 163 -13.73 -38.10 11.48
CA ARG B 163 -13.10 -38.25 10.15
C ARG B 163 -13.05 -36.89 9.44
N LEU B 164 -14.15 -36.17 9.50
CA LEU B 164 -14.23 -34.82 8.95
C LEU B 164 -13.13 -33.91 9.51
N TYR B 165 -12.98 -33.94 10.83
CA TYR B 165 -12.00 -33.08 11.50
C TYR B 165 -10.58 -33.44 11.04
N GLN B 166 -10.25 -34.73 11.06
CA GLN B 166 -8.90 -35.19 10.73
C GLN B 166 -8.54 -34.90 9.27
N GLU B 167 -9.50 -35.08 8.35
CA GLU B 167 -9.20 -34.90 6.92
C GLU B 167 -8.97 -33.41 6.61
N ALA B 168 -9.76 -32.55 7.26
CA ALA B 168 -9.66 -31.11 7.13
C ALA B 168 -8.36 -30.60 7.75
N ARG B 169 -8.08 -31.08 8.95
CA ARG B 169 -6.79 -30.86 9.62
C ARG B 169 -5.58 -31.24 8.75
N LYS B 170 -5.63 -32.39 8.10
CA LYS B 170 -4.53 -32.86 7.25
C LYS B 170 -4.34 -31.96 6.01
N ILE B 171 -5.46 -31.47 5.48
CA ILE B 171 -5.38 -30.51 4.39
C ILE B 171 -4.78 -29.17 4.86
N VAL B 172 -5.31 -28.59 5.93
CA VAL B 172 -4.75 -27.32 6.44
C VAL B 172 -3.25 -27.40 6.78
N GLY B 173 -2.81 -28.48 7.41
CA GLY B 173 -1.36 -28.71 7.59
C GLY B 173 -0.59 -28.72 6.28
N ALA B 174 -1.16 -29.30 5.23
CA ALA B 174 -0.44 -29.36 3.95
C ALA B 174 -0.38 -27.98 3.29
N MET B 175 -1.47 -27.21 3.40
CA MET B 175 -1.52 -25.80 2.95
C MET B 175 -0.43 -24.95 3.60
N VAL B 176 -0.28 -25.06 4.91
CA VAL B 176 0.82 -24.42 5.61
C VAL B 176 2.20 -24.84 5.12
N GLN B 177 2.40 -26.12 4.89
CA GLN B 177 3.68 -26.59 4.35
C GLN B 177 3.98 -26.04 2.94
N ILE B 178 2.94 -26.04 2.11
CA ILE B 178 3.09 -25.61 0.71
C ILE B 178 3.38 -24.11 0.66
N ILE B 179 2.59 -23.32 1.37
CA ILE B 179 2.79 -21.87 1.37
C ILE B 179 4.18 -21.53 1.94
N THR B 180 4.57 -22.24 2.98
CA THR B 180 5.86 -22.01 3.65
C THR B 180 7.08 -22.29 2.77
N TYR B 181 7.08 -23.45 2.14
CA TYR B 181 8.28 -23.93 1.47
C TYR B 181 8.30 -23.51 -0.01
N ARG B 182 7.11 -23.35 -0.60
CA ARG B 182 7.02 -22.91 -1.97
C ARG B 182 7.14 -21.38 -2.07
N ASP B 183 6.38 -20.70 -1.22
CA ASP B 183 6.24 -19.24 -1.35
C ASP B 183 7.09 -18.42 -0.38
N TYR B 184 7.20 -18.89 0.85
CA TYR B 184 7.78 -18.10 1.93
C TYR B 184 9.31 -18.24 1.98
N LEU B 185 9.81 -19.46 2.17
CA LEU B 185 11.25 -19.69 2.47
C LEU B 185 12.20 -19.20 1.36
N PRO B 186 11.81 -19.36 0.10
CA PRO B 186 12.65 -18.90 -1.01
C PRO B 186 12.92 -17.40 -0.92
N LEU B 187 11.88 -16.66 -0.53
CA LEU B 187 11.97 -15.24 -0.28
C LEU B 187 12.76 -14.86 0.98
N VAL B 188 12.83 -15.76 1.94
CA VAL B 188 13.68 -15.53 3.12
C VAL B 188 15.14 -15.77 2.77
N LEU B 189 15.44 -16.90 2.17
CA LEU B 189 16.81 -17.38 2.04
C LEU B 189 17.49 -16.87 0.77
N GLY B 190 16.70 -16.57 -0.26
CA GLY B 190 17.29 -16.29 -1.54
C GLY B 190 17.68 -17.57 -2.23
N PRO B 191 17.77 -17.54 -3.56
CA PRO B 191 17.87 -18.75 -4.35
C PRO B 191 19.13 -19.57 -4.05
N THR B 192 20.20 -18.89 -3.73
CA THR B 192 21.48 -19.58 -3.55
C THR B 192 21.42 -20.46 -2.32
N ALA B 193 21.03 -19.86 -1.19
CA ALA B 193 20.85 -20.57 0.07
C ALA B 193 19.74 -21.62 -0.02
N MET B 194 18.71 -21.31 -0.81
CA MET B 194 17.61 -22.26 -1.08
C MET B 194 18.12 -23.53 -1.78
N ARG B 195 18.95 -23.39 -2.81
CA ARG B 195 19.56 -24.57 -3.44
C ARG B 195 20.43 -25.38 -2.48
N LYS B 196 21.19 -24.68 -1.64
CA LYS B 196 22.15 -25.32 -0.73
C LYS B 196 21.47 -26.01 0.45
N TYR B 197 20.51 -25.35 1.11
CA TYR B 197 19.92 -25.90 2.35
C TYR B 197 18.60 -26.66 2.15
N LEU B 198 17.87 -26.34 1.08
CA LEU B 198 16.65 -27.07 0.73
C LEU B 198 16.66 -27.58 -0.72
N PRO B 199 17.57 -28.51 -1.06
CA PRO B 199 17.48 -29.12 -2.38
C PRO B 199 16.16 -29.88 -2.56
N THR B 200 15.92 -30.33 -3.77
CA THR B 200 14.62 -30.85 -4.14
C THR B 200 14.27 -32.06 -3.29
N TYR B 201 13.06 -32.05 -2.75
CA TYR B 201 12.60 -33.12 -1.87
C TYR B 201 12.75 -34.43 -2.60
N ARG B 202 13.28 -35.42 -1.91
CA ARG B 202 13.31 -36.76 -2.47
C ARG B 202 12.29 -37.66 -1.77
N SER B 203 12.49 -37.88 -0.47
CA SER B 203 11.60 -38.71 0.31
CA SER B 203 11.56 -38.68 0.32
C SER B 203 11.88 -38.58 1.81
N TYR B 204 10.98 -39.12 2.64
CA TYR B 204 11.14 -39.11 4.09
C TYR B 204 12.38 -39.90 4.52
N ASN B 205 13.13 -39.37 5.46
CA ASN B 205 14.31 -40.04 5.94
C ASN B 205 14.27 -40.09 7.48
N ASP B 206 14.04 -41.27 8.04
CA ASP B 206 13.71 -41.41 9.49
C ASP B 206 14.94 -41.28 10.38
N SER B 207 16.09 -41.04 9.75
CA SER B 207 17.32 -40.79 10.51
C SER B 207 17.55 -39.30 10.63
N VAL B 208 16.67 -38.50 10.01
CA VAL B 208 16.77 -37.04 10.12
C VAL B 208 16.01 -36.53 11.35
N ASP B 209 16.74 -35.90 12.26
CA ASP B 209 16.19 -35.41 13.52
C ASP B 209 15.36 -34.15 13.32
N PRO B 210 14.07 -34.22 13.66
CA PRO B 210 13.14 -33.15 13.31
C PRO B 210 12.95 -32.14 14.44
N ARG B 211 13.72 -32.27 15.50
CA ARG B 211 13.55 -31.34 16.60
C ARG B 211 13.94 -29.92 16.26
N ILE B 212 13.31 -28.97 16.94
CA ILE B 212 13.75 -27.61 16.88
C ILE B 212 15.08 -27.46 17.65
N ALA B 213 16.04 -26.78 17.06
CA ALA B 213 17.31 -26.52 17.71
C ALA B 213 17.15 -25.23 18.53
N ASN B 214 17.76 -25.23 19.71
CA ASN B 214 17.59 -24.15 20.64
C ASN B 214 17.94 -22.84 20.01
N VAL B 215 19.01 -22.86 19.20
CA VAL B 215 19.46 -21.65 18.51
C VAL B 215 18.43 -21.10 17.54
N PHE B 216 17.64 -21.97 16.93
CA PHE B 216 16.65 -21.52 15.94
C PHE B 216 15.59 -20.61 16.56
N THR B 217 15.30 -20.81 17.86
CA THR B 217 14.28 -20.03 18.57
C THR B 217 14.71 -18.57 18.68
N ASN B 218 16.00 -18.32 18.50
CA ASN B 218 16.53 -16.96 18.62
C ASN B 218 16.79 -16.44 17.21
N ALA B 219 17.39 -17.27 16.36
CA ALA B 219 17.74 -16.84 15.01
C ALA B 219 16.52 -16.50 14.19
N PHE B 220 15.42 -17.24 14.41
CA PHE B 220 14.22 -17.03 13.62
C PHE B 220 13.48 -15.76 14.02
N ARG B 221 14.02 -15.08 15.03
CA ARG B 221 13.56 -13.76 15.40
C ARG B 221 14.12 -12.71 14.53
N TYR B 222 14.78 -13.10 13.43
CA TYR B 222 15.25 -12.14 12.47
C TYR B 222 14.05 -11.30 11.96
N GLY B 223 12.83 -11.85 12.07
CA GLY B 223 11.61 -11.24 11.47
C GLY B 223 11.16 -10.00 12.21
N HIS B 224 11.67 -9.81 13.43
CA HIS B 224 11.52 -8.56 14.12
C HIS B 224 12.03 -7.36 13.32
N THR B 225 12.99 -7.56 12.40
CA THR B 225 13.52 -6.47 11.59
C THR B 225 12.59 -6.07 10.45
N LEU B 226 11.52 -6.84 10.27
CA LEU B 226 10.56 -6.65 9.17
C LEU B 226 9.32 -5.86 9.61
N ILE B 227 9.22 -5.67 10.92
CA ILE B 227 8.06 -5.11 11.58
C ILE B 227 7.97 -3.59 11.43
N GLN B 228 6.82 -3.16 10.90
CA GLN B 228 6.50 -1.74 10.72
C GLN B 228 5.91 -1.17 12.02
N PRO B 229 5.99 0.16 12.23
CA PRO B 229 5.53 0.73 13.49
C PRO B 229 4.01 0.90 13.58
N PHE B 230 3.29 0.44 12.57
CA PHE B 230 1.84 0.66 12.50
C PHE B 230 1.13 -0.62 12.08
N MET B 231 -0.09 -0.78 12.57
CA MET B 231 -1.03 -1.72 11.96
C MET B 231 -1.88 -0.95 10.93
N PHE B 232 -1.81 -1.37 9.67
CA PHE B 232 -2.41 -0.61 8.59
C PHE B 232 -3.76 -1.25 8.31
N ARG B 233 -4.79 -0.41 8.22
CA ARG B 233 -6.15 -0.86 8.01
C ARG B 233 -6.71 -0.17 6.78
N LEU B 234 -7.23 -0.97 5.86
CA LEU B 234 -7.67 -0.48 4.55
C LEU B 234 -9.10 -0.92 4.28
N ASP B 235 -9.89 -0.01 3.75
CA ASP B 235 -11.32 -0.23 3.65
C ASP B 235 -11.64 -1.06 2.41
N ASN B 236 -12.91 -1.13 2.04
CA ASN B 236 -13.33 -1.97 0.94
C ASN B 236 -12.92 -1.48 -0.45
N ARG B 237 -12.19 -0.35 -0.49
CA ARG B 237 -11.60 0.13 -1.74
C ARG B 237 -10.10 0.20 -1.59
N TYR B 238 -9.59 -0.54 -0.61
CA TYR B 238 -8.18 -0.52 -0.29
C TYR B 238 -7.68 0.89 -0.04
N GLN B 239 -8.55 1.77 0.42
CA GLN B 239 -8.15 3.11 0.86
C GLN B 239 -7.92 3.05 2.37
N PRO B 240 -7.14 3.98 2.93
CA PRO B 240 -7.01 4.01 4.40
C PRO B 240 -8.37 4.09 5.14
N MET B 241 -8.56 3.26 6.16
CA MET B 241 -9.84 3.20 6.85
C MET B 241 -9.93 4.20 7.99
N GLU B 242 -10.83 5.17 7.86
CA GLU B 242 -10.96 6.22 8.85
C GLU B 242 -11.86 5.74 9.98
N PRO B 243 -11.65 6.25 11.19
CA PRO B 243 -10.79 7.38 11.48
C PRO B 243 -9.34 7.02 11.85
N ASN B 244 -9.05 5.74 12.05
CA ASN B 244 -7.72 5.27 12.46
C ASN B 244 -7.11 4.27 11.48
N PRO B 245 -6.53 4.75 10.38
CA PRO B 245 -5.92 3.91 9.35
C PRO B 245 -4.53 3.36 9.69
N ARG B 246 -3.81 4.02 10.60
CA ARG B 246 -2.45 3.62 10.96
C ARG B 246 -2.32 3.64 12.48
N VAL B 247 -2.56 2.50 13.12
CA VAL B 247 -2.58 2.45 14.57
C VAL B 247 -1.17 2.10 15.08
N PRO B 248 -0.64 2.89 16.03
CA PRO B 248 0.70 2.58 16.46
C PRO B 248 0.76 1.18 17.09
N LEU B 249 1.82 0.42 16.81
CA LEU B 249 1.90 -0.98 17.24
C LEU B 249 1.75 -1.12 18.75
N SER B 250 2.31 -0.18 19.51
CA SER B 250 2.25 -0.24 20.97
C SER B 250 0.84 -0.06 21.50
N ARG B 251 -0.13 0.13 20.59
CA ARG B 251 -1.54 0.14 20.95
C ARG B 251 -2.38 -0.95 20.29
N VAL B 252 -1.75 -1.98 19.75
CA VAL B 252 -2.46 -3.15 19.21
C VAL B 252 -2.03 -4.50 19.81
N PHE B 253 -0.97 -4.52 20.60
CA PHE B 253 -0.58 -5.77 21.27
C PHE B 253 -1.71 -6.21 22.20
N PHE B 254 -2.13 -7.47 22.05
CA PHE B 254 -3.19 -8.04 22.85
C PHE B 254 -4.51 -7.26 22.74
N ALA B 255 -4.64 -6.43 21.71
CA ALA B 255 -5.87 -5.69 21.55
C ALA B 255 -6.89 -6.49 20.71
N SER B 256 -7.42 -7.55 21.33
CA SER B 256 -8.47 -8.36 20.71
C SER B 256 -9.74 -7.55 20.48
N TRP B 257 -9.94 -6.52 21.28
CA TRP B 257 -11.09 -5.67 21.09
C TRP B 257 -11.17 -5.05 19.70
N ARG B 258 -10.01 -4.90 19.04
CA ARG B 258 -9.95 -4.14 17.78
C ARG B 258 -10.45 -4.99 16.62
N VAL B 259 -10.29 -6.31 16.75
CA VAL B 259 -10.82 -7.26 15.79
C VAL B 259 -12.33 -7.34 15.96
N VAL B 260 -12.77 -7.40 17.22
CA VAL B 260 -14.20 -7.56 17.54
C VAL B 260 -15.02 -6.30 17.30
N LEU B 261 -14.49 -5.12 17.63
CA LEU B 261 -15.31 -3.90 17.64
C LEU B 261 -14.93 -2.86 16.58
N GLU B 262 -13.80 -3.05 15.90
CA GLU B 262 -13.38 -2.06 14.90
C GLU B 262 -13.28 -2.73 13.53
N GLY B 263 -14.11 -3.74 13.30
CA GLY B 263 -14.52 -4.10 11.95
C GLY B 263 -13.95 -5.39 11.40
N GLY B 264 -13.46 -6.28 12.28
CA GLY B 264 -13.12 -7.64 11.88
C GLY B 264 -11.79 -7.73 11.17
N ILE B 265 -11.55 -8.85 10.48
CA ILE B 265 -10.21 -9.15 9.96
C ILE B 265 -9.93 -8.67 8.51
N ASP B 266 -10.98 -8.32 7.76
CA ASP B 266 -10.78 -7.91 6.37
C ASP B 266 -9.87 -6.68 6.28
N PRO B 267 -10.16 -5.62 7.06
CA PRO B 267 -9.31 -4.47 6.84
C PRO B 267 -7.85 -4.75 7.20
N ILE B 268 -7.64 -5.67 8.12
CA ILE B 268 -6.29 -5.97 8.62
C ILE B 268 -5.57 -6.83 7.56
N LEU B 269 -6.31 -7.73 6.92
CA LEU B 269 -5.71 -8.59 5.92
C LEU B 269 -5.37 -7.75 4.68
N ARG B 270 -6.22 -6.79 4.37
CA ARG B 270 -5.90 -5.87 3.27
C ARG B 270 -4.61 -5.07 3.54
N GLY B 271 -4.49 -4.52 4.74
CA GLY B 271 -3.28 -3.81 5.13
C GLY B 271 -2.02 -4.67 4.98
N LEU B 272 -2.12 -5.95 5.31
CA LEU B 272 -0.93 -6.81 5.29
C LEU B 272 -0.51 -7.06 3.85
N MET B 273 -1.49 -7.11 2.97
CA MET B 273 -1.23 -7.43 1.56
C MET B 273 -0.74 -6.22 0.73
N ALA B 274 -1.21 -5.02 1.07
CA ALA B 274 -1.01 -3.82 0.25
C ALA B 274 -0.07 -2.80 0.91
N THR B 275 0.66 -3.23 1.94
CA THR B 275 1.69 -2.39 2.60
C THR B 275 3.02 -3.11 2.54
N PRO B 276 4.12 -2.39 2.24
CA PRO B 276 5.42 -3.04 2.23
C PRO B 276 5.85 -3.43 3.65
N ALA B 277 6.59 -4.52 3.77
CA ALA B 277 7.34 -4.81 5.01
C ALA B 277 8.40 -3.75 5.26
N LYS B 278 8.85 -3.60 6.50
CA LYS B 278 10.07 -2.86 6.76
C LYS B 278 11.26 -3.63 6.22
N LEU B 279 12.20 -2.92 5.59
CA LEU B 279 13.40 -3.55 5.07
C LEU B 279 14.40 -3.64 6.18
N ASN B 280 15.10 -4.75 6.31
CA ASN B 280 16.28 -4.77 7.18
C ASN B 280 17.47 -4.07 6.56
N ARG B 281 17.91 -2.96 7.15
CA ARG B 281 19.20 -2.33 6.81
C ARG B 281 20.07 -2.13 8.06
N GLN B 282 21.39 -2.02 7.88
CA GLN B 282 22.34 -2.09 9.02
C GLN B 282 22.29 -0.94 10.03
N ASN B 283 21.76 0.20 9.61
CA ASN B 283 21.55 1.36 10.47
C ASN B 283 20.04 1.62 10.58
N GLN B 284 19.24 0.64 10.18
CA GLN B 284 17.80 0.70 10.44
C GLN B 284 17.31 -0.70 10.82
N ILE B 285 17.77 -1.20 11.96
CA ILE B 285 17.57 -2.59 12.28
C ILE B 285 16.14 -2.88 12.79
N ALA B 286 15.72 -2.23 13.87
CA ALA B 286 14.38 -2.47 14.46
C ALA B 286 13.74 -1.21 15.05
N VAL B 287 12.42 -1.08 14.86
CA VAL B 287 11.72 0.16 15.20
C VAL B 287 11.42 0.28 16.67
N ASP B 288 11.31 1.52 17.15
CA ASP B 288 11.05 1.81 18.56
C ASP B 288 9.68 1.35 19.09
N GLU B 289 8.73 1.06 18.20
CA GLU B 289 7.47 0.49 18.66
C GLU B 289 7.69 -0.87 19.35
N ILE B 290 8.78 -1.58 19.00
CA ILE B 290 9.15 -2.82 19.70
C ILE B 290 10.42 -2.73 20.53
N ARG B 291 11.26 -1.74 20.24
CA ARG B 291 12.52 -1.51 20.97
C ARG B 291 12.30 -0.69 22.26
N GLU B 292 11.30 0.20 22.24
CA GLU B 292 11.01 1.07 23.37
C GLU B 292 9.63 0.74 23.95
N ARG B 293 8.69 0.37 23.09
CA ARG B 293 7.25 0.33 23.48
C ARG B 293 6.59 -1.03 23.31
N LEU B 294 7.36 -2.10 23.37
CA LEU B 294 6.77 -3.43 23.36
C LEU B 294 5.85 -3.63 24.58
N PHE B 295 4.58 -3.89 24.30
CA PHE B 295 3.58 -4.29 25.32
C PHE B 295 3.35 -3.17 26.33
N GLU B 296 3.55 -1.92 25.88
CA GLU B 296 3.41 -0.74 26.71
C GLU B 296 2.12 -0.75 27.50
N GLN B 297 1.04 -1.17 26.84
CA GLN B 297 -0.26 -1.16 27.48
C GLN B 297 -0.46 -2.22 28.58
N VAL B 298 0.33 -3.28 28.59
CA VAL B 298 0.05 -4.42 29.45
C VAL B 298 1.20 -4.74 30.43
N MET B 299 2.17 -3.84 30.52
CA MET B 299 3.35 -4.01 31.40
C MET B 299 3.60 -2.68 32.11
N ARG B 300 4.43 -2.72 33.14
CA ARG B 300 4.72 -1.51 33.91
C ARG B 300 5.51 -0.49 33.12
N ILE B 301 6.30 -0.96 32.16
CA ILE B 301 6.97 -0.10 31.20
C ILE B 301 6.99 -0.79 29.86
N GLY B 302 7.35 -0.05 28.84
CA GLY B 302 7.63 -0.63 27.55
C GLY B 302 8.84 -1.54 27.65
N LEU B 303 8.77 -2.64 26.92
CA LEU B 303 9.89 -3.53 26.75
C LEU B 303 10.63 -3.25 25.46
N ASP B 304 11.81 -3.83 25.38
CA ASP B 304 12.73 -3.70 24.27
C ASP B 304 12.98 -5.05 23.64
N LEU B 305 12.29 -5.36 22.54
CA LEU B 305 12.31 -6.71 22.02
C LEU B 305 13.70 -7.12 21.50
N PRO B 306 14.43 -6.20 20.88
CA PRO B 306 15.81 -6.55 20.54
C PRO B 306 16.67 -6.90 21.74
N ALA B 307 16.56 -6.13 22.81
CA ALA B 307 17.28 -6.43 24.04
C ALA B 307 16.81 -7.74 24.71
N LEU B 308 15.53 -8.06 24.57
CA LEU B 308 15.06 -9.32 25.12
C LEU B 308 15.65 -10.47 24.31
N ASN B 309 15.78 -10.33 22.98
CA ASN B 309 16.28 -11.42 22.15
C ASN B 309 17.68 -11.77 22.67
N MET B 310 18.47 -10.74 22.98
CA MET B 310 19.84 -10.94 23.39
C MET B 310 19.95 -11.52 24.81
N GLN B 311 19.12 -11.02 25.74
CA GLN B 311 19.09 -11.59 27.11
C GLN B 311 18.66 -13.06 27.05
N ARG B 312 17.76 -13.36 26.11
CA ARG B 312 17.23 -14.72 25.98
C ARG B 312 18.29 -15.70 25.45
N SER B 313 19.10 -15.24 24.49
CA SER B 313 20.16 -16.09 23.97
C SER B 313 21.15 -16.42 25.06
N ARG B 314 21.29 -15.51 26.02
CA ARG B 314 22.17 -15.75 27.17
C ARG B 314 21.48 -16.63 28.19
N ASP B 315 20.21 -16.37 28.43
CA ASP B 315 19.34 -17.23 29.25
C ASP B 315 19.50 -18.68 28.83
N HIS B 316 19.52 -18.88 27.52
CA HIS B 316 19.56 -20.19 26.88
C HIS B 316 20.95 -20.75 26.68
N GLY B 317 21.96 -19.96 27.04
CA GLY B 317 23.34 -20.38 26.98
C GLY B 317 23.87 -20.57 25.58
N LEU B 318 23.35 -19.80 24.61
CA LEU B 318 23.79 -19.95 23.24
C LEU B 318 25.19 -19.39 23.03
N PRO B 319 25.99 -20.08 22.19
CA PRO B 319 27.31 -19.57 21.90
C PRO B 319 27.21 -18.33 21.05
N GLY B 320 28.31 -17.58 20.94
CA GLY B 320 28.28 -16.30 20.23
C GLY B 320 28.44 -16.44 18.73
N TYR B 321 28.59 -15.29 18.05
CA TYR B 321 28.54 -15.20 16.59
C TYR B 321 29.56 -16.11 15.92
N ASN B 322 30.82 -16.02 16.33
CA ASN B 322 31.86 -16.79 15.67
C ASN B 322 31.71 -18.29 15.79
N ALA B 323 31.20 -18.77 16.94
CA ALA B 323 30.97 -20.20 17.12
C ALA B 323 29.95 -20.70 16.12
N TRP B 324 28.92 -19.89 15.91
CA TRP B 324 27.88 -20.22 14.92
C TRP B 324 28.35 -20.05 13.50
N ARG B 325 29.19 -19.05 13.27
CA ARG B 325 29.83 -18.98 11.95
C ARG B 325 30.57 -20.27 11.74
N ARG B 326 31.39 -20.67 12.73
CA ARG B 326 32.19 -21.89 12.60
C ARG B 326 31.33 -23.15 12.38
N PHE B 327 30.23 -23.21 13.11
CA PHE B 327 29.22 -24.28 12.94
C PHE B 327 28.72 -24.36 11.50
N CYS B 328 28.55 -23.20 10.87
CA CYS B 328 27.98 -23.09 9.53
C CYS B 328 29.02 -23.25 8.44
N GLY B 329 30.31 -23.38 8.82
CA GLY B 329 31.36 -23.45 7.84
C GLY B 329 31.74 -22.12 7.23
N LEU B 330 31.44 -21.03 7.92
CA LEU B 330 31.82 -19.69 7.46
C LEU B 330 33.00 -19.13 8.24
N PRO B 331 33.79 -18.24 7.57
CA PRO B 331 34.90 -17.49 8.17
C PRO B 331 34.51 -16.77 9.45
N GLN B 332 35.38 -16.87 10.44
CA GLN B 332 35.20 -16.27 11.74
C GLN B 332 36.08 -15.03 11.83
N PRO B 333 35.49 -13.85 11.63
CA PRO B 333 36.27 -12.64 11.83
C PRO B 333 36.77 -12.50 13.27
N GLU B 334 38.05 -12.22 13.44
CA GLU B 334 38.61 -12.09 14.81
C GLU B 334 39.00 -10.65 15.15
N THR B 335 39.12 -9.78 14.16
CA THR B 335 39.42 -8.36 14.39
C THR B 335 38.34 -7.45 13.82
N VAL B 336 38.47 -6.15 14.08
CA VAL B 336 37.45 -5.18 13.65
C VAL B 336 37.51 -4.97 12.13
N GLY B 337 38.70 -4.97 11.56
CA GLY B 337 38.85 -4.98 10.09
C GLY B 337 38.20 -6.20 9.44
N GLN B 338 38.44 -7.38 10.00
CA GLN B 338 37.92 -8.61 9.43
C GLN B 338 36.40 -8.66 9.50
N LEU B 339 35.87 -8.16 10.61
CA LEU B 339 34.42 -8.05 10.78
C LEU B 339 33.81 -7.01 9.85
N GLY B 340 34.52 -5.89 9.67
CA GLY B 340 34.08 -4.89 8.71
C GLY B 340 33.91 -5.49 7.30
N THR B 341 34.76 -6.45 6.95
CA THR B 341 34.75 -7.03 5.62
C THR B 341 33.57 -7.98 5.51
N VAL B 342 33.41 -8.80 6.52
CA VAL B 342 32.31 -9.74 6.56
C VAL B 342 30.96 -9.01 6.53
N LEU B 343 30.89 -7.84 7.16
CA LEU B 343 29.63 -7.11 7.27
C LEU B 343 29.41 -6.14 6.13
N ARG B 344 30.42 -6.03 5.26
CA ARG B 344 30.58 -4.90 4.37
C ARG B 344 30.20 -3.57 5.02
N ASN B 345 30.72 -3.33 6.21
CA ASN B 345 30.37 -2.13 6.94
C ASN B 345 31.30 -1.98 8.15
N LEU B 346 32.39 -1.23 7.95
CA LEU B 346 33.39 -1.01 9.00
C LEU B 346 32.79 -0.15 10.13
N LYS B 347 31.91 0.77 9.77
CA LYS B 347 31.24 1.59 10.78
C LYS B 347 30.49 0.72 11.80
N LEU B 348 29.70 -0.24 11.32
CA LEU B 348 28.94 -1.13 12.20
C LEU B 348 29.84 -2.12 12.96
N ALA B 349 30.88 -2.62 12.32
CA ALA B 349 31.88 -3.45 13.02
C ALA B 349 32.46 -2.71 14.24
N ARG B 350 32.91 -1.48 14.03
CA ARG B 350 33.47 -0.69 15.12
C ARG B 350 32.48 -0.56 16.26
N LYS B 351 31.21 -0.39 15.93
CA LYS B 351 30.16 -0.23 16.91
C LYS B 351 29.95 -1.54 17.66
N LEU B 352 29.90 -2.65 16.92
CA LEU B 352 29.82 -3.97 17.54
C LEU B 352 30.98 -4.18 18.53
N MET B 353 32.19 -3.81 18.11
CA MET B 353 33.38 -4.06 18.93
C MET B 353 33.44 -3.17 20.16
N GLU B 354 32.97 -1.92 20.09
CA GLU B 354 32.92 -1.07 21.27
C GLU B 354 31.98 -1.64 22.35
N GLN B 355 30.93 -2.34 21.93
CA GLN B 355 30.03 -3.07 22.88
C GLN B 355 30.58 -4.42 23.32
N TYR B 356 31.05 -5.20 22.36
CA TYR B 356 31.30 -6.59 22.60
C TYR B 356 32.78 -6.91 22.85
N GLY B 357 33.69 -6.18 22.23
CA GLY B 357 35.14 -6.35 22.46
C GLY B 357 35.81 -7.36 21.56
N THR B 358 35.11 -8.47 21.29
CA THR B 358 35.54 -9.46 20.31
C THR B 358 34.34 -9.95 19.53
N PRO B 359 34.52 -10.28 18.24
CA PRO B 359 33.37 -10.82 17.52
C PRO B 359 32.92 -12.15 18.10
N ASN B 360 33.72 -12.76 18.99
CA ASN B 360 33.34 -14.06 19.57
C ASN B 360 32.18 -13.94 20.52
N ASN B 361 31.97 -12.74 21.04
CA ASN B 361 30.96 -12.53 22.07
C ASN B 361 29.67 -11.95 21.50
N ILE B 362 29.66 -11.56 20.23
CA ILE B 362 28.44 -10.96 19.68
C ILE B 362 27.28 -11.94 19.88
N ASP B 363 26.14 -11.48 20.41
CA ASP B 363 24.96 -12.31 20.53
C ASP B 363 24.43 -12.77 19.18
N ILE B 364 23.97 -14.01 19.13
CA ILE B 364 23.63 -14.62 17.85
C ILE B 364 22.59 -13.78 17.06
N TRP B 365 21.53 -13.29 17.71
CA TRP B 365 20.51 -12.45 16.99
C TRP B 365 21.15 -11.20 16.43
N MET B 366 21.94 -10.53 17.26
CA MET B 366 22.51 -9.26 16.89
C MET B 366 23.45 -9.42 15.70
N GLY B 367 24.29 -10.44 15.73
CA GLY B 367 25.24 -10.69 14.68
C GLY B 367 24.50 -11.12 13.45
N GLY B 368 23.48 -11.93 13.66
CA GLY B 368 22.70 -12.51 12.58
C GLY B 368 22.07 -11.43 11.73
N VAL B 369 21.40 -10.50 12.40
CA VAL B 369 20.68 -9.45 11.74
C VAL B 369 21.59 -8.34 11.22
N SER B 370 22.85 -8.32 11.66
CA SER B 370 23.82 -7.33 11.19
C SER B 370 24.39 -7.64 9.80
N GLU B 371 24.30 -8.88 9.33
CA GLU B 371 24.99 -9.30 8.13
C GLU B 371 24.21 -8.79 6.90
N PRO B 372 24.93 -8.44 5.83
CA PRO B 372 24.28 -7.99 4.61
C PRO B 372 23.39 -9.08 4.06
N LEU B 373 22.26 -8.68 3.48
CA LEU B 373 21.26 -9.64 3.05
C LEU B 373 21.74 -10.36 1.76
N LYS B 374 21.47 -11.66 1.68
CA LYS B 374 21.74 -12.42 0.45
C LYS B 374 20.87 -11.89 -0.68
N ARG B 375 21.35 -11.99 -1.91
CA ARG B 375 20.59 -11.53 -3.07
C ARG B 375 19.22 -12.18 -3.09
N LYS B 376 18.18 -11.36 -3.07
CA LYS B 376 16.80 -11.85 -3.19
C LYS B 376 16.36 -12.61 -1.97
N GLY B 377 17.12 -12.47 -0.88
CA GLY B 377 16.73 -12.97 0.44
C GLY B 377 16.69 -11.83 1.44
N ARG B 378 16.27 -12.12 2.65
CA ARG B 378 16.21 -11.10 3.71
C ARG B 378 16.96 -11.50 4.96
N VAL B 379 17.90 -12.43 4.78
CA VAL B 379 18.88 -12.73 5.81
C VAL B 379 20.23 -12.87 5.21
N GLY B 380 21.24 -12.75 6.07
CA GLY B 380 22.62 -12.94 5.63
C GLY B 380 23.01 -14.41 5.62
N PRO B 381 24.28 -14.70 5.35
CA PRO B 381 24.71 -16.09 5.26
C PRO B 381 24.51 -16.88 6.54
N LEU B 382 24.81 -16.27 7.70
CA LEU B 382 24.76 -17.03 8.94
C LEU B 382 23.33 -17.48 9.26
N LEU B 383 22.37 -16.55 9.21
CA LEU B 383 20.98 -16.91 9.46
C LEU B 383 20.40 -17.80 8.36
N ALA B 384 20.84 -17.63 7.12
CA ALA B 384 20.43 -18.52 6.02
C ALA B 384 20.87 -19.98 6.29
N CYS B 385 22.06 -20.16 6.84
CA CYS B 385 22.46 -21.49 7.27
C CYS B 385 21.62 -22.08 8.44
N ILE B 386 21.30 -21.30 9.47
CA ILE B 386 20.60 -21.85 10.60
C ILE B 386 19.12 -22.09 10.26
N ILE B 387 18.49 -21.11 9.65
CA ILE B 387 17.06 -21.23 9.29
C ILE B 387 16.86 -22.32 8.22
N GLY B 388 17.71 -22.29 7.20
CA GLY B 388 17.76 -23.34 6.20
C GLY B 388 17.92 -24.76 6.70
N THR B 389 18.95 -24.97 7.52
CA THR B 389 19.15 -26.23 8.24
C THR B 389 17.94 -26.67 9.04
N GLN B 390 17.34 -25.76 9.79
CA GLN B 390 16.20 -26.15 10.60
C GLN B 390 15.08 -26.66 9.69
N PHE B 391 14.82 -25.91 8.63
CA PHE B 391 13.68 -26.17 7.79
C PHE B 391 13.82 -27.42 6.93
N ARG B 392 15.05 -27.74 6.50
CA ARG B 392 15.28 -28.99 5.79
C ARG B 392 14.91 -30.18 6.64
N LYS B 393 15.27 -30.10 7.92
CA LYS B 393 15.09 -31.20 8.85
C LYS B 393 13.63 -31.41 9.22
N LEU B 394 12.89 -30.32 9.35
CA LEU B 394 11.44 -30.34 9.51
C LEU B 394 10.69 -30.86 8.30
N ARG B 395 11.35 -30.85 7.14
CA ARG B 395 10.77 -31.43 5.92
C ARG B 395 11.13 -32.88 5.75
N ASP B 396 12.43 -33.13 5.72
CA ASP B 396 12.99 -34.42 5.41
C ASP B 396 12.71 -35.43 6.50
N GLY B 397 12.50 -34.96 7.73
CA GLY B 397 12.32 -35.86 8.88
C GLY B 397 10.89 -35.82 9.38
N ASP B 398 9.96 -35.35 8.52
CA ASP B 398 8.53 -35.36 8.81
C ASP B 398 7.83 -36.47 8.03
N ARG B 399 7.35 -37.48 8.76
CA ARG B 399 6.85 -38.68 8.15
C ARG B 399 5.54 -38.35 7.42
N PHE B 400 4.90 -37.27 7.84
CA PHE B 400 3.62 -36.83 7.27
C PHE B 400 3.81 -35.63 6.36
N TRP B 401 5.05 -35.36 5.94
CA TRP B 401 5.27 -34.37 4.89
C TRP B 401 4.35 -34.60 3.69
N TRP B 402 3.86 -33.51 3.12
CA TRP B 402 2.78 -33.61 2.12
C TRP B 402 3.16 -34.31 0.80
N GLU B 403 4.45 -34.35 0.47
CA GLU B 403 4.90 -35.07 -0.72
C GLU B 403 5.45 -36.47 -0.46
N ASN B 404 5.45 -36.90 0.79
CA ASN B 404 5.97 -38.22 1.14
C ASN B 404 4.98 -39.29 0.71
N GLU B 405 5.47 -40.30 0.00
CA GLU B 405 4.60 -41.36 -0.52
C GLU B 405 3.68 -41.89 0.58
N GLY B 406 2.40 -41.99 0.28
CA GLY B 406 1.44 -42.61 1.19
C GLY B 406 0.64 -41.64 2.05
N VAL B 407 1.07 -40.38 2.14
CA VAL B 407 0.33 -39.42 2.95
C VAL B 407 -0.92 -38.92 2.24
N PHE B 408 -0.75 -38.49 0.99
CA PHE B 408 -1.90 -38.17 0.12
C PHE B 408 -1.78 -39.03 -1.14
N SER B 409 -2.88 -39.19 -1.87
CA SER B 409 -2.81 -39.79 -3.19
C SER B 409 -2.11 -38.85 -4.16
N MET B 410 -1.71 -39.36 -5.32
CA MET B 410 -1.15 -38.54 -6.40
C MET B 410 -2.11 -37.44 -6.85
N GLN B 411 -3.40 -37.78 -6.95
CA GLN B 411 -4.43 -36.82 -7.35
C GLN B 411 -4.69 -35.78 -6.24
N GLN B 412 -4.54 -36.19 -4.99
CA GLN B 412 -4.62 -35.21 -3.90
C GLN B 412 -3.46 -34.20 -3.93
N ARG B 413 -2.24 -34.67 -4.14
CA ARG B 413 -1.08 -33.77 -4.23
C ARG B 413 -1.20 -32.79 -5.41
N GLN B 414 -1.61 -33.30 -6.56
CA GLN B 414 -1.81 -32.45 -7.72
C GLN B 414 -2.86 -31.36 -7.44
N ALA B 415 -3.90 -31.72 -6.70
CA ALA B 415 -4.89 -30.74 -6.26
C ALA B 415 -4.32 -29.78 -5.20
N LEU B 416 -3.52 -30.31 -4.28
CA LEU B 416 -2.93 -29.48 -3.23
C LEU B 416 -1.93 -28.45 -3.79
N ALA B 417 -1.21 -28.85 -4.83
CA ALA B 417 -0.22 -27.96 -5.45
C ALA B 417 -0.83 -26.73 -6.10
N GLN B 418 -2.16 -26.66 -6.15
CA GLN B 418 -2.86 -25.48 -6.68
C GLN B 418 -3.18 -24.42 -5.62
N ILE B 419 -3.07 -24.75 -4.34
CA ILE B 419 -3.49 -23.81 -3.31
C ILE B 419 -2.52 -22.65 -3.24
N SER B 420 -3.01 -21.52 -2.74
CA SER B 420 -2.22 -20.34 -2.44
C SER B 420 -2.92 -19.55 -1.33
N LEU B 421 -2.19 -18.70 -0.63
CA LEU B 421 -2.77 -17.96 0.47
C LEU B 421 -3.82 -16.90 -0.01
N PRO B 422 -3.61 -16.28 -1.19
CA PRO B 422 -4.63 -15.38 -1.66
C PRO B 422 -5.99 -16.07 -1.86
N ARG B 423 -5.98 -17.27 -2.45
CA ARG B 423 -7.24 -17.97 -2.66
C ARG B 423 -7.90 -18.30 -1.31
N ILE B 424 -7.09 -18.71 -0.35
CA ILE B 424 -7.57 -18.97 1.03
C ILE B 424 -8.26 -17.73 1.61
N ILE B 425 -7.71 -16.55 1.32
CA ILE B 425 -8.29 -15.28 1.75
C ILE B 425 -9.61 -15.03 1.05
N CYS B 426 -9.65 -15.31 -0.25
CA CYS B 426 -10.88 -15.19 -1.02
C CYS B 426 -11.99 -16.05 -0.42
N ASP B 427 -11.64 -17.31 -0.15
CA ASP B 427 -12.61 -18.30 0.29
C ASP B 427 -13.24 -18.00 1.65
N ASN B 428 -12.61 -17.15 2.47
CA ASN B 428 -12.97 -17.10 3.90
C ASN B 428 -13.14 -15.70 4.49
N THR B 429 -13.36 -14.70 3.64
CA THR B 429 -13.44 -13.32 4.09
C THR B 429 -14.38 -12.60 3.13
N GLY B 430 -14.60 -11.31 3.38
CA GLY B 430 -15.36 -10.47 2.43
C GLY B 430 -14.48 -9.79 1.37
N ILE B 431 -13.20 -10.14 1.37
CA ILE B 431 -12.26 -9.57 0.42
C ILE B 431 -12.37 -10.26 -0.96
N THR B 432 -12.57 -9.46 -2.00
CA THR B 432 -12.77 -9.99 -3.35
C THR B 432 -11.69 -9.54 -4.34
N THR B 433 -10.76 -8.72 -3.87
CA THR B 433 -9.56 -8.37 -4.63
C THR B 433 -8.34 -8.67 -3.73
N VAL B 434 -7.45 -9.54 -4.21
CA VAL B 434 -6.29 -9.97 -3.47
C VAL B 434 -4.99 -9.87 -4.27
N SER B 435 -3.88 -10.01 -3.53
CA SER B 435 -2.52 -10.05 -4.08
C SER B 435 -2.34 -11.06 -5.21
N LYS B 436 -1.61 -10.64 -6.24
CA LYS B 436 -1.00 -11.56 -7.17
C LYS B 436 -0.01 -12.45 -6.43
N ASN B 437 0.08 -13.71 -6.84
CA ASN B 437 1.20 -14.54 -6.39
C ASN B 437 2.48 -13.91 -6.95
N ASN B 438 3.57 -13.90 -6.19
CA ASN B 438 3.71 -14.43 -4.83
C ASN B 438 3.23 -13.38 -3.83
N ILE B 439 2.30 -13.76 -2.97
CA ILE B 439 1.69 -12.82 -2.03
C ILE B 439 2.73 -12.16 -1.10
N PHE B 440 3.91 -12.79 -0.94
CA PHE B 440 4.91 -12.27 0.01
C PHE B 440 5.78 -11.21 -0.66
N MET B 441 5.63 -11.10 -1.98
CA MET B 441 6.38 -10.14 -2.78
C MET B 441 5.48 -8.96 -3.09
N SER B 442 4.27 -9.29 -3.54
CA SER B 442 3.28 -8.33 -4.01
C SER B 442 2.93 -7.36 -2.89
N ASN B 443 3.02 -6.05 -3.10
CA ASN B 443 2.74 -5.14 -1.99
C ASN B 443 2.08 -3.79 -2.29
N SER B 444 1.65 -3.58 -3.53
CA SER B 444 1.20 -2.26 -3.96
C SER B 444 -0.16 -2.37 -4.64
N TYR B 445 -1.18 -1.73 -4.08
CA TYR B 445 -2.50 -1.78 -4.71
C TYR B 445 -2.64 -0.63 -5.70
N PRO B 446 -3.27 -0.88 -6.86
CA PRO B 446 -3.87 -2.09 -7.37
C PRO B 446 -2.97 -2.84 -8.35
N ARG B 447 -1.78 -2.31 -8.61
CA ARG B 447 -0.80 -2.92 -9.52
C ARG B 447 -0.55 -4.40 -9.19
N ASP B 448 -0.32 -4.73 -7.93
CA ASP B 448 0.00 -6.13 -7.57
C ASP B 448 -1.24 -6.99 -7.23
N PHE B 449 -2.40 -6.66 -7.79
CA PHE B 449 -3.64 -7.23 -7.31
C PHE B 449 -4.56 -7.74 -8.43
N VAL B 450 -5.36 -8.76 -8.09
CA VAL B 450 -6.30 -9.34 -9.02
C VAL B 450 -7.62 -9.66 -8.32
N ASN B 451 -8.69 -9.78 -9.11
CA ASN B 451 -9.99 -10.19 -8.59
C ASN B 451 -9.98 -11.67 -8.25
N CYS B 452 -10.71 -12.03 -7.18
CA CYS B 452 -10.72 -13.40 -6.67
C CYS B 452 -11.24 -14.38 -7.72
N SER B 453 -12.11 -13.90 -8.61
CA SER B 453 -12.68 -14.76 -9.65
C SER B 453 -11.65 -15.35 -10.62
N THR B 454 -10.43 -14.83 -10.63
CA THR B 454 -9.41 -15.31 -11.57
C THR B 454 -8.57 -16.44 -10.99
N LEU B 455 -8.83 -16.77 -9.72
CA LEU B 455 -8.11 -17.83 -9.04
C LEU B 455 -8.98 -19.10 -8.91
N PRO B 456 -8.62 -20.16 -9.64
CA PRO B 456 -9.32 -21.43 -9.46
C PRO B 456 -9.27 -21.94 -8.02
N ALA B 457 -10.35 -22.57 -7.56
CA ALA B 457 -10.50 -22.97 -6.15
C ALA B 457 -9.99 -24.41 -5.87
N LEU B 458 -9.70 -24.76 -4.61
CA LEU B 458 -9.23 -26.10 -4.31
C LEU B 458 -10.25 -27.10 -4.87
N ASN B 459 -9.77 -28.09 -5.61
CA ASN B 459 -10.61 -29.18 -6.10
C ASN B 459 -10.53 -30.39 -5.16
N LEU B 460 -11.64 -30.71 -4.50
CA LEU B 460 -11.66 -31.80 -3.52
C LEU B 460 -12.16 -33.14 -4.09
N ALA B 461 -12.49 -33.18 -5.38
CA ALA B 461 -12.96 -34.41 -6.01
C ALA B 461 -12.16 -35.66 -5.57
N SER B 462 -10.85 -35.54 -5.45
CA SER B 462 -10.05 -36.74 -5.17
C SER B 462 -10.10 -37.15 -3.70
N TRP B 463 -10.85 -36.39 -2.89
CA TRP B 463 -11.13 -36.78 -1.50
C TRP B 463 -12.40 -37.62 -1.36
N ARG B 464 -13.10 -37.83 -2.47
CA ARG B 464 -14.31 -38.63 -2.48
C ARG B 464 -13.99 -40.11 -2.23
N GLU B 465 -14.71 -40.69 -1.29
CA GLU B 465 -14.55 -42.09 -0.99
C GLU B 465 -15.78 -42.86 -1.45
N CYS C 1 36.55 -19.93 36.03
CA CYS C 1 37.82 -20.38 35.40
C CYS C 1 38.80 -19.21 35.40
N PRO C 2 39.98 -19.40 36.01
CA PRO C 2 41.02 -18.38 36.08
C PRO C 2 41.70 -18.08 34.73
N GLU C 3 42.26 -16.88 34.59
CA GLU C 3 42.88 -16.47 33.32
C GLU C 3 44.02 -17.40 32.93
N GLN C 4 44.64 -18.01 33.94
CA GLN C 4 45.93 -18.69 33.79
C GLN C 4 45.89 -19.94 34.66
N ASP C 5 46.24 -21.08 34.08
CA ASP C 5 46.39 -22.32 34.85
C ASP C 5 47.51 -23.19 34.28
N LYS C 6 48.25 -23.85 35.16
CA LYS C 6 49.35 -24.70 34.76
C LYS C 6 48.90 -26.16 34.74
N TYR C 7 47.93 -26.49 35.60
CA TYR C 7 47.56 -27.87 35.83
C TYR C 7 46.07 -28.09 35.53
N ARG C 8 45.72 -29.31 35.14
CA ARG C 8 44.33 -29.76 35.14
C ARG C 8 43.69 -29.62 36.51
N THR C 9 42.38 -29.35 36.53
CA THR C 9 41.59 -29.54 37.74
C THR C 9 41.38 -31.06 37.91
N ILE C 10 40.98 -31.50 39.09
CA ILE C 10 40.69 -32.92 39.27
C ILE C 10 39.39 -33.34 38.53
N THR C 11 38.38 -32.47 38.55
CA THR C 11 37.09 -32.79 37.93
C THR C 11 37.14 -32.69 36.41
N GLY C 12 38.15 -32.04 35.85
CA GLY C 12 38.14 -31.70 34.42
C GLY C 12 37.41 -30.39 34.10
N MET C 13 36.85 -29.74 35.11
CA MET C 13 36.28 -28.42 34.91
C MET C 13 37.34 -27.45 34.38
N CYS C 14 36.91 -26.56 33.48
CA CYS C 14 37.71 -25.44 32.98
C CYS C 14 38.72 -25.86 31.92
N ASN C 15 38.73 -27.14 31.56
CA ASN C 15 39.47 -27.55 30.35
C ASN C 15 38.99 -26.81 29.13
N ASN C 16 37.69 -26.85 28.87
CA ASN C 16 37.08 -26.01 27.84
C ASN C 16 36.57 -24.72 28.45
N ARG C 17 37.17 -23.58 28.09
CA ARG C 17 36.85 -22.34 28.79
C ARG C 17 35.54 -21.67 28.34
N ARG C 18 35.00 -22.09 27.20
CA ARG C 18 33.68 -21.60 26.78
C ARG C 18 32.52 -22.43 27.34
N SER C 19 32.75 -23.72 27.52
CA SER C 19 31.75 -24.58 28.11
C SER C 19 32.48 -25.48 29.10
N PRO C 20 32.63 -25.01 30.35
CA PRO C 20 33.73 -25.61 31.09
C PRO C 20 33.35 -26.87 31.88
N THR C 21 32.15 -27.42 31.66
CA THR C 21 31.81 -28.77 32.14
C THR C 21 32.19 -29.87 31.19
N LEU C 22 32.57 -29.50 29.96
CA LEU C 22 32.74 -30.50 28.94
C LEU C 22 33.95 -31.39 29.27
N GLY C 23 33.69 -32.68 29.40
CA GLY C 23 34.73 -33.63 29.77
C GLY C 23 34.93 -33.69 31.27
N ALA C 24 34.26 -32.81 32.02
CA ALA C 24 34.29 -32.88 33.46
C ALA C 24 33.43 -34.04 33.92
N SER C 25 33.62 -34.41 35.17
CA SER C 25 33.08 -35.64 35.72
C SER C 25 31.68 -35.41 36.26
N ASN C 26 30.94 -36.49 36.45
CA ASN C 26 29.57 -36.44 36.94
C ASN C 26 28.69 -35.55 36.06
N ARG C 27 28.73 -35.79 34.75
CA ARG C 27 27.86 -35.09 33.80
C ARG C 27 27.31 -36.13 32.84
N ALA C 28 26.17 -35.85 32.23
CA ALA C 28 25.61 -36.74 31.22
C ALA C 28 26.57 -36.94 30.04
N PHE C 29 26.56 -38.16 29.49
CA PHE C 29 27.17 -38.45 28.21
C PHE C 29 26.58 -37.58 27.09
N VAL C 30 27.38 -37.28 26.07
CA VAL C 30 26.87 -36.70 24.83
C VAL C 30 26.28 -37.83 24.00
N ARG C 31 25.26 -37.52 23.20
CA ARG C 31 24.68 -38.51 22.32
C ARG C 31 25.04 -38.15 20.89
N TRP C 32 25.53 -39.14 20.15
CA TRP C 32 25.75 -38.98 18.72
C TRP C 32 24.54 -39.33 17.88
N LEU C 33 23.59 -40.07 18.43
CA LEU C 33 22.30 -40.33 17.75
C LEU C 33 21.23 -40.26 18.79
N PRO C 34 20.02 -39.89 18.40
CA PRO C 34 18.97 -39.89 19.41
C PRO C 34 18.76 -41.28 20.01
N ALA C 35 18.34 -41.32 21.27
CA ALA C 35 18.03 -42.55 21.96
C ALA C 35 16.83 -43.28 21.40
N GLU C 36 16.87 -44.59 21.56
CA GLU C 36 15.79 -45.44 21.15
C GLU C 36 15.32 -46.32 22.29
N TYR C 37 14.20 -45.93 22.87
CA TYR C 37 13.59 -46.67 23.95
C TYR C 37 12.22 -47.18 23.54
N GLU C 38 11.77 -48.21 24.25
CA GLU C 38 10.44 -48.80 24.06
C GLU C 38 9.36 -47.74 24.02
N ASP C 39 9.41 -46.77 24.93
CA ASP C 39 8.35 -45.79 25.09
C ASP C 39 8.77 -44.43 24.55
N GLY C 40 9.90 -44.39 23.85
CA GLY C 40 10.45 -43.13 23.38
C GLY C 40 11.40 -42.44 24.35
N PHE C 41 11.21 -42.63 25.65
CA PHE C 41 11.91 -41.74 26.60
C PHE C 41 12.64 -42.39 27.76
N SER C 42 12.35 -43.65 28.05
CA SER C 42 12.84 -44.23 29.29
C SER C 42 13.05 -45.75 29.33
N LEU C 43 12.01 -46.50 28.98
CA LEU C 43 12.02 -47.96 29.18
C LEU C 43 12.81 -48.65 28.08
N PRO C 44 13.72 -49.56 28.46
CA PRO C 44 14.57 -50.24 27.50
C PRO C 44 13.80 -51.23 26.63
N TYR C 45 14.23 -51.41 25.39
CA TYR C 45 13.74 -52.50 24.59
C TYR C 45 13.97 -53.83 25.31
N GLY C 46 12.91 -54.62 25.42
CA GLY C 46 12.92 -55.86 26.18
C GLY C 46 12.10 -55.76 27.44
N TRP C 47 11.75 -54.53 27.85
CA TRP C 47 11.14 -54.33 29.18
C TRP C 47 9.78 -55.00 29.27
N THR C 48 8.95 -54.77 28.26
CA THR C 48 7.56 -55.20 28.28
C THR C 48 7.39 -56.36 27.31
N PRO C 49 6.90 -57.49 27.82
CA PRO C 49 6.77 -58.67 26.99
C PRO C 49 5.86 -58.39 25.79
N GLY C 50 6.34 -58.72 24.59
CA GLY C 50 5.52 -58.65 23.39
C GLY C 50 5.64 -57.32 22.67
N VAL C 51 6.31 -56.36 23.26
CA VAL C 51 6.55 -55.11 22.54
C VAL C 51 7.74 -55.24 21.58
N LYS C 52 7.45 -55.09 20.30
CA LYS C 52 8.43 -55.35 19.25
C LYS C 52 9.33 -54.16 19.06
N ARG C 53 10.52 -54.41 18.51
CA ARG C 53 11.41 -53.33 18.10
C ARG C 53 11.48 -53.34 16.58
N ASN C 54 11.12 -52.22 15.96
CA ASN C 54 11.28 -52.03 14.53
C ASN C 54 10.70 -53.21 13.77
N GLY C 55 9.65 -53.81 14.33
CA GLY C 55 8.89 -54.84 13.61
C GLY C 55 9.16 -56.27 14.05
N PHE C 56 10.09 -56.44 14.99
CA PHE C 56 10.57 -57.76 15.41
C PHE C 56 10.64 -57.94 16.94
N PRO C 57 10.50 -59.18 17.40
CA PRO C 57 10.69 -59.53 18.80
C PRO C 57 12.08 -59.15 19.28
N VAL C 58 12.18 -58.59 20.49
CA VAL C 58 13.50 -58.36 21.08
C VAL C 58 14.10 -59.70 21.51
N ALA C 59 15.34 -59.97 21.10
CA ALA C 59 16.02 -61.20 21.48
C ALA C 59 16.59 -61.06 22.88
N LEU C 60 16.39 -62.06 23.73
CA LEU C 60 17.10 -62.12 25.01
C LEU C 60 18.62 -62.02 24.82
N ALA C 61 19.23 -61.06 25.52
CA ALA C 61 20.69 -60.92 25.53
C ALA C 61 21.41 -62.25 25.71
N ARG C 62 20.93 -63.06 26.64
CA ARG C 62 21.56 -64.33 26.97
C ARG C 62 21.35 -65.37 25.84
N ALA C 63 20.25 -65.28 25.09
CA ALA C 63 20.03 -66.15 23.93
C ALA C 63 21.02 -65.82 22.84
N VAL C 64 21.32 -64.55 22.67
CA VAL C 64 22.26 -64.11 21.64
C VAL C 64 23.67 -64.50 22.07
N SER C 65 23.97 -64.29 23.34
CA SER C 65 25.24 -64.77 23.90
C SER C 65 25.40 -66.27 23.62
N ASN C 66 24.44 -67.08 24.08
CA ASN C 66 24.47 -68.54 23.89
C ASN C 66 24.66 -68.98 22.44
N GLU C 67 23.95 -68.31 21.54
CA GLU C 67 23.89 -68.72 20.13
C GLU C 67 25.08 -68.26 19.31
N ILE C 68 25.69 -67.13 19.68
CA ILE C 68 26.66 -66.51 18.80
C ILE C 68 28.03 -66.30 19.44
N VAL C 69 28.06 -66.05 20.74
CA VAL C 69 29.34 -65.71 21.40
C VAL C 69 30.04 -66.99 21.79
N ARG C 70 29.24 -67.95 22.24
CA ARG C 70 29.75 -69.14 22.91
C ARG C 70 30.64 -69.92 21.96
N PHE C 71 31.74 -70.41 22.48
CA PHE C 71 32.57 -71.32 21.73
C PHE C 71 33.47 -72.14 22.66
N PRO C 72 33.93 -73.30 22.19
CA PRO C 72 34.73 -74.19 23.05
C PRO C 72 36.13 -73.60 23.28
N THR C 73 36.50 -73.44 24.54
CA THR C 73 37.71 -72.71 24.89
C THR C 73 38.98 -73.36 24.36
N ASP C 74 38.94 -74.67 24.13
CA ASP C 74 40.08 -75.38 23.54
C ASP C 74 40.38 -74.94 22.09
N GLN C 75 39.45 -74.24 21.46
CA GLN C 75 39.65 -73.77 20.10
C GLN C 75 40.43 -72.45 20.08
N LEU C 76 40.57 -71.82 21.24
CA LEU C 76 40.98 -70.41 21.29
C LEU C 76 42.20 -70.14 20.42
N THR C 77 42.22 -68.99 19.74
CA THR C 77 43.35 -68.66 18.87
C THR C 77 44.21 -67.56 19.50
N PRO C 78 45.45 -67.89 19.91
CA PRO C 78 46.35 -66.81 20.30
C PRO C 78 46.60 -65.83 19.16
N ASP C 79 46.56 -64.54 19.48
CA ASP C 79 46.93 -63.49 18.53
C ASP C 79 48.44 -63.43 18.44
N GLN C 80 48.97 -63.69 17.25
CA GLN C 80 50.41 -63.75 17.11
C GLN C 80 51.07 -62.36 17.05
N GLU C 81 50.27 -61.30 16.94
CA GLU C 81 50.79 -59.94 16.83
C GLU C 81 50.27 -58.99 17.92
N ARG C 82 49.53 -59.51 18.89
CA ARG C 82 49.15 -58.75 20.07
C ARG C 82 49.51 -59.47 21.37
N SER C 83 50.08 -58.74 22.32
CA SER C 83 50.39 -59.26 23.64
C SER C 83 49.16 -59.07 24.53
N LEU C 84 49.09 -59.79 25.64
CA LEU C 84 48.00 -59.63 26.58
C LEU C 84 48.04 -58.26 27.26
N MET C 85 49.21 -57.64 27.28
CA MET C 85 49.33 -56.21 27.63
C MET C 85 48.45 -55.32 26.76
N PHE C 86 48.23 -55.72 25.51
CA PHE C 86 47.30 -55.01 24.63
C PHE C 86 45.85 -55.00 25.18
N MET C 87 45.36 -56.15 25.60
CA MET C 87 44.08 -56.19 26.30
C MET C 87 44.11 -55.28 27.51
N GLN C 88 45.15 -55.41 28.34
CA GLN C 88 45.12 -54.83 29.68
C GLN C 88 45.22 -53.32 29.64
N TRP C 89 45.99 -52.80 28.69
CA TRP C 89 46.05 -51.35 28.56
C TRP C 89 44.68 -50.82 28.17
N GLY C 90 43.99 -51.54 27.31
CA GLY C 90 42.61 -51.19 26.99
C GLY C 90 41.72 -50.98 28.19
N GLN C 91 41.65 -51.95 29.08
CA GLN C 91 40.82 -51.82 30.26
C GLN C 91 41.26 -50.65 31.17
N LEU C 92 42.55 -50.52 31.41
CA LEU C 92 43.10 -49.36 32.17
C LEU C 92 42.61 -48.04 31.60
N LEU C 93 42.80 -47.89 30.30
CA LEU C 93 42.47 -46.66 29.62
C LEU C 93 40.97 -46.43 29.68
N ASP C 94 40.20 -47.50 29.60
CA ASP C 94 38.78 -47.38 29.69
C ASP C 94 38.48 -46.76 31.06
N HIS C 95 39.24 -47.14 32.08
CA HIS C 95 38.94 -46.64 33.40
C HIS C 95 39.48 -45.24 33.63
N ASP C 96 40.18 -44.70 32.63
CA ASP C 96 40.50 -43.26 32.56
C ASP C 96 39.32 -42.51 31.92
N LEU C 97 38.54 -43.16 31.06
CA LEU C 97 37.53 -42.46 30.24
C LEU C 97 36.11 -42.46 30.81
N ASP C 98 35.64 -43.63 31.23
CA ASP C 98 34.24 -43.71 31.68
C ASP C 98 33.93 -44.79 32.73
N PHE C 99 33.15 -44.37 33.71
CA PHE C 99 32.46 -45.25 34.66
C PHE C 99 31.01 -44.79 34.67
N THR C 100 30.07 -45.71 34.50
CA THR C 100 28.67 -45.34 34.34
C THR C 100 27.97 -45.81 35.61
N PRO C 101 27.68 -44.88 36.52
CA PRO C 101 27.19 -45.22 37.86
C PRO C 101 25.83 -45.95 37.87
N GLU C 102 25.66 -46.79 38.90
CA GLU C 102 24.39 -47.47 39.16
C GLU C 102 24.00 -47.29 40.60
N PRO C 103 22.72 -47.46 40.88
CA PRO C 103 22.35 -47.56 42.30
C PRO C 103 23.00 -48.77 42.97
N ALA C 104 23.39 -48.60 44.24
CA ALA C 104 23.92 -49.70 45.04
C ALA C 104 22.78 -50.64 45.48
N VAL D 1 13.11 -53.51 45.62
CA VAL D 1 13.47 -54.76 44.90
C VAL D 1 14.99 -54.80 44.74
N ASN D 2 15.63 -55.73 45.45
CA ASN D 2 17.08 -55.93 45.34
C ASN D 2 17.41 -56.68 44.08
N CYS D 3 18.12 -56.02 43.16
CA CYS D 3 18.34 -56.58 41.83
C CYS D 3 19.36 -57.74 41.87
N GLU D 4 20.05 -57.87 43.01
CA GLU D 4 21.00 -58.96 43.20
C GLU D 4 20.33 -60.27 43.57
N THR D 5 19.24 -60.22 44.33
CA THR D 5 18.64 -61.45 44.84
C THR D 5 17.22 -61.71 44.33
N SER D 6 16.60 -60.73 43.70
CA SER D 6 15.26 -60.92 43.13
C SER D 6 15.36 -60.88 41.62
N CYS D 7 14.49 -61.63 40.96
CA CYS D 7 14.40 -61.59 39.50
C CYS D 7 13.17 -60.82 39.06
N VAL D 8 12.47 -60.20 40.01
CA VAL D 8 11.37 -59.27 39.69
C VAL D 8 11.91 -58.08 38.91
N GLN D 9 11.21 -57.73 37.84
CA GLN D 9 11.56 -56.55 37.08
C GLN D 9 10.77 -55.32 37.57
N GLN D 10 11.35 -54.59 38.52
CA GLN D 10 10.84 -53.28 38.95
C GLN D 10 11.99 -52.31 39.14
N PRO D 11 11.83 -51.06 38.70
CA PRO D 11 12.99 -50.19 38.73
C PRO D 11 13.68 -50.24 40.08
N PRO D 12 15.03 -50.24 40.10
CA PRO D 12 15.97 -50.08 39.02
C PRO D 12 16.51 -51.37 38.42
N CYS D 13 15.83 -52.48 38.69
CA CYS D 13 16.28 -53.77 38.21
C CYS D 13 15.79 -54.04 36.82
N PHE D 14 16.70 -54.50 35.97
CA PHE D 14 16.39 -54.96 34.64
C PHE D 14 17.05 -56.33 34.35
N PRO D 15 16.64 -57.36 35.10
CA PRO D 15 17.29 -58.68 35.07
C PRO D 15 17.25 -59.29 33.68
N LEU D 16 18.33 -59.97 33.30
CA LEU D 16 18.35 -60.68 32.01
C LEU D 16 17.60 -62.01 32.17
N LYS D 17 16.67 -62.28 31.26
CA LYS D 17 15.87 -63.49 31.34
C LYS D 17 16.65 -64.66 30.78
N ILE D 18 16.27 -65.87 31.18
CA ILE D 18 16.99 -67.06 30.76
C ILE D 18 16.22 -67.79 29.68
N PRO D 19 16.86 -68.03 28.52
CA PRO D 19 16.16 -68.77 27.49
C PRO D 19 15.98 -70.23 27.90
N PRO D 20 15.09 -70.97 27.23
CA PRO D 20 15.05 -72.40 27.45
C PRO D 20 16.29 -73.08 26.89
N ASN D 21 16.69 -74.19 27.50
CA ASN D 21 17.81 -74.98 27.01
C ASN D 21 19.13 -74.18 27.02
N ASP D 22 19.18 -73.18 27.89
CA ASP D 22 20.43 -72.58 28.32
C ASP D 22 21.41 -73.67 28.81
N PRO D 23 22.71 -73.52 28.52
CA PRO D 23 23.70 -74.53 28.90
C PRO D 23 24.08 -74.52 30.39
N ARG D 24 23.80 -73.43 31.09
CA ARG D 24 24.22 -73.29 32.48
C ARG D 24 23.01 -73.12 33.39
N ILE D 25 22.17 -72.16 33.03
CA ILE D 25 21.11 -71.71 33.92
C ILE D 25 19.82 -72.42 33.53
N LYS D 26 19.50 -73.48 34.28
CA LYS D 26 18.57 -74.50 33.83
C LYS D 26 17.14 -74.23 34.29
N ASN D 27 16.99 -73.41 35.33
CA ASN D 27 15.68 -72.86 35.66
C ASN D 27 15.39 -71.56 34.92
N GLN D 28 14.43 -71.58 33.99
CA GLN D 28 14.10 -70.40 33.22
C GLN D 28 13.46 -69.29 34.08
N ALA D 29 13.15 -69.60 35.34
CA ALA D 29 12.70 -68.58 36.29
C ALA D 29 13.85 -67.92 37.09
N ASP D 30 15.08 -68.37 36.86
CA ASP D 30 16.24 -67.68 37.43
C ASP D 30 16.45 -66.41 36.62
N CYS D 31 17.55 -65.72 36.85
CA CYS D 31 17.95 -64.64 35.97
C CYS D 31 19.37 -64.21 36.24
N ILE D 32 19.90 -63.40 35.35
CA ILE D 32 21.18 -62.74 35.58
C ILE D 32 20.89 -61.30 36.03
N PRO D 33 21.27 -60.98 37.27
CA PRO D 33 21.06 -59.64 37.85
C PRO D 33 21.60 -58.47 37.01
N PHE D 34 20.88 -57.36 37.04
CA PHE D 34 21.21 -56.17 36.25
C PHE D 34 20.46 -54.96 36.80
N PHE D 35 21.24 -53.96 37.20
CA PHE D 35 20.76 -52.67 37.69
C PHE D 35 20.86 -51.71 36.52
N ARG D 36 19.79 -50.94 36.27
CA ARG D 36 19.87 -49.88 35.26
C ARG D 36 20.85 -48.77 35.65
N SER D 37 21.51 -48.20 34.65
CA SER D 37 22.41 -47.08 34.90
C SER D 37 21.63 -45.88 35.45
N CSO D 38 22.23 -45.17 36.40
CA CSO D 38 21.61 -43.98 37.00
CB CSO D 38 22.58 -43.30 37.96
SG CSO D 38 22.81 -44.14 39.45
C CSO D 38 21.25 -42.97 35.93
O CSO D 38 22.08 -42.67 35.07
OD CSO D 38 21.60 -44.34 40.31
N PRO D 39 20.04 -42.44 35.96
CA PRO D 39 19.64 -41.45 34.94
C PRO D 39 20.08 -40.04 35.30
N ALA D 40 20.30 -39.20 34.31
CA ALA D 40 20.81 -37.86 34.55
C ALA D 40 19.79 -36.99 35.21
N CYS D 41 18.52 -37.31 35.00
CA CYS D 41 17.43 -36.52 35.53
C CYS D 41 16.35 -37.44 36.09
N PRO D 42 16.56 -38.00 37.30
CA PRO D 42 15.62 -38.95 37.87
C PRO D 42 14.18 -38.43 37.91
N GLY D 43 13.23 -39.29 37.53
CA GLY D 43 11.80 -38.98 37.67
C GLY D 43 11.18 -38.06 36.62
N SER D 44 11.92 -37.69 35.57
CA SER D 44 11.47 -36.62 34.69
C SER D 44 10.44 -37.14 33.71
N ASN D 45 9.42 -36.33 33.50
CA ASN D 45 8.45 -36.57 32.43
C ASN D 45 8.82 -35.84 31.14
N ILE D 46 10.02 -35.29 31.08
CA ILE D 46 10.40 -34.38 30.01
C ILE D 46 11.65 -34.86 29.28
N THR D 47 12.69 -35.25 30.02
CA THR D 47 13.93 -35.68 29.38
C THR D 47 13.85 -37.05 28.70
N ILE D 48 14.61 -37.21 27.64
CA ILE D 48 14.91 -38.52 27.10
C ILE D 48 16.06 -39.11 27.92
N ARG D 49 15.79 -40.21 28.63
CA ARG D 49 16.73 -40.71 29.63
C ARG D 49 18.15 -40.80 29.08
N ASN D 50 19.09 -40.32 29.86
CA ASN D 50 20.49 -40.45 29.50
C ASN D 50 21.26 -40.78 30.78
N GLN D 51 22.49 -41.25 30.61
CA GLN D 51 23.27 -41.85 31.68
C GLN D 51 24.48 -40.96 31.98
N ILE D 52 25.22 -41.27 33.05
CA ILE D 52 26.14 -40.30 33.64
C ILE D 52 27.54 -40.88 33.57
N ASN D 53 28.50 -40.05 33.18
CA ASN D 53 29.91 -40.39 33.26
C ASN D 53 30.50 -39.81 34.54
N ALA D 54 30.91 -40.68 35.46
CA ALA D 54 31.46 -40.27 36.74
C ALA D 54 32.94 -39.84 36.67
N LEU D 55 33.58 -40.00 35.50
CA LEU D 55 35.01 -39.69 35.35
C LEU D 55 35.25 -38.53 34.37
N THR D 56 36.47 -37.98 34.38
CA THR D 56 36.86 -36.98 33.40
C THR D 56 37.08 -37.72 32.06
N SER D 57 36.49 -37.24 30.98
CA SER D 57 36.68 -37.91 29.71
C SER D 57 38.16 -37.93 29.27
N PHE D 58 38.88 -36.84 29.55
CA PHE D 58 40.24 -36.65 29.10
C PHE D 58 41.10 -37.84 29.48
N VAL D 59 42.15 -38.06 28.72
CA VAL D 59 43.16 -39.05 29.05
C VAL D 59 44.15 -38.36 29.96
N ASP D 60 43.79 -38.24 31.23
CA ASP D 60 44.55 -37.45 32.19
C ASP D 60 45.02 -38.29 33.37
N ALA D 61 45.09 -39.60 33.16
CA ALA D 61 45.34 -40.54 34.25
C ALA D 61 44.42 -40.36 35.42
N SER D 62 43.15 -40.08 35.16
CA SER D 62 42.23 -39.90 36.28
C SER D 62 41.95 -41.23 37.02
N MET D 63 42.26 -42.36 36.41
CA MET D 63 42.23 -43.65 37.11
C MET D 63 43.32 -43.78 38.20
N VAL D 64 44.31 -42.89 38.17
CA VAL D 64 45.37 -42.87 39.20
C VAL D 64 45.06 -41.81 40.26
N TYR D 65 44.60 -40.64 39.81
CA TYR D 65 44.47 -39.46 40.66
C TYR D 65 43.05 -39.19 41.17
N GLY D 66 42.06 -39.83 40.56
CA GLY D 66 40.66 -39.66 40.94
C GLY D 66 40.02 -38.53 40.15
N SER D 67 38.68 -38.50 40.14
CA SER D 67 37.90 -37.59 39.27
C SER D 67 37.08 -36.56 40.03
N GLU D 68 37.20 -36.60 41.36
CA GLU D 68 36.53 -35.67 42.23
C GLU D 68 37.26 -35.58 43.57
N GLU D 69 37.05 -34.47 44.30
CA GLU D 69 38.13 -33.81 45.05
C GLU D 69 38.51 -34.46 46.37
N PRO D 70 37.50 -34.99 47.11
CA PRO D 70 37.78 -35.68 48.40
C PRO D 70 38.59 -36.97 48.19
N LEU D 71 38.26 -37.72 47.13
CA LEU D 71 39.08 -38.87 46.76
C LEU D 71 40.49 -38.43 46.36
N ALA D 72 40.60 -37.48 45.43
CA ALA D 72 41.92 -37.02 44.97
C ALA D 72 42.82 -36.69 46.16
N ARG D 73 42.25 -36.09 47.20
CA ARG D 73 42.98 -35.67 48.40
C ARG D 73 43.29 -36.85 49.35
N ASN D 74 42.42 -37.86 49.35
CA ASN D 74 42.62 -39.03 50.20
C ASN D 74 43.69 -39.95 49.65
N LEU D 75 43.88 -39.89 48.34
CA LEU D 75 44.89 -40.69 47.66
C LEU D 75 46.31 -40.15 47.88
N ARG D 76 46.41 -38.95 48.43
CA ARG D 76 47.70 -38.29 48.61
C ARG D 76 48.29 -38.62 49.97
N ASN D 77 49.61 -38.66 50.04
CA ASN D 77 50.32 -38.69 51.31
C ASN D 77 50.48 -37.26 51.80
N MET D 78 49.74 -36.92 52.83
CA MET D 78 49.69 -35.54 53.31
C MET D 78 50.46 -35.46 54.60
N SER D 79 51.39 -36.40 54.79
CA SER D 79 52.18 -36.49 56.02
C SER D 79 53.53 -35.82 55.85
N ASN D 80 53.87 -35.47 54.61
CA ASN D 80 55.07 -34.68 54.35
C ASN D 80 54.79 -33.77 53.16
N GLN D 81 55.82 -33.05 52.73
CA GLN D 81 55.66 -32.19 51.57
C GLN D 81 56.35 -32.76 50.34
N LEU D 82 56.26 -34.07 50.13
CA LEU D 82 56.98 -34.71 49.02
C LEU D 82 56.09 -34.94 47.79
N GLY D 83 54.81 -34.57 47.90
CA GLY D 83 53.91 -34.65 46.74
C GLY D 83 53.64 -36.07 46.27
N LEU D 84 53.76 -37.03 47.18
CA LEU D 84 53.60 -38.43 46.84
C LEU D 84 52.14 -38.88 46.87
N LEU D 85 51.87 -40.00 46.20
CA LEU D 85 50.63 -40.74 46.43
C LEU D 85 50.80 -41.66 47.63
N ALA D 86 49.76 -41.79 48.44
CA ALA D 86 49.76 -42.76 49.55
C ALA D 86 50.08 -44.17 49.05
N VAL D 87 50.75 -44.95 49.92
CA VAL D 87 51.11 -46.34 49.63
C VAL D 87 50.53 -47.28 50.69
N ASN D 88 50.41 -48.56 50.34
CA ASN D 88 49.91 -49.54 51.29
C ASN D 88 50.81 -49.50 52.53
N GLN D 89 50.18 -49.46 53.69
CA GLN D 89 50.89 -49.29 54.98
C GLN D 89 51.26 -50.62 55.59
N ARG D 90 50.70 -51.71 55.05
CA ARG D 90 50.92 -53.04 55.63
C ARG D 90 51.90 -53.84 54.80
N PHE D 91 51.75 -53.82 53.48
CA PHE D 91 52.51 -54.71 52.63
C PHE D 91 53.35 -53.98 51.58
N GLN D 92 54.48 -54.58 51.26
CA GLN D 92 55.33 -54.14 50.19
C GLN D 92 55.66 -55.34 49.32
N ASP D 93 55.96 -55.06 48.07
CA ASP D 93 56.20 -56.08 47.05
C ASP D 93 57.70 -56.12 46.79
N ASN D 94 58.42 -56.94 47.53
CA ASN D 94 59.88 -57.01 47.39
C ASN D 94 60.54 -55.65 47.59
N GLY D 95 60.02 -54.90 48.54
CA GLY D 95 60.61 -53.61 48.86
C GLY D 95 59.96 -52.44 48.19
N ARG D 96 58.97 -52.69 47.33
CA ARG D 96 58.32 -51.65 46.55
C ARG D 96 56.86 -51.43 46.96
N ALA D 97 56.37 -50.21 46.78
CA ALA D 97 55.05 -49.82 47.30
C ALA D 97 53.90 -50.57 46.61
N LEU D 98 52.85 -50.85 47.38
CA LEU D 98 51.60 -51.36 46.87
C LEU D 98 50.59 -50.25 47.04
N LEU D 99 49.50 -50.29 46.28
CA LEU D 99 48.35 -49.42 46.56
C LEU D 99 47.90 -49.59 48.02
N PRO D 100 47.22 -48.56 48.57
CA PRO D 100 46.61 -48.67 49.89
C PRO D 100 45.33 -49.47 49.86
N PHE D 101 44.86 -49.97 50.99
CA PHE D 101 43.55 -50.62 51.02
C PHE D 101 42.38 -49.64 51.07
N ASP D 102 41.24 -50.10 50.57
CA ASP D 102 40.02 -49.32 50.64
C ASP D 102 39.43 -49.49 52.03
N ASN D 103 38.25 -48.91 52.25
CA ASN D 103 37.58 -48.93 53.58
C ASN D 103 36.11 -49.29 53.36
N LEU D 104 35.86 -50.42 52.70
CA LEU D 104 34.62 -50.61 51.97
C LEU D 104 33.51 -51.18 52.85
N HIS D 105 32.26 -50.96 52.42
CA HIS D 105 31.06 -51.47 53.09
C HIS D 105 31.05 -53.01 53.11
N ASP D 106 30.48 -53.60 52.06
CA ASP D 106 30.68 -55.03 51.76
C ASP D 106 31.77 -55.18 50.69
N ASP D 107 32.98 -55.47 51.16
CA ASP D 107 34.18 -55.40 50.34
C ASP D 107 34.40 -56.75 49.64
N PRO D 108 34.26 -56.78 48.31
CA PRO D 108 34.17 -58.07 47.62
C PRO D 108 35.47 -58.83 47.62
N CYS D 109 36.59 -58.12 47.71
CA CYS D 109 37.90 -58.74 47.65
C CYS D 109 38.08 -59.64 48.88
N LEU D 110 37.38 -59.31 49.96
CA LEU D 110 37.33 -60.18 51.13
C LEU D 110 36.77 -61.56 50.78
N LEU D 111 35.91 -61.63 49.77
CA LEU D 111 35.14 -62.84 49.50
C LEU D 111 35.90 -63.87 48.67
N THR D 112 36.95 -63.45 47.96
CA THR D 112 37.63 -64.31 46.96
C THR D 112 38.66 -65.23 47.60
N ASN D 113 38.91 -65.00 48.88
CA ASN D 113 39.70 -65.90 49.70
C ASN D 113 39.44 -65.46 51.12
N ARG D 114 38.52 -66.14 51.78
CA ARG D 114 38.01 -65.67 53.07
C ARG D 114 39.11 -65.69 54.12
N SER D 115 40.11 -66.54 53.94
CA SER D 115 41.15 -66.74 54.94
C SER D 115 42.31 -65.75 54.77
N ALA D 116 42.50 -65.24 53.56
CA ALA D 116 43.49 -64.18 53.32
C ALA D 116 43.13 -62.89 54.05
N ARG D 117 41.85 -62.51 53.99
CA ARG D 117 41.39 -61.23 54.54
C ARG D 117 42.21 -60.07 53.99
N ILE D 118 42.35 -60.03 52.66
CA ILE D 118 42.94 -58.88 51.95
C ILE D 118 41.86 -58.01 51.30
N PRO D 119 41.69 -56.76 51.78
CA PRO D 119 40.65 -55.95 51.17
C PRO D 119 40.98 -55.47 49.75
N CYS D 120 39.99 -54.85 49.11
CA CYS D 120 40.21 -54.23 47.85
C CYS D 120 41.21 -53.07 48.01
N PHE D 121 41.89 -52.72 46.93
CA PHE D 121 42.82 -51.60 46.92
C PHE D 121 42.10 -50.26 46.71
N LEU D 122 42.77 -49.17 47.02
CA LEU D 122 42.25 -47.83 46.78
C LEU D 122 43.04 -47.15 45.68
N ALA D 123 42.34 -46.53 44.76
CA ALA D 123 42.95 -46.00 43.55
C ALA D 123 41.98 -44.98 42.98
N GLY D 124 42.39 -44.24 41.96
CA GLY D 124 41.62 -43.09 41.48
C GLY D 124 40.34 -43.52 40.79
N ASP D 125 40.31 -44.76 40.31
CA ASP D 125 39.06 -45.37 39.83
C ASP D 125 38.68 -46.59 40.68
N THR D 126 37.37 -46.78 40.92
CA THR D 126 36.87 -47.74 41.88
C THR D 126 37.06 -49.19 41.45
N ARG D 127 37.57 -49.42 40.27
CA ARG D 127 37.61 -50.79 39.71
C ARG D 127 38.99 -51.44 39.75
N SER D 128 39.94 -50.80 40.42
CA SER D 128 41.34 -51.13 40.29
C SER D 128 41.63 -52.56 40.72
N SER D 129 40.74 -53.13 41.56
CA SER D 129 40.90 -54.50 42.04
C SER D 129 40.26 -55.56 41.14
N GLU D 130 39.58 -55.15 40.08
CA GLU D 130 38.70 -56.07 39.34
C GLU D 130 39.38 -57.32 38.74
N MET D 131 40.63 -57.17 38.29
CA MET D 131 41.50 -58.31 38.07
C MET D 131 42.94 -57.90 38.42
N PRO D 132 43.78 -58.86 38.86
CA PRO D 132 45.13 -58.49 39.33
C PRO D 132 46.04 -57.89 38.27
N GLU D 133 45.79 -58.21 37.00
CA GLU D 133 46.57 -57.58 35.94
C GLU D 133 46.27 -56.08 35.89
N LEU D 134 45.01 -55.72 36.08
CA LEU D 134 44.64 -54.30 36.18
C LEU D 134 45.30 -53.65 37.38
N THR D 135 45.22 -54.30 38.52
CA THR D 135 45.80 -53.78 39.75
C THR D 135 47.27 -53.46 39.55
N SER D 136 47.93 -54.35 38.81
CA SER D 136 49.35 -54.31 38.60
C SER D 136 49.70 -53.09 37.77
N MET D 137 48.81 -52.75 36.85
CA MET D 137 49.00 -51.57 36.04
C MET D 137 48.83 -50.27 36.85
N HIS D 138 47.85 -50.27 37.76
CA HIS D 138 47.61 -49.14 38.66
C HIS D 138 48.79 -48.91 39.63
N THR D 139 49.32 -50.00 40.15
CA THR D 139 50.44 -49.95 41.09
C THR D 139 51.68 -49.43 40.37
N LEU D 140 51.83 -49.82 39.11
CA LEU D 140 52.93 -49.36 38.28
C LEU D 140 52.93 -47.85 38.16
N LEU D 141 51.77 -47.28 37.87
CA LEU D 141 51.62 -45.86 37.69
C LEU D 141 51.74 -45.10 39.01
N LEU D 142 51.24 -45.70 40.09
CA LEU D 142 51.42 -45.18 41.46
C LEU D 142 52.90 -45.02 41.76
N ARG D 143 53.67 -46.03 41.40
CA ARG D 143 55.11 -46.04 41.66
C ARG D 143 55.80 -45.02 40.78
N GLU D 144 55.39 -44.93 39.51
CA GLU D 144 55.93 -43.93 38.60
C GLU D 144 55.69 -42.51 39.12
N HIS D 145 54.48 -42.24 39.59
CA HIS D 145 54.20 -40.92 40.17
C HIS D 145 55.21 -40.61 41.27
N ASN D 146 55.33 -41.50 42.24
CA ASN D 146 56.21 -41.26 43.40
C ASN D 146 57.68 -41.17 43.02
N ARG D 147 58.05 -41.91 41.98
CA ARG D 147 59.38 -41.82 41.42
C ARG D 147 59.66 -40.42 40.85
N LEU D 148 58.75 -39.96 40.01
CA LEU D 148 58.87 -38.65 39.39
C LEU D 148 58.91 -37.54 40.45
N ALA D 149 58.04 -37.66 41.46
CA ALA D 149 57.96 -36.70 42.53
C ALA D 149 59.25 -36.62 43.33
N THR D 150 59.94 -37.74 43.46
CA THR D 150 61.22 -37.78 44.15
C THR D 150 62.34 -37.12 43.30
N GLU D 151 62.31 -37.39 42.00
CA GLU D 151 63.33 -36.89 41.09
C GLU D 151 63.18 -35.38 40.90
N LEU D 152 61.95 -34.90 40.93
CA LEU D 152 61.67 -33.48 40.77
C LEU D 152 62.03 -32.72 42.04
N LYS D 153 61.88 -33.38 43.19
CA LYS D 153 62.31 -32.79 44.47
C LYS D 153 63.83 -32.63 44.52
N SER D 154 64.54 -33.63 44.02
CA SER D 154 66.00 -33.56 43.89
C SER D 154 66.46 -32.43 42.95
N LEU D 155 65.71 -32.22 41.86
CA LEU D 155 66.01 -31.15 40.90
C LEU D 155 65.62 -29.80 41.49
N ASN D 156 64.50 -29.78 42.23
CA ASN D 156 63.81 -28.55 42.62
C ASN D 156 63.46 -28.59 44.12
N PRO D 157 64.48 -28.53 44.96
CA PRO D 157 64.35 -28.75 46.39
C PRO D 157 63.35 -27.86 47.11
N ARG D 158 63.14 -26.64 46.60
CA ARG D 158 62.26 -25.66 47.24
C ARG D 158 60.80 -25.88 46.85
N TRP D 159 60.55 -26.73 45.86
CA TRP D 159 59.18 -27.02 45.47
C TRP D 159 58.44 -27.64 46.65
N ASP D 160 57.22 -27.18 46.90
CA ASP D 160 56.39 -27.77 47.95
C ASP D 160 55.60 -28.96 47.45
N GLY D 161 54.88 -29.60 48.36
CA GLY D 161 54.27 -30.89 48.03
C GLY D 161 53.24 -30.79 46.91
N GLU D 162 52.52 -29.68 46.85
CA GLU D 162 51.49 -29.48 45.81
C GLU D 162 52.10 -29.31 44.42
N ARG D 163 53.15 -28.52 44.35
CA ARG D 163 53.91 -28.36 43.12
C ARG D 163 54.50 -29.69 42.67
N LEU D 164 55.14 -30.40 43.59
CA LEU D 164 55.70 -31.72 43.28
C LEU D 164 54.61 -32.67 42.77
N TYR D 165 53.50 -32.74 43.50
CA TYR D 165 52.39 -33.60 43.13
C TYR D 165 51.81 -33.22 41.76
N GLN D 166 51.64 -31.92 41.52
CA GLN D 166 50.97 -31.50 40.29
C GLN D 166 51.89 -31.72 39.10
N GLU D 167 53.18 -31.50 39.27
CA GLU D 167 54.12 -31.68 38.14
C GLU D 167 54.32 -33.16 37.78
N ALA D 168 54.40 -34.03 38.80
CA ALA D 168 54.42 -35.48 38.57
C ALA D 168 53.15 -35.90 37.83
N ARG D 169 52.02 -35.40 38.32
CA ARG D 169 50.71 -35.81 37.81
C ARG D 169 50.58 -35.42 36.34
N LYS D 170 51.18 -34.28 35.98
CA LYS D 170 51.15 -33.76 34.61
C LYS D 170 52.00 -34.65 33.69
N ILE D 171 53.14 -35.09 34.19
CA ILE D 171 53.96 -36.04 33.47
C ILE D 171 53.30 -37.41 33.33
N VAL D 172 52.73 -37.95 34.41
CA VAL D 172 52.07 -39.26 34.29
C VAL D 172 50.87 -39.20 33.32
N GLY D 173 50.12 -38.11 33.39
CA GLY D 173 49.09 -37.79 32.39
C GLY D 173 49.60 -37.84 30.94
N ALA D 174 50.75 -37.24 30.66
CA ALA D 174 51.30 -37.21 29.28
C ALA D 174 51.80 -38.57 28.82
N MET D 175 52.39 -39.30 29.76
CA MET D 175 52.82 -40.66 29.51
C MET D 175 51.66 -41.55 29.05
N VAL D 176 50.52 -41.49 29.74
CA VAL D 176 49.35 -42.27 29.32
C VAL D 176 48.94 -41.87 27.89
N GLN D 177 48.98 -40.58 27.58
CA GLN D 177 48.52 -40.09 26.25
C GLN D 177 49.40 -40.60 25.13
N ILE D 178 50.71 -40.56 25.38
CA ILE D 178 51.69 -40.96 24.39
C ILE D 178 51.64 -42.46 24.17
N ILE D 179 51.55 -43.22 25.25
CA ILE D 179 51.44 -44.67 25.13
C ILE D 179 50.13 -45.03 24.41
N THR D 180 49.05 -44.36 24.77
CA THR D 180 47.78 -44.64 24.13
C THR D 180 47.78 -44.30 22.62
N TYR D 181 48.21 -43.10 22.24
CA TYR D 181 48.07 -42.67 20.85
C TYR D 181 49.22 -43.07 19.94
N ARG D 182 50.43 -43.17 20.50
CA ARG D 182 51.57 -43.58 19.68
C ARG D 182 51.59 -45.11 19.49
N ASP D 183 51.23 -45.86 20.52
CA ASP D 183 51.52 -47.29 20.55
C ASP D 183 50.27 -48.17 20.50
N TYR D 184 49.19 -47.68 21.11
CA TYR D 184 48.04 -48.54 21.42
C TYR D 184 46.99 -48.42 20.33
N LEU D 185 46.49 -47.22 20.10
CA LEU D 185 45.43 -47.02 19.11
C LEU D 185 45.74 -47.47 17.66
N PRO D 186 46.99 -47.26 17.18
CA PRO D 186 47.30 -47.66 15.80
C PRO D 186 47.10 -49.16 15.58
N LEU D 187 47.32 -49.92 16.65
CA LEU D 187 47.15 -51.35 16.65
C LEU D 187 45.71 -51.77 16.93
N VAL D 188 44.90 -50.90 17.54
CA VAL D 188 43.45 -51.10 17.59
C VAL D 188 42.83 -50.85 16.19
N LEU D 189 43.19 -49.72 15.59
CA LEU D 189 42.49 -49.23 14.42
C LEU D 189 43.00 -49.84 13.10
N GLY D 190 44.30 -50.09 13.05
CA GLY D 190 45.01 -50.32 11.80
C GLY D 190 45.33 -49.02 11.11
N PRO D 191 46.18 -49.07 10.07
CA PRO D 191 46.74 -47.87 9.44
C PRO D 191 45.71 -47.04 8.65
N THR D 192 44.79 -47.70 7.96
CA THR D 192 43.81 -46.96 7.16
C THR D 192 42.90 -46.14 8.07
N ALA D 193 42.36 -46.79 9.08
CA ALA D 193 41.45 -46.14 10.01
C ALA D 193 42.21 -45.11 10.85
N MET D 194 43.46 -45.44 11.19
CA MET D 194 44.30 -44.52 11.93
C MET D 194 44.52 -43.23 11.13
N ARG D 195 44.77 -43.33 9.83
CA ARG D 195 44.89 -42.12 9.02
C ARG D 195 43.57 -41.40 8.84
N LYS D 196 42.46 -42.14 8.78
CA LYS D 196 41.15 -41.53 8.56
C LYS D 196 40.66 -40.75 9.79
N TYR D 197 40.77 -41.35 10.97
CA TYR D 197 40.10 -40.83 12.17
C TYR D 197 41.06 -40.15 13.15
N LEU D 198 42.35 -40.43 13.02
CA LEU D 198 43.36 -39.65 13.72
C LEU D 198 44.44 -39.13 12.80
N PRO D 199 44.09 -38.18 11.91
CA PRO D 199 45.18 -37.52 11.21
C PRO D 199 46.16 -36.85 12.18
N THR D 200 47.33 -36.50 11.69
CA THR D 200 48.40 -35.94 12.53
C THR D 200 47.94 -34.67 13.28
N TYR D 201 48.33 -34.58 14.54
CA TYR D 201 47.81 -33.56 15.42
C TYR D 201 48.28 -32.23 14.89
N ARG D 202 47.45 -31.19 15.02
CA ARG D 202 47.75 -29.87 14.50
C ARG D 202 47.77 -28.86 15.66
N SER D 203 46.60 -28.58 16.22
CA SER D 203 46.54 -27.78 17.43
C SER D 203 45.31 -28.08 18.24
N TYR D 204 45.27 -27.57 19.47
CA TYR D 204 44.07 -27.58 20.28
C TYR D 204 42.97 -26.79 19.51
N ASN D 205 41.79 -27.37 19.48
CA ASN D 205 40.60 -26.75 18.88
C ASN D 205 39.47 -26.72 19.91
N ASP D 206 39.17 -25.55 20.46
CA ASP D 206 38.16 -25.43 21.53
C ASP D 206 36.70 -25.62 21.09
N SER D 207 36.50 -25.96 19.83
CA SER D 207 35.17 -26.25 19.33
C SER D 207 34.94 -27.76 19.15
N VAL D 208 35.93 -28.56 19.52
CA VAL D 208 35.77 -30.02 19.58
C VAL D 208 35.25 -30.41 20.95
N ASP D 209 34.07 -31.02 20.97
CA ASP D 209 33.43 -31.52 22.18
C ASP D 209 34.25 -32.70 22.66
N PRO D 210 34.76 -32.65 23.88
CA PRO D 210 35.61 -33.76 24.35
C PRO D 210 34.83 -34.81 25.17
N ARG D 211 33.50 -34.77 25.13
CA ARG D 211 32.75 -35.65 26.01
C ARG D 211 32.81 -37.08 25.47
N ILE D 212 32.75 -38.05 26.39
CA ILE D 212 32.51 -39.44 25.99
C ILE D 212 31.08 -39.58 25.45
N ALA D 213 30.94 -40.12 24.23
CA ALA D 213 29.63 -40.45 23.68
C ALA D 213 29.06 -41.73 24.33
N ASN D 214 27.75 -41.74 24.56
CA ASN D 214 27.09 -42.88 25.22
C ASN D 214 27.46 -44.20 24.54
N VAL D 215 27.42 -44.20 23.21
CA VAL D 215 27.69 -45.42 22.48
C VAL D 215 29.12 -45.92 22.75
N PHE D 216 30.05 -45.00 22.96
CA PHE D 216 31.42 -45.37 23.24
C PHE D 216 31.54 -46.28 24.44
N THR D 217 30.72 -46.06 25.47
CA THR D 217 30.82 -46.86 26.68
C THR D 217 30.54 -48.32 26.38
N ASN D 218 29.88 -48.58 25.27
CA ASN D 218 29.48 -49.94 24.91
C ASN D 218 30.37 -50.48 23.78
N ALA D 219 30.75 -49.63 22.84
CA ALA D 219 31.57 -50.05 21.68
C ALA D 219 33.04 -50.35 22.10
N PHE D 220 33.58 -49.57 23.01
CA PHE D 220 34.94 -49.81 23.45
C PHE D 220 35.04 -51.11 24.27
N ARG D 221 33.91 -51.70 24.65
CA ARG D 221 33.92 -53.05 25.22
C ARG D 221 34.32 -54.16 24.22
N TYR D 222 34.71 -53.76 23.03
CA TYR D 222 35.39 -54.66 22.09
C TYR D 222 36.53 -55.42 22.81
N GLY D 223 37.23 -54.73 23.70
CA GLY D 223 38.26 -55.36 24.53
C GLY D 223 37.91 -56.73 25.11
N HIS D 224 36.63 -57.00 25.39
CA HIS D 224 36.23 -58.28 25.98
C HIS D 224 36.55 -59.49 25.06
N THR D 225 36.78 -59.22 23.78
CA THR D 225 37.17 -60.28 22.82
C THR D 225 38.67 -60.61 22.87
N LEU D 226 39.46 -59.81 23.60
CA LEU D 226 40.93 -60.04 23.69
C LEU D 226 41.28 -60.83 24.96
N ILE D 227 40.27 -61.11 25.79
CA ILE D 227 40.49 -61.61 27.14
C ILE D 227 40.77 -63.10 27.08
N GLN D 228 41.92 -63.51 27.64
CA GLN D 228 42.25 -64.94 27.82
C GLN D 228 41.60 -65.44 29.08
N PRO D 229 41.30 -66.75 29.14
CA PRO D 229 40.66 -67.40 30.27
C PRO D 229 41.58 -67.65 31.48
N PHE D 230 42.83 -67.21 31.40
CA PHE D 230 43.76 -67.36 32.53
C PHE D 230 44.52 -66.08 32.81
N MET D 231 44.92 -65.93 34.06
CA MET D 231 46.00 -65.04 34.40
C MET D 231 47.29 -65.86 34.46
N PHE D 232 48.31 -65.34 33.78
CA PHE D 232 49.56 -66.01 33.55
C PHE D 232 50.61 -65.29 34.36
N ARG D 233 51.50 -66.06 34.99
CA ARG D 233 52.57 -65.49 35.79
C ARG D 233 53.88 -66.15 35.49
N LEU D 234 54.90 -65.33 35.28
CA LEU D 234 56.21 -65.78 34.88
C LEU D 234 57.24 -65.29 35.89
N ASP D 235 58.22 -66.12 36.20
CA ASP D 235 59.30 -65.73 37.13
C ASP D 235 60.36 -64.95 36.35
N ASN D 236 61.51 -64.73 36.96
CA ASN D 236 62.53 -63.85 36.38
C ASN D 236 63.30 -64.45 35.22
N ARG D 237 63.07 -65.72 34.90
CA ARG D 237 63.58 -66.25 33.64
C ARG D 237 62.43 -66.42 32.66
N TYR D 238 61.35 -65.74 32.97
CA TYR D 238 60.16 -65.69 32.13
C TYR D 238 59.66 -67.09 31.91
N GLN D 239 59.79 -67.94 32.91
CA GLN D 239 59.23 -69.28 32.87
C GLN D 239 57.96 -69.30 33.69
N PRO D 240 57.08 -70.28 33.42
CA PRO D 240 55.85 -70.33 34.21
C PRO D 240 56.17 -70.44 35.69
N MET D 241 55.53 -69.60 36.48
CA MET D 241 55.75 -69.62 37.92
C MET D 241 54.90 -70.72 38.56
N GLU D 242 55.58 -71.71 39.14
CA GLU D 242 54.91 -72.75 39.92
C GLU D 242 54.65 -72.26 41.34
N PRO D 243 53.56 -72.74 41.97
CA PRO D 243 52.77 -73.90 41.57
C PRO D 243 51.43 -73.56 40.90
N ASN D 244 51.21 -72.30 40.53
CA ASN D 244 49.95 -71.90 39.89
C ASN D 244 50.14 -70.86 38.80
N PRO D 245 50.93 -71.20 37.78
CA PRO D 245 51.33 -70.25 36.76
C PRO D 245 50.17 -69.83 35.87
N ARG D 246 49.03 -70.52 35.98
CA ARG D 246 47.93 -70.31 35.06
C ARG D 246 46.57 -70.40 35.78
N VAL D 247 46.14 -69.30 36.41
CA VAL D 247 44.93 -69.32 37.24
C VAL D 247 43.69 -68.93 36.44
N PRO D 248 42.63 -69.74 36.51
CA PRO D 248 41.41 -69.43 35.78
C PRO D 248 40.90 -68.04 36.12
N LEU D 249 40.57 -67.27 35.08
CA LEU D 249 40.16 -65.87 35.27
C LEU D 249 39.06 -65.74 36.34
N SER D 250 38.13 -66.68 36.37
CA SER D 250 37.05 -66.60 37.33
C SER D 250 37.53 -66.88 38.76
N ARG D 251 38.84 -67.06 38.93
CA ARG D 251 39.41 -67.17 40.27
C ARG D 251 40.28 -65.96 40.63
N VAL D 252 40.38 -65.00 39.70
CA VAL D 252 41.16 -63.79 39.96
C VAL D 252 40.33 -62.52 40.10
N PHE D 253 39.04 -62.57 39.80
CA PHE D 253 38.22 -61.35 39.88
C PHE D 253 38.18 -60.85 41.34
N PHE D 254 38.57 -59.60 41.54
CA PHE D 254 38.68 -59.02 42.89
C PHE D 254 39.62 -59.76 43.83
N ALA D 255 40.47 -60.65 43.31
CA ALA D 255 41.33 -61.44 44.18
C ALA D 255 42.56 -60.61 44.55
N SER D 256 42.33 -59.55 45.33
CA SER D 256 43.39 -58.62 45.67
C SER D 256 44.52 -59.37 46.38
N TRP D 257 44.15 -60.38 47.15
CA TRP D 257 45.11 -61.18 47.92
C TRP D 257 46.21 -61.82 47.08
N ARG D 258 45.94 -62.04 45.81
CA ARG D 258 46.90 -62.68 44.93
C ARG D 258 48.09 -61.76 44.68
N VAL D 259 47.83 -60.46 44.60
CA VAL D 259 48.91 -59.47 44.48
C VAL D 259 49.77 -59.44 45.73
N VAL D 260 49.13 -59.39 46.90
CA VAL D 260 49.84 -59.25 48.16
C VAL D 260 50.62 -60.52 48.48
N LEU D 261 49.95 -61.66 48.37
CA LEU D 261 50.46 -62.93 48.88
C LEU D 261 51.18 -63.82 47.86
N GLU D 262 50.93 -63.66 46.57
CA GLU D 262 51.55 -64.56 45.58
C GLU D 262 52.59 -63.86 44.71
N GLY D 263 53.25 -62.85 45.25
CA GLY D 263 54.55 -62.42 44.73
C GLY D 263 54.50 -61.18 43.85
N GLY D 264 53.52 -60.32 44.08
CA GLY D 264 53.63 -58.93 43.71
C GLY D 264 53.23 -58.75 42.27
N ILE D 265 53.68 -57.67 41.66
CA ILE D 265 53.24 -57.32 40.30
C ILE D 265 54.21 -57.80 39.24
N ASP D 266 55.41 -58.24 39.64
CA ASP D 266 56.43 -58.52 38.64
C ASP D 266 56.01 -59.74 37.82
N PRO D 267 55.50 -60.80 38.46
CA PRO D 267 55.18 -61.95 37.64
C PRO D 267 53.97 -61.67 36.73
N ILE D 268 53.07 -60.80 37.18
CA ILE D 268 51.87 -60.51 36.41
C ILE D 268 52.23 -59.66 35.21
N LEU D 269 53.10 -58.68 35.42
CA LEU D 269 53.51 -57.82 34.33
C LEU D 269 54.29 -58.62 33.29
N ARG D 270 55.16 -59.52 33.74
CA ARG D 270 55.85 -60.45 32.83
C ARG D 270 54.85 -61.34 32.07
N GLY D 271 53.86 -61.85 32.80
CA GLY D 271 52.74 -62.56 32.18
C GLY D 271 52.09 -61.75 31.04
N LEU D 272 51.81 -60.49 31.29
CA LEU D 272 51.12 -59.66 30.29
C LEU D 272 51.96 -59.44 29.04
N MET D 273 53.27 -59.30 29.22
CA MET D 273 54.17 -58.96 28.10
C MET D 273 54.44 -60.14 27.19
N ALA D 274 54.48 -61.34 27.76
CA ALA D 274 55.01 -62.51 27.05
C ALA D 274 53.96 -63.58 26.75
N THR D 275 52.67 -63.22 26.85
CA THR D 275 51.61 -64.11 26.43
C THR D 275 50.80 -63.41 25.34
N PRO D 276 50.33 -64.15 24.34
CA PRO D 276 49.48 -63.51 23.35
C PRO D 276 48.10 -63.10 23.90
N ALA D 277 47.54 -62.01 23.40
CA ALA D 277 46.10 -61.76 23.58
C ALA D 277 45.33 -62.88 22.92
N LYS D 278 44.05 -63.00 23.24
CA LYS D 278 43.14 -63.75 22.40
C LYS D 278 42.84 -62.95 21.14
N LEU D 279 42.78 -63.65 20.01
CA LEU D 279 42.28 -63.05 18.77
C LEU D 279 40.76 -63.17 18.75
N ASN D 280 40.09 -62.06 18.50
CA ASN D 280 38.70 -62.10 18.11
C ASN D 280 38.57 -62.80 16.76
N ARG D 281 37.84 -63.91 16.76
CA ARG D 281 37.40 -64.57 15.53
C ARG D 281 35.89 -64.73 15.52
N GLN D 282 35.32 -64.83 14.32
CA GLN D 282 33.88 -64.71 14.19
C GLN D 282 33.12 -65.85 14.87
N ASN D 283 33.79 -66.98 15.05
CA ASN D 283 33.21 -68.13 15.75
C ASN D 283 33.92 -68.39 17.08
N GLN D 284 34.72 -67.42 17.51
CA GLN D 284 35.38 -67.48 18.82
C GLN D 284 35.40 -66.08 19.43
N ILE D 285 34.23 -65.57 19.78
CA ILE D 285 34.11 -64.17 20.15
C ILE D 285 34.57 -63.85 21.59
N ALA D 286 34.12 -64.64 22.57
CA ALA D 286 34.41 -64.34 23.96
C ALA D 286 34.36 -65.61 24.81
N VAL D 287 35.33 -65.74 25.73
CA VAL D 287 35.55 -66.99 26.43
C VAL D 287 34.55 -67.14 27.56
N ASP D 288 34.36 -68.37 28.02
CA ASP D 288 33.36 -68.69 29.04
C ASP D 288 33.76 -68.28 30.47
N GLU D 289 35.06 -68.07 30.73
CA GLU D 289 35.50 -67.43 31.97
C GLU D 289 34.82 -66.08 32.22
N ILE D 290 34.42 -65.39 31.15
CA ILE D 290 33.56 -64.21 31.28
C ILE D 290 32.12 -64.41 30.77
N ARG D 291 31.88 -65.42 29.94
CA ARG D 291 30.52 -65.64 29.39
C ARG D 291 29.65 -66.46 30.34
N GLU D 292 30.30 -67.30 31.15
CA GLU D 292 29.60 -68.16 32.11
C GLU D 292 29.94 -67.87 33.57
N ARG D 293 31.14 -67.36 33.84
CA ARG D 293 31.69 -67.41 35.20
C ARG D 293 32.20 -66.07 35.73
N LEU D 294 31.71 -64.98 35.16
CA LEU D 294 32.14 -63.64 35.57
C LEU D 294 31.70 -63.34 37.01
N PHE D 295 32.68 -63.09 37.89
CA PHE D 295 32.44 -62.71 39.29
C PHE D 295 31.75 -63.82 40.06
N GLU D 296 31.90 -65.05 39.58
CA GLU D 296 31.35 -66.23 40.23
C GLU D 296 31.61 -66.24 41.73
N GLN D 297 32.83 -65.85 42.13
CA GLN D 297 33.25 -65.97 43.52
C GLN D 297 32.66 -64.90 44.42
N VAL D 298 32.16 -63.80 43.85
CA VAL D 298 31.79 -62.64 44.65
C VAL D 298 30.31 -62.29 44.59
N MET D 299 29.51 -63.18 44.01
CA MET D 299 28.05 -63.02 44.07
C MET D 299 27.32 -64.29 43.67
N ARG D 300 25.98 -64.21 43.64
CA ARG D 300 25.15 -65.40 43.82
C ARG D 300 25.22 -66.34 42.62
N ILE D 301 25.62 -65.79 41.48
CA ILE D 301 25.50 -66.48 40.19
C ILE D 301 26.54 -65.89 39.25
N GLY D 302 27.17 -66.74 38.46
CA GLY D 302 28.11 -66.27 37.45
C GLY D 302 27.41 -65.42 36.41
N LEU D 303 28.02 -64.31 36.05
CA LEU D 303 27.43 -63.41 35.05
C LEU D 303 27.90 -63.78 33.66
N ASP D 304 27.25 -63.18 32.66
CA ASP D 304 27.61 -63.36 31.26
C ASP D 304 27.94 -61.99 30.72
N LEU D 305 29.23 -61.69 30.60
CA LEU D 305 29.66 -60.33 30.30
C LEU D 305 29.18 -59.85 28.92
N PRO D 306 29.31 -60.70 27.89
CA PRO D 306 28.72 -60.33 26.60
C PRO D 306 27.24 -59.99 26.65
N ALA D 307 26.46 -60.78 27.37
CA ALA D 307 25.02 -60.57 27.47
C ALA D 307 24.69 -59.29 28.28
N LEU D 308 25.49 -59.02 29.31
CA LEU D 308 25.38 -57.75 30.03
C LEU D 308 25.61 -56.57 29.06
N ASN D 309 26.54 -56.74 28.13
CA ASN D 309 26.89 -55.64 27.22
C ASN D 309 25.64 -55.30 26.41
N MET D 310 24.91 -56.34 25.99
CA MET D 310 23.76 -56.17 25.11
C MET D 310 22.55 -55.65 25.87
N GLN D 311 22.45 -56.03 27.14
CA GLN D 311 21.42 -55.48 28.00
C GLN D 311 21.70 -54.05 28.34
N ARG D 312 22.98 -53.73 28.48
CA ARG D 312 23.40 -52.36 28.77
C ARG D 312 23.13 -51.41 27.61
N SER D 313 23.39 -51.85 26.38
CA SER D 313 23.17 -50.97 25.24
C SER D 313 21.71 -50.61 25.18
N ARG D 314 20.85 -51.54 25.61
CA ARG D 314 19.41 -51.37 25.57
C ARG D 314 18.94 -50.48 26.73
N ASP D 315 19.52 -50.72 27.92
CA ASP D 315 19.40 -49.83 29.07
C ASP D 315 19.67 -48.38 28.67
N HIS D 316 20.66 -48.17 27.81
CA HIS D 316 21.09 -46.82 27.48
C HIS D 316 20.42 -46.24 26.24
N GLY D 317 19.44 -46.94 25.72
CA GLY D 317 18.71 -46.46 24.55
C GLY D 317 19.57 -46.32 23.31
N LEU D 318 20.55 -47.20 23.17
CA LEU D 318 21.45 -47.13 22.02
C LEU D 318 20.75 -47.72 20.78
N PRO D 319 20.77 -46.97 19.67
CA PRO D 319 20.28 -47.47 18.37
C PRO D 319 20.93 -48.79 17.99
N GLY D 320 20.40 -49.42 16.93
CA GLY D 320 20.90 -50.72 16.49
C GLY D 320 22.03 -50.62 15.51
N TYR D 321 22.49 -51.78 15.06
CA TYR D 321 23.61 -51.86 14.17
C TYR D 321 23.52 -50.90 12.97
N ASN D 322 22.42 -50.94 12.21
CA ASN D 322 22.35 -50.20 10.95
C ASN D 322 22.31 -48.68 11.12
N ALA D 323 21.69 -48.20 12.20
CA ALA D 323 21.73 -46.78 12.58
C ALA D 323 23.17 -46.24 12.76
N TRP D 324 23.98 -46.99 13.49
CA TRP D 324 25.41 -46.69 13.64
C TRP D 324 26.21 -46.88 12.33
N ARG D 325 25.86 -47.88 11.55
CA ARG D 325 26.50 -47.99 10.24
C ARG D 325 26.25 -46.70 9.47
N ARG D 326 24.98 -46.31 9.37
CA ARG D 326 24.56 -45.05 8.72
C ARG D 326 25.28 -43.82 9.29
N PHE D 327 25.27 -43.69 10.61
CA PHE D 327 26.03 -42.64 11.30
C PHE D 327 27.46 -42.56 10.77
N CYS D 328 28.08 -43.74 10.58
CA CYS D 328 29.49 -43.81 10.18
C CYS D 328 29.68 -43.73 8.66
N GLY D 329 28.60 -43.61 7.91
CA GLY D 329 28.70 -43.52 6.44
C GLY D 329 28.96 -44.87 5.80
N LEU D 330 28.63 -45.94 6.51
CA LEU D 330 28.78 -47.30 6.01
C LEU D 330 27.47 -47.85 5.48
N PRO D 331 27.57 -48.72 4.46
CA PRO D 331 26.39 -49.39 3.92
C PRO D 331 25.58 -50.15 5.00
N GLN D 332 24.26 -50.06 4.92
CA GLN D 332 23.38 -50.72 5.87
C GLN D 332 22.71 -51.94 5.23
N PRO D 333 23.18 -53.14 5.57
CA PRO D 333 22.61 -54.34 5.03
C PRO D 333 21.22 -54.61 5.62
N GLU D 334 20.32 -55.07 4.77
CA GLU D 334 18.91 -55.27 5.13
C GLU D 334 18.50 -56.74 5.02
N THR D 335 19.20 -57.51 4.19
CA THR D 335 18.92 -58.93 4.02
C THR D 335 20.02 -59.83 4.57
N VAL D 336 19.70 -61.11 4.78
CA VAL D 336 20.70 -62.07 5.26
C VAL D 336 21.88 -62.12 4.28
N GLY D 337 21.56 -62.07 2.99
CA GLY D 337 22.56 -62.04 1.96
C GLY D 337 23.47 -60.84 2.07
N GLN D 338 22.88 -59.65 2.17
CA GLN D 338 23.68 -58.43 2.31
C GLN D 338 24.51 -58.44 3.58
N LEU D 339 23.92 -58.87 4.70
CA LEU D 339 24.66 -58.94 5.99
C LEU D 339 25.81 -59.93 5.86
N GLY D 340 25.62 -60.97 5.05
CA GLY D 340 26.66 -61.97 4.77
C GLY D 340 27.90 -61.40 4.11
N THR D 341 27.68 -60.63 3.05
CA THR D 341 28.75 -59.85 2.40
C THR D 341 29.46 -58.89 3.35
N VAL D 342 28.70 -58.05 4.06
CA VAL D 342 29.30 -57.06 4.95
C VAL D 342 30.17 -57.73 6.03
N LEU D 343 29.71 -58.87 6.53
CA LEU D 343 30.43 -59.62 7.55
C LEU D 343 31.43 -60.64 6.98
N ARG D 344 31.42 -60.80 5.66
CA ARG D 344 32.29 -61.78 5.01
C ARG D 344 32.16 -63.14 5.68
N ASN D 345 30.92 -63.50 5.99
CA ASN D 345 30.62 -64.67 6.79
C ASN D 345 29.12 -64.88 6.73
N LEU D 346 28.66 -65.67 5.76
CA LEU D 346 27.24 -65.89 5.56
C LEU D 346 26.64 -66.73 6.69
N LYS D 347 27.44 -67.67 7.18
CA LYS D 347 27.07 -68.44 8.37
C LYS D 347 26.74 -67.50 9.53
N LEU D 348 27.61 -66.53 9.79
CA LEU D 348 27.41 -65.61 10.92
C LEU D 348 26.17 -64.74 10.71
N ALA D 349 25.93 -64.33 9.47
CA ALA D 349 24.79 -63.48 9.17
C ALA D 349 23.48 -64.25 9.42
N ARG D 350 23.50 -65.55 9.14
CA ARG D 350 22.31 -66.36 9.35
C ARG D 350 21.98 -66.50 10.84
N LYS D 351 22.99 -66.69 11.69
CA LYS D 351 22.73 -66.78 13.12
C LYS D 351 22.15 -65.46 13.66
N LEU D 352 22.75 -64.35 13.27
CA LEU D 352 22.32 -63.04 13.74
C LEU D 352 20.87 -62.76 13.34
N MET D 353 20.53 -63.06 12.08
CA MET D 353 19.20 -62.81 11.56
C MET D 353 18.16 -63.73 12.20
N GLU D 354 18.58 -64.94 12.58
CA GLU D 354 17.70 -65.84 13.32
C GLU D 354 17.37 -65.30 14.71
N GLN D 355 18.33 -64.62 15.34
CA GLN D 355 18.07 -63.98 16.64
C GLN D 355 17.28 -62.68 16.49
N TYR D 356 17.76 -61.82 15.60
CA TYR D 356 17.38 -60.42 15.64
C TYR D 356 16.27 -60.09 14.64
N GLY D 357 16.21 -60.85 13.55
CA GLY D 357 15.19 -60.65 12.53
C GLY D 357 15.62 -59.71 11.42
N THR D 358 16.25 -58.61 11.81
CA THR D 358 16.75 -57.62 10.86
C THR D 358 18.07 -57.05 11.38
N PRO D 359 18.99 -56.68 10.48
CA PRO D 359 20.23 -56.09 11.00
C PRO D 359 19.98 -54.76 11.72
N ASN D 360 18.77 -54.24 11.59
CA ASN D 360 18.44 -52.97 12.20
C ASN D 360 18.42 -53.09 13.72
N ASN D 361 18.25 -54.30 14.22
CA ASN D 361 18.06 -54.54 15.66
C ASN D 361 19.25 -55.16 16.35
N ILE D 362 20.26 -55.56 15.58
CA ILE D 362 21.46 -56.13 16.16
C ILE D 362 22.04 -55.12 17.13
N ASP D 363 22.27 -55.53 18.37
CA ASP D 363 22.81 -54.60 19.36
C ASP D 363 24.23 -54.19 18.95
N ILE D 364 24.65 -53.00 19.35
CA ILE D 364 25.84 -52.39 18.79
C ILE D 364 27.11 -53.17 19.12
N TRP D 365 27.27 -53.63 20.37
CA TRP D 365 28.48 -54.40 20.69
C TRP D 365 28.54 -55.62 19.78
N MET D 366 27.39 -56.28 19.56
CA MET D 366 27.37 -57.60 18.96
C MET D 366 27.68 -57.49 17.48
N GLY D 367 27.04 -56.52 16.84
CA GLY D 367 27.35 -56.20 15.43
C GLY D 367 28.77 -55.71 15.27
N GLY D 368 29.25 -54.92 16.22
CA GLY D 368 30.58 -54.35 16.12
C GLY D 368 31.66 -55.40 16.16
N VAL D 369 31.54 -56.38 17.04
CA VAL D 369 32.61 -57.35 17.20
C VAL D 369 32.46 -58.48 16.21
N SER D 370 31.28 -58.55 15.58
CA SER D 370 31.04 -59.50 14.49
C SER D 370 31.78 -59.19 13.20
N GLU D 371 32.07 -57.92 12.96
CA GLU D 371 32.59 -57.52 11.66
C GLU D 371 34.02 -58.03 11.52
N PRO D 372 34.44 -58.35 10.29
CA PRO D 372 35.84 -58.74 10.13
C PRO D 372 36.78 -57.62 10.51
N LEU D 373 37.96 -57.99 10.98
CA LEU D 373 38.91 -57.02 11.52
C LEU D 373 39.58 -56.30 10.36
N LYS D 374 39.78 -55.00 10.49
CA LYS D 374 40.63 -54.30 9.55
C LYS D 374 42.09 -54.78 9.64
N ARG D 375 42.72 -54.78 8.47
CA ARG D 375 44.13 -55.13 8.31
C ARG D 375 45.03 -54.42 9.33
N LYS D 376 45.83 -55.21 10.04
CA LYS D 376 46.72 -54.72 11.09
C LYS D 376 46.01 -54.05 12.23
N GLY D 377 44.70 -54.31 12.32
CA GLY D 377 43.86 -53.76 13.34
C GLY D 377 43.06 -54.89 13.96
N ARG D 378 42.31 -54.59 15.02
CA ARG D 378 41.57 -55.61 15.77
C ARG D 378 40.12 -55.22 15.97
N VAL D 379 39.64 -54.28 15.17
CA VAL D 379 38.21 -53.99 15.07
C VAL D 379 37.87 -53.84 13.59
N GLY D 380 36.60 -54.02 13.25
CA GLY D 380 36.15 -53.74 11.88
C GLY D 380 35.79 -52.28 11.65
N PRO D 381 35.19 -51.97 10.50
CA PRO D 381 34.99 -50.58 10.10
C PRO D 381 34.10 -49.77 11.04
N LEU D 382 33.09 -50.41 11.63
CA LEU D 382 32.10 -49.69 12.42
C LEU D 382 32.73 -49.31 13.75
N LEU D 383 33.30 -50.29 14.46
CA LEU D 383 33.96 -49.96 15.74
C LEU D 383 35.15 -48.99 15.52
N ALA D 384 35.90 -49.20 14.45
CA ALA D 384 36.93 -48.25 14.02
C ALA D 384 36.40 -46.83 13.96
N CYS D 385 35.26 -46.65 13.28
CA CYS D 385 34.65 -45.32 13.16
C CYS D 385 34.29 -44.74 14.51
N ILE D 386 33.60 -45.53 15.35
CA ILE D 386 33.16 -45.06 16.66
C ILE D 386 34.35 -44.78 17.59
N ILE D 387 35.30 -45.70 17.63
CA ILE D 387 36.42 -45.57 18.58
C ILE D 387 37.41 -44.49 18.11
N GLY D 388 37.70 -44.45 16.82
CA GLY D 388 38.55 -43.43 16.28
C GLY D 388 37.96 -42.03 16.36
N THR D 389 36.68 -41.90 16.08
CA THR D 389 36.02 -40.63 16.32
C THR D 389 36.08 -40.18 17.77
N GLN D 390 35.90 -41.09 18.70
CA GLN D 390 36.02 -40.70 20.11
C GLN D 390 37.42 -40.19 20.46
N PHE D 391 38.45 -40.99 20.19
CA PHE D 391 39.82 -40.58 20.53
C PHE D 391 40.30 -39.34 19.78
N ARG D 392 39.79 -39.09 18.55
CA ARG D 392 40.07 -37.79 17.93
C ARG D 392 39.57 -36.57 18.73
N LYS D 393 38.38 -36.69 19.30
CA LYS D 393 37.82 -35.65 20.14
C LYS D 393 38.53 -35.51 21.49
N LEU D 394 38.98 -36.61 22.05
CA LEU D 394 39.60 -36.54 23.37
C LEU D 394 40.97 -35.88 23.25
N ARG D 395 41.53 -35.95 22.07
CA ARG D 395 42.81 -35.35 21.76
C ARG D 395 42.65 -33.88 21.37
N ASP D 396 41.96 -33.67 20.25
CA ASP D 396 41.90 -32.35 19.64
C ASP D 396 41.15 -31.37 20.56
N GLY D 397 40.29 -31.90 21.41
CA GLY D 397 39.45 -31.08 22.29
C GLY D 397 39.99 -31.00 23.71
N ASP D 398 41.25 -31.45 23.91
CA ASP D 398 41.91 -31.35 25.23
C ASP D 398 42.94 -30.21 25.29
N ARG D 399 42.66 -29.22 26.12
CA ARG D 399 43.47 -28.03 26.19
C ARG D 399 44.81 -28.37 26.86
N PHE D 400 44.88 -29.53 27.52
CA PHE D 400 46.09 -30.00 28.21
C PHE D 400 46.72 -31.21 27.49
N TRP D 401 46.32 -31.45 26.24
CA TRP D 401 47.04 -32.39 25.41
C TRP D 401 48.56 -32.08 25.40
N TRP D 402 49.40 -33.09 25.26
CA TRP D 402 50.81 -32.91 25.63
C TRP D 402 51.61 -32.13 24.58
N GLU D 403 51.09 -32.09 23.36
CA GLU D 403 51.69 -31.31 22.29
C GLU D 403 51.06 -29.95 22.11
N ASN D 404 49.92 -29.67 22.76
CA ASN D 404 49.42 -28.30 22.82
C ASN D 404 50.49 -27.34 23.32
N GLU D 405 50.68 -26.26 22.56
CA GLU D 405 51.64 -25.24 22.94
C GLU D 405 51.31 -24.66 24.31
N GLY D 406 52.32 -24.52 25.14
CA GLY D 406 52.15 -23.95 26.45
C GLY D 406 52.00 -25.01 27.53
N VAL D 407 51.59 -26.23 27.19
CA VAL D 407 51.38 -27.26 28.20
C VAL D 407 52.74 -27.68 28.77
N PHE D 408 53.63 -28.08 27.86
CA PHE D 408 55.03 -28.33 28.18
C PHE D 408 55.88 -27.38 27.36
N SER D 409 57.14 -27.24 27.77
CA SER D 409 58.14 -26.56 26.94
C SER D 409 58.56 -27.48 25.80
N MET D 410 59.19 -26.93 24.77
CA MET D 410 59.67 -27.74 23.67
C MET D 410 60.66 -28.79 24.19
N GLN D 411 61.55 -28.37 25.07
CA GLN D 411 62.52 -29.31 25.62
C GLN D 411 61.83 -30.45 26.38
N GLN D 412 60.83 -30.13 27.19
CA GLN D 412 60.09 -31.17 27.90
C GLN D 412 59.37 -32.10 26.94
N ARG D 413 58.81 -31.56 25.86
CA ARG D 413 58.13 -32.38 24.86
C ARG D 413 59.10 -33.39 24.21
N GLN D 414 60.24 -32.91 23.73
CA GLN D 414 61.29 -33.78 23.18
C GLN D 414 61.68 -34.89 24.17
N ALA D 415 61.73 -34.57 25.46
CA ALA D 415 62.05 -35.56 26.50
C ALA D 415 60.93 -36.60 26.71
N LEU D 416 59.69 -36.12 26.77
CA LEU D 416 58.53 -36.99 26.93
C LEU D 416 58.36 -37.95 25.74
N ALA D 417 58.73 -37.52 24.54
CA ALA D 417 58.57 -38.38 23.37
C ALA D 417 59.52 -39.59 23.39
N GLN D 418 60.49 -39.60 24.30
CA GLN D 418 61.35 -40.78 24.49
C GLN D 418 60.73 -41.88 25.38
N ILE D 419 59.67 -41.55 26.13
CA ILE D 419 59.14 -42.50 27.12
C ILE D 419 58.47 -43.71 26.47
N SER D 420 58.39 -44.81 27.20
CA SER D 420 57.73 -46.00 26.69
C SER D 420 57.24 -46.81 27.87
N LEU D 421 56.27 -47.68 27.64
CA LEU D 421 55.78 -48.54 28.71
C LEU D 421 56.84 -49.56 29.20
N PRO D 422 57.64 -50.12 28.29
CA PRO D 422 58.78 -50.96 28.74
C PRO D 422 59.73 -50.24 29.70
N ARG D 423 60.08 -48.99 29.41
CA ARG D 423 60.92 -48.22 30.32
C ARG D 423 60.21 -47.94 31.65
N ILE D 424 58.91 -47.65 31.64
CA ILE D 424 58.24 -47.37 32.91
C ILE D 424 58.27 -48.61 33.82
N ILE D 425 58.12 -49.79 33.22
CA ILE D 425 58.24 -51.07 33.93
C ILE D 425 59.67 -51.28 34.46
N CYS D 426 60.66 -51.01 33.62
CA CYS D 426 62.05 -51.13 34.07
C CYS D 426 62.33 -50.29 35.31
N ASP D 427 61.71 -49.12 35.36
CA ASP D 427 62.05 -48.10 36.35
C ASP D 427 61.29 -48.23 37.67
N ASN D 428 60.30 -49.12 37.70
CA ASN D 428 59.42 -49.22 38.85
C ASN D 428 59.14 -50.67 39.27
N THR D 429 59.91 -51.62 38.77
CA THR D 429 59.77 -53.00 39.20
C THR D 429 61.14 -53.70 39.41
N GLY D 430 61.12 -55.00 39.71
CA GLY D 430 62.37 -55.78 39.71
C GLY D 430 62.61 -56.48 38.37
N ILE D 431 61.86 -56.11 37.35
CA ILE D 431 62.02 -56.74 36.04
C ILE D 431 63.11 -56.02 35.29
N THR D 432 64.05 -56.76 34.74
CA THR D 432 65.23 -56.16 34.08
C THR D 432 65.35 -56.60 32.62
N THR D 433 64.38 -57.40 32.17
CA THR D 433 64.24 -57.75 30.76
C THR D 433 62.78 -57.55 30.36
N VAL D 434 62.55 -56.74 29.31
CA VAL D 434 61.20 -56.33 28.91
C VAL D 434 60.99 -56.38 27.37
N SER D 435 59.75 -56.19 26.92
CA SER D 435 59.41 -56.22 25.50
C SER D 435 60.20 -55.16 24.70
N LYS D 436 60.61 -55.52 23.49
CA LYS D 436 60.85 -54.53 22.45
C LYS D 436 59.58 -53.76 22.23
N ASN D 437 59.70 -52.48 21.92
CA ASN D 437 58.53 -51.79 21.39
C ASN D 437 58.30 -52.21 19.94
N ASN D 438 57.04 -52.41 19.58
CA ASN D 438 55.89 -51.98 20.34
C ASN D 438 55.46 -53.03 21.39
N ILE D 439 55.35 -52.62 22.64
CA ILE D 439 55.00 -53.58 23.71
C ILE D 439 53.64 -54.31 23.48
N PHE D 440 52.75 -53.69 22.74
CA PHE D 440 51.42 -54.27 22.52
C PHE D 440 51.42 -55.32 21.41
N MET D 441 52.48 -55.35 20.61
CA MET D 441 52.68 -56.38 19.59
C MET D 441 53.67 -57.47 20.04
N SER D 442 54.86 -57.09 20.47
CA SER D 442 55.80 -58.05 21.14
C SER D 442 55.02 -58.97 22.07
N ASN D 443 55.18 -60.28 21.92
CA ASN D 443 54.52 -61.21 22.85
C ASN D 443 55.27 -62.52 23.09
N SER D 444 56.51 -62.61 22.60
CA SER D 444 57.24 -63.86 22.60
C SER D 444 58.66 -63.70 23.16
N TYR D 445 58.93 -64.41 24.26
CA TYR D 445 60.25 -64.44 24.88
C TYR D 445 61.03 -65.65 24.37
N PRO D 446 62.33 -65.48 24.04
CA PRO D 446 63.18 -64.30 24.17
C PRO D 446 63.25 -63.41 22.92
N ARG D 447 62.67 -63.87 21.82
CA ARG D 447 62.80 -63.20 20.53
C ARG D 447 62.44 -61.73 20.61
N ASP D 448 61.33 -61.43 21.26
CA ASP D 448 60.82 -60.06 21.34
C ASP D 448 61.24 -59.30 22.60
N PHE D 449 62.34 -59.69 23.25
CA PHE D 449 62.70 -59.07 24.52
C PHE D 449 64.13 -58.50 24.54
N VAL D 450 64.36 -57.54 25.44
CA VAL D 450 65.65 -56.86 25.54
C VAL D 450 65.94 -56.46 26.98
N ASN D 451 67.22 -56.28 27.30
CA ASN D 451 67.66 -55.82 28.60
C ASN D 451 67.12 -54.43 28.84
N CYS D 452 66.72 -54.14 30.08
CA CYS D 452 66.36 -52.77 30.45
C CYS D 452 67.48 -51.77 30.19
N SER D 453 68.73 -52.21 30.31
CA SER D 453 69.88 -51.32 30.13
C SER D 453 69.95 -50.72 28.73
N THR D 454 69.24 -51.30 27.77
CA THR D 454 69.35 -50.86 26.37
C THR D 454 68.42 -49.70 26.06
N LEU D 455 67.63 -49.28 27.05
CA LEU D 455 66.53 -48.34 26.83
C LEU D 455 66.83 -47.01 27.53
N PRO D 456 66.76 -45.89 26.81
CA PRO D 456 66.94 -44.58 27.44
C PRO D 456 65.90 -44.31 28.54
N ALA D 457 66.33 -43.78 29.67
CA ALA D 457 65.38 -43.33 30.70
C ALA D 457 64.96 -41.88 30.41
N LEU D 458 63.73 -41.52 30.79
CA LEU D 458 63.30 -40.12 30.71
C LEU D 458 64.31 -39.21 31.42
N ASN D 459 64.74 -38.19 30.71
CA ASN D 459 65.58 -37.11 31.24
C ASN D 459 64.72 -35.95 31.76
N LEU D 460 64.84 -35.65 33.05
CA LEU D 460 64.03 -34.60 33.67
C LEU D 460 64.74 -33.25 33.71
N ALA D 461 65.85 -33.12 33.00
CA ALA D 461 66.68 -31.92 33.15
C ALA D 461 65.84 -30.68 32.83
N SER D 462 64.91 -30.79 31.89
CA SER D 462 64.16 -29.60 31.48
C SER D 462 63.08 -29.21 32.47
N TRP D 463 62.95 -29.95 33.57
CA TRP D 463 62.01 -29.59 34.64
C TRP D 463 62.70 -28.81 35.77
N ARG D 464 64.00 -28.59 35.66
CA ARG D 464 64.73 -27.81 36.67
C ARG D 464 64.38 -26.34 36.52
N GLU D 465 63.93 -25.70 37.60
CA GLU D 465 63.40 -24.35 37.51
C GLU D 465 64.43 -23.31 37.10
N ALA D 466 65.57 -23.26 37.77
CA ALA D 466 66.56 -22.22 37.49
C ALA D 466 66.59 -21.14 38.55
N CYS E 1 -4.46 43.02 64.30
CA CYS E 1 -3.91 42.23 65.44
C CYS E 1 -3.65 43.15 66.63
N PRO E 2 -4.35 42.93 67.74
CA PRO E 2 -4.16 43.78 68.92
C PRO E 2 -2.70 44.12 69.17
N GLU E 3 -2.42 45.41 69.31
CA GLU E 3 -1.05 45.90 69.48
C GLU E 3 -0.28 45.14 70.56
N GLN E 4 -1.02 44.50 71.46
CA GLN E 4 -0.41 43.58 72.43
C GLN E 4 -1.45 42.95 73.34
N ASP E 5 -1.19 41.69 73.67
CA ASP E 5 -2.22 40.74 74.03
C ASP E 5 -1.66 39.86 75.13
N LYS E 6 -2.51 39.46 76.07
CA LYS E 6 -2.06 38.67 77.20
C LYS E 6 -2.16 37.18 76.88
N TYR E 7 -3.06 36.81 75.98
CA TYR E 7 -3.46 35.40 75.76
C TYR E 7 -3.50 35.01 74.28
N ARG E 8 -3.49 33.71 74.00
CA ARG E 8 -3.71 33.22 72.63
C ARG E 8 -5.13 33.53 72.20
N THR E 9 -5.33 33.70 70.91
CA THR E 9 -6.66 33.65 70.34
C THR E 9 -7.10 32.18 70.32
N ILE E 10 -8.39 31.92 70.11
CA ILE E 10 -8.84 30.54 70.01
C ILE E 10 -8.45 29.95 68.68
N THR E 11 -8.40 30.76 67.63
CA THR E 11 -8.06 30.25 66.29
C THR E 11 -6.53 30.22 66.00
N GLY E 12 -5.73 30.81 66.90
CA GLY E 12 -4.28 31.03 66.66
C GLY E 12 -3.92 32.25 65.80
N MET E 13 -4.94 32.83 65.19
CA MET E 13 -4.86 34.17 64.62
C MET E 13 -3.91 35.05 65.46
N CYS E 14 -2.96 35.72 64.80
CA CYS E 14 -2.18 36.81 65.38
C CYS E 14 -0.97 36.33 66.20
N ASN E 15 -0.78 35.02 66.29
CA ASN E 15 0.39 34.50 66.94
C ASN E 15 1.63 35.05 66.28
N ASN E 16 1.70 34.88 64.97
CA ASN E 16 2.67 35.59 64.15
C ASN E 16 2.13 36.92 63.62
N ARG E 17 2.68 38.02 64.12
CA ARG E 17 2.16 39.34 63.80
C ARG E 17 2.43 39.71 62.33
N ARG E 18 3.51 39.19 61.76
CA ARG E 18 3.81 39.57 60.37
C ARG E 18 2.94 38.78 59.40
N SER E 19 2.63 37.54 59.77
CA SER E 19 1.88 36.63 58.92
C SER E 19 0.81 35.93 59.76
N PRO E 20 -0.26 36.65 60.08
CA PRO E 20 -1.12 36.29 61.22
C PRO E 20 -2.06 35.08 61.08
N THR E 21 -2.07 34.38 59.95
CA THR E 21 -2.78 33.10 59.85
C THR E 21 -1.86 31.88 60.07
N LEU E 22 -0.56 32.09 60.16
CA LEU E 22 0.37 30.97 60.32
C LEU E 22 0.18 30.31 61.69
N GLY E 23 -0.24 29.04 61.66
CA GLY E 23 -0.46 28.27 62.86
C GLY E 23 -1.92 28.33 63.25
N ALA E 24 -2.66 29.22 62.61
CA ALA E 24 -4.09 29.39 62.87
C ALA E 24 -4.90 28.29 62.19
N SER E 25 -6.13 28.12 62.67
CA SER E 25 -6.99 27.00 62.29
C SER E 25 -7.66 27.22 60.93
N ASN E 26 -8.05 26.11 60.29
CA ASN E 26 -8.72 26.15 59.00
C ASN E 26 -7.91 26.83 57.90
N ARG E 27 -6.63 26.48 57.83
CA ARG E 27 -5.77 26.94 56.76
C ARG E 27 -5.05 25.76 56.17
N ALA E 28 -4.40 25.98 55.03
CA ALA E 28 -3.78 24.89 54.25
C ALA E 28 -2.47 24.48 54.90
N PHE E 29 -2.16 23.19 54.87
CA PHE E 29 -0.85 22.71 55.28
C PHE E 29 0.24 23.42 54.53
N VAL E 30 1.35 23.71 55.20
CA VAL E 30 2.57 24.02 54.49
C VAL E 30 3.07 22.77 53.79
N ARG E 31 3.58 22.90 52.57
CA ARG E 31 4.28 21.79 51.94
C ARG E 31 5.76 21.95 52.10
N TRP E 32 6.43 20.90 52.54
CA TRP E 32 7.89 20.91 52.58
C TRP E 32 8.49 20.40 51.30
N LEU E 33 7.70 19.65 50.54
CA LEU E 33 8.07 19.21 49.19
C LEU E 33 6.86 19.36 48.26
N PRO E 34 7.11 19.50 46.94
CA PRO E 34 6.00 19.60 45.97
C PRO E 34 5.23 18.33 45.90
N ALA E 35 3.91 18.45 45.73
CA ALA E 35 3.00 17.31 45.77
C ALA E 35 3.16 16.46 44.54
N GLU E 36 2.84 15.17 44.66
CA GLU E 36 2.98 14.21 43.56
C GLU E 36 1.64 13.53 43.36
N TYR E 37 1.00 13.97 42.31
CA TYR E 37 -0.31 13.46 41.92
C TYR E 37 -0.22 12.81 40.57
N GLU E 38 -1.07 11.80 40.40
CA GLU E 38 -1.20 11.09 39.13
C GLU E 38 -1.28 12.00 37.91
N ASP E 39 -2.01 13.11 38.03
CA ASP E 39 -2.16 14.05 36.90
C ASP E 39 -1.39 15.34 37.15
N GLY E 40 -0.58 15.37 38.20
CA GLY E 40 0.21 16.55 38.53
C GLY E 40 -0.44 17.51 39.51
N PHE E 41 -1.76 17.47 39.66
CA PHE E 41 -2.45 18.50 40.46
C PHE E 41 -3.61 18.06 41.38
N SER E 42 -4.14 16.85 41.21
CA SER E 42 -5.36 16.47 41.91
C SER E 42 -5.53 14.98 42.25
N LEU E 43 -5.48 14.15 41.22
CA LEU E 43 -5.80 12.75 41.35
C LEU E 43 -4.66 12.00 42.00
N PRO E 44 -4.99 11.19 43.03
CA PRO E 44 -3.96 10.50 43.77
C PRO E 44 -3.42 9.32 43.01
N TYR E 45 -2.21 8.93 43.37
CA TYR E 45 -1.68 7.70 42.83
C TYR E 45 -2.52 6.51 43.24
N GLY E 46 -2.84 5.67 42.26
CA GLY E 46 -3.77 4.55 42.44
C GLY E 46 -5.17 4.80 41.85
N TRP E 47 -5.45 6.02 41.39
CA TRP E 47 -6.80 6.39 40.97
C TRP E 47 -7.17 5.69 39.69
N THR E 48 -6.33 5.86 38.67
CA THR E 48 -6.69 5.41 37.33
C THR E 48 -6.06 4.07 37.07
N PRO E 49 -6.89 3.04 36.85
CA PRO E 49 -6.32 1.73 36.53
C PRO E 49 -5.29 1.81 35.41
N GLY E 50 -4.12 1.23 35.64
CA GLY E 50 -3.13 1.09 34.55
C GLY E 50 -2.04 2.17 34.57
N VAL E 51 -2.27 3.22 35.36
CA VAL E 51 -1.33 4.32 35.40
C VAL E 51 -0.29 4.03 36.48
N LYS E 52 0.95 4.01 36.04
CA LYS E 52 2.08 3.62 36.89
C LYS E 52 2.68 4.84 37.57
N ARG E 53 3.45 4.58 38.64
CA ARG E 53 4.21 5.62 39.30
C ARG E 53 5.72 5.46 39.05
N ASN E 54 6.30 6.33 38.23
CA ASN E 54 7.75 6.35 38.06
C ASN E 54 8.18 4.98 37.51
N GLY E 55 7.31 4.36 36.71
CA GLY E 55 7.67 3.14 35.98
C GLY E 55 7.24 1.86 36.67
N PHE E 56 6.65 1.96 37.86
CA PHE E 56 6.22 0.80 38.61
C PHE E 56 4.77 0.88 39.02
N PRO E 57 4.12 -0.28 39.12
CA PRO E 57 2.71 -0.32 39.52
C PRO E 57 2.52 0.21 40.94
N VAL E 58 1.45 0.97 41.15
CA VAL E 58 1.05 1.39 42.47
C VAL E 58 0.57 0.17 43.26
N ALA E 59 1.29 -0.14 44.34
CA ALA E 59 0.91 -1.21 45.23
C ALA E 59 -0.38 -0.80 45.88
N LEU E 60 -1.33 -1.72 45.91
CA LEU E 60 -2.52 -1.56 46.77
C LEU E 60 -2.07 -1.34 48.21
N ALA E 61 -2.60 -0.31 48.85
CA ALA E 61 -2.27 -0.05 50.26
C ALA E 61 -2.55 -1.29 51.12
N ARG E 62 -3.60 -2.02 50.78
CA ARG E 62 -3.99 -3.20 51.53
C ARG E 62 -3.11 -4.42 51.20
N ALA E 63 -2.60 -4.51 49.96
CA ALA E 63 -1.55 -5.48 49.65
C ALA E 63 -0.29 -5.25 50.52
N VAL E 64 0.18 -4.01 50.55
CA VAL E 64 1.40 -3.68 51.29
C VAL E 64 1.24 -4.01 52.77
N SER E 65 0.12 -3.61 53.35
CA SER E 65 -0.26 -3.99 54.72
C SER E 65 -0.30 -5.50 54.95
N ASN E 66 -0.96 -6.22 54.05
CA ASN E 66 -1.03 -7.67 54.15
C ASN E 66 0.36 -8.32 54.11
N GLU E 67 1.24 -7.77 53.29
CA GLU E 67 2.48 -8.49 53.00
C GLU E 67 3.63 -8.03 53.90
N ILE E 68 3.51 -6.86 54.50
CA ILE E 68 4.61 -6.29 55.27
C ILE E 68 4.24 -5.96 56.72
N VAL E 69 3.02 -5.49 56.95
CA VAL E 69 2.60 -5.03 58.27
C VAL E 69 2.02 -6.15 59.14
N ARG E 70 1.25 -7.04 58.50
CA ARG E 70 0.65 -8.19 59.16
C ARG E 70 1.68 -9.04 59.92
N PHE E 71 1.36 -9.37 61.16
CA PHE E 71 2.10 -10.42 61.88
C PHE E 71 1.21 -11.12 62.91
N PRO E 72 1.68 -12.24 63.47
CA PRO E 72 0.95 -12.92 64.55
C PRO E 72 1.05 -12.21 65.89
N THR E 73 -0.10 -11.75 66.37
CA THR E 73 -0.22 -11.02 67.63
C THR E 73 0.45 -11.75 68.81
N ASP E 74 0.51 -13.08 68.75
CA ASP E 74 1.10 -13.85 69.85
C ASP E 74 2.64 -13.72 69.93
N GLN E 75 3.23 -13.05 68.94
CA GLN E 75 4.67 -12.76 68.97
C GLN E 75 4.94 -11.34 69.48
N LEU E 76 3.88 -10.64 69.86
CA LEU E 76 4.01 -9.19 70.09
C LEU E 76 5.08 -8.91 71.15
N THR E 77 5.89 -7.89 70.91
CA THR E 77 7.01 -7.61 71.80
C THR E 77 6.71 -6.34 72.62
N PRO E 78 6.49 -6.50 73.94
CA PRO E 78 6.31 -5.37 74.84
C PRO E 78 7.63 -4.62 75.01
N ASP E 79 7.53 -3.30 75.03
CA ASP E 79 8.68 -2.44 75.08
C ASP E 79 9.05 -2.23 76.57
N GLN E 80 10.28 -2.54 76.92
CA GLN E 80 10.70 -2.56 78.32
C GLN E 80 10.87 -1.18 78.93
N GLU E 81 11.07 -0.17 78.07
CA GLU E 81 11.38 1.20 78.49
C GLU E 81 10.37 2.24 77.99
N ARG E 82 9.17 1.81 77.65
CA ARG E 82 8.10 2.77 77.36
C ARG E 82 6.80 2.28 77.96
N SER E 83 6.03 3.19 78.58
CA SER E 83 4.70 2.83 79.01
C SER E 83 3.72 3.08 77.87
N LEU E 84 2.58 2.44 77.95
CA LEU E 84 1.52 2.66 76.99
C LEU E 84 1.08 4.15 77.07
N MET E 85 1.36 4.81 78.20
CA MET E 85 1.13 6.26 78.29
C MET E 85 1.96 7.01 77.25
N PHE E 86 3.06 6.39 76.83
CA PHE E 86 3.90 6.89 75.76
C PHE E 86 3.15 6.91 74.42
N MET E 87 2.36 5.88 74.18
CA MET E 87 1.51 5.84 73.00
C MET E 87 0.46 6.93 73.13
N GLN E 88 -0.20 6.99 74.28
CA GLN E 88 -1.47 7.72 74.40
C GLN E 88 -1.26 9.22 74.32
N TRP E 89 -0.19 9.67 74.98
CA TRP E 89 0.23 11.07 74.88
C TRP E 89 0.53 11.45 73.44
N GLY E 90 1.13 10.54 72.68
CA GLY E 90 1.32 10.75 71.25
C GLY E 90 0.01 11.14 70.58
N GLN E 91 -1.02 10.34 70.81
CA GLN E 91 -2.30 10.57 70.19
C GLN E 91 -2.94 11.89 70.66
N LEU E 92 -2.97 12.11 71.96
CA LEU E 92 -3.52 13.33 72.53
C LEU E 92 -2.87 14.59 71.93
N LEU E 93 -1.54 14.55 71.85
CA LEU E 93 -0.73 15.60 71.23
C LEU E 93 -1.01 15.77 69.74
N ASP E 94 -1.04 14.67 69.01
CA ASP E 94 -1.51 14.71 67.63
C ASP E 94 -2.75 15.61 67.50
N HIS E 95 -3.67 15.45 68.43
CA HIS E 95 -4.97 16.08 68.33
C HIS E 95 -4.94 17.54 68.83
N ASP E 96 -3.80 17.95 69.40
CA ASP E 96 -3.45 19.37 69.59
C ASP E 96 -2.98 19.97 68.27
N LEU E 97 -2.40 19.16 67.37
CA LEU E 97 -1.67 19.66 66.21
C LEU E 97 -2.45 19.67 64.89
N ASP E 98 -3.07 18.55 64.53
CA ASP E 98 -3.72 18.45 63.24
C ASP E 98 -5.01 17.64 63.23
N PHE E 99 -6.03 18.18 62.58
CA PHE E 99 -7.19 17.40 62.15
C PHE E 99 -7.41 17.74 60.68
N THR E 100 -7.41 16.73 59.84
CA THR E 100 -7.54 16.93 58.41
C THR E 100 -8.99 16.57 57.98
N PRO E 101 -9.85 17.58 57.77
CA PRO E 101 -11.27 17.26 57.55
C PRO E 101 -11.55 16.60 56.20
N GLU E 102 -12.69 15.92 56.15
CA GLU E 102 -13.14 15.16 54.96
C GLU E 102 -14.61 15.49 54.84
N PRO E 103 -15.22 15.28 53.65
CA PRO E 103 -16.66 15.56 53.57
C PRO E 103 -17.49 14.57 54.38
N ALA E 104 -18.71 14.96 54.73
CA ALA E 104 -19.51 14.24 55.75
C ALA E 104 -20.13 12.95 55.21
N VAL F 1 -22.59 10.02 46.76
CA VAL F 1 -21.96 8.77 46.26
C VAL F 1 -21.59 7.88 47.44
N ASN F 2 -22.02 8.30 48.62
CA ASN F 2 -21.76 7.53 49.82
C ASN F 2 -20.52 6.60 49.77
N CYS F 3 -19.43 7.10 50.35
CA CYS F 3 -18.18 6.35 50.45
C CYS F 3 -18.21 5.27 51.54
N GLU F 4 -19.19 5.30 52.43
CA GLU F 4 -19.25 4.31 53.51
C GLU F 4 -20.11 3.11 53.14
N THR F 5 -21.05 3.27 52.21
CA THR F 5 -21.93 2.16 51.85
C THR F 5 -21.57 1.52 50.51
N SER F 6 -20.76 2.20 49.71
CA SER F 6 -20.43 1.68 48.39
C SER F 6 -18.93 1.72 48.07
N CYS F 7 -18.59 1.05 46.98
CA CYS F 7 -17.21 1.00 46.52
C CYS F 7 -17.04 1.77 45.20
N VAL F 8 -17.99 2.66 44.92
CA VAL F 8 -17.94 3.47 43.71
C VAL F 8 -16.86 4.54 43.85
N GLN F 9 -15.99 4.66 42.86
CA GLN F 9 -14.88 5.62 42.99
C GLN F 9 -15.26 6.87 42.24
N GLN F 10 -16.05 7.69 42.91
CA GLN F 10 -16.35 9.02 42.46
C GLN F 10 -16.18 9.98 43.60
N PRO F 11 -15.76 11.21 43.27
CA PRO F 11 -15.43 12.14 44.34
C PRO F 11 -16.63 12.29 45.26
N PRO F 12 -16.41 12.34 46.58
CA PRO F 12 -15.13 12.40 47.34
C PRO F 12 -14.49 11.06 47.73
N CYS F 13 -14.98 9.95 47.17
CA CYS F 13 -14.55 8.62 47.62
C CYS F 13 -13.27 8.16 46.94
N PHE F 14 -12.40 7.51 47.71
CA PHE F 14 -11.21 6.89 47.15
C PHE F 14 -10.97 5.55 47.83
N PRO F 15 -11.90 4.61 47.62
CA PRO F 15 -11.91 3.33 48.30
C PRO F 15 -10.65 2.53 48.02
N LEU F 16 -10.15 1.89 49.05
CA LEU F 16 -8.99 1.01 48.96
C LEU F 16 -9.41 -0.26 48.26
N LYS F 17 -8.75 -0.55 47.14
CA LYS F 17 -8.99 -1.76 46.39
C LYS F 17 -8.38 -2.96 47.09
N ILE F 18 -8.97 -4.11 46.81
CA ILE F 18 -8.71 -5.34 47.56
C ILE F 18 -7.90 -6.29 46.70
N PRO F 19 -6.79 -6.83 47.26
CA PRO F 19 -5.93 -7.68 46.46
C PRO F 19 -6.49 -9.08 46.30
N PRO F 20 -6.02 -9.80 45.27
CA PRO F 20 -6.31 -11.22 45.23
C PRO F 20 -5.87 -11.91 46.53
N ASN F 21 -6.68 -12.85 47.00
CA ASN F 21 -6.31 -13.71 48.11
C ASN F 21 -5.98 -12.90 49.37
N ASP F 22 -6.79 -11.87 49.60
CA ASP F 22 -6.80 -11.17 50.88
C ASP F 22 -7.26 -12.12 51.96
N PRO F 23 -6.63 -12.06 53.14
CA PRO F 23 -6.98 -12.94 54.25
C PRO F 23 -8.35 -12.69 54.85
N ARG F 24 -9.01 -11.60 54.48
CA ARG F 24 -10.30 -11.26 55.08
C ARG F 24 -11.40 -10.98 54.05
N ILE F 25 -11.12 -10.09 53.11
CA ILE F 25 -12.14 -9.59 52.21
C ILE F 25 -12.08 -10.40 50.92
N LYS F 26 -12.94 -11.40 50.80
CA LYS F 26 -12.73 -12.41 49.78
C LYS F 26 -13.27 -11.98 48.43
N ASN F 27 -14.12 -10.96 48.42
CA ASN F 27 -14.56 -10.39 47.16
C ASN F 27 -13.65 -9.24 46.71
N GLN F 28 -12.97 -9.45 45.59
CA GLN F 28 -11.97 -8.48 45.09
C GLN F 28 -12.66 -7.21 44.55
N ALA F 29 -13.98 -7.27 44.41
CA ALA F 29 -14.79 -6.10 44.02
C ALA F 29 -15.19 -5.20 45.19
N ASP F 30 -15.24 -5.79 46.40
CA ASP F 30 -15.37 -5.07 47.69
C ASP F 30 -14.34 -3.94 47.77
N CYS F 31 -14.24 -3.32 48.95
CA CYS F 31 -13.26 -2.26 49.13
C CYS F 31 -13.21 -1.89 50.59
N ILE F 32 -12.19 -1.14 50.99
CA ILE F 32 -12.19 -0.50 52.30
C ILE F 32 -12.53 0.98 52.12
N PRO F 33 -13.51 1.49 52.88
CA PRO F 33 -14.01 2.87 52.73
C PRO F 33 -12.92 3.90 52.97
N PHE F 34 -13.07 5.06 52.33
CA PHE F 34 -12.07 6.12 52.37
C PHE F 34 -12.64 7.33 51.66
N PHE F 35 -12.77 8.42 52.42
CA PHE F 35 -13.11 9.75 51.87
C PHE F 35 -11.83 10.53 51.70
N ARG F 36 -11.64 11.11 50.52
CA ARG F 36 -10.57 12.11 50.30
C ARG F 36 -10.70 13.30 51.21
N SER F 37 -9.56 13.70 51.77
CA SER F 37 -9.45 14.97 52.45
C SER F 37 -9.97 16.15 51.59
N CSO F 38 -10.71 17.04 52.24
CA CSO F 38 -11.17 18.29 51.61
CB CSO F 38 -11.83 19.24 52.62
SG CSO F 38 -13.22 18.63 53.43
C CSO F 38 -10.03 19.06 50.97
O CSO F 38 -8.99 19.29 51.61
OD CSO F 38 -14.27 18.40 52.37
N PRO F 39 -10.22 19.53 49.73
CA PRO F 39 -9.23 20.40 49.12
C PRO F 39 -9.32 21.82 49.72
N ALA F 40 -8.18 22.52 49.81
CA ALA F 40 -8.17 23.96 50.15
C ALA F 40 -8.90 24.83 49.12
N CYS F 41 -8.92 24.41 47.87
CA CYS F 41 -9.58 25.20 46.84
C CYS F 41 -10.45 24.33 45.95
N PRO F 42 -11.68 24.04 46.43
CA PRO F 42 -12.53 23.06 45.71
C PRO F 42 -12.77 23.49 44.25
N GLY F 43 -12.60 22.55 43.31
CA GLY F 43 -12.94 22.79 41.90
C GLY F 43 -11.90 23.51 41.04
N SER F 44 -10.77 23.89 41.64
CA SER F 44 -9.78 24.70 40.95
C SER F 44 -9.11 23.96 39.80
N ASN F 45 -8.90 24.67 38.70
CA ASN F 45 -8.02 24.21 37.63
C ASN F 45 -6.61 24.82 37.69
N ILE F 46 -6.33 25.60 38.72
CA ILE F 46 -5.04 26.25 38.85
C ILE F 46 -4.19 25.61 39.95
N THR F 47 -4.77 25.46 41.14
CA THR F 47 -4.03 25.03 42.32
C THR F 47 -3.57 23.57 42.21
N ILE F 48 -2.40 23.30 42.78
CA ILE F 48 -2.02 21.97 43.19
C ILE F 48 -2.69 21.62 44.52
N ARG F 49 -3.42 20.51 44.51
CA ARG F 49 -4.38 20.20 45.53
C ARG F 49 -3.66 20.12 46.86
N ASN F 50 -4.12 20.88 47.83
CA ASN F 50 -3.58 20.76 49.17
C ASN F 50 -4.75 20.53 50.08
N GLN F 51 -4.42 20.21 51.33
CA GLN F 51 -5.40 19.84 52.31
C GLN F 51 -5.33 20.81 53.49
N ILE F 52 -6.24 20.65 54.44
CA ILE F 52 -6.57 21.69 55.41
C ILE F 52 -6.27 21.21 56.81
N ASN F 53 -5.80 22.10 57.65
CA ASN F 53 -5.71 21.80 59.09
C ASN F 53 -6.79 22.53 59.85
N ALA F 54 -7.71 21.79 60.46
CA ALA F 54 -8.84 22.41 61.16
C ALA F 54 -8.42 22.94 62.53
N LEU F 55 -7.18 22.67 62.91
CA LEU F 55 -6.72 22.97 64.27
C LEU F 55 -5.61 24.02 64.27
N THR F 56 -5.37 24.64 65.41
CA THR F 56 -4.18 25.46 65.59
C THR F 56 -2.97 24.54 65.66
N SER F 57 -1.92 24.90 64.95
CA SER F 57 -0.70 24.11 64.91
C SER F 57 0.02 24.08 66.27
N PHE F 58 -0.08 25.19 67.00
CA PHE F 58 0.75 25.35 68.20
C PHE F 58 0.38 24.30 69.24
N VAL F 59 1.26 24.07 70.19
CA VAL F 59 0.98 23.18 71.28
C VAL F 59 0.37 24.04 72.36
N ASP F 60 -0.94 24.19 72.24
CA ASP F 60 -1.66 25.22 72.98
C ASP F 60 -2.90 24.64 73.61
N ALA F 61 -2.95 23.32 73.63
CA ALA F 61 -4.05 22.60 74.24
C ALA F 61 -5.37 22.79 73.48
N SER F 62 -5.32 23.01 72.18
CA SER F 62 -6.56 23.26 71.44
C SER F 62 -7.52 22.05 71.45
N MET F 63 -7.03 20.90 71.90
CA MET F 63 -7.86 19.70 72.00
C MET F 63 -8.72 19.75 73.24
N VAL F 64 -8.34 20.61 74.17
CA VAL F 64 -9.16 20.91 75.31
C VAL F 64 -10.12 22.10 75.04
N TYR F 65 -9.64 23.10 74.30
CA TYR F 65 -10.36 24.37 74.21
C TYR F 65 -11.11 24.57 72.89
N GLY F 66 -10.72 23.86 71.84
CA GLY F 66 -11.33 24.07 70.53
C GLY F 66 -10.47 25.06 69.80
N SER F 67 -10.49 25.02 68.46
CA SER F 67 -9.68 25.91 67.65
C SER F 67 -10.55 26.86 66.85
N GLU F 68 -11.85 26.85 67.07
CA GLU F 68 -12.74 27.89 66.53
C GLU F 68 -13.81 28.32 67.54
N GLU F 69 -14.48 29.44 67.28
CA GLU F 69 -14.91 30.34 68.35
C GLU F 69 -16.24 29.96 68.97
N PRO F 70 -17.19 29.45 68.14
CA PRO F 70 -18.47 28.89 68.64
C PRO F 70 -18.28 27.69 69.57
N LEU F 71 -17.52 26.69 69.14
CA LEU F 71 -17.24 25.50 69.96
C LEU F 71 -16.57 25.90 71.27
N ALA F 72 -15.55 26.74 71.16
CA ALA F 72 -14.83 27.23 72.33
C ALA F 72 -15.81 27.79 73.34
N ARG F 73 -16.74 28.62 72.86
CA ARG F 73 -17.72 29.22 73.74
C ARG F 73 -18.67 28.14 74.29
N ASN F 74 -19.07 27.21 73.43
CA ASN F 74 -19.95 26.12 73.87
C ASN F 74 -19.33 25.22 74.96
N LEU F 75 -18.01 25.25 75.08
CA LEU F 75 -17.31 24.28 75.89
C LEU F 75 -17.22 24.83 77.29
N ARG F 76 -17.49 26.13 77.41
CA ARG F 76 -17.48 26.84 78.68
C ARG F 76 -18.83 26.78 79.38
N ASN F 77 -18.77 26.54 80.69
CA ASN F 77 -19.85 26.79 81.63
C ASN F 77 -20.21 28.28 81.74
N MET F 78 -21.37 28.65 81.22
CA MET F 78 -21.76 30.07 81.17
C MET F 78 -22.77 30.43 82.25
N SER F 79 -23.14 29.46 83.08
CA SER F 79 -24.10 29.71 84.16
C SER F 79 -23.51 30.69 85.16
N ASN F 80 -22.20 30.90 85.11
CA ASN F 80 -21.53 31.58 86.21
C ASN F 80 -20.20 32.19 85.81
N GLN F 81 -19.64 33.02 86.70
CA GLN F 81 -18.43 33.78 86.43
C GLN F 81 -17.20 33.05 86.94
N LEU F 82 -17.26 31.73 86.97
CA LEU F 82 -16.18 30.94 87.52
C LEU F 82 -15.13 30.62 86.47
N GLY F 83 -15.50 30.73 85.20
CA GLY F 83 -14.57 30.45 84.11
C GLY F 83 -14.22 28.97 83.95
N LEU F 84 -15.22 28.09 84.07
CA LEU F 84 -14.99 26.65 83.98
C LEU F 84 -15.22 26.16 82.53
N LEU F 85 -14.74 24.95 82.21
CA LEU F 85 -15.32 24.19 81.13
C LEU F 85 -16.60 23.51 81.59
N ALA F 86 -17.55 23.37 80.67
CA ALA F 86 -18.80 22.68 81.01
C ALA F 86 -18.45 21.23 81.32
N VAL F 87 -19.33 20.55 82.05
CA VAL F 87 -19.08 19.19 82.46
C VAL F 87 -20.34 18.34 82.30
N ASN F 88 -20.18 17.02 82.31
CA ASN F 88 -21.31 16.14 82.08
C ASN F 88 -22.42 16.43 83.06
N GLN F 89 -23.63 16.55 82.53
CA GLN F 89 -24.76 16.98 83.34
C GLN F 89 -25.58 15.78 83.85
N ARG F 90 -25.24 14.58 83.35
CA ARG F 90 -25.90 13.35 83.80
C ARG F 90 -25.05 12.50 84.76
N PHE F 91 -23.74 12.44 84.52
CA PHE F 91 -22.86 11.41 85.10
C PHE F 91 -21.59 12.01 85.73
N GLN F 92 -21.20 11.45 86.87
CA GLN F 92 -19.91 11.74 87.48
C GLN F 92 -19.07 10.49 87.68
N ASP F 93 -17.76 10.67 87.67
CA ASP F 93 -16.79 9.62 87.94
C ASP F 93 -16.30 9.69 89.39
N ASN F 94 -16.93 8.93 90.28
CA ASN F 94 -16.60 8.96 91.70
C ASN F 94 -16.61 10.37 92.27
N GLY F 95 -17.61 11.15 91.87
CA GLY F 95 -17.71 12.52 92.32
C GLY F 95 -16.97 13.52 91.44
N ARG F 96 -16.32 13.04 90.38
CA ARG F 96 -15.48 13.91 89.57
C ARG F 96 -16.07 14.07 88.16
N ALA F 97 -15.72 15.18 87.52
CA ALA F 97 -16.38 15.63 86.29
C ALA F 97 -16.06 14.71 85.11
N LEU F 98 -17.05 14.40 84.30
CA LEU F 98 -16.82 13.79 82.98
C LEU F 98 -17.08 14.83 81.89
N LEU F 99 -16.55 14.60 80.70
CA LEU F 99 -16.76 15.56 79.62
C LEU F 99 -18.27 15.62 79.35
N PRO F 100 -18.78 16.77 78.87
CA PRO F 100 -20.17 16.82 78.41
C PRO F 100 -20.42 15.89 77.23
N PHE F 101 -21.68 15.52 77.02
CA PHE F 101 -22.06 14.76 75.84
C PHE F 101 -22.25 15.70 74.69
N ASP F 102 -21.89 15.23 73.48
CA ASP F 102 -22.22 15.91 72.25
C ASP F 102 -23.70 15.76 71.82
N ASN F 103 -23.97 16.10 70.57
CA ASN F 103 -25.30 16.01 69.96
C ASN F 103 -25.16 15.73 68.46
N LEU F 104 -24.28 14.79 68.12
CA LEU F 104 -24.00 14.47 66.73
C LEU F 104 -25.23 13.81 66.11
N HIS F 105 -25.36 13.94 64.79
CA HIS F 105 -26.44 13.26 64.07
C HIS F 105 -26.24 11.74 64.17
N ASP F 106 -25.50 11.18 63.22
CA ASP F 106 -25.04 9.78 63.29
C ASP F 106 -23.93 9.64 64.33
N ASP F 107 -24.32 9.58 65.60
CA ASP F 107 -23.40 9.53 66.72
C ASP F 107 -22.87 8.09 66.85
N PRO F 108 -21.60 7.85 66.49
CA PRO F 108 -21.16 6.46 66.40
C PRO F 108 -20.96 5.77 67.74
N CYS F 109 -20.80 6.55 68.80
CA CYS F 109 -20.65 5.96 70.12
C CYS F 109 -21.90 5.18 70.55
N LEU F 110 -23.06 5.63 70.10
CA LEU F 110 -24.31 4.91 70.36
C LEU F 110 -24.29 3.49 69.78
N LEU F 111 -23.53 3.27 68.71
CA LEU F 111 -23.54 1.96 68.05
C LEU F 111 -22.64 0.93 68.71
N THR F 112 -21.73 1.37 69.57
CA THR F 112 -20.81 0.46 70.26
C THR F 112 -21.54 -0.46 71.25
N ASN F 113 -22.41 0.12 72.08
CA ASN F 113 -23.37 -0.66 72.89
C ASN F 113 -24.76 -0.07 72.81
N ARG F 114 -25.57 -0.63 71.91
CA ARG F 114 -26.83 -0.02 71.56
C ARG F 114 -27.76 0.13 72.75
N SER F 115 -27.60 -0.73 73.76
CA SER F 115 -28.48 -0.73 74.92
C SER F 115 -28.15 0.36 75.94
N ALA F 116 -26.87 0.71 76.04
CA ALA F 116 -26.44 1.74 76.97
C ALA F 116 -26.76 3.14 76.44
N ARG F 117 -26.80 3.31 75.12
CA ARG F 117 -27.08 4.63 74.55
C ARG F 117 -26.32 5.72 75.30
N ILE F 118 -25.02 5.51 75.51
CA ILE F 118 -24.15 6.62 75.93
C ILE F 118 -23.60 7.32 74.68
N PRO F 119 -23.91 8.62 74.53
CA PRO F 119 -23.47 9.40 73.38
C PRO F 119 -21.97 9.67 73.37
N CYS F 120 -21.46 10.27 72.29
CA CYS F 120 -20.04 10.67 72.23
C CYS F 120 -19.85 11.93 73.07
N PHE F 121 -18.61 12.16 73.50
CA PHE F 121 -18.31 13.29 74.39
C PHE F 121 -18.03 14.53 73.56
N LEU F 122 -18.30 15.70 74.14
CA LEU F 122 -17.97 16.96 73.50
C LEU F 122 -16.67 17.54 74.06
N ALA F 123 -15.70 17.81 73.17
CA ALA F 123 -14.40 18.29 73.62
C ALA F 123 -13.79 19.26 72.63
N GLY F 124 -12.57 19.69 72.90
CA GLY F 124 -11.92 20.71 72.08
C GLY F 124 -11.65 20.17 70.71
N ASP F 125 -11.38 18.87 70.65
CA ASP F 125 -11.17 18.15 69.39
C ASP F 125 -12.33 17.16 69.21
N THR F 126 -12.72 16.91 67.96
CA THR F 126 -13.88 16.08 67.64
C THR F 126 -13.61 14.59 67.95
N ARG F 127 -12.35 14.22 68.11
CA ARG F 127 -11.99 12.81 68.22
C ARG F 127 -11.83 12.28 69.65
N SER F 128 -12.39 12.95 70.64
CA SER F 128 -12.09 12.64 72.03
C SER F 128 -12.56 11.24 72.43
N SER F 129 -13.63 10.76 71.77
CA SER F 129 -14.26 9.48 72.10
C SER F 129 -13.68 8.28 71.33
N GLU F 130 -12.74 8.53 70.42
CA GLU F 130 -12.20 7.48 69.53
C GLU F 130 -11.69 6.25 70.31
N MET F 131 -11.14 6.46 71.51
CA MET F 131 -10.85 5.33 72.41
C MET F 131 -10.79 5.84 73.85
N PRO F 132 -11.28 5.05 74.80
CA PRO F 132 -11.42 5.44 76.21
C PRO F 132 -10.15 5.99 76.84
N GLU F 133 -9.00 5.54 76.35
CA GLU F 133 -7.71 5.96 76.91
C GLU F 133 -7.47 7.42 76.58
N LEU F 134 -7.86 7.79 75.37
CA LEU F 134 -7.77 9.17 74.93
C LEU F 134 -8.83 10.00 75.66
N THR F 135 -10.03 9.44 75.79
CA THR F 135 -11.11 10.13 76.43
C THR F 135 -10.69 10.43 77.87
N SER F 136 -9.89 9.55 78.44
CA SER F 136 -9.51 9.67 79.85
C SER F 136 -8.52 10.82 80.01
N MET F 137 -7.63 10.97 79.05
CA MET F 137 -6.64 12.06 79.03
C MET F 137 -7.30 13.43 78.81
N HIS F 138 -8.16 13.52 77.79
CA HIS F 138 -9.07 14.67 77.67
C HIS F 138 -9.73 15.00 78.99
N THR F 139 -10.38 14.03 79.60
CA THR F 139 -11.11 14.26 80.85
C THR F 139 -10.20 14.77 81.97
N LEU F 140 -9.00 14.20 82.06
CA LEU F 140 -7.99 14.69 83.00
C LEU F 140 -7.66 16.17 82.76
N LEU F 141 -7.48 16.60 81.51
CA LEU F 141 -7.13 18.01 81.26
C LEU F 141 -8.27 19.02 81.53
N LEU F 142 -9.50 18.60 81.25
CA LEU F 142 -10.69 19.33 81.68
C LEU F 142 -10.71 19.50 83.22
N ARG F 143 -10.51 18.41 83.94
CA ARG F 143 -10.50 18.54 85.41
C ARG F 143 -9.39 19.51 85.86
N GLU F 144 -8.22 19.43 85.23
CA GLU F 144 -7.07 20.29 85.63
C GLU F 144 -7.40 21.77 85.44
N HIS F 145 -8.10 22.08 84.34
CA HIS F 145 -8.58 23.43 84.06
C HIS F 145 -9.50 23.97 85.15
N ASN F 146 -10.53 23.20 85.53
CA ASN F 146 -11.46 23.65 86.58
C ASN F 146 -10.83 23.66 87.99
N ARG F 147 -9.78 22.87 88.18
CA ARG F 147 -8.93 23.01 89.35
C ARG F 147 -8.20 24.37 89.35
N LEU F 148 -7.47 24.68 88.28
CA LEU F 148 -6.76 25.95 88.19
C LEU F 148 -7.77 27.10 88.29
N ALA F 149 -8.80 27.08 87.46
CA ALA F 149 -9.90 28.04 87.62
C ALA F 149 -10.31 28.23 89.07
N THR F 150 -10.55 27.13 89.77
CA THR F 150 -11.04 27.18 91.16
C THR F 150 -10.00 27.81 92.10
N GLU F 151 -8.73 27.47 91.90
CA GLU F 151 -7.69 27.90 92.82
C GLU F 151 -7.35 29.37 92.59
N LEU F 152 -7.48 29.79 91.33
CA LEU F 152 -7.18 31.17 90.93
C LEU F 152 -8.25 32.13 91.40
N LYS F 153 -9.50 31.66 91.43
CA LYS F 153 -10.58 32.40 92.05
C LYS F 153 -10.30 32.58 93.55
N SER F 154 -9.74 31.56 94.19
CA SER F 154 -9.41 31.64 95.61
C SER F 154 -8.39 32.75 95.87
N LEU F 155 -7.31 32.77 95.09
CA LEU F 155 -6.33 33.83 95.19
C LEU F 155 -6.86 35.17 94.67
N ASN F 156 -7.60 35.14 93.55
CA ASN F 156 -8.01 36.39 92.90
C ASN F 156 -9.54 36.55 92.74
N PRO F 157 -10.27 36.71 93.86
CA PRO F 157 -11.75 36.68 93.84
C PRO F 157 -12.37 37.77 92.97
N ARG F 158 -11.62 38.84 92.75
CA ARG F 158 -12.06 39.94 91.90
C ARG F 158 -12.15 39.56 90.43
N TRP F 159 -11.40 38.52 90.03
CA TRP F 159 -11.26 38.15 88.62
C TRP F 159 -12.57 37.61 88.09
N ASP F 160 -12.95 38.01 86.88
CA ASP F 160 -14.22 37.59 86.30
C ASP F 160 -14.10 36.28 85.48
N GLY F 161 -15.23 35.82 84.96
CA GLY F 161 -15.27 34.57 84.19
C GLY F 161 -14.17 34.53 83.15
N GLU F 162 -14.14 35.53 82.28
CA GLU F 162 -13.18 35.55 81.17
C GLU F 162 -11.74 35.39 81.68
N ARG F 163 -11.41 36.12 82.74
CA ARG F 163 -10.02 36.19 83.19
C ARG F 163 -9.58 34.87 83.78
N LEU F 164 -10.49 34.21 84.50
CA LEU F 164 -10.24 32.90 85.09
C LEU F 164 -10.09 31.81 84.05
N TYR F 165 -11.08 31.70 83.17
CA TYR F 165 -10.94 30.87 81.96
C TYR F 165 -9.56 31.03 81.35
N GLN F 166 -9.21 32.27 81.00
CA GLN F 166 -7.98 32.51 80.23
C GLN F 166 -6.69 32.16 81.01
N GLU F 167 -6.64 32.53 82.29
CA GLU F 167 -5.42 32.23 83.06
C GLU F 167 -5.20 30.71 83.20
N ALA F 168 -6.26 29.99 83.55
CA ALA F 168 -6.25 28.53 83.63
C ALA F 168 -5.84 27.91 82.29
N ARG F 169 -6.24 28.54 81.21
CA ARG F 169 -6.02 27.98 79.90
C ARG F 169 -4.55 28.15 79.45
N LYS F 170 -4.05 29.36 79.73
CA LYS F 170 -2.62 29.67 79.62
C LYS F 170 -1.74 28.64 80.32
N ILE F 171 -2.16 28.20 81.49
CA ILE F 171 -1.35 27.28 82.26
C ILE F 171 -1.44 25.87 81.71
N VAL F 172 -2.64 25.38 81.47
CA VAL F 172 -2.79 24.07 80.83
C VAL F 172 -2.01 24.00 79.53
N GLY F 173 -2.10 25.05 78.72
CA GLY F 173 -1.29 25.12 77.51
C GLY F 173 0.19 24.94 77.84
N ALA F 174 0.60 25.51 78.98
CA ALA F 174 2.01 25.54 79.35
C ALA F 174 2.48 24.15 79.75
N MET F 175 1.61 23.43 80.45
CA MET F 175 1.88 22.07 80.91
C MET F 175 2.04 21.08 79.76
N VAL F 176 1.16 21.19 78.78
CA VAL F 176 1.24 20.33 77.61
C VAL F 176 2.59 20.53 76.93
N GLN F 177 3.05 21.78 76.87
CA GLN F 177 4.33 22.11 76.22
C GLN F 177 5.50 21.49 76.98
N ILE F 178 5.50 21.67 78.30
CA ILE F 178 6.53 21.11 79.14
C ILE F 178 6.56 19.58 79.08
N ILE F 179 5.41 18.96 79.23
CA ILE F 179 5.36 17.50 79.25
C ILE F 179 5.91 16.95 77.93
N THR F 180 5.52 17.63 76.85
CA THR F 180 5.81 17.17 75.48
C THR F 180 7.29 17.30 75.10
N TYR F 181 7.83 18.49 75.30
CA TYR F 181 9.21 18.76 74.92
C TYR F 181 10.19 18.35 76.02
N ARG F 182 9.78 18.37 77.28
CA ARG F 182 10.72 17.95 78.35
C ARG F 182 10.75 16.43 78.49
N ASP F 183 9.58 15.79 78.49
CA ASP F 183 9.48 14.38 78.84
C ASP F 183 9.25 13.46 77.61
N TYR F 184 8.43 13.90 76.67
CA TYR F 184 7.95 13.04 75.60
C TYR F 184 8.94 12.91 74.43
N LEU F 185 9.29 14.03 73.82
CA LEU F 185 10.03 14.00 72.55
C LEU F 185 11.44 13.38 72.63
N PRO F 186 12.18 13.66 73.71
CA PRO F 186 13.48 12.98 73.88
C PRO F 186 13.35 11.46 73.73
N LEU F 187 12.24 10.90 74.19
CA LEU F 187 12.03 9.44 74.17
C LEU F 187 11.50 8.95 72.83
N VAL F 188 10.91 9.86 72.07
CA VAL F 188 10.57 9.58 70.69
C VAL F 188 11.83 9.58 69.84
N LEU F 189 12.55 10.71 69.82
CA LEU F 189 13.72 10.84 68.92
C LEU F 189 14.98 10.19 69.47
N GLY F 190 15.17 10.22 70.79
CA GLY F 190 16.42 9.74 71.40
C GLY F 190 17.54 10.75 71.26
N PRO F 191 18.67 10.53 71.94
CA PRO F 191 19.36 11.74 72.41
C PRO F 191 20.17 12.44 71.34
N THR F 192 20.63 11.71 70.34
CA THR F 192 21.34 12.35 69.22
C THR F 192 20.40 13.25 68.43
N ALA F 193 19.28 12.69 68.00
CA ALA F 193 18.33 13.43 67.15
C ALA F 193 17.77 14.61 67.94
N MET F 194 17.48 14.38 69.22
CA MET F 194 17.09 15.43 70.13
C MET F 194 18.05 16.63 70.10
N ARG F 195 19.34 16.37 70.30
CA ARG F 195 20.37 17.43 70.19
C ARG F 195 20.30 18.10 68.83
N LYS F 196 20.23 17.28 67.78
CA LYS F 196 20.39 17.76 66.42
C LYS F 196 19.20 18.62 66.00
N TYR F 197 17.97 18.15 66.25
CA TYR F 197 16.77 18.82 65.73
C TYR F 197 16.12 19.80 66.73
N LEU F 198 16.34 19.58 68.02
CA LEU F 198 15.79 20.44 69.06
C LEU F 198 16.90 20.90 70.04
N PRO F 199 17.83 21.74 69.55
CA PRO F 199 18.83 22.31 70.44
C PRO F 199 18.17 23.22 71.49
N THR F 200 18.92 23.59 72.51
CA THR F 200 18.34 24.34 73.63
C THR F 200 17.64 25.62 73.14
N TYR F 201 16.53 25.95 73.80
CA TYR F 201 15.71 27.09 73.38
C TYR F 201 16.47 28.38 73.65
N ARG F 202 16.66 29.19 72.62
CA ARG F 202 17.29 30.51 72.77
C ARG F 202 16.23 31.59 72.95
N SER F 203 15.31 31.68 71.98
CA SER F 203 14.24 32.69 72.05
C SER F 203 13.27 32.50 70.92
N TYR F 204 12.17 33.26 70.97
CA TYR F 204 11.15 33.24 69.94
C TYR F 204 11.73 33.86 68.69
N ASN F 205 11.48 33.23 67.57
CA ASN F 205 11.91 33.77 66.33
C ASN F 205 10.71 33.86 65.39
N ASP F 206 10.31 35.09 65.04
CA ASP F 206 9.08 35.33 64.25
C ASP F 206 9.24 35.01 62.76
N SER F 207 10.43 34.60 62.36
CA SER F 207 10.65 34.16 61.00
C SER F 207 10.61 32.64 60.91
N VAL F 208 10.28 31.98 62.02
CA VAL F 208 10.10 30.53 62.02
C VAL F 208 8.63 30.19 61.73
N ASP F 209 8.39 29.44 60.64
CA ASP F 209 7.03 29.06 60.21
C ASP F 209 6.47 27.93 61.10
N PRO F 210 5.35 28.18 61.81
CA PRO F 210 4.86 27.19 62.77
C PRO F 210 3.75 26.28 62.23
N ARG F 211 3.45 26.39 60.95
CA ARG F 211 2.46 25.52 60.35
C ARG F 211 2.85 24.06 60.45
N ILE F 212 1.86 23.18 60.54
CA ILE F 212 2.13 21.75 60.38
C ILE F 212 2.41 21.52 58.90
N ALA F 213 3.40 20.69 58.58
CA ALA F 213 3.66 20.33 57.18
C ALA F 213 2.79 19.14 56.85
N ASN F 214 2.45 19.02 55.58
CA ASN F 214 1.52 18.01 55.16
C ASN F 214 2.07 16.62 55.47
N VAL F 215 3.37 16.41 55.30
CA VAL F 215 3.98 15.11 55.55
C VAL F 215 3.89 14.72 57.02
N PHE F 216 3.92 15.70 57.89
CA PHE F 216 3.85 15.44 59.31
C PHE F 216 2.58 14.71 59.65
N THR F 217 1.52 15.00 58.90
CA THR F 217 0.23 14.45 59.28
C THR F 217 0.27 12.96 59.05
N ASN F 218 1.07 12.53 58.11
CA ASN F 218 1.29 11.11 57.93
C ASN F 218 2.40 10.58 58.85
N ALA F 219 3.54 11.26 58.89
CA ALA F 219 4.74 10.69 59.52
C ALA F 219 4.56 10.52 61.03
N PHE F 220 3.84 11.43 61.64
CA PHE F 220 3.55 11.30 63.05
C PHE F 220 2.60 10.14 63.40
N ARG F 221 2.00 9.52 62.39
CA ARG F 221 1.29 8.26 62.55
C ARG F 221 2.21 7.09 62.82
N TYR F 222 3.49 7.36 62.98
CA TYR F 222 4.42 6.38 63.54
C TYR F 222 3.83 5.74 64.79
N GLY F 223 3.02 6.48 65.52
CA GLY F 223 2.53 6.03 66.85
C GLY F 223 1.62 4.79 66.78
N HIS F 224 1.01 4.58 65.62
CA HIS F 224 0.23 3.38 65.38
C HIS F 224 1.04 2.08 65.68
N THR F 225 2.37 2.14 65.62
CA THR F 225 3.21 0.95 65.83
C THR F 225 3.37 0.65 67.29
N LEU F 226 2.86 1.54 68.14
CA LEU F 226 3.01 1.45 69.60
C LEU F 226 1.79 0.82 70.28
N ILE F 227 0.72 0.67 69.50
CA ILE F 227 -0.60 0.36 70.06
C ILE F 227 -0.75 -1.11 70.41
N GLN F 228 -1.16 -1.38 71.65
CA GLN F 228 -1.47 -2.75 72.10
C GLN F 228 -2.88 -3.11 71.63
N PRO F 229 -3.14 -4.42 71.48
CA PRO F 229 -4.42 -4.98 71.06
C PRO F 229 -5.49 -5.04 72.16
N PHE F 230 -5.18 -4.60 73.37
CA PHE F 230 -6.19 -4.45 74.43
C PHE F 230 -6.18 -3.06 75.05
N MET F 231 -7.34 -2.64 75.55
CA MET F 231 -7.39 -1.66 76.64
C MET F 231 -7.15 -2.33 77.98
N PHE F 232 -6.19 -1.79 78.72
CA PHE F 232 -5.76 -2.40 79.97
C PHE F 232 -6.37 -1.63 81.12
N ARG F 233 -7.05 -2.34 82.02
CA ARG F 233 -7.64 -1.68 83.17
C ARG F 233 -7.11 -2.25 84.47
N LEU F 234 -6.78 -1.35 85.40
CA LEU F 234 -6.08 -1.69 86.64
C LEU F 234 -6.76 -1.05 87.86
N ASP F 235 -6.85 -1.79 88.98
CA ASP F 235 -7.54 -1.28 90.18
C ASP F 235 -6.59 -0.57 91.16
N ASN F 236 -7.12 -0.15 92.31
CA ASN F 236 -6.35 0.71 93.22
C ASN F 236 -5.01 0.11 93.64
N ARG F 237 -4.95 -1.21 93.72
CA ARG F 237 -3.69 -1.91 94.00
C ARG F 237 -2.92 -2.26 92.72
N TYR F 238 -3.37 -1.73 91.59
CA TYR F 238 -2.63 -1.85 90.34
C TYR F 238 -2.61 -3.28 89.79
N GLN F 239 -3.57 -4.10 90.23
CA GLN F 239 -3.83 -5.40 89.59
C GLN F 239 -5.05 -5.33 88.65
N PRO F 240 -5.26 -6.39 87.84
CA PRO F 240 -6.29 -6.38 86.81
C PRO F 240 -7.69 -6.11 87.37
N MET F 241 -8.32 -5.06 86.88
CA MET F 241 -9.63 -4.64 87.35
C MET F 241 -10.67 -5.67 86.93
N GLU F 242 -11.05 -6.55 87.86
CA GLU F 242 -11.96 -7.65 87.55
C GLU F 242 -13.29 -7.07 87.13
N PRO F 243 -14.00 -7.75 86.22
CA PRO F 243 -13.58 -9.03 85.68
C PRO F 243 -13.00 -8.98 84.26
N ASN F 244 -13.17 -7.87 83.53
CA ASN F 244 -12.62 -7.70 82.17
C ASN F 244 -11.46 -6.72 82.13
N PRO F 245 -10.26 -7.16 82.54
CA PRO F 245 -9.14 -6.25 82.68
C PRO F 245 -8.42 -6.00 81.36
N ARG F 246 -8.73 -6.80 80.35
CA ARG F 246 -8.15 -6.63 79.02
C ARG F 246 -9.26 -6.77 77.99
N VAL F 247 -9.63 -5.65 77.38
CA VAL F 247 -10.70 -5.62 76.40
C VAL F 247 -10.11 -5.36 75.02
N PRO F 248 -10.43 -6.24 74.06
CA PRO F 248 -9.90 -6.10 72.73
C PRO F 248 -10.12 -4.70 72.20
N LEU F 249 -9.16 -4.16 71.48
CA LEU F 249 -9.23 -2.77 71.02
C LEU F 249 -10.46 -2.55 70.15
N SER F 250 -10.82 -3.57 69.38
CA SER F 250 -11.86 -3.41 68.38
C SER F 250 -13.24 -3.35 69.05
N ARG F 251 -13.26 -3.49 70.38
CA ARG F 251 -14.50 -3.32 71.13
C ARG F 251 -14.47 -2.13 72.09
N VAL F 252 -13.50 -1.26 71.93
CA VAL F 252 -13.48 -0.01 72.69
C VAL F 252 -13.50 1.27 71.85
N PHE F 253 -13.39 1.15 70.53
CA PHE F 253 -13.37 2.36 69.72
C PHE F 253 -14.73 3.03 69.85
N PHE F 254 -14.72 4.31 70.27
CA PHE F 254 -15.95 5.08 70.40
C PHE F 254 -16.83 4.48 71.47
N ALA F 255 -16.25 3.76 72.42
CA ALA F 255 -17.05 3.10 73.43
C ALA F 255 -17.13 3.94 74.69
N SER F 256 -17.68 5.15 74.54
CA SER F 256 -17.84 6.11 75.66
C SER F 256 -18.60 5.48 76.80
N TRP F 257 -19.49 4.55 76.50
CA TRP F 257 -20.23 3.86 77.53
C TRP F 257 -19.32 3.16 78.54
N ARG F 258 -18.08 2.88 78.15
CA ARG F 258 -17.15 2.16 79.04
C ARG F 258 -16.56 3.07 80.11
N VAL F 259 -16.44 4.36 79.79
CA VAL F 259 -15.93 5.35 80.76
C VAL F 259 -17.05 5.67 81.75
N VAL F 260 -18.24 5.88 81.21
CA VAL F 260 -19.40 6.19 82.03
C VAL F 260 -19.80 5.04 82.96
N LEU F 261 -19.68 3.80 82.50
CA LEU F 261 -20.44 2.69 83.13
C LEU F 261 -19.59 1.50 83.65
N GLU F 262 -18.30 1.48 83.35
CA GLU F 262 -17.43 0.39 83.79
C GLU F 262 -16.29 0.96 84.61
N GLY F 263 -16.47 2.16 85.14
CA GLY F 263 -15.74 2.63 86.32
C GLY F 263 -14.77 3.78 86.08
N GLY F 264 -15.01 4.54 85.00
CA GLY F 264 -14.43 5.87 84.87
C GLY F 264 -12.95 5.84 84.51
N ILE F 265 -12.25 6.96 84.73
CA ILE F 265 -10.97 7.16 84.08
C ILE F 265 -9.74 6.60 84.81
N ASP F 266 -9.88 6.35 86.10
CA ASP F 266 -8.75 5.87 86.91
C ASP F 266 -8.18 4.55 86.42
N PRO F 267 -9.02 3.51 86.30
CA PRO F 267 -8.47 2.21 85.94
C PRO F 267 -7.86 2.25 84.55
N ILE F 268 -8.31 3.20 83.75
CA ILE F 268 -7.81 3.33 82.41
C ILE F 268 -6.43 4.00 82.48
N LEU F 269 -6.30 5.01 83.33
CA LEU F 269 -5.05 5.71 83.48
C LEU F 269 -3.99 4.82 84.12
N ARG F 270 -4.35 4.17 85.24
CA ARG F 270 -3.47 3.14 85.79
C ARG F 270 -2.92 2.17 84.72
N GLY F 271 -3.76 1.78 83.77
CA GLY F 271 -3.36 0.83 82.75
C GLY F 271 -2.29 1.43 81.86
N LEU F 272 -2.41 2.72 81.58
CA LEU F 272 -1.50 3.39 80.68
C LEU F 272 -0.13 3.50 81.34
N MET F 273 -0.13 3.70 82.63
CA MET F 273 1.12 3.88 83.37
C MET F 273 1.86 2.55 83.57
N ALA F 274 1.12 1.47 83.81
CA ALA F 274 1.71 0.24 84.36
C ALA F 274 1.66 -0.89 83.34
N THR F 275 1.41 -0.56 82.08
CA THR F 275 1.44 -1.54 81.02
C THR F 275 2.44 -1.06 79.98
N PRO F 276 3.33 -1.97 79.52
CA PRO F 276 4.29 -1.59 78.48
C PRO F 276 3.55 -1.20 77.22
N ALA F 277 4.12 -0.24 76.50
CA ALA F 277 3.89 -0.01 75.07
C ALA F 277 4.23 -1.23 74.25
N LYS F 278 3.65 -1.34 73.05
CA LYS F 278 4.20 -2.28 72.07
C LYS F 278 5.45 -1.64 71.48
N LEU F 279 6.47 -2.47 71.23
CA LEU F 279 7.68 -2.02 70.52
C LEU F 279 7.49 -2.26 69.04
N ASN F 280 7.81 -1.26 68.20
CA ASN F 280 7.92 -1.43 66.75
C ASN F 280 9.10 -2.35 66.45
N ARG F 281 8.82 -3.47 65.80
CA ARG F 281 9.89 -4.23 65.19
C ARG F 281 9.56 -4.51 63.75
N GLN F 282 10.56 -4.93 63.01
CA GLN F 282 10.46 -4.88 61.55
C GLN F 282 9.60 -6.01 60.95
N ASN F 283 9.39 -7.07 61.73
CA ASN F 283 8.38 -8.10 61.42
C ASN F 283 7.21 -8.13 62.44
N GLN F 284 6.99 -7.01 63.12
CA GLN F 284 5.90 -6.87 64.09
C GLN F 284 5.39 -5.43 64.07
N ILE F 285 5.06 -4.92 62.89
CA ILE F 285 4.86 -3.49 62.75
C ILE F 285 3.56 -3.02 63.41
N ALA F 286 2.44 -3.68 63.11
CA ALA F 286 1.13 -3.20 63.55
C ALA F 286 0.10 -4.34 63.73
N VAL F 287 -0.63 -4.28 64.85
CA VAL F 287 -1.53 -5.36 65.25
C VAL F 287 -2.84 -5.38 64.45
N ASP F 288 -3.44 -6.56 64.38
CA ASP F 288 -4.67 -6.75 63.60
C ASP F 288 -5.89 -6.06 64.25
N GLU F 289 -5.76 -5.65 65.51
CA GLU F 289 -6.85 -4.91 66.11
C GLU F 289 -7.03 -3.52 65.48
N ILE F 290 -5.98 -3.01 64.86
CA ILE F 290 -6.13 -1.82 64.00
C ILE F 290 -5.94 -2.12 62.48
N ARG F 291 -5.43 -3.30 62.14
CA ARG F 291 -5.13 -3.65 60.74
C ARG F 291 -6.27 -4.44 60.07
N GLU F 292 -7.06 -5.14 60.88
CA GLU F 292 -8.21 -5.91 60.38
C GLU F 292 -9.54 -5.40 60.94
N ARG F 293 -9.52 -4.82 62.13
CA ARG F 293 -10.74 -4.62 62.91
C ARG F 293 -10.94 -3.19 63.45
N LEU F 294 -10.23 -2.23 62.87
CA LEU F 294 -10.43 -0.83 63.21
C LEU F 294 -11.89 -0.45 63.04
N PHE F 295 -12.51 0.00 64.12
CA PHE F 295 -13.87 0.53 64.05
C PHE F 295 -14.87 -0.53 63.54
N GLU F 296 -14.54 -1.80 63.75
CA GLU F 296 -15.46 -2.91 63.45
C GLU F 296 -16.89 -2.72 63.95
N GLN F 297 -17.07 -2.19 65.15
CA GLN F 297 -18.42 -2.09 65.70
C GLN F 297 -19.27 -0.99 65.08
N VAL F 298 -18.65 -0.06 64.36
CA VAL F 298 -19.36 1.12 63.88
C VAL F 298 -19.19 1.35 62.37
N MET F 299 -18.64 0.37 61.65
CA MET F 299 -18.55 0.45 60.20
C MET F 299 -19.16 -0.82 59.59
N ARG F 300 -19.38 -0.79 58.29
CA ARG F 300 -19.94 -1.97 57.62
C ARG F 300 -18.93 -3.12 57.55
N ILE F 301 -17.66 -2.77 57.58
CA ILE F 301 -16.58 -3.75 57.79
C ILE F 301 -15.45 -3.10 58.59
N GLY F 302 -14.58 -3.92 59.17
CA GLY F 302 -13.40 -3.40 59.85
C GLY F 302 -12.44 -2.71 58.91
N LEU F 303 -11.88 -1.60 59.38
CA LEU F 303 -10.90 -0.87 58.63
C LEU F 303 -9.46 -1.39 58.91
N ASP F 304 -8.51 -0.95 58.08
CA ASP F 304 -7.09 -1.33 58.15
C ASP F 304 -6.27 -0.06 58.25
N LEU F 305 -5.85 0.29 59.45
CA LEU F 305 -5.32 1.64 59.67
C LEU F 305 -3.97 1.85 58.95
N PRO F 306 -3.09 0.85 59.00
CA PRO F 306 -1.88 1.00 58.22
C PRO F 306 -2.15 1.24 56.72
N ALA F 307 -3.04 0.44 56.12
CA ALA F 307 -3.47 0.65 54.75
C ALA F 307 -4.02 2.04 54.47
N LEU F 308 -4.94 2.48 55.33
CA LEU F 308 -5.47 3.86 55.29
C LEU F 308 -4.35 4.90 55.32
N ASN F 309 -3.34 4.70 56.16
CA ASN F 309 -2.24 5.67 56.25
C ASN F 309 -1.61 5.87 54.85
N MET F 310 -1.37 4.76 54.17
CA MET F 310 -0.72 4.80 52.88
C MET F 310 -1.63 5.40 51.80
N GLN F 311 -2.92 5.07 51.83
CA GLN F 311 -3.88 5.66 50.87
C GLN F 311 -4.04 7.18 51.07
N ARG F 312 -3.98 7.60 52.33
CA ARG F 312 -3.97 9.00 52.70
C ARG F 312 -2.74 9.73 52.21
N SER F 313 -1.56 9.10 52.25
CA SER F 313 -0.38 9.82 51.81
C SER F 313 -0.52 10.07 50.32
N ARG F 314 -1.17 9.14 49.64
CA ARG F 314 -1.41 9.28 48.20
C ARG F 314 -2.45 10.35 47.87
N ASP F 315 -3.58 10.26 48.55
CA ASP F 315 -4.59 11.32 48.62
C ASP F 315 -3.95 12.70 48.75
N HIS F 316 -2.94 12.81 49.64
CA HIS F 316 -2.34 14.10 50.00
C HIS F 316 -1.15 14.43 49.08
N GLY F 317 -0.91 13.55 48.12
CA GLY F 317 0.14 13.71 47.11
C GLY F 317 1.56 13.73 47.64
N LEU F 318 1.81 13.03 48.76
CA LEU F 318 3.12 13.08 49.39
C LEU F 318 4.13 12.30 48.58
N PRO F 319 5.35 12.85 48.45
CA PRO F 319 6.46 12.18 47.78
C PRO F 319 6.77 10.87 48.48
N GLY F 320 7.47 9.98 47.78
CA GLY F 320 7.86 8.71 48.38
C GLY F 320 9.07 8.78 49.30
N TYR F 321 9.56 7.60 49.67
CA TYR F 321 10.54 7.43 50.72
C TYR F 321 11.86 8.12 50.44
N ASN F 322 12.43 7.86 49.28
CA ASN F 322 13.69 8.54 48.89
C ASN F 322 13.64 10.06 48.76
N ALA F 323 12.55 10.58 48.20
CA ALA F 323 12.37 12.04 48.15
C ALA F 323 12.59 12.64 49.53
N TRP F 324 11.92 12.04 50.51
CA TRP F 324 12.01 12.50 51.89
C TRP F 324 13.40 12.23 52.49
N ARG F 325 13.99 11.10 52.13
CA ARG F 325 15.33 10.79 52.63
C ARG F 325 16.22 11.91 52.15
N ARG F 326 15.96 12.37 50.93
CA ARG F 326 16.76 13.42 50.29
C ARG F 326 16.53 14.80 50.90
N PHE F 327 15.26 15.12 51.12
CA PHE F 327 14.84 16.26 51.95
C PHE F 327 15.65 16.39 53.22
N CYS F 328 15.79 15.25 53.89
CA CYS F 328 16.43 15.18 55.20
C CYS F 328 17.94 15.04 55.09
N GLY F 329 18.47 14.98 53.88
CA GLY F 329 19.93 14.86 53.70
C GLY F 329 20.48 13.47 53.95
N LEU F 330 19.62 12.46 53.87
CA LEU F 330 20.03 11.10 54.10
C LEU F 330 20.24 10.37 52.79
N PRO F 331 21.18 9.42 52.76
CA PRO F 331 21.39 8.54 51.61
C PRO F 331 20.10 7.95 51.06
N GLN F 332 19.99 7.91 49.74
CA GLN F 332 18.84 7.34 49.05
C GLN F 332 19.18 5.97 48.42
N PRO F 333 18.75 4.88 49.06
CA PRO F 333 19.00 3.54 48.53
C PRO F 333 18.17 3.28 47.30
N GLU F 334 18.81 2.83 46.23
CA GLU F 334 18.15 2.69 44.92
C GLU F 334 17.91 1.25 44.52
N THR F 335 18.70 0.33 45.08
CA THR F 335 18.57 -1.12 44.85
C THR F 335 18.05 -1.81 46.11
N VAL F 336 17.65 -3.08 45.98
CA VAL F 336 17.28 -3.88 47.13
C VAL F 336 18.43 -4.08 48.11
N GLY F 337 19.63 -4.30 47.57
CA GLY F 337 20.86 -4.42 48.36
C GLY F 337 21.13 -3.22 49.26
N GLN F 338 21.12 -2.03 48.67
CA GLN F 338 21.30 -0.79 49.39
C GLN F 338 20.18 -0.54 50.38
N LEU F 339 18.94 -0.78 49.98
CA LEU F 339 17.81 -0.71 50.90
C LEU F 339 18.03 -1.65 52.06
N GLY F 340 18.53 -2.84 51.80
CA GLY F 340 18.76 -3.82 52.85
C GLY F 340 19.74 -3.29 53.89
N THR F 341 20.78 -2.62 53.40
CA THR F 341 21.80 -2.05 54.28
C THR F 341 21.22 -0.88 55.08
N VAL F 342 20.44 -0.03 54.44
CA VAL F 342 19.81 1.07 55.17
C VAL F 342 18.86 0.62 56.26
N LEU F 343 18.17 -0.48 56.03
CA LEU F 343 17.19 -0.99 57.00
C LEU F 343 17.82 -1.95 57.99
N ARG F 344 19.07 -2.33 57.72
CA ARG F 344 19.72 -3.43 58.40
C ARG F 344 18.87 -4.71 58.37
N ASN F 345 18.34 -5.04 57.20
CA ASN F 345 17.43 -6.17 57.05
C ASN F 345 17.12 -6.39 55.57
N LEU F 346 17.85 -7.31 54.95
CA LEU F 346 17.69 -7.56 53.52
C LEU F 346 16.32 -8.18 53.19
N LYS F 347 15.82 -9.03 54.09
CA LYS F 347 14.56 -9.74 53.91
C LYS F 347 13.36 -8.77 53.85
N LEU F 348 13.35 -7.76 54.72
CA LEU F 348 12.39 -6.67 54.59
C LEU F 348 12.62 -5.85 53.32
N ALA F 349 13.87 -5.48 53.05
CA ALA F 349 14.19 -4.80 51.78
C ALA F 349 13.51 -5.52 50.63
N ARG F 350 13.67 -6.85 50.61
CA ARG F 350 13.12 -7.67 49.55
C ARG F 350 11.58 -7.72 49.53
N LYS F 351 10.93 -7.76 50.69
CA LYS F 351 9.45 -7.72 50.73
C LYS F 351 8.93 -6.39 50.20
N LEU F 352 9.56 -5.31 50.68
CA LEU F 352 9.21 -3.96 50.24
C LEU F 352 9.33 -3.82 48.72
N MET F 353 10.35 -4.43 48.13
CA MET F 353 10.63 -4.26 46.71
C MET F 353 9.69 -5.08 45.83
N GLU F 354 9.28 -6.23 46.35
CA GLU F 354 8.23 -7.03 45.73
C GLU F 354 6.91 -6.26 45.63
N GLN F 355 6.63 -5.40 46.61
CA GLN F 355 5.41 -4.55 46.62
C GLN F 355 5.58 -3.29 45.76
N TYR F 356 6.70 -2.59 45.93
CA TYR F 356 6.87 -1.24 45.44
C TYR F 356 7.76 -1.14 44.18
N GLY F 357 8.66 -2.12 44.00
CA GLY F 357 9.51 -2.18 42.82
C GLY F 357 10.75 -1.30 42.90
N THR F 358 10.61 -0.18 43.61
CA THR F 358 11.69 0.80 43.71
C THR F 358 11.53 1.52 45.02
N PRO F 359 12.64 1.80 45.72
CA PRO F 359 12.49 2.41 47.05
C PRO F 359 12.01 3.83 46.90
N ASN F 360 12.01 4.36 45.68
CA ASN F 360 11.44 5.68 45.41
C ASN F 360 9.92 5.75 45.58
N ASN F 361 9.27 4.60 45.63
CA ASN F 361 7.80 4.56 45.70
C ASN F 361 7.27 4.15 47.05
N ILE F 362 8.14 3.64 47.89
CA ILE F 362 7.69 3.31 49.24
C ILE F 362 6.94 4.50 49.81
N ASP F 363 5.70 4.29 50.23
CA ASP F 363 4.92 5.35 50.89
C ASP F 363 5.64 5.79 52.19
N ILE F 364 5.62 7.10 52.48
CA ILE F 364 6.37 7.64 53.62
C ILE F 364 6.10 6.96 55.00
N TRP F 365 4.86 6.61 55.30
CA TRP F 365 4.59 5.95 56.56
C TRP F 365 5.26 4.58 56.61
N MET F 366 5.15 3.84 55.52
CA MET F 366 5.65 2.48 55.46
C MET F 366 7.19 2.45 55.52
N GLY F 367 7.84 3.35 54.77
CA GLY F 367 9.29 3.44 54.82
C GLY F 367 9.76 4.00 56.13
N GLY F 368 9.03 5.00 56.63
CA GLY F 368 9.33 5.56 57.95
C GLY F 368 9.40 4.58 59.11
N VAL F 369 8.30 3.84 59.33
CA VAL F 369 8.27 2.89 60.43
C VAL F 369 9.10 1.66 60.17
N SER F 370 9.47 1.40 58.90
CA SER F 370 10.35 0.29 58.57
C SER F 370 11.81 0.48 58.99
N GLU F 371 12.24 1.71 59.22
CA GLU F 371 13.65 1.94 59.54
C GLU F 371 13.99 1.46 60.96
N PRO F 372 15.19 0.89 61.18
CA PRO F 372 15.50 0.54 62.57
C PRO F 372 15.52 1.78 63.44
N LEU F 373 15.22 1.59 64.72
CA LEU F 373 15.03 2.68 65.67
C LEU F 373 16.38 3.26 66.08
N LYS F 374 16.42 4.57 66.31
CA LYS F 374 17.59 5.21 66.92
C LYS F 374 17.70 4.81 68.40
N ARG F 375 18.94 4.65 68.86
CA ARG F 375 19.25 4.27 70.25
C ARG F 375 18.45 5.10 71.24
N LYS F 376 17.77 4.42 72.16
CA LYS F 376 16.92 5.07 73.15
C LYS F 376 15.84 5.98 72.54
N GLY F 377 15.54 5.78 71.27
CA GLY F 377 14.38 6.43 70.64
C GLY F 377 13.50 5.41 69.93
N ARG F 378 12.35 5.84 69.43
CA ARG F 378 11.39 4.90 68.86
C ARG F 378 10.94 5.30 67.46
N VAL F 379 11.80 6.06 66.79
CA VAL F 379 11.73 6.21 65.34
C VAL F 379 13.13 6.08 64.72
N GLY F 380 13.17 5.82 63.42
CA GLY F 380 14.43 5.78 62.68
C GLY F 380 14.82 7.16 62.24
N PRO F 381 15.94 7.28 61.51
CA PRO F 381 16.48 8.57 61.09
C PRO F 381 15.49 9.42 60.26
N LEU F 382 14.82 8.81 59.28
CA LEU F 382 13.86 9.58 58.47
C LEU F 382 12.78 10.27 59.34
N LEU F 383 12.01 9.51 60.09
CA LEU F 383 10.94 10.12 60.92
C LEU F 383 11.49 11.02 62.03
N ALA F 384 12.69 10.75 62.51
CA ALA F 384 13.26 11.64 63.56
C ALA F 384 13.47 13.01 62.95
N CYS F 385 13.91 13.00 61.71
CA CYS F 385 14.14 14.24 60.97
C CYS F 385 12.81 15.02 60.82
N ILE F 386 11.82 14.37 60.21
CA ILE F 386 10.49 14.94 60.00
C ILE F 386 9.82 15.42 61.31
N ILE F 387 9.77 14.54 62.30
CA ILE F 387 9.18 14.87 63.58
C ILE F 387 10.00 15.94 64.31
N GLY F 388 11.32 15.76 64.39
CA GLY F 388 12.15 16.74 65.09
C GLY F 388 12.03 18.12 64.49
N THR F 389 12.03 18.21 63.16
CA THR F 389 11.97 19.49 62.45
C THR F 389 10.64 20.22 62.77
N GLN F 390 9.53 19.48 62.76
CA GLN F 390 8.19 20.03 63.04
C GLN F 390 8.12 20.65 64.40
N PHE F 391 8.60 19.89 65.38
CA PHE F 391 8.46 20.30 66.77
C PHE F 391 9.38 21.44 67.13
N ARG F 392 10.49 21.59 66.40
CA ARG F 392 11.34 22.76 66.61
C ARG F 392 10.63 24.02 66.11
N LYS F 393 9.94 23.91 64.97
CA LYS F 393 9.20 25.04 64.41
C LYS F 393 8.02 25.44 65.26
N LEU F 394 7.36 24.46 65.84
CA LEU F 394 6.23 24.69 66.73
C LEU F 394 6.65 25.36 68.06
N ARG F 395 7.90 25.15 68.45
CA ARG F 395 8.44 25.77 69.67
C ARG F 395 9.00 27.15 69.36
N ASP F 396 9.95 27.19 68.43
CA ASP F 396 10.69 28.41 68.15
C ASP F 396 9.80 29.47 67.49
N GLY F 397 8.79 29.02 66.78
CA GLY F 397 7.95 29.92 65.98
C GLY F 397 6.67 30.21 66.71
N ASP F 398 6.68 29.97 68.01
CA ASP F 398 5.51 30.20 68.82
C ASP F 398 5.70 31.41 69.71
N ARG F 399 4.92 32.46 69.47
CA ARG F 399 5.08 33.66 70.26
C ARG F 399 4.75 33.39 71.73
N PHE F 400 3.84 32.45 71.95
CA PHE F 400 3.35 32.15 73.28
C PHE F 400 4.02 30.93 73.93
N TRP F 401 5.16 30.51 73.38
CA TRP F 401 5.95 29.46 73.99
C TRP F 401 6.20 29.89 75.40
N TRP F 402 6.22 28.93 76.29
CA TRP F 402 6.10 29.23 77.72
C TRP F 402 7.37 29.85 78.29
N GLU F 403 8.48 29.70 77.58
CA GLU F 403 9.76 30.28 78.01
C GLU F 403 10.04 31.65 77.36
N ASN F 404 9.23 32.05 76.40
CA ASN F 404 9.45 33.31 75.70
C ASN F 404 9.20 34.50 76.62
N GLU F 405 10.20 35.37 76.75
CA GLU F 405 10.05 36.52 77.65
C GLU F 405 8.70 37.19 77.41
N GLY F 406 8.02 37.55 78.48
CA GLY F 406 6.78 38.34 78.39
C GLY F 406 5.53 37.49 78.50
N VAL F 407 5.69 36.18 78.26
CA VAL F 407 4.54 35.30 78.27
C VAL F 407 4.21 34.97 79.72
N PHE F 408 5.22 34.50 80.44
CA PHE F 408 5.14 34.33 81.89
C PHE F 408 6.27 35.13 82.58
N SER F 409 5.97 35.71 83.72
CA SER F 409 7.01 36.22 84.64
C SER F 409 8.05 35.14 84.93
N MET F 410 9.17 35.52 85.55
CA MET F 410 10.21 34.54 85.91
C MET F 410 9.66 33.57 86.95
N GLN F 411 9.00 34.13 87.96
CA GLN F 411 8.43 33.33 89.04
C GLN F 411 7.47 32.30 88.49
N GLN F 412 6.59 32.75 87.60
CA GLN F 412 5.59 31.88 87.00
C GLN F 412 6.28 30.72 86.28
N ARG F 413 7.37 31.01 85.57
CA ARG F 413 8.16 29.97 84.93
C ARG F 413 8.72 29.00 85.96
N GLN F 414 9.37 29.53 86.99
CA GLN F 414 9.95 28.65 88.02
C GLN F 414 8.90 27.72 88.60
N ALA F 415 7.74 28.28 88.94
CA ALA F 415 6.56 27.50 89.26
C ALA F 415 6.26 26.45 88.19
N LEU F 416 6.18 26.88 86.93
CA LEU F 416 5.69 26.00 85.86
C LEU F 416 6.65 24.83 85.58
N ALA F 417 7.94 25.08 85.72
CA ALA F 417 8.96 24.07 85.44
C ALA F 417 8.81 22.83 86.33
N GLN F 418 8.08 22.96 87.44
CA GLN F 418 7.91 21.87 88.40
C GLN F 418 6.79 20.86 88.07
N ILE F 419 6.05 21.10 87.01
CA ILE F 419 4.84 20.31 86.73
C ILE F 419 5.22 19.00 86.06
N SER F 420 4.43 17.96 86.32
CA SER F 420 4.62 16.69 85.62
C SER F 420 3.28 16.01 85.42
N LEU F 421 3.23 15.08 84.46
CA LEU F 421 1.97 14.37 84.21
C LEU F 421 1.48 13.61 85.45
N PRO F 422 2.40 12.98 86.20
CA PRO F 422 2.03 12.22 87.38
C PRO F 422 1.43 13.06 88.51
N ARG F 423 1.85 14.31 88.63
CA ARG F 423 1.29 15.18 89.66
C ARG F 423 -0.13 15.58 89.28
N ILE F 424 -0.30 15.95 88.03
CA ILE F 424 -1.60 16.26 87.48
C ILE F 424 -2.58 15.11 87.66
N ILE F 425 -2.15 13.91 87.26
CA ILE F 425 -2.93 12.72 87.57
C ILE F 425 -3.30 12.67 89.06
N CYS F 426 -2.32 12.93 89.93
CA CYS F 426 -2.60 12.97 91.38
C CYS F 426 -3.71 13.97 91.71
N ASP F 427 -3.74 15.10 91.02
CA ASP F 427 -4.51 16.25 91.50
C ASP F 427 -5.96 16.25 91.02
N ASN F 428 -6.32 15.25 90.23
CA ASN F 428 -7.55 15.30 89.42
C ASN F 428 -8.28 13.96 89.34
N THR F 429 -7.74 12.95 90.03
CA THR F 429 -8.26 11.60 89.95
C THR F 429 -8.17 11.01 91.33
N GLY F 430 -8.47 9.71 91.44
CA GLY F 430 -8.44 9.05 92.73
C GLY F 430 -7.17 8.24 92.89
N ILE F 431 -6.31 8.27 91.88
CA ILE F 431 -5.07 7.49 91.93
C ILE F 431 -4.08 8.14 92.89
N THR F 432 -3.49 7.32 93.76
CA THR F 432 -2.61 7.83 94.82
C THR F 432 -1.20 7.23 94.75
N THR F 433 -0.99 6.33 93.80
CA THR F 433 0.34 5.92 93.41
C THR F 433 0.49 6.09 91.92
N VAL F 434 1.59 6.73 91.50
CA VAL F 434 1.83 7.03 90.11
C VAL F 434 3.24 6.61 89.76
N SER F 435 3.59 6.74 88.48
CA SER F 435 4.91 6.43 87.96
C SER F 435 5.93 7.44 88.47
N LYS F 436 7.09 6.95 88.91
CA LYS F 436 8.30 7.76 88.94
C LYS F 436 8.44 8.33 87.56
N ASN F 437 8.95 9.56 87.46
CA ASN F 437 9.25 10.13 86.14
C ASN F 437 10.57 9.53 85.70
N ASN F 438 10.75 9.25 84.41
CA ASN F 438 9.89 9.71 83.32
C ASN F 438 8.68 8.81 83.14
N ILE F 439 7.49 9.38 83.27
CA ILE F 439 6.23 8.63 83.21
C ILE F 439 6.13 7.84 81.90
N PHE F 440 6.83 8.26 80.85
CA PHE F 440 6.77 7.59 79.54
C PHE F 440 7.75 6.39 79.48
N MET F 441 8.61 6.27 80.50
CA MET F 441 9.56 5.15 80.58
C MET F 441 9.07 4.10 81.56
N SER F 442 8.84 4.52 82.79
CA SER F 442 8.32 3.66 83.85
C SER F 442 7.08 2.91 83.36
N ASN F 443 7.05 1.59 83.55
CA ASN F 443 5.90 0.79 83.11
C ASN F 443 5.63 -0.46 83.95
N SER F 444 6.13 -0.48 85.19
CA SER F 444 6.16 -1.74 85.93
C SER F 444 6.02 -1.55 87.45
N TYR F 445 4.99 -2.19 88.00
CA TYR F 445 4.58 -1.99 89.38
C TYR F 445 4.96 -3.24 90.16
N PRO F 446 5.53 -3.09 91.37
CA PRO F 446 5.63 -1.85 92.16
C PRO F 446 6.80 -0.96 91.73
N ARG F 447 7.72 -1.54 90.98
CA ARG F 447 9.10 -1.06 90.93
C ARG F 447 9.16 0.43 90.63
N ASP F 448 8.37 0.85 89.64
CA ASP F 448 8.58 2.13 88.96
C ASP F 448 7.67 3.22 89.51
N PHE F 449 7.12 2.99 90.71
CA PHE F 449 5.98 3.77 91.18
C PHE F 449 6.26 4.40 92.55
N VAL F 450 5.59 5.52 92.81
CA VAL F 450 5.78 6.27 94.03
C VAL F 450 4.44 6.76 94.56
N ASN F 451 4.43 7.13 95.84
CA ASN F 451 3.27 7.76 96.47
C ASN F 451 3.13 9.20 95.99
N CYS F 452 1.92 9.59 95.58
CA CYS F 452 1.60 11.00 95.33
C CYS F 452 2.12 11.92 96.46
N SER F 453 2.23 11.41 97.69
CA SER F 453 2.78 12.22 98.78
C SER F 453 4.24 12.65 98.52
N THR F 454 5.06 11.74 98.00
CA THR F 454 6.46 12.09 97.66
C THR F 454 6.54 13.05 96.49
N LEU F 455 5.41 13.66 96.11
CA LEU F 455 5.33 14.47 94.89
C LEU F 455 4.68 15.81 95.24
N PRO F 456 5.26 16.93 94.75
CA PRO F 456 4.83 18.24 95.20
C PRO F 456 4.00 19.00 94.15
N ALA F 457 3.18 19.95 94.63
CA ALA F 457 2.10 20.54 93.83
C ALA F 457 2.53 21.82 93.13
N LEU F 458 1.75 22.23 92.13
CA LEU F 458 2.00 23.49 91.45
C LEU F 458 1.75 24.63 92.42
N ASN F 459 2.71 25.54 92.52
CA ASN F 459 2.54 26.74 93.31
C ASN F 459 2.08 27.93 92.45
N LEU F 460 0.89 28.45 92.75
CA LEU F 460 0.32 29.58 92.01
C LEU F 460 0.46 30.90 92.77
N ALA F 461 1.42 30.99 93.68
CA ALA F 461 1.66 32.24 94.37
C ALA F 461 1.83 33.37 93.37
N SER F 462 2.60 33.13 92.32
CA SER F 462 2.94 34.17 91.35
C SER F 462 1.78 34.63 90.46
N TRP F 463 0.62 33.97 90.53
CA TRP F 463 -0.54 34.40 89.71
C TRP F 463 -1.45 35.38 90.45
N ARG F 464 -1.13 35.64 91.71
CA ARG F 464 -1.90 36.60 92.49
C ARG F 464 -1.63 38.03 92.05
N GLU F 465 -2.69 38.79 91.82
CA GLU F 465 -2.57 40.16 91.35
C GLU F 465 -2.74 41.14 92.50
N CYS G 1 2.05 11.71 31.65
CA CYS G 1 3.36 11.99 31.00
C CYS G 1 3.89 10.72 30.30
N PRO G 2 4.30 10.84 29.04
CA PRO G 2 5.00 9.75 28.33
C PRO G 2 6.33 9.34 28.95
N GLU G 3 6.66 8.05 28.83
CA GLU G 3 7.87 7.48 29.39
C GLU G 3 9.09 8.23 28.91
N GLN G 4 8.96 8.81 27.72
CA GLN G 4 10.06 9.22 26.88
C GLN G 4 9.59 10.41 26.03
N ASP G 5 10.45 11.39 25.83
CA ASP G 5 10.14 12.53 24.94
C ASP G 5 11.43 13.03 24.30
N LYS G 6 11.29 13.85 23.26
CA LYS G 6 12.44 14.50 22.60
C LYS G 6 12.33 16.01 22.73
N TYR G 7 11.11 16.50 22.74
CA TYR G 7 10.86 17.92 22.84
C TYR G 7 10.09 18.32 24.12
N ARG G 8 10.36 19.51 24.59
CA ARG G 8 9.45 20.26 25.44
C ARG G 8 8.01 20.22 24.97
N THR G 9 7.09 20.18 25.93
CA THR G 9 5.68 20.52 25.68
C THR G 9 5.61 22.05 25.66
N ILE G 10 4.50 22.57 25.13
CA ILE G 10 4.28 24.00 25.08
C ILE G 10 4.02 24.55 26.48
N THR G 11 3.25 23.84 27.30
CA THR G 11 2.85 24.36 28.61
C THR G 11 3.96 24.27 29.64
N GLY G 12 4.98 23.45 29.36
CA GLY G 12 5.92 23.06 30.42
C GLY G 12 5.54 21.80 31.18
N MET G 13 4.31 21.35 30.98
CA MET G 13 3.90 20.05 31.52
C MET G 13 4.96 18.97 31.26
N CYS G 14 5.22 18.19 32.30
CA CYS G 14 5.96 16.93 32.14
C CYS G 14 7.48 17.11 32.15
N ASN G 15 7.94 18.34 32.25
CA ASN G 15 9.37 18.60 32.39
C ASN G 15 9.91 17.93 33.63
N ASN G 16 9.24 18.17 34.76
CA ASN G 16 9.42 17.37 35.96
C ASN G 16 8.43 16.20 36.03
N ARG G 17 8.97 14.98 35.96
CA ARG G 17 8.14 13.81 35.88
C ARG G 17 7.47 13.39 37.17
N ARG G 18 8.02 13.81 38.30
CA ARG G 18 7.46 13.45 39.61
C ARG G 18 6.35 14.41 40.01
N SER G 19 6.45 15.65 39.54
CA SER G 19 5.47 16.66 39.88
C SER G 19 5.24 17.49 38.63
N PRO G 20 4.44 16.96 37.70
CA PRO G 20 4.55 17.43 36.33
C PRO G 20 3.96 18.80 35.98
N THR G 21 3.38 19.52 36.93
CA THR G 21 3.02 20.92 36.65
C THR G 21 4.11 21.91 37.02
N LEU G 22 5.19 21.46 37.67
CA LEU G 22 6.26 22.39 38.10
C LEU G 22 6.93 23.06 36.91
N GLY G 23 6.83 24.38 36.88
CA GLY G 23 7.43 25.16 35.83
C GLY G 23 6.46 25.35 34.69
N ALA G 24 5.33 24.67 34.77
CA ALA G 24 4.32 24.75 33.74
C ALA G 24 3.50 26.04 33.91
N SER G 25 2.78 26.38 32.85
CA SER G 25 2.08 27.65 32.76
C SER G 25 0.74 27.65 33.45
N ASN G 26 0.27 28.84 33.79
CA ASN G 26 -1.00 28.97 34.46
C ASN G 26 -1.03 28.16 35.71
N ARG G 27 0.03 28.28 36.50
CA ARG G 27 0.01 27.78 37.88
C ARG G 27 0.39 28.85 38.91
N ALA G 28 0.15 28.61 40.19
CA ALA G 28 0.59 29.53 41.23
C ALA G 28 2.11 29.59 41.34
N PHE G 29 2.64 30.76 41.69
CA PHE G 29 4.05 30.95 42.08
C PHE G 29 4.38 30.17 43.32
N VAL G 30 5.61 29.69 43.43
CA VAL G 30 6.09 29.15 44.69
C VAL G 30 6.41 30.34 45.59
N ARG G 31 6.08 30.24 46.86
CA ARG G 31 6.55 31.26 47.82
C ARG G 31 7.86 30.80 48.47
N TRP G 32 8.84 31.69 48.50
CA TRP G 32 10.08 31.48 49.28
C TRP G 32 9.93 31.98 50.70
N LEU G 33 9.06 32.97 50.91
CA LEU G 33 8.61 33.29 52.27
C LEU G 33 7.09 33.38 52.34
N PRO G 34 6.53 33.22 53.56
CA PRO G 34 5.08 33.36 53.72
C PRO G 34 4.62 34.77 53.42
N ALA G 35 3.40 34.89 52.93
CA ALA G 35 2.87 36.18 52.50
C ALA G 35 2.67 37.07 53.72
N GLU G 36 2.83 38.38 53.52
CA GLU G 36 2.52 39.34 54.57
C GLU G 36 1.51 40.30 54.01
N TYR G 37 0.28 40.13 54.47
CA TYR G 37 -0.85 40.91 54.02
C TYR G 37 -1.46 41.57 55.24
N GLU G 38 -2.17 42.66 55.01
CA GLU G 38 -2.79 43.44 56.09
C GLU G 38 -3.65 42.55 56.99
N ASP G 39 -4.47 41.70 56.38
CA ASP G 39 -5.43 40.89 57.15
C ASP G 39 -4.89 39.49 57.35
N GLY G 40 -3.75 39.21 56.75
CA GLY G 40 -3.08 37.92 56.91
C GLY G 40 -3.21 36.99 55.73
N PHE G 41 -4.19 37.24 54.86
CA PHE G 41 -4.50 36.30 53.80
C PHE G 41 -4.88 36.94 52.47
N SER G 42 -5.27 38.20 52.46
CA SER G 42 -5.72 38.80 51.21
C SER G 42 -5.34 40.26 50.94
N LEU G 43 -5.61 41.13 51.89
CA LEU G 43 -5.59 42.57 51.62
C LEU G 43 -4.19 43.11 51.76
N PRO G 44 -3.74 43.89 50.76
CA PRO G 44 -2.40 44.48 50.76
C PRO G 44 -2.20 45.51 51.88
N TYR G 45 -0.97 45.59 52.40
CA TYR G 45 -0.56 46.73 53.18
C TYR G 45 -0.68 48.03 52.39
N GLY G 46 -1.33 49.01 53.00
CA GLY G 46 -1.75 50.22 52.30
C GLY G 46 -3.23 50.24 51.95
N TRP G 47 -3.89 49.10 52.06
CA TRP G 47 -5.31 48.99 51.71
C TRP G 47 -6.21 49.74 52.67
N THR G 48 -6.00 49.52 53.97
CA THR G 48 -6.83 50.15 54.96
C THR G 48 -6.15 51.38 55.56
N PRO G 49 -6.82 52.53 55.50
CA PRO G 49 -6.45 53.75 56.17
C PRO G 49 -6.07 53.52 57.63
N GLY G 50 -4.86 53.92 58.00
CA GLY G 50 -4.42 53.91 59.39
C GLY G 50 -3.93 52.57 59.89
N VAL G 51 -3.83 51.57 59.02
CA VAL G 51 -3.30 50.28 59.47
C VAL G 51 -1.78 50.19 59.28
N LYS G 52 -1.08 50.10 60.41
CA LYS G 52 0.38 50.18 60.42
C LYS G 52 0.97 48.81 60.05
N ARG G 53 2.11 48.82 59.37
CA ARG G 53 2.87 47.60 59.17
C ARG G 53 4.01 47.52 60.16
N ASN G 54 3.99 46.51 61.02
CA ASN G 54 5.11 46.25 61.89
C ASN G 54 5.42 47.47 62.75
N GLY G 55 4.42 48.30 63.01
CA GLY G 55 4.56 49.38 63.97
C GLY G 55 4.76 50.76 63.37
N PHE G 56 4.78 50.83 62.04
CA PHE G 56 4.91 52.11 61.34
C PHE G 56 3.89 52.24 60.21
N PRO G 57 3.51 53.48 59.88
CA PRO G 57 2.58 53.67 58.76
C PRO G 57 3.17 53.22 57.42
N VAL G 58 2.31 52.81 56.49
CA VAL G 58 2.76 52.37 55.17
C VAL G 58 2.96 53.60 54.28
N ALA G 59 4.18 53.75 53.76
CA ALA G 59 4.49 54.91 52.93
C ALA G 59 3.86 54.76 51.56
N LEU G 60 3.29 55.85 51.04
CA LEU G 60 2.80 55.84 49.66
C LEU G 60 3.89 55.44 48.66
N ALA G 61 3.57 54.45 47.83
CA ALA G 61 4.48 54.02 46.78
C ALA G 61 5.00 55.23 46.00
N ARG G 62 4.08 56.11 45.61
CA ARG G 62 4.44 57.28 44.85
C ARG G 62 5.28 58.24 45.70
N ALA G 63 5.00 58.27 47.01
CA ALA G 63 5.78 59.09 47.93
C ALA G 63 7.23 58.61 48.01
N VAL G 64 7.43 57.30 48.00
CA VAL G 64 8.77 56.74 48.02
C VAL G 64 9.46 57.03 46.70
N SER G 65 8.73 56.91 45.60
CA SER G 65 9.28 57.21 44.28
C SER G 65 9.73 58.66 44.14
N ASN G 66 8.93 59.59 44.67
CA ASN G 66 9.24 61.02 44.66
C ASN G 66 10.51 61.37 45.43
N GLU G 67 10.75 60.68 46.55
CA GLU G 67 11.76 61.12 47.50
C GLU G 67 13.07 60.31 47.40
N ILE G 68 13.01 59.17 46.70
CA ILE G 68 14.19 58.33 46.57
C ILE G 68 14.61 58.12 45.12
N VAL G 69 13.65 57.87 44.24
CA VAL G 69 13.94 57.42 42.89
C VAL G 69 14.14 58.60 41.95
N ARG G 70 13.27 59.59 42.08
CA ARG G 70 13.33 60.82 41.28
C ARG G 70 14.72 61.47 41.26
N PHE G 71 15.18 61.83 40.06
CA PHE G 71 16.44 62.55 39.88
C PHE G 71 16.45 63.25 38.53
N PRO G 72 17.22 64.36 38.43
CA PRO G 72 17.28 65.12 37.18
C PRO G 72 17.98 64.34 36.08
N THR G 73 17.34 64.25 34.91
CA THR G 73 17.81 63.35 33.85
C THR G 73 19.20 63.74 33.32
N ASP G 74 19.54 65.02 33.45
CA ASP G 74 20.85 65.52 32.99
C ASP G 74 22.04 65.06 33.86
N GLN G 75 21.76 64.40 34.98
CA GLN G 75 22.82 63.79 35.79
C GLN G 75 23.02 62.30 35.44
N LEU G 76 22.23 61.80 34.50
CA LEU G 76 22.26 60.37 34.16
C LEU G 76 23.67 59.91 33.78
N THR G 77 24.11 58.81 34.40
CA THR G 77 25.46 58.26 34.19
C THR G 77 25.41 57.10 33.20
N PRO G 78 26.05 57.26 32.04
CA PRO G 78 26.16 56.12 31.13
C PRO G 78 27.10 55.03 31.66
N ASP G 79 26.67 53.78 31.59
CA ASP G 79 27.50 52.66 32.04
C ASP G 79 28.60 52.43 31.01
N GLN G 80 29.85 52.71 31.40
CA GLN G 80 31.00 52.48 30.53
C GLN G 80 31.15 51.02 30.11
N GLU G 81 30.63 50.12 30.94
CA GLU G 81 30.90 48.68 30.78
C GLU G 81 29.63 47.86 30.49
N ARG G 82 28.50 48.51 30.24
CA ARG G 82 27.29 47.80 29.78
C ARG G 82 26.59 48.50 28.61
N SER G 83 26.16 47.70 27.64
CA SER G 83 25.38 48.17 26.48
C SER G 83 23.88 48.27 26.78
N LEU G 84 23.15 49.03 25.97
CA LEU G 84 21.70 49.07 26.06
C LEU G 84 21.10 47.69 25.79
N MET G 85 21.88 46.80 25.20
CA MET G 85 21.38 45.46 24.88
C MET G 85 21.31 44.62 26.14
N PHE G 86 22.10 45.01 27.15
CA PHE G 86 22.06 44.40 28.49
C PHE G 86 20.71 44.65 29.16
N MET G 87 20.16 45.82 28.92
CA MET G 87 18.82 46.12 29.42
C MET G 87 17.81 45.26 28.68
N GLN G 88 17.78 45.42 27.36
CA GLN G 88 16.78 44.77 26.49
C GLN G 88 16.77 43.25 26.56
N TRP G 89 17.91 42.60 26.73
CA TRP G 89 17.91 41.17 26.98
C TRP G 89 17.21 40.84 28.31
N GLY G 90 17.44 41.67 29.33
CA GLY G 90 16.79 41.49 30.60
C GLY G 90 15.28 41.39 30.42
N GLN G 91 14.70 42.35 29.70
CA GLN G 91 13.26 42.39 29.54
C GLN G 91 12.79 41.19 28.75
N LEU G 92 13.49 40.88 27.66
CA LEU G 92 13.16 39.73 26.84
C LEU G 92 13.15 38.46 27.70
N LEU G 93 14.20 38.27 28.48
CA LEU G 93 14.32 37.09 29.34
C LEU G 93 13.20 37.04 30.36
N ASP G 94 12.99 38.17 31.01
CA ASP G 94 11.89 38.30 31.93
C ASP G 94 10.62 37.74 31.30
N HIS G 95 10.41 38.04 30.02
CA HIS G 95 9.17 37.68 29.38
C HIS G 95 9.15 36.21 28.91
N ASP G 96 10.27 35.51 29.07
CA ASP G 96 10.31 34.04 28.95
C ASP G 96 9.81 33.44 30.26
N LEU G 97 9.97 34.19 31.35
CA LEU G 97 9.95 33.60 32.69
C LEU G 97 8.63 33.80 33.41
N ASP G 98 8.10 35.01 33.36
CA ASP G 98 6.89 35.31 34.12
C ASP G 98 6.02 36.38 33.51
N PHE G 99 4.73 36.06 33.39
CA PHE G 99 3.68 37.04 33.21
C PHE G 99 2.61 36.85 34.29
N THR G 100 2.34 37.90 35.07
CA THR G 100 1.39 37.80 36.20
C THR G 100 0.05 38.42 35.82
N PRO G 101 -0.97 37.59 35.53
CA PRO G 101 -2.18 38.16 34.93
C PRO G 101 -3.07 38.92 35.91
N GLU G 102 -3.80 39.91 35.39
CA GLU G 102 -4.78 40.65 36.18
C GLU G 102 -6.10 40.66 35.40
N PRO G 103 -7.19 41.09 36.05
CA PRO G 103 -8.50 41.11 35.36
C PRO G 103 -8.59 42.22 34.31
N ALA G 104 -9.52 42.06 33.37
CA ALA G 104 -9.48 42.79 32.09
C ALA G 104 -10.15 44.17 32.21
N VAL H 1 -16.29 48.60 39.61
CA VAL H 1 -15.35 49.75 39.43
C VAL H 1 -14.34 49.47 38.32
N ASN H 2 -14.08 50.47 37.50
CA ASN H 2 -13.20 50.34 36.35
C ASN H 2 -11.83 50.90 36.71
N CYS H 3 -10.84 50.05 37.00
CA CYS H 3 -9.62 50.49 37.69
C CYS H 3 -8.84 51.52 36.88
N GLU H 4 -9.01 51.51 35.56
CA GLU H 4 -8.25 52.39 34.69
C GLU H 4 -8.77 53.82 34.77
N THR H 5 -10.03 53.99 35.13
CA THR H 5 -10.69 55.30 35.01
C THR H 5 -11.26 55.84 36.34
N SER H 6 -11.36 54.99 37.34
CA SER H 6 -11.82 55.42 38.67
C SER H 6 -10.71 55.37 39.70
N CYS H 7 -10.91 56.05 40.82
CA CYS H 7 -9.96 56.06 41.92
C CYS H 7 -10.57 55.50 43.20
N VAL H 8 -11.73 54.84 43.07
CA VAL H 8 -12.36 54.13 44.17
C VAL H 8 -11.62 52.83 44.50
N GLN H 9 -11.31 52.62 45.78
CA GLN H 9 -10.58 51.42 46.19
C GLN H 9 -11.53 50.28 46.48
N GLN H 10 -11.94 49.61 45.40
CA GLN H 10 -12.82 48.44 45.45
C GLN H 10 -12.19 47.35 44.56
N PRO H 11 -12.24 46.08 45.03
CA PRO H 11 -11.72 44.96 44.23
C PRO H 11 -12.31 45.01 42.83
N PRO H 12 -11.49 44.90 41.78
CA PRO H 12 -10.11 44.43 41.86
C PRO H 12 -9.09 45.54 41.86
N CYS H 13 -9.52 46.76 42.15
CA CYS H 13 -8.63 47.91 42.00
C CYS H 13 -7.81 48.13 43.26
N PHE H 14 -6.58 48.59 43.09
CA PHE H 14 -5.75 49.00 44.22
C PHE H 14 -5.01 50.28 43.87
N PRO H 15 -5.76 51.36 43.61
CA PRO H 15 -5.13 52.57 43.05
C PRO H 15 -4.03 53.13 43.93
N LEU H 16 -2.98 53.69 43.33
CA LEU H 16 -1.94 54.41 44.08
C LEU H 16 -2.41 55.81 44.45
N LYS H 17 -2.46 56.10 45.75
CA LYS H 17 -2.80 57.44 46.23
C LYS H 17 -1.67 58.43 45.96
N ILE H 18 -2.03 59.71 45.91
CA ILE H 18 -1.09 60.78 45.55
C ILE H 18 -0.69 61.57 46.81
N PRO H 19 0.62 61.80 47.00
CA PRO H 19 1.05 62.62 48.14
C PRO H 19 0.80 64.11 47.93
N PRO H 20 0.66 64.86 49.03
CA PRO H 20 0.50 66.30 48.87
C PRO H 20 1.72 66.87 48.18
N ASN H 21 1.52 67.86 47.33
CA ASN H 21 2.64 68.53 46.68
C ASN H 21 3.49 67.52 45.92
N ASP H 22 2.80 66.67 45.17
CA ASP H 22 3.43 65.87 44.13
C ASP H 22 3.82 66.82 42.99
N PRO H 23 4.97 66.56 42.34
CA PRO H 23 5.47 67.52 41.36
C PRO H 23 4.84 67.37 39.96
N ARG H 24 3.93 66.42 39.82
CA ARG H 24 3.15 66.27 38.58
C ARG H 24 1.64 66.22 38.87
N ILE H 25 1.23 65.32 39.75
CA ILE H 25 -0.17 65.03 39.97
C ILE H 25 -0.68 65.88 41.13
N LYS H 26 -1.42 66.94 40.81
CA LYS H 26 -1.61 68.05 41.74
C LYS H 26 -2.89 67.91 42.58
N ASN H 27 -3.91 67.31 42.00
CA ASN H 27 -5.14 67.00 42.72
C ASN H 27 -5.01 65.69 43.48
N GLN H 28 -4.88 65.77 44.81
CA GLN H 28 -4.75 64.57 45.63
C GLN H 28 -5.95 63.61 45.48
N ALA H 29 -7.07 64.14 44.98
CA ALA H 29 -8.24 63.30 44.67
C ALA H 29 -7.93 62.28 43.57
N ASP H 30 -6.84 62.51 42.84
CA ASP H 30 -6.46 61.67 41.71
C ASP H 30 -5.76 60.38 42.19
N CYS H 31 -5.35 59.54 41.24
CA CYS H 31 -4.65 58.31 41.56
C CYS H 31 -3.93 57.76 40.33
N ILE H 32 -2.91 56.93 40.56
CA ILE H 32 -2.32 56.13 39.52
C ILE H 32 -3.03 54.78 39.53
N PRO H 33 -3.57 54.36 38.37
CA PRO H 33 -4.35 53.12 38.24
C PRO H 33 -3.56 51.85 38.55
N PHE H 34 -4.28 50.83 39.01
CA PHE H 34 -3.67 49.57 39.43
C PHE H 34 -4.71 48.49 39.65
N PHE H 35 -4.59 47.42 38.88
CA PHE H 35 -5.40 46.21 39.03
C PHE H 35 -4.64 45.22 39.89
N ARG H 36 -5.28 44.69 40.92
CA ARG H 36 -4.72 43.55 41.66
C ARG H 36 -4.46 42.33 40.74
N SER H 37 -3.27 41.76 40.85
CA SER H 37 -2.94 40.50 40.22
C SER H 37 -4.00 39.44 40.56
N CSO H 38 -4.40 38.64 39.57
CA CSO H 38 -5.45 37.63 39.72
CB CSO H 38 -5.66 36.83 38.43
SG CSO H 38 -6.29 37.70 37.05
C CSO H 38 -5.07 36.63 40.78
O CSO H 38 -3.93 36.14 40.81
OD CSO H 38 -7.78 37.85 37.20
N PRO H 39 -6.00 36.26 41.66
CA PRO H 39 -5.71 35.27 42.71
C PRO H 39 -5.81 33.82 42.23
N ALA H 40 -4.95 32.94 42.75
CA ALA H 40 -4.94 31.55 42.31
C ALA H 40 -6.26 30.86 42.65
N CYS H 41 -6.87 31.25 43.76
CA CYS H 41 -8.12 30.67 44.22
C CYS H 41 -9.14 31.76 44.55
N PRO H 42 -9.78 32.33 43.51
CA PRO H 42 -10.62 33.52 43.75
C PRO H 42 -11.71 33.28 44.79
N GLY H 43 -11.83 34.15 45.77
CA GLY H 43 -12.98 34.12 46.68
C GLY H 43 -12.81 33.28 47.94
N SER H 44 -11.65 32.66 48.09
CA SER H 44 -11.46 31.65 49.13
C SER H 44 -11.36 32.28 50.51
N ASN H 45 -12.02 31.67 51.48
CA ASN H 45 -11.74 31.94 52.89
C ASN H 45 -10.65 31.07 53.54
N ILE H 46 -10.02 30.19 52.77
CA ILE H 46 -9.03 29.26 53.29
C ILE H 46 -7.60 29.62 52.82
N THR H 47 -7.47 30.01 51.56
CA THR H 47 -6.14 30.16 50.95
C THR H 47 -5.47 31.48 51.29
N ILE H 48 -4.16 31.44 51.47
CA ILE H 48 -3.37 32.67 51.63
C ILE H 48 -3.10 33.16 50.23
N ARG H 49 -3.65 34.32 49.90
CA ARG H 49 -3.68 34.76 48.50
C ARG H 49 -2.32 34.62 47.80
N ASN H 50 -2.37 33.96 46.65
CA ASN H 50 -1.22 33.86 45.79
C ASN H 50 -1.61 34.27 44.38
N GLN H 51 -0.60 34.53 43.56
CA GLN H 51 -0.78 35.02 42.21
C GLN H 51 -0.25 33.97 41.23
N ILE H 52 -0.38 34.23 39.94
CA ILE H 52 -0.35 33.17 38.90
C ILE H 52 0.73 33.50 37.88
N ASN H 53 1.55 32.52 37.52
CA ASN H 53 2.43 32.66 36.36
C ASN H 53 1.70 32.07 35.16
N ALA H 54 1.48 32.88 34.13
CA ALA H 54 0.81 32.39 32.92
C ALA H 54 1.78 31.83 31.89
N LEU H 55 3.08 31.81 32.19
CA LEU H 55 4.06 31.33 31.21
C LEU H 55 4.82 30.16 31.80
N THR H 56 5.62 29.49 30.96
CA THR H 56 6.50 28.46 31.51
C THR H 56 7.71 29.12 32.16
N SER H 57 8.10 28.64 33.34
CA SER H 57 9.24 29.22 34.02
C SER H 57 10.57 29.00 33.26
N PHE H 58 10.65 27.90 32.52
CA PHE H 58 11.91 27.46 31.92
C PHE H 58 12.38 28.51 30.93
N VAL H 59 13.69 28.55 30.71
CA VAL H 59 14.25 29.37 29.67
C VAL H 59 14.10 28.55 28.38
N ASP H 60 12.89 28.61 27.81
CA ASP H 60 12.49 27.72 26.71
C ASP H 60 11.99 28.52 25.52
N ALA H 61 12.36 29.79 25.46
CA ALA H 61 11.86 30.72 24.44
C ALA H 61 10.33 30.69 24.28
N SER H 62 9.61 30.58 25.38
CA SER H 62 8.16 30.67 25.34
C SER H 62 7.69 32.07 24.89
N MET H 63 8.53 33.08 25.15
CA MET H 63 8.46 34.41 24.50
C MET H 63 8.13 34.32 23.00
N VAL H 64 8.71 33.35 22.32
CA VAL H 64 8.58 33.24 20.88
C VAL H 64 7.42 32.28 20.50
N TYR H 65 7.33 31.16 21.19
CA TYR H 65 6.51 30.04 20.72
C TYR H 65 5.15 29.93 21.42
N GLY H 66 5.01 30.60 22.56
CA GLY H 66 3.76 30.53 23.33
C GLY H 66 3.86 29.59 24.54
N SER H 67 3.02 29.84 25.53
CA SER H 67 2.93 28.97 26.72
C SER H 67 1.61 28.19 26.84
N GLU H 68 0.73 28.35 25.86
CA GLU H 68 -0.53 27.56 25.78
C GLU H 68 -0.76 27.11 24.34
N GLU H 69 -1.65 26.13 24.15
CA GLU H 69 -1.64 25.30 22.93
C GLU H 69 -2.25 25.99 21.75
N PRO H 70 -3.41 26.65 21.97
CA PRO H 70 -4.12 27.40 20.90
C PRO H 70 -3.26 28.50 20.31
N LEU H 71 -2.75 29.37 21.17
CA LEU H 71 -1.75 30.35 20.76
C LEU H 71 -0.59 29.71 20.03
N ALA H 72 0.02 28.68 20.62
CA ALA H 72 1.25 28.12 20.05
C ALA H 72 1.00 27.66 18.62
N ARG H 73 -0.20 27.13 18.39
CA ARG H 73 -0.57 26.61 17.09
C ARG H 73 -0.78 27.76 16.08
N ASN H 74 -1.42 28.83 16.53
CA ASN H 74 -1.72 29.98 15.69
C ASN H 74 -0.49 30.79 15.31
N LEU H 75 0.58 30.64 16.08
CA LEU H 75 1.85 31.27 15.76
C LEU H 75 2.53 30.59 14.57
N ARG H 76 2.03 29.43 14.16
CA ARG H 76 2.73 28.57 13.22
C ARG H 76 2.14 28.77 11.84
N ASN H 77 3.00 28.74 10.84
CA ASN H 77 2.57 28.76 9.47
C ASN H 77 1.98 27.40 9.11
N MET H 78 0.66 27.32 9.06
CA MET H 78 -0.06 26.07 8.78
C MET H 78 -0.39 25.94 7.31
N SER H 79 0.22 26.79 6.49
CA SER H 79 -0.06 26.80 5.06
C SER H 79 0.74 25.73 4.32
N ASN H 80 1.71 25.15 5.01
CA ASN H 80 2.67 24.25 4.36
C ASN H 80 3.40 23.39 5.37
N GLN H 81 4.37 22.61 4.89
CA GLN H 81 5.08 21.65 5.72
C GLN H 81 6.54 22.08 5.93
N LEU H 82 6.79 23.37 6.06
CA LEU H 82 8.14 23.85 6.31
C LEU H 82 8.46 24.08 7.80
N GLY H 83 7.47 23.90 8.67
CA GLY H 83 7.67 24.07 10.11
C GLY H 83 8.03 25.49 10.50
N LEU H 84 7.49 26.45 9.75
CA LEU H 84 7.79 27.86 9.97
C LEU H 84 6.87 28.50 10.98
N LEU H 85 7.32 29.60 11.57
CA LEU H 85 6.42 30.50 12.33
C LEU H 85 5.75 31.48 11.38
N ALA H 86 4.54 31.90 11.69
CA ALA H 86 3.80 32.82 10.84
C ALA H 86 4.50 34.17 10.75
N VAL H 87 4.36 34.85 9.60
CA VAL H 87 5.00 36.14 9.38
C VAL H 87 3.97 37.15 8.91
N ASN H 88 4.30 38.44 9.08
CA ASN H 88 3.37 39.49 8.73
C ASN H 88 2.99 39.44 7.27
N GLN H 89 1.69 39.46 7.01
CA GLN H 89 1.19 39.34 5.65
C GLN H 89 0.88 40.68 5.00
N ARG H 90 1.18 41.78 5.69
CA ARG H 90 1.01 43.11 5.09
C ARG H 90 2.32 43.83 4.75
N PHE H 91 3.32 43.71 5.63
CA PHE H 91 4.59 44.40 5.46
C PHE H 91 5.77 43.46 5.60
N GLN H 92 6.86 43.83 4.92
CA GLN H 92 8.17 43.26 5.17
C GLN H 92 9.15 44.38 5.47
N ASP H 93 10.34 44.00 5.97
CA ASP H 93 11.36 44.96 6.41
C ASP H 93 12.58 44.75 5.53
N ASN H 94 12.76 45.64 4.55
CA ASN H 94 13.63 45.40 3.39
C ASN H 94 13.72 43.92 2.98
N GLY H 95 12.55 43.31 2.79
CA GLY H 95 12.49 41.93 2.33
C GLY H 95 12.28 40.93 3.45
N ARG H 96 12.68 41.28 4.67
CA ARG H 96 12.76 40.31 5.76
C ARG H 96 11.47 40.22 6.57
N ALA H 97 11.30 39.12 7.31
CA ALA H 97 10.04 38.85 7.99
C ALA H 97 9.78 39.84 9.12
N LEU H 98 8.51 40.23 9.24
CA LEU H 98 8.02 40.88 10.46
C LEU H 98 7.01 39.98 11.15
N LEU H 99 6.82 40.19 12.45
CA LEU H 99 5.83 39.44 13.20
C LEU H 99 4.46 39.74 12.59
N PRO H 100 3.52 38.76 12.64
CA PRO H 100 2.13 38.99 12.32
C PRO H 100 1.47 39.96 13.29
N PHE H 101 0.37 40.58 12.85
CA PHE H 101 -0.40 41.46 13.71
C PHE H 101 -1.32 40.65 14.59
N ASP H 102 -1.78 41.26 15.68
CA ASP H 102 -2.77 40.64 16.53
C ASP H 102 -4.16 40.94 15.97
N ASN H 103 -5.19 40.38 16.59
CA ASN H 103 -6.59 40.75 16.30
C ASN H 103 -7.25 41.30 17.56
N LEU H 104 -6.65 42.35 18.14
CA LEU H 104 -7.03 42.87 19.46
C LEU H 104 -8.29 43.74 19.35
N HIS H 105 -8.88 44.05 20.51
CA HIS H 105 -10.07 44.91 20.56
C HIS H 105 -9.68 46.36 20.91
N ASP H 106 -9.29 46.60 22.16
CA ASP H 106 -8.85 47.93 22.57
C ASP H 106 -7.33 48.07 22.33
N ASP H 107 -6.96 48.06 21.04
CA ASP H 107 -5.58 47.91 20.61
C ASP H 107 -4.80 49.20 20.87
N PRO H 108 -3.96 49.22 21.91
CA PRO H 108 -3.24 50.43 22.29
C PRO H 108 -2.10 50.84 21.35
N CYS H 109 -1.57 49.90 20.55
CA CYS H 109 -0.61 50.27 19.49
C CYS H 109 -1.26 51.23 18.49
N LEU H 110 -2.53 50.99 18.19
CA LEU H 110 -3.32 51.93 17.40
C LEU H 110 -3.38 53.32 18.05
N LEU H 111 -3.31 53.37 19.37
CA LEU H 111 -3.50 54.64 20.08
C LEU H 111 -2.27 55.54 20.01
N THR H 112 -1.10 54.94 19.76
CA THR H 112 0.17 55.66 19.76
C THR H 112 0.37 56.43 18.46
N ASN H 113 -0.43 56.08 17.45
CA ASN H 113 -0.55 56.87 16.23
C ASN H 113 -1.83 56.46 15.51
N ARG H 114 -2.88 57.27 15.67
CA ARG H 114 -4.18 56.99 15.05
C ARG H 114 -4.07 56.80 13.53
N SER H 115 -3.28 57.65 12.86
CA SER H 115 -3.26 57.70 11.39
C SER H 115 -2.52 56.53 10.75
N ALA H 116 -1.43 56.10 11.37
CA ALA H 116 -0.63 55.00 10.85
C ALA H 116 -1.45 53.70 10.74
N ARG H 117 -2.40 53.52 11.65
CA ARG H 117 -3.25 52.32 11.67
C ARG H 117 -2.41 51.04 11.58
N ILE H 118 -1.41 50.97 12.46
CA ILE H 118 -0.61 49.77 12.67
C ILE H 118 -0.94 49.17 14.04
N PRO H 119 -1.58 47.98 14.06
CA PRO H 119 -1.87 47.31 15.34
C PRO H 119 -0.65 46.71 16.02
N CYS H 120 -0.87 46.14 17.19
CA CYS H 120 0.17 45.44 17.91
C CYS H 120 0.52 44.15 17.19
N PHE H 121 1.69 43.63 17.53
CA PHE H 121 2.21 42.40 16.96
C PHE H 121 1.70 41.23 17.77
N LEU H 122 1.78 40.05 17.15
CA LEU H 122 1.43 38.79 17.81
C LEU H 122 2.71 38.00 18.05
N ALA H 123 2.91 37.59 19.29
CA ALA H 123 4.14 36.91 19.70
C ALA H 123 3.81 35.77 20.67
N GLY H 124 4.83 35.04 21.10
CA GLY H 124 4.63 33.98 22.11
C GLY H 124 4.24 34.55 23.45
N ASP H 125 4.41 35.87 23.58
CA ASP H 125 4.11 36.57 24.81
C ASP H 125 3.40 37.88 24.42
N THR H 126 2.51 38.37 25.27
CA THR H 126 1.59 39.43 24.90
C THR H 126 2.25 40.81 24.86
N ARG H 127 3.44 40.93 25.45
CA ARG H 127 4.04 42.25 25.66
C ARG H 127 5.01 42.66 24.52
N SER H 128 5.05 41.87 23.45
CA SER H 128 6.15 42.02 22.48
C SER H 128 6.20 43.42 21.88
N SER H 129 5.09 44.15 21.93
CA SER H 129 5.02 45.52 21.37
C SER H 129 5.34 46.63 22.39
N GLU H 130 5.64 46.29 23.63
CA GLU H 130 5.66 47.30 24.70
C GLU H 130 6.71 48.40 24.50
N MET H 131 7.84 48.04 23.86
CA MET H 131 8.79 49.01 23.32
C MET H 131 9.45 48.40 22.09
N PRO H 132 9.74 49.22 21.06
CA PRO H 132 10.15 48.63 19.79
C PRO H 132 11.49 47.87 19.88
N GLU H 133 12.30 48.20 20.88
CA GLU H 133 13.54 47.45 21.15
C GLU H 133 13.20 46.00 21.46
N LEU H 134 12.23 45.79 22.35
CA LEU H 134 11.74 44.44 22.65
C LEU H 134 11.17 43.76 21.41
N THR H 135 10.26 44.46 20.75
CA THR H 135 9.74 44.06 19.46
C THR H 135 10.84 43.61 18.50
N SER H 136 11.92 44.37 18.44
CA SER H 136 13.02 44.05 17.53
C SER H 136 13.70 42.73 17.89
N MET H 137 13.83 42.47 19.19
CA MET H 137 14.39 41.19 19.63
C MET H 137 13.42 40.02 19.32
N HIS H 138 12.12 40.30 19.35
CA HIS H 138 11.12 39.26 19.09
C HIS H 138 11.15 38.88 17.61
N THR H 139 11.35 39.87 16.76
CA THR H 139 11.43 39.69 15.31
C THR H 139 12.70 38.96 14.93
N LEU H 140 13.78 39.30 15.62
CA LEU H 140 15.05 38.60 15.50
C LEU H 140 14.87 37.11 15.68
N LEU H 141 14.20 36.75 16.75
CA LEU H 141 14.13 35.36 17.17
C LEU H 141 13.22 34.57 16.23
N LEU H 142 12.15 35.23 15.79
CA LEU H 142 11.26 34.69 14.76
C LEU H 142 12.02 34.34 13.47
N ARG H 143 12.83 35.26 12.99
CA ARG H 143 13.58 35.02 11.76
C ARG H 143 14.60 33.89 11.90
N GLU H 144 15.22 33.81 13.08
CA GLU H 144 16.16 32.73 13.40
C GLU H 144 15.48 31.34 13.36
N HIS H 145 14.30 31.24 13.96
CA HIS H 145 13.51 30.03 13.82
C HIS H 145 13.41 29.64 12.34
N ASN H 146 12.79 30.49 11.53
CA ASN H 146 12.52 30.13 10.13
C ASN H 146 13.77 29.72 9.40
N ARG H 147 14.84 30.50 9.61
CA ARG H 147 16.12 30.21 9.00
C ARG H 147 16.65 28.83 9.42
N LEU H 148 16.53 28.51 10.70
CA LEU H 148 16.86 27.17 11.18
C LEU H 148 15.96 26.14 10.49
N ALA H 149 14.66 26.41 10.42
CA ALA H 149 13.71 25.41 9.88
C ALA H 149 14.07 25.17 8.42
N THR H 150 14.36 26.26 7.72
CA THR H 150 14.70 26.20 6.34
C THR H 150 15.99 25.40 6.12
N GLU H 151 17.01 25.71 6.91
CA GLU H 151 18.26 24.97 6.89
C GLU H 151 18.09 23.49 7.26
N LEU H 152 17.27 23.21 8.27
CA LEU H 152 17.08 21.83 8.74
C LEU H 152 16.40 20.97 7.67
N LYS H 153 15.61 21.58 6.81
CA LYS H 153 14.94 20.85 5.76
C LYS H 153 15.89 20.50 4.59
N SER H 154 16.84 21.38 4.28
CA SER H 154 17.89 21.05 3.31
C SER H 154 18.81 19.92 3.76
N LEU H 155 19.03 19.83 5.08
CA LEU H 155 19.83 18.76 5.68
C LEU H 155 19.04 17.44 5.85
N ASN H 156 17.73 17.53 5.96
CA ASN H 156 16.91 16.39 6.37
C ASN H 156 15.57 16.38 5.64
N PRO H 157 15.59 16.06 4.35
CA PRO H 157 14.42 16.25 3.50
C PRO H 157 13.26 15.36 3.87
N ARG H 158 13.48 14.44 4.79
CA ARG H 158 12.44 13.50 5.21
C ARG H 158 11.64 14.04 6.38
N TRP H 159 12.21 15.02 7.07
CA TRP H 159 11.54 15.68 8.16
C TRP H 159 10.23 16.36 7.78
N ASP H 160 9.17 16.09 8.52
CA ASP H 160 7.89 16.73 8.29
C ASP H 160 7.78 18.07 9.03
N GLY H 161 6.69 18.79 8.78
CA GLY H 161 6.47 20.10 9.40
C GLY H 161 6.75 20.11 10.89
N GLU H 162 6.16 19.14 11.59
CA GLU H 162 6.21 19.09 13.03
C GLU H 162 7.65 18.95 13.51
N ARG H 163 8.42 18.12 12.84
CA ARG H 163 9.81 17.86 13.22
C ARG H 163 10.69 19.09 13.01
N LEU H 164 10.60 19.67 11.83
CA LEU H 164 11.31 20.90 11.51
C LEU H 164 11.02 22.01 12.55
N TYR H 165 9.75 22.18 12.91
CA TYR H 165 9.37 23.17 13.92
C TYR H 165 9.87 22.90 15.34
N GLN H 166 9.78 21.65 15.80
CA GLN H 166 10.26 21.29 17.14
C GLN H 166 11.79 21.35 17.26
N GLU H 167 12.51 20.87 16.25
CA GLU H 167 13.97 20.85 16.25
C GLU H 167 14.53 22.28 16.24
N ALA H 168 13.96 23.13 15.38
CA ALA H 168 14.27 24.55 15.34
C ALA H 168 13.99 25.23 16.68
N ARG H 169 12.81 24.97 17.22
CA ARG H 169 12.43 25.46 18.54
C ARG H 169 13.47 25.08 19.61
N LYS H 170 13.88 23.83 19.59
CA LYS H 170 14.79 23.28 20.57
C LYS H 170 16.10 24.05 20.52
N ILE H 171 16.57 24.33 19.32
CA ILE H 171 17.80 25.09 19.11
C ILE H 171 17.63 26.50 19.67
N VAL H 172 16.60 27.23 19.20
CA VAL H 172 16.35 28.61 19.63
C VAL H 172 16.28 28.69 21.15
N GLY H 173 15.73 27.65 21.76
CA GLY H 173 15.57 27.59 23.20
C GLY H 173 16.92 27.49 23.88
N ALA H 174 17.84 26.75 23.24
CA ALA H 174 19.20 26.61 23.72
C ALA H 174 19.98 27.91 23.58
N MET H 175 19.73 28.61 22.48
CA MET H 175 20.45 29.85 22.21
C MET H 175 20.12 30.84 23.31
N VAL H 176 18.85 30.88 23.72
CA VAL H 176 18.43 31.76 24.81
C VAL H 176 19.05 31.35 26.15
N GLN H 177 19.18 30.05 26.34
CA GLN H 177 19.81 29.59 27.55
C GLN H 177 21.29 29.96 27.56
N ILE H 178 21.95 29.83 26.42
CA ILE H 178 23.39 30.05 26.31
C ILE H 178 23.73 31.53 26.48
N ILE H 179 22.96 32.39 25.85
CA ILE H 179 23.23 33.81 25.92
C ILE H 179 23.02 34.26 27.35
N THR H 180 21.99 33.70 27.97
CA THR H 180 21.57 34.09 29.32
C THR H 180 22.60 33.69 30.37
N TYR H 181 22.99 32.43 30.39
CA TYR H 181 23.93 31.95 31.40
C TYR H 181 25.38 32.25 31.09
N ARG H 182 25.79 32.19 29.82
CA ARG H 182 27.18 32.44 29.47
C ARG H 182 27.49 33.95 29.50
N ASP H 183 26.59 34.76 28.95
CA ASP H 183 26.95 36.14 28.60
C ASP H 183 26.26 37.14 29.53
N TYR H 184 24.99 36.89 29.81
CA TYR H 184 24.17 37.88 30.50
C TYR H 184 24.38 37.82 32.02
N LEU H 185 24.17 36.64 32.59
CA LEU H 185 24.08 36.48 34.03
C LEU H 185 25.38 36.86 34.80
N PRO H 186 26.56 36.59 34.20
CA PRO H 186 27.78 36.97 34.94
C PRO H 186 27.92 38.48 35.03
N LEU H 187 27.23 39.18 34.15
CA LEU H 187 27.34 40.63 34.10
C LEU H 187 26.28 41.27 34.98
N VAL H 188 25.28 40.48 35.36
CA VAL H 188 24.33 40.90 36.38
C VAL H 188 24.92 40.69 37.77
N LEU H 189 25.45 39.51 38.03
CA LEU H 189 25.79 39.10 39.41
C LEU H 189 27.21 39.50 39.86
N GLY H 190 28.14 39.55 38.90
CA GLY H 190 29.57 39.66 39.22
C GLY H 190 30.19 38.31 39.52
N PRO H 191 31.54 38.24 39.49
CA PRO H 191 32.25 36.96 39.58
C PRO H 191 31.97 36.19 40.85
N THR H 192 31.96 36.92 41.97
CA THR H 192 31.71 36.32 43.28
C THR H 192 30.32 35.74 43.41
N ALA H 193 29.32 36.54 43.05
CA ALA H 193 27.92 36.12 43.15
C ALA H 193 27.70 34.90 42.30
N MET H 194 28.16 34.99 41.05
CA MET H 194 28.05 33.91 40.09
C MET H 194 28.56 32.58 40.65
N ARG H 195 29.74 32.59 41.25
CA ARG H 195 30.35 31.35 41.76
C ARG H 195 29.62 30.82 42.99
N LYS H 196 29.05 31.72 43.77
CA LYS H 196 28.25 31.34 44.93
C LYS H 196 26.91 30.71 44.53
N TYR H 197 26.17 31.38 43.65
CA TYR H 197 24.82 30.93 43.33
C TYR H 197 24.70 30.08 42.05
N LEU H 198 25.63 30.25 41.12
CA LEU H 198 25.63 29.50 39.88
C LEU H 198 26.93 28.73 39.65
N PRO H 199 27.29 27.83 40.58
CA PRO H 199 28.50 27.05 40.31
C PRO H 199 28.37 26.19 39.05
N THR H 200 29.49 25.66 38.58
CA THR H 200 29.51 25.00 37.29
C THR H 200 28.45 23.88 37.27
N TYR H 201 27.69 23.83 36.19
CA TYR H 201 26.61 22.86 36.04
C TYR H 201 27.16 21.47 36.20
N ARG H 202 26.39 20.61 36.84
CA ARG H 202 26.77 19.21 37.01
C ARG H 202 25.87 18.31 36.18
N SER H 203 24.60 18.23 36.59
CA SER H 203 23.61 17.58 35.76
C SER H 203 22.23 17.97 36.26
N TYR H 204 21.19 17.40 35.66
CA TYR H 204 19.83 17.73 36.01
C TYR H 204 19.51 17.08 37.32
N ASN H 205 18.82 17.83 38.16
CA ASN H 205 18.38 17.33 39.46
C ASN H 205 16.87 17.55 39.54
N ASP H 206 16.14 16.44 39.48
CA ASP H 206 14.69 16.46 39.47
C ASP H 206 14.05 16.79 40.82
N SER H 207 14.85 16.90 41.88
CA SER H 207 14.34 17.39 43.18
C SER H 207 14.51 18.92 43.35
N VAL H 208 14.99 19.62 42.34
CA VAL H 208 15.13 21.10 42.40
C VAL H 208 13.88 21.73 41.78
N ASP H 209 13.16 22.54 42.54
CA ASP H 209 11.87 23.10 42.14
C ASP H 209 12.08 24.25 41.16
N PRO H 210 11.60 24.10 39.90
CA PRO H 210 11.91 25.09 38.84
C PRO H 210 10.94 26.26 38.70
N ARG H 211 9.98 26.37 39.61
CA ARG H 211 8.95 27.41 39.52
C ARG H 211 9.57 28.79 39.76
N ILE H 212 9.00 29.82 39.11
CA ILE H 212 9.31 31.19 39.49
C ILE H 212 8.73 31.47 40.87
N ALA H 213 9.60 31.89 41.80
CA ALA H 213 9.14 32.43 43.07
C ALA H 213 8.44 33.78 42.93
N ASN H 214 7.37 33.97 43.69
CA ASN H 214 6.69 35.24 43.68
C ASN H 214 7.64 36.44 43.80
N VAL H 215 8.56 36.42 44.79
CA VAL H 215 9.51 37.52 44.98
C VAL H 215 10.28 37.88 43.71
N PHE H 216 10.55 36.89 42.86
CA PHE H 216 11.42 37.13 41.73
C PHE H 216 10.76 38.03 40.72
N THR H 217 9.45 37.88 40.55
CA THR H 217 8.72 38.78 39.65
C THR H 217 8.91 40.25 40.00
N ASN H 218 9.24 40.55 41.26
CA ASN H 218 9.46 41.93 41.71
C ASN H 218 10.95 42.30 41.74
N ALA H 219 11.79 41.39 42.23
CA ALA H 219 13.24 41.63 42.29
C ALA H 219 13.89 41.79 40.89
N PHE H 220 13.43 41.03 39.90
CA PHE H 220 14.11 41.04 38.61
C PHE H 220 13.75 42.29 37.81
N ARG H 221 12.87 43.12 38.36
CA ARG H 221 12.61 44.46 37.83
C ARG H 221 13.77 45.44 38.07
N TYR H 222 14.80 44.98 38.75
CA TYR H 222 16.03 45.75 38.95
C TYR H 222 16.40 46.37 37.60
N GLY H 223 16.06 45.65 36.54
CA GLY H 223 16.26 46.11 35.16
C GLY H 223 15.72 47.49 34.87
N HIS H 224 14.72 47.94 35.65
CA HIS H 224 14.16 49.27 35.43
C HIS H 224 15.16 50.38 35.74
N THR H 225 16.25 50.05 36.44
CA THR H 225 17.32 51.01 36.73
C THR H 225 18.28 51.20 35.55
N LEU H 226 18.16 50.35 34.54
CA LEU H 226 19.08 50.34 33.40
C LEU H 226 18.52 51.16 32.23
N ILE H 227 17.27 51.58 32.34
CA ILE H 227 16.52 52.08 31.19
C ILE H 227 16.96 53.50 30.83
N GLN H 228 17.32 53.71 29.58
CA GLN H 228 17.63 55.04 29.10
C GLN H 228 16.33 55.73 28.67
N PRO H 229 16.28 57.07 28.81
CA PRO H 229 15.07 57.84 28.54
C PRO H 229 14.79 58.04 27.05
N PHE H 230 15.63 57.48 26.18
CA PHE H 230 15.38 57.53 24.75
C PHE H 230 15.42 56.14 24.13
N MET H 231 14.72 55.98 23.00
CA MET H 231 15.09 54.98 22.00
C MET H 231 16.12 55.56 21.01
N PHE H 232 17.29 54.93 20.92
CA PHE H 232 18.35 55.35 20.00
C PHE H 232 18.27 54.58 18.69
N ARG H 233 18.39 55.29 17.57
CA ARG H 233 18.44 54.68 16.25
C ARG H 233 19.66 55.16 15.48
N LEU H 234 20.32 54.23 14.78
CA LEU H 234 21.49 54.56 13.96
C LEU H 234 21.37 53.95 12.56
N ASP H 235 21.97 54.60 11.57
CA ASP H 235 22.05 54.04 10.24
C ASP H 235 23.22 53.06 10.08
N ASN H 236 23.52 52.72 8.84
CA ASN H 236 24.47 51.65 8.54
C ASN H 236 25.92 52.08 8.61
N ARG H 237 26.16 53.32 9.01
CA ARG H 237 27.49 53.77 9.39
C ARG H 237 27.53 54.05 10.88
N TYR H 238 26.53 53.51 11.58
CA TYR H 238 26.35 53.73 13.02
C TYR H 238 26.34 55.22 13.38
N GLN H 239 25.86 56.03 12.46
CA GLN H 239 25.55 57.41 12.76
C GLN H 239 24.07 57.54 13.09
N PRO H 240 23.71 58.57 13.87
CA PRO H 240 22.32 58.77 14.22
C PRO H 240 21.44 58.91 12.99
N MET H 241 20.35 58.16 12.96
CA MET H 241 19.51 58.13 11.79
C MET H 241 18.53 59.28 11.84
N GLU H 242 18.53 60.08 10.81
CA GLU H 242 17.66 61.24 10.76
C GLU H 242 16.33 60.87 10.13
N PRO H 243 15.31 61.72 10.32
CA PRO H 243 15.42 62.81 11.30
C PRO H 243 14.67 62.54 12.62
N ASN H 244 15.06 61.49 13.33
CA ASN H 244 14.62 61.27 14.71
C ASN H 244 15.50 60.28 15.47
N PRO H 245 16.82 60.51 15.49
CA PRO H 245 17.76 59.53 16.03
C PRO H 245 17.46 59.09 17.47
N ARG H 246 16.82 59.96 18.24
CA ARG H 246 16.65 59.75 19.67
C ARG H 246 15.23 60.10 20.10
N VAL H 247 14.38 59.08 20.20
CA VAL H 247 12.97 59.30 20.52
C VAL H 247 12.68 59.03 21.99
N PRO H 248 12.15 60.04 22.69
CA PRO H 248 11.73 59.89 24.08
C PRO H 248 10.88 58.64 24.26
N LEU H 249 11.10 57.94 25.37
CA LEU H 249 10.55 56.59 25.58
C LEU H 249 9.03 56.65 25.82
N SER H 250 8.55 57.73 26.40
CA SER H 250 7.12 58.01 26.50
C SER H 250 6.42 58.10 25.13
N ARG H 251 7.20 58.12 24.07
CA ARG H 251 6.64 58.19 22.72
C ARG H 251 6.95 56.94 21.90
N VAL H 252 7.54 55.94 22.53
CA VAL H 252 7.79 54.69 21.83
C VAL H 252 6.97 53.54 22.41
N PHE H 253 6.41 53.70 23.60
CA PHE H 253 5.71 52.59 24.27
C PHE H 253 4.53 52.13 23.41
N PHE H 254 4.46 50.82 23.17
CA PHE H 254 3.46 50.25 22.26
C PHE H 254 3.40 50.93 20.89
N ALA H 255 4.53 51.48 20.45
CA ALA H 255 4.57 52.15 19.15
C ALA H 255 5.05 51.18 18.08
N SER H 256 4.18 50.25 17.73
CA SER H 256 4.46 49.28 16.68
C SER H 256 4.70 49.99 15.34
N TRP H 257 4.05 51.12 15.14
CA TRP H 257 4.10 51.82 13.86
C TRP H 257 5.51 52.23 13.46
N ARG H 258 6.36 52.47 14.46
CA ARG H 258 7.75 52.91 14.21
C ARG H 258 8.58 51.79 13.56
N VAL H 259 8.28 50.54 13.93
CA VAL H 259 8.94 49.39 13.34
C VAL H 259 8.54 49.26 11.87
N VAL H 260 7.25 49.42 11.58
CA VAL H 260 6.73 49.23 10.23
C VAL H 260 7.12 50.38 9.33
N LEU H 261 7.06 51.60 9.85
CA LEU H 261 7.11 52.77 8.98
C LEU H 261 8.36 53.64 9.16
N GLU H 262 9.19 53.33 10.15
CA GLU H 262 10.43 54.09 10.35
C GLU H 262 11.72 53.25 10.29
N GLY H 263 11.74 52.25 9.42
CA GLY H 263 13.00 51.64 8.95
C GLY H 263 13.36 50.29 9.55
N GLY H 264 12.38 49.60 10.11
CA GLY H 264 12.55 48.19 10.44
C GLY H 264 13.30 48.00 11.74
N ILE H 265 14.00 46.87 11.88
CA ILE H 265 14.60 46.53 13.15
C ILE H 265 16.11 46.80 13.20
N ASP H 266 16.71 47.14 12.06
CA ASP H 266 18.16 47.27 12.01
C ASP H 266 18.66 48.49 12.81
N PRO H 267 18.05 49.66 12.61
CA PRO H 267 18.60 50.81 13.32
C PRO H 267 18.37 50.74 14.83
N ILE H 268 17.35 49.97 15.23
CA ILE H 268 17.02 49.79 16.63
C ILE H 268 18.02 48.86 17.30
N LEU H 269 18.34 47.78 16.61
CA LEU H 269 19.35 46.85 17.08
C LEU H 269 20.76 47.47 17.07
N ARG H 270 21.06 48.33 16.09
CA ARG H 270 22.32 49.08 16.10
C ARG H 270 22.38 50.02 17.30
N GLY H 271 21.25 50.65 17.61
CA GLY H 271 21.15 51.55 18.75
C GLY H 271 21.34 50.80 20.05
N LEU H 272 20.81 49.59 20.10
CA LEU H 272 20.93 48.74 21.29
C LEU H 272 22.39 48.33 21.53
N MET H 273 23.12 48.04 20.46
CA MET H 273 24.50 47.59 20.58
C MET H 273 25.45 48.75 20.91
N ALA H 274 25.17 49.92 20.35
CA ALA H 274 26.19 50.97 20.26
C ALA H 274 25.85 52.19 21.13
N THR H 275 24.98 51.98 22.11
CA THR H 275 24.65 52.99 23.13
C THR H 275 24.85 52.32 24.48
N PRO H 276 25.36 53.06 25.48
CA PRO H 276 25.48 52.49 26.81
C PRO H 276 24.13 52.38 27.53
N ALA H 277 24.00 51.40 28.43
CA ALA H 277 22.88 51.39 29.35
C ALA H 277 23.04 52.48 30.40
N LYS H 278 21.94 52.82 31.06
CA LYS H 278 22.00 53.69 32.23
C LYS H 278 22.61 52.89 33.37
N LEU H 279 23.57 53.50 34.05
CA LEU H 279 24.11 52.96 35.30
C LEU H 279 23.16 53.31 36.42
N ASN H 280 22.74 52.28 37.16
CA ASN H 280 22.06 52.48 38.44
C ASN H 280 23.03 53.10 39.44
N ARG H 281 22.72 54.29 39.91
CA ARG H 281 23.40 54.89 41.06
C ARG H 281 22.40 55.23 42.16
N GLN H 282 22.89 55.49 43.36
CA GLN H 282 22.02 55.53 44.54
C GLN H 282 21.24 56.83 44.62
N ASN H 283 21.72 57.84 43.91
CA ASN H 283 20.94 59.06 43.65
C ASN H 283 20.49 59.20 42.19
N GLN H 284 20.60 58.11 41.41
CA GLN H 284 20.11 58.08 40.02
C GLN H 284 19.46 56.73 39.71
N ILE H 285 18.35 56.48 40.36
CA ILE H 285 17.81 55.13 40.43
C ILE H 285 17.07 54.79 39.14
N ALA H 286 16.19 55.68 38.69
CA ALA H 286 15.40 55.40 37.47
C ALA H 286 14.84 56.70 36.88
N VAL H 287 14.76 56.74 35.55
CA VAL H 287 14.50 58.01 34.84
C VAL H 287 13.03 58.40 34.87
N ASP H 288 12.78 59.69 34.69
CA ASP H 288 11.43 60.24 34.74
C ASP H 288 10.55 59.81 33.56
N GLU H 289 11.15 59.27 32.50
CA GLU H 289 10.34 58.78 31.37
C GLU H 289 9.46 57.58 31.76
N ILE H 290 9.93 56.75 32.69
CA ILE H 290 9.12 55.64 33.22
C ILE H 290 8.54 55.97 34.58
N ARG H 291 9.16 56.93 35.27
CA ARG H 291 8.71 57.36 36.60
C ARG H 291 7.57 58.39 36.53
N GLU H 292 7.47 59.11 35.41
CA GLU H 292 6.50 60.20 35.28
C GLU H 292 5.55 59.97 34.09
N ARG H 293 6.06 59.30 33.05
CA ARG H 293 5.45 59.38 31.72
C ARG H 293 5.34 58.01 31.03
N LEU H 294 5.38 56.94 31.82
CA LEU H 294 5.20 55.60 31.29
C LEU H 294 3.78 55.41 30.75
N PHE H 295 3.69 54.95 29.50
CA PHE H 295 2.40 54.72 28.83
C PHE H 295 1.55 55.98 28.71
N GLU H 296 2.20 57.14 28.69
CA GLU H 296 1.51 58.43 28.63
C GLU H 296 0.60 58.53 27.41
N GLN H 297 1.00 57.91 26.30
CA GLN H 297 0.29 58.03 25.03
C GLN H 297 -0.89 57.08 24.90
N VAL H 298 -0.99 56.09 25.78
CA VAL H 298 -2.02 55.06 25.69
C VAL H 298 -2.82 54.92 26.98
N MET H 299 -2.99 56.01 27.72
CA MET H 299 -3.99 56.05 28.78
C MET H 299 -4.19 57.47 29.28
N ARG H 300 -4.98 57.64 30.33
CA ARG H 300 -5.43 58.96 30.75
C ARG H 300 -4.33 59.73 31.47
N ILE H 301 -3.33 59.00 31.95
CA ILE H 301 -2.34 59.57 32.88
C ILE H 301 -1.04 58.81 32.73
N GLY H 302 0.08 59.51 32.87
CA GLY H 302 1.38 58.87 32.97
C GLY H 302 1.51 58.06 34.25
N LEU H 303 2.04 56.85 34.11
CA LEU H 303 2.25 55.98 35.27
C LEU H 303 3.63 56.23 35.89
N ASP H 304 3.83 55.68 37.08
CA ASP H 304 5.10 55.73 37.80
C ASP H 304 5.56 54.29 38.03
N LEU H 305 6.40 53.80 37.15
CA LEU H 305 6.71 52.37 37.09
C LEU H 305 7.42 51.88 38.35
N PRO H 306 8.41 52.65 38.83
CA PRO H 306 8.95 52.28 40.14
C PRO H 306 7.91 52.32 41.27
N ALA H 307 6.96 53.24 41.21
CA ALA H 307 5.87 53.23 42.17
C ALA H 307 5.05 51.96 42.00
N LEU H 308 4.80 51.57 40.75
CA LEU H 308 4.01 50.35 40.53
C LEU H 308 4.74 49.15 41.09
N ASN H 309 6.06 49.10 40.92
CA ASN H 309 6.86 48.00 41.46
C ASN H 309 6.57 47.80 42.96
N MET H 310 6.35 48.90 43.66
CA MET H 310 6.18 48.90 45.11
C MET H 310 4.75 48.54 45.55
N GLN H 311 3.76 49.05 44.81
CA GLN H 311 2.38 48.68 45.02
C GLN H 311 2.16 47.20 44.75
N ARG H 312 2.88 46.68 43.76
CA ARG H 312 2.76 45.29 43.34
C ARG H 312 3.37 44.32 44.34
N SER H 313 4.52 44.69 44.90
CA SER H 313 5.10 43.89 45.96
C SER H 313 4.11 43.76 47.10
N ARG H 314 3.32 44.81 47.32
CA ARG H 314 2.39 44.81 48.44
C ARG H 314 1.14 43.99 48.09
N ASP H 315 0.69 44.15 46.86
CA ASP H 315 -0.46 43.41 46.35
C ASP H 315 -0.18 41.91 46.35
N HIS H 316 1.10 41.55 46.18
CA HIS H 316 1.56 40.16 46.17
C HIS H 316 1.94 39.67 47.57
N GLY H 317 1.73 40.52 48.56
CA GLY H 317 1.94 40.14 49.93
C GLY H 317 3.40 39.82 50.24
N LEU H 318 4.30 40.43 49.46
CA LEU H 318 5.73 40.16 49.61
C LEU H 318 6.27 40.77 50.91
N PRO H 319 7.02 39.98 51.69
CA PRO H 319 7.71 40.48 52.88
C PRO H 319 8.72 41.60 52.58
N GLY H 320 9.08 42.36 53.60
CA GLY H 320 9.94 43.50 53.43
C GLY H 320 11.42 43.17 53.31
N TYR H 321 12.23 44.22 53.43
CA TYR H 321 13.61 44.20 53.01
C TYR H 321 14.45 43.29 53.93
N ASN H 322 14.31 43.46 55.24
CA ASN H 322 15.05 42.65 56.19
C ASN H 322 14.63 41.18 56.16
N ALA H 323 13.36 40.90 55.89
CA ALA H 323 12.93 39.51 55.81
C ALA H 323 13.61 38.83 54.63
N TRP H 324 13.79 39.55 53.53
CA TRP H 324 14.58 39.00 52.41
C TRP H 324 16.09 38.90 52.71
N ARG H 325 16.62 39.88 53.44
CA ARG H 325 18.01 39.85 53.85
C ARG H 325 18.26 38.59 54.69
N ARG H 326 17.42 38.38 55.70
CA ARG H 326 17.45 37.17 56.53
C ARG H 326 17.31 35.88 55.72
N PHE H 327 16.31 35.80 54.84
CA PHE H 327 16.20 34.65 53.93
C PHE H 327 17.52 34.34 53.26
N CYS H 328 18.24 35.40 52.88
CA CYS H 328 19.47 35.32 52.06
C CYS H 328 20.72 35.17 52.93
N GLY H 329 20.52 35.16 54.24
CA GLY H 329 21.63 35.00 55.18
C GLY H 329 22.44 36.26 55.31
N LEU H 330 21.82 37.41 55.08
CA LEU H 330 22.52 38.68 55.16
C LEU H 330 22.06 39.40 56.42
N PRO H 331 22.95 40.23 56.99
CA PRO H 331 22.57 40.98 58.19
C PRO H 331 21.41 41.93 57.89
N GLN H 332 20.55 42.11 58.89
CA GLN H 332 19.35 42.93 58.78
C GLN H 332 19.56 44.18 59.62
N PRO H 333 19.91 45.30 58.96
CA PRO H 333 20.11 46.54 59.71
C PRO H 333 18.81 47.00 60.37
N GLU H 334 18.88 47.50 61.60
CA GLU H 334 17.67 47.97 62.29
C GLU H 334 17.62 49.49 62.43
N THR H 335 18.78 50.13 62.46
CA THR H 335 18.86 51.58 62.69
C THR H 335 19.32 52.30 61.43
N VAL H 336 19.13 53.61 61.39
CA VAL H 336 19.54 54.39 60.23
C VAL H 336 21.04 54.20 60.02
N GLY H 337 21.79 54.20 61.11
CA GLY H 337 23.26 54.06 61.03
C GLY H 337 23.69 52.70 60.50
N GLN H 338 23.02 51.64 60.97
CA GLN H 338 23.27 50.29 60.47
C GLN H 338 22.87 50.18 59.01
N LEU H 339 21.78 50.85 58.64
CA LEU H 339 21.31 50.81 57.23
C LEU H 339 22.30 51.56 56.37
N GLY H 340 22.85 52.63 56.94
CA GLY H 340 23.88 53.41 56.28
C GLY H 340 25.11 52.58 56.00
N THR H 341 25.54 51.80 56.99
CA THR H 341 26.62 50.80 56.80
C THR H 341 26.29 49.83 55.68
N VAL H 342 25.21 49.07 55.81
CA VAL H 342 24.80 48.14 54.79
C VAL H 342 24.73 48.77 53.38
N LEU H 343 24.15 49.96 53.28
CA LEU H 343 23.92 50.61 51.99
C LEU H 343 25.19 51.31 51.48
N ARG H 344 26.17 51.45 52.37
CA ARG H 344 27.38 52.23 52.08
C ARG H 344 27.02 53.64 51.65
N ASN H 345 26.05 54.21 52.35
CA ASN H 345 25.46 55.49 51.98
C ASN H 345 24.50 55.94 53.08
N LEU H 346 24.98 56.82 53.95
CA LEU H 346 24.22 57.23 55.12
C LEU H 346 23.02 58.10 54.73
N LYS H 347 23.21 58.84 53.65
CA LYS H 347 22.25 59.82 53.17
C LYS H 347 21.05 59.12 52.53
N LEU H 348 21.30 58.05 51.77
CA LEU H 348 20.21 57.21 51.30
C LEU H 348 19.44 56.58 52.46
N ALA H 349 20.17 56.05 53.44
CA ALA H 349 19.58 55.37 54.57
C ALA H 349 18.61 56.28 55.31
N ARG H 350 18.97 57.56 55.39
CA ARG H 350 18.16 58.53 56.16
C ARG H 350 16.85 58.82 55.43
N LYS H 351 16.94 59.00 54.12
CA LYS H 351 15.76 59.16 53.28
C LYS H 351 14.87 57.94 53.39
N LEU H 352 15.46 56.75 53.29
CA LEU H 352 14.66 55.54 53.35
C LEU H 352 13.96 55.47 54.69
N MET H 353 14.67 55.80 55.77
CA MET H 353 14.10 55.73 57.11
C MET H 353 13.03 56.80 57.30
N GLU H 354 13.26 57.96 56.71
CA GLU H 354 12.22 58.99 56.62
C GLU H 354 10.90 58.40 56.07
N GLN H 355 10.98 57.61 55.01
CA GLN H 355 9.79 57.17 54.28
C GLN H 355 9.06 56.03 54.99
N TYR H 356 9.85 55.13 55.56
CA TYR H 356 9.41 53.78 55.89
C TYR H 356 9.33 53.57 57.39
N GLY H 357 10.17 54.28 58.14
CA GLY H 357 10.24 54.10 59.59
C GLY H 357 11.25 53.04 60.02
N THR H 358 11.25 51.91 59.30
CA THR H 358 12.15 50.80 59.60
C THR H 358 12.55 50.07 58.34
N PRO H 359 13.80 49.57 58.29
CA PRO H 359 14.21 48.74 57.15
C PRO H 359 13.39 47.46 57.00
N ASN H 360 12.72 47.05 58.09
CA ASN H 360 11.81 45.92 58.04
C ASN H 360 10.69 46.15 57.03
N ASN H 361 10.34 47.43 56.80
CA ASN H 361 9.21 47.77 55.92
C ASN H 361 9.62 48.25 54.52
N ILE H 362 10.92 48.42 54.24
CA ILE H 362 11.31 48.82 52.89
C ILE H 362 10.84 47.74 51.89
N ASP H 363 10.14 48.15 50.84
CA ASP H 363 9.64 47.21 49.84
C ASP H 363 10.80 46.62 49.04
N ILE H 364 10.66 45.35 48.68
CA ILE H 364 11.81 44.59 48.23
C ILE H 364 12.47 45.24 47.05
N TRP H 365 11.68 45.82 46.14
CA TRP H 365 12.28 46.38 44.93
C TRP H 365 13.17 47.56 45.33
N MET H 366 12.67 48.37 46.25
CA MET H 366 13.33 49.60 46.64
C MET H 366 14.61 49.30 47.43
N GLY H 367 14.56 48.34 48.34
CA GLY H 367 15.72 47.97 49.13
C GLY H 367 16.77 47.28 48.26
N GLY H 368 16.29 46.45 47.34
CA GLY H 368 17.16 45.73 46.41
C GLY H 368 18.01 46.66 45.57
N VAL H 369 17.39 47.64 44.92
CA VAL H 369 18.10 48.48 43.96
C VAL H 369 18.79 49.67 44.64
N SER H 370 18.62 49.80 45.95
CA SER H 370 19.30 50.81 46.73
C SER H 370 20.69 50.32 47.13
N GLU H 371 20.88 49.02 47.14
CA GLU H 371 22.14 48.44 47.60
C GLU H 371 23.29 48.74 46.65
N PRO H 372 24.49 48.96 47.22
CA PRO H 372 25.66 49.16 46.38
C PRO H 372 25.90 47.89 45.59
N LEU H 373 26.39 48.06 44.36
CA LEU H 373 26.44 46.95 43.40
C LEU H 373 27.72 46.16 43.66
N LYS H 374 27.65 44.86 43.44
CA LYS H 374 28.82 44.01 43.60
C LYS H 374 29.81 44.32 42.48
N ARG H 375 31.08 44.02 42.72
CA ARG H 375 32.11 44.28 41.75
C ARG H 375 31.81 43.58 40.41
N LYS H 376 31.84 44.37 39.32
CA LYS H 376 31.67 43.85 37.96
C LYS H 376 30.27 43.27 37.79
N GLY H 377 29.37 43.69 38.68
CA GLY H 377 27.96 43.37 38.60
C GLY H 377 27.11 44.64 38.74
N ARG H 378 25.79 44.48 38.61
CA ARG H 378 24.85 45.61 38.55
C ARG H 378 23.66 45.40 39.50
N VAL H 379 23.83 44.43 40.40
CA VAL H 379 23.00 44.34 41.60
C VAL H 379 23.88 44.25 42.84
N GLY H 380 23.27 44.56 43.99
CA GLY H 380 23.88 44.29 45.28
C GLY H 380 23.58 42.89 45.79
N PRO H 381 23.99 42.61 47.03
CA PRO H 381 24.04 41.24 47.48
C PRO H 381 22.66 40.61 47.63
N LEU H 382 21.64 41.39 47.96
CA LEU H 382 20.31 40.85 48.20
C LEU H 382 19.71 40.38 46.91
N LEU H 383 19.82 41.22 45.87
CA LEU H 383 19.26 40.88 44.58
C LEU H 383 20.11 39.81 43.92
N ALA H 384 21.40 39.81 44.22
CA ALA H 384 22.30 38.74 43.75
C ALA H 384 21.78 37.37 44.18
N CYS H 385 21.41 37.29 45.45
CA CYS H 385 20.89 36.08 46.08
C CYS H 385 19.54 35.66 45.46
N ILE H 386 18.65 36.63 45.29
CA ILE H 386 17.29 36.31 44.84
C ILE H 386 17.34 35.90 43.38
N ILE H 387 18.05 36.68 42.58
CA ILE H 387 18.17 36.39 41.16
C ILE H 387 19.07 35.17 40.95
N GLY H 388 20.22 35.16 41.62
CA GLY H 388 21.12 34.00 41.61
C GLY H 388 20.41 32.69 41.93
N THR H 389 19.62 32.68 42.98
CA THR H 389 18.94 31.46 43.38
C THR H 389 17.90 31.07 42.32
N GLN H 390 17.18 32.04 41.79
CA GLN H 390 16.11 31.73 40.86
C GLN H 390 16.71 31.03 39.65
N PHE H 391 17.76 31.61 39.07
CA PHE H 391 18.37 31.06 37.87
C PHE H 391 19.13 29.73 38.07
N ARG H 392 19.65 29.47 39.27
CA ARG H 392 20.17 28.14 39.58
C ARG H 392 19.09 27.06 39.52
N LYS H 393 17.87 27.42 39.89
CA LYS H 393 16.75 26.48 39.88
C LYS H 393 16.21 26.27 38.48
N LEU H 394 16.12 27.36 37.72
CA LEU H 394 15.69 27.28 36.34
C LEU H 394 16.65 26.46 35.49
N ARG H 395 17.91 26.37 35.94
CA ARG H 395 18.89 25.56 35.27
C ARG H 395 18.88 24.12 35.78
N ASP H 396 19.24 23.93 37.05
CA ASP H 396 19.43 22.58 37.57
C ASP H 396 18.14 21.78 37.52
N GLY H 397 17.01 22.48 37.41
CA GLY H 397 15.71 21.83 37.52
C GLY H 397 14.93 21.77 36.22
N ASP H 398 15.63 21.97 35.11
CA ASP H 398 15.01 21.90 33.81
C ASP H 398 15.58 20.66 33.11
N ARG H 399 14.71 19.69 32.80
CA ARG H 399 15.13 18.40 32.28
C ARG H 399 15.66 18.59 30.89
N PHE H 400 15.31 19.73 30.29
CA PHE H 400 15.69 20.10 28.95
C PHE H 400 16.79 21.16 28.88
N TRP H 401 17.46 21.38 29.99
CA TRP H 401 18.67 22.21 29.95
C TRP H 401 19.64 21.71 28.87
N TRP H 402 20.31 22.60 28.14
CA TRP H 402 20.99 22.24 26.88
C TRP H 402 22.20 21.30 27.05
N GLU H 403 22.76 21.25 28.26
CA GLU H 403 23.89 20.36 28.53
C GLU H 403 23.47 19.07 29.27
N ASN H 404 22.21 18.99 29.69
CA ASN H 404 21.69 17.73 30.23
C ASN H 404 21.87 16.59 29.26
N GLU H 405 22.42 15.48 29.72
CA GLU H 405 22.60 14.32 28.86
C GLU H 405 21.27 13.96 28.18
N GLY H 406 21.34 13.61 26.91
CA GLY H 406 20.17 13.16 26.16
C GLY H 406 19.49 14.28 25.38
N VAL H 407 19.67 15.52 25.82
CA VAL H 407 18.93 16.63 25.25
C VAL H 407 19.43 16.94 23.89
N PHE H 408 20.75 17.18 23.79
CA PHE H 408 21.47 17.16 22.52
C PHE H 408 22.59 16.13 22.59
N SER H 409 23.12 15.76 21.44
CA SER H 409 24.34 14.96 21.38
C SER H 409 25.56 15.80 21.70
N MET H 410 26.68 15.13 21.96
CA MET H 410 27.96 15.81 22.19
C MET H 410 28.30 16.76 21.04
N GLN H 411 28.19 16.27 19.81
CA GLN H 411 28.56 17.10 18.68
C GLN H 411 27.64 18.32 18.59
N GLN H 412 26.34 18.13 18.81
CA GLN H 412 25.41 19.26 18.77
C GLN H 412 25.71 20.27 19.90
N ARG H 413 26.14 19.78 21.05
CA ARG H 413 26.47 20.68 22.16
C ARG H 413 27.68 21.54 21.78
N GLN H 414 28.68 20.89 21.19
CA GLN H 414 29.92 21.55 20.81
C GLN H 414 29.66 22.63 19.74
N ALA H 415 28.66 22.39 18.89
CA ALA H 415 28.21 23.39 17.92
C ALA H 415 27.47 24.57 18.57
N LEU H 416 26.60 24.28 19.52
CA LEU H 416 25.75 25.30 20.14
C LEU H 416 26.57 26.28 20.98
N ALA H 417 27.65 25.77 21.58
CA ALA H 417 28.59 26.58 22.36
C ALA H 417 29.24 27.70 21.56
N GLN H 418 29.25 27.56 20.23
CA GLN H 418 29.82 28.55 19.35
C GLN H 418 28.87 29.72 19.06
N ILE H 419 27.57 29.58 19.34
CA ILE H 419 26.59 30.64 19.01
C ILE H 419 26.83 31.89 19.84
N SER H 420 26.32 33.01 19.34
CA SER H 420 26.21 34.22 20.15
C SER H 420 25.19 35.16 19.52
N LEU H 421 24.79 36.17 20.28
CA LEU H 421 23.76 37.10 19.82
C LEU H 421 24.28 37.98 18.65
N PRO H 422 25.52 38.48 18.73
CA PRO H 422 26.00 39.22 17.57
C PRO H 422 25.82 38.45 16.26
N ARG H 423 26.16 37.18 16.24
CA ARG H 423 26.11 36.40 15.00
C ARG H 423 24.64 36.13 14.54
N ILE H 424 23.78 35.83 15.49
CA ILE H 424 22.32 35.77 15.24
C ILE H 424 21.82 37.03 14.54
N ILE H 425 22.27 38.19 15.00
CA ILE H 425 21.92 39.46 14.35
C ILE H 425 22.48 39.50 12.92
N CYS H 426 23.71 39.02 12.72
CA CYS H 426 24.34 39.04 11.39
C CYS H 426 23.52 38.22 10.40
N ASP H 427 22.91 37.14 10.89
CA ASP H 427 22.28 36.15 10.02
C ASP H 427 20.85 36.52 9.65
N ASN H 428 20.28 37.50 10.35
CA ASN H 428 18.85 37.70 10.33
C ASN H 428 18.45 39.17 10.10
N THR H 429 19.43 40.04 9.92
CA THR H 429 19.16 41.45 9.67
C THR H 429 19.94 41.91 8.44
N GLY H 430 19.80 43.20 8.11
CA GLY H 430 20.69 43.84 7.14
C GLY H 430 22.03 44.28 7.73
N ILE H 431 22.19 44.13 9.05
CA ILE H 431 23.40 44.58 9.73
C ILE H 431 24.61 43.68 9.44
N THR H 432 25.71 44.30 9.05
CA THR H 432 26.94 43.60 8.66
C THR H 432 28.15 43.96 9.55
N THR H 433 27.99 44.93 10.45
CA THR H 433 28.97 45.17 11.54
C THR H 433 28.29 45.14 12.91
N VAL H 434 28.86 44.39 13.86
CA VAL H 434 28.18 44.08 15.13
C VAL H 434 29.16 44.13 16.30
N SER H 435 28.63 44.09 17.53
CA SER H 435 29.43 44.17 18.75
C SER H 435 30.41 43.01 18.83
N LYS H 436 31.61 43.26 19.34
CA LYS H 436 32.47 42.18 19.88
C LYS H 436 31.82 41.53 21.09
N ASN H 437 32.11 40.24 21.31
CA ASN H 437 31.75 39.57 22.56
C ASN H 437 32.56 40.17 23.71
N ASN H 438 31.98 40.33 24.89
CA ASN H 438 30.62 40.07 25.24
C ASN H 438 29.74 41.20 24.72
N ILE H 439 28.68 40.86 23.98
CA ILE H 439 27.79 41.89 23.42
C ILE H 439 27.17 42.82 24.46
N PHE H 440 26.93 42.31 25.68
CA PHE H 440 26.33 43.12 26.76
C PHE H 440 27.33 44.10 27.40
N MET H 441 28.63 43.86 27.20
CA MET H 441 29.65 44.82 27.68
C MET H 441 30.06 45.81 26.59
N SER H 442 30.40 45.31 25.41
CA SER H 442 30.68 46.16 24.24
C SER H 442 29.59 47.21 24.03
N ASN H 443 29.98 48.47 23.87
CA ASN H 443 29.00 49.56 23.86
C ASN H 443 29.42 50.83 23.10
N SER H 444 30.39 50.71 22.19
CA SER H 444 31.04 51.89 21.66
C SER H 444 31.58 51.61 20.27
N TYR H 445 31.01 52.29 19.28
CA TYR H 445 31.43 52.14 17.89
C TYR H 445 32.46 53.21 17.63
N PRO H 446 33.52 52.88 16.86
CA PRO H 446 33.81 51.58 16.25
C PRO H 446 34.70 50.69 17.12
N ARG H 447 35.11 51.21 18.27
CA ARG H 447 36.06 50.52 19.15
C ARG H 447 35.65 49.06 19.40
N ASP H 448 34.38 48.84 19.66
CA ASP H 448 33.93 47.58 20.25
C ASP H 448 33.20 46.68 19.25
N PHE H 449 33.51 46.81 17.97
CA PHE H 449 32.68 46.25 16.91
C PHE H 449 33.54 45.54 15.88
N VAL H 450 32.96 44.52 15.23
CA VAL H 450 33.69 43.78 14.20
C VAL H 450 32.83 43.54 12.96
N ASN H 451 33.46 43.17 11.84
CA ASN H 451 32.72 42.77 10.65
C ASN H 451 32.07 41.42 10.87
N CYS H 452 30.85 41.25 10.38
CA CYS H 452 30.10 40.00 10.53
C CYS H 452 30.84 38.83 9.92
N SER H 453 31.58 39.10 8.83
CA SER H 453 32.28 38.07 8.09
C SER H 453 33.35 37.37 8.90
N THR H 454 33.62 37.89 10.10
CA THR H 454 34.66 37.35 10.96
C THR H 454 34.09 36.37 11.98
N LEU H 455 32.80 36.52 12.29
CA LEU H 455 32.11 35.60 13.19
C LEU H 455 31.53 34.43 12.38
N PRO H 456 31.93 33.20 12.71
CA PRO H 456 31.39 32.05 11.98
C PRO H 456 29.98 31.69 12.44
N ALA H 457 29.13 31.25 11.51
CA ALA H 457 27.73 30.94 11.83
C ALA H 457 27.60 29.55 12.46
N LEU H 458 26.38 29.21 12.87
CA LEU H 458 26.10 27.93 13.48
C LEU H 458 26.29 26.80 12.48
N ASN H 459 27.09 25.81 12.85
CA ASN H 459 27.27 24.62 12.02
C ASN H 459 26.27 23.53 12.40
N LEU H 460 25.37 23.23 11.46
CA LEU H 460 24.31 22.25 11.68
C LEU H 460 24.69 20.81 11.30
N ALA H 461 25.91 20.57 10.83
CA ALA H 461 26.29 19.24 10.36
C ALA H 461 25.73 18.14 11.27
N SER H 462 25.83 18.34 12.57
CA SER H 462 25.52 17.27 13.50
C SER H 462 24.00 17.06 13.65
N TRP H 463 23.18 17.90 13.01
CA TRP H 463 21.73 17.70 12.93
C TRP H 463 21.29 16.80 11.75
N ARG H 464 22.23 16.47 10.87
CA ARG H 464 21.95 15.59 9.73
C ARG H 464 21.67 14.17 10.24
N GLU H 465 20.42 13.73 10.06
CA GLU H 465 20.02 12.37 10.43
C GLU H 465 20.84 11.31 9.70
N ALA H 466 20.83 11.39 8.38
CA ALA H 466 21.92 10.88 7.54
C ALA H 466 21.99 9.36 7.54
N CYS I 1 -31.45 49.78 -7.95
CA CYS I 1 -31.21 49.10 -6.64
C CYS I 1 -31.06 50.13 -5.55
N PRO I 2 -31.59 49.83 -4.35
CA PRO I 2 -31.21 50.64 -3.20
C PRO I 2 -29.74 50.43 -2.86
N GLU I 3 -28.89 51.18 -3.57
CA GLU I 3 -27.75 51.85 -2.97
C GLU I 3 -27.13 51.17 -1.75
N GLN I 4 -27.88 51.06 -0.65
CA GLN I 4 -27.45 50.18 0.46
C GLN I 4 -28.59 49.52 1.25
N ASP I 5 -28.32 48.29 1.69
CA ASP I 5 -29.34 47.32 2.07
C ASP I 5 -28.76 46.32 3.07
N LYS I 6 -29.54 45.95 4.07
CA LYS I 6 -29.08 45.04 5.11
C LYS I 6 -29.31 43.58 4.72
N TYR I 7 -30.32 43.34 3.88
CA TYR I 7 -30.81 41.98 3.66
C TYR I 7 -30.91 41.60 2.18
N ARG I 8 -30.78 40.31 1.88
CA ARG I 8 -31.05 39.82 0.53
C ARG I 8 -32.48 40.15 0.10
N THR I 9 -32.66 40.39 -1.19
CA THR I 9 -33.99 40.30 -1.78
C THR I 9 -34.38 38.83 -1.87
N ILE I 10 -35.69 38.58 -1.92
CA ILE I 10 -36.20 37.23 -2.05
C ILE I 10 -35.77 36.63 -3.39
N THR I 11 -35.80 37.45 -4.44
CA THR I 11 -35.56 36.98 -5.80
C THR I 11 -34.08 36.95 -6.12
N GLY I 12 -33.31 37.69 -5.32
CA GLY I 12 -31.85 37.77 -5.51
C GLY I 12 -31.41 38.94 -6.39
N MET I 13 -32.38 39.60 -7.03
CA MET I 13 -32.12 40.87 -7.71
C MET I 13 -31.29 41.80 -6.82
N CYS I 14 -30.33 42.48 -7.42
CA CYS I 14 -29.61 43.57 -6.77
C CYS I 14 -28.50 43.06 -5.84
N ASN I 15 -28.26 41.75 -5.84
CA ASN I 15 -27.07 41.23 -5.17
C ASN I 15 -25.82 41.86 -5.77
N ASN I 16 -25.70 41.67 -7.08
CA ASN I 16 -24.76 42.41 -7.92
C ASN I 16 -25.38 43.71 -8.44
N ARG I 17 -24.74 44.84 -8.12
CA ARG I 17 -25.37 46.11 -8.36
C ARG I 17 -25.08 46.68 -9.74
N ARG I 18 -24.07 46.13 -10.40
CA ARG I 18 -23.75 46.51 -11.78
C ARG I 18 -24.58 45.73 -12.78
N SER I 19 -24.81 44.45 -12.47
CA SER I 19 -25.69 43.60 -13.26
C SER I 19 -26.73 42.92 -12.34
N PRO I 20 -27.87 43.60 -12.12
CA PRO I 20 -28.66 43.23 -10.95
C PRO I 20 -29.57 42.01 -11.10
N THR I 21 -29.60 41.38 -12.27
CA THR I 21 -30.33 40.11 -12.40
C THR I 21 -29.46 38.90 -12.13
N LEU I 22 -28.14 39.08 -12.12
CA LEU I 22 -27.23 37.93 -12.09
C LEU I 22 -27.42 37.19 -10.78
N GLY I 23 -27.80 35.91 -10.87
CA GLY I 23 -28.05 35.12 -9.66
C GLY I 23 -29.50 35.21 -9.21
N ALA I 24 -30.24 36.10 -9.85
CA ALA I 24 -31.65 36.30 -9.58
C ALA I 24 -32.47 35.14 -10.16
N SER I 25 -33.66 34.95 -9.62
CA SER I 25 -34.48 33.82 -10.04
C SER I 25 -35.20 34.13 -11.35
N ASN I 26 -35.62 33.07 -12.02
CA ASN I 26 -36.39 33.18 -13.26
C ASN I 26 -35.56 33.87 -14.35
N ARG I 27 -34.29 33.50 -14.40
CA ARG I 27 -33.45 33.96 -15.49
C ARG I 27 -32.82 32.74 -16.12
N ALA I 28 -32.30 32.93 -17.32
CA ALA I 28 -31.56 31.91 -18.05
C ALA I 28 -30.29 31.47 -17.33
N PHE I 29 -29.94 30.19 -17.48
CA PHE I 29 -28.65 29.71 -17.01
C PHE I 29 -27.56 30.43 -17.76
N VAL I 30 -26.41 30.57 -17.13
CA VAL I 30 -25.22 30.97 -17.84
C VAL I 30 -24.73 29.75 -18.62
N ARG I 31 -24.15 29.97 -19.80
CA ARG I 31 -23.48 28.83 -20.45
C ARG I 31 -21.95 28.95 -20.31
N TRP I 32 -21.29 27.87 -19.93
CA TRP I 32 -19.82 27.85 -19.89
C TRP I 32 -19.25 27.30 -21.19
N LEU I 33 -20.12 26.67 -21.98
CA LEU I 33 -19.76 26.29 -23.34
C LEU I 33 -20.98 26.45 -24.24
N PRO I 34 -20.74 26.77 -25.52
CA PRO I 34 -21.88 26.89 -26.47
C PRO I 34 -22.64 25.59 -26.59
N ALA I 35 -23.95 25.72 -26.75
CA ALA I 35 -24.86 24.57 -26.78
C ALA I 35 -24.64 23.71 -28.04
N GLU I 36 -25.02 22.44 -27.95
CA GLU I 36 -24.86 21.48 -29.01
C GLU I 36 -26.20 20.79 -29.26
N TYR I 37 -26.85 21.22 -30.34
CA TYR I 37 -28.18 20.71 -30.67
C TYR I 37 -28.11 20.09 -32.05
N GLU I 38 -29.01 19.15 -32.28
CA GLU I 38 -29.12 18.44 -33.55
C GLU I 38 -29.17 19.39 -34.73
N ASP I 39 -29.90 20.50 -34.59
CA ASP I 39 -30.03 21.45 -35.70
C ASP I 39 -29.19 22.70 -35.44
N GLY I 40 -28.36 22.67 -34.39
CA GLY I 40 -27.55 23.82 -33.98
C GLY I 40 -28.22 24.77 -33.00
N PHE I 41 -29.54 24.70 -32.85
CA PHE I 41 -30.22 25.72 -32.08
C PHE I 41 -31.43 25.33 -31.20
N SER I 42 -31.91 24.10 -31.30
CA SER I 42 -33.20 23.77 -30.67
C SER I 42 -33.47 22.29 -30.38
N LEU I 43 -33.32 21.47 -31.41
CA LEU I 43 -33.69 20.06 -31.31
C LEU I 43 -32.57 19.27 -30.63
N PRO I 44 -32.90 18.50 -29.56
CA PRO I 44 -31.88 17.72 -28.90
C PRO I 44 -31.39 16.58 -29.78
N TYR I 45 -30.17 16.13 -29.52
CA TYR I 45 -29.66 14.91 -30.13
C TYR I 45 -30.51 13.72 -29.71
N GLY I 46 -30.88 12.91 -30.69
CA GLY I 46 -31.78 11.81 -30.47
C GLY I 46 -33.17 12.08 -31.01
N TRP I 47 -33.41 13.32 -31.44
CA TRP I 47 -34.75 13.73 -31.96
C TRP I 47 -35.13 13.07 -33.27
N THR I 48 -34.29 13.25 -34.28
CA THR I 48 -34.63 12.81 -35.65
C THR I 48 -33.96 11.46 -35.86
N PRO I 49 -34.77 10.42 -36.11
CA PRO I 49 -34.19 9.13 -36.43
C PRO I 49 -33.19 9.27 -37.57
N GLY I 50 -32.00 8.71 -37.39
CA GLY I 50 -31.03 8.65 -38.48
C GLY I 50 -29.99 9.75 -38.37
N VAL I 51 -30.23 10.76 -37.54
CA VAL I 51 -29.29 11.86 -37.39
C VAL I 51 -28.21 11.50 -36.35
N LYS I 52 -26.98 11.41 -36.82
CA LYS I 52 -25.87 10.98 -35.98
C LYS I 52 -25.34 12.20 -35.26
N ARG I 53 -24.55 11.97 -34.20
CA ARG I 53 -23.85 13.06 -33.51
C ARG I 53 -22.34 12.98 -33.74
N ASN I 54 -21.82 13.88 -34.58
CA ASN I 54 -20.39 13.99 -34.76
C ASN I 54 -19.89 12.64 -35.27
N GLY I 55 -20.72 12.01 -36.10
CA GLY I 55 -20.29 10.88 -36.93
C GLY I 55 -20.74 9.54 -36.35
N PHE I 56 -21.39 9.57 -35.20
CA PHE I 56 -21.80 8.34 -34.53
C PHE I 56 -23.27 8.36 -34.14
N PRO I 57 -23.88 7.18 -34.01
CA PRO I 57 -25.28 7.14 -33.61
C PRO I 57 -25.49 7.64 -32.19
N VAL I 58 -26.58 8.37 -31.97
CA VAL I 58 -26.95 8.77 -30.62
C VAL I 58 -27.39 7.55 -29.81
N ALA I 59 -26.65 7.23 -28.75
CA ALA I 59 -27.00 6.13 -27.86
C ALA I 59 -28.32 6.43 -27.16
N LEU I 60 -29.27 5.49 -27.15
CA LEU I 60 -30.45 5.63 -26.28
C LEU I 60 -29.98 5.81 -24.85
N ALA I 61 -30.51 6.81 -24.14
CA ALA I 61 -30.16 7.03 -22.74
C ALA I 61 -30.50 5.80 -21.88
N ARG I 62 -31.57 5.12 -22.24
CA ARG I 62 -31.99 3.93 -21.52
C ARG I 62 -31.07 2.71 -21.81
N ALA I 63 -30.56 2.61 -23.03
CA ALA I 63 -29.56 1.58 -23.35
C ALA I 63 -28.29 1.77 -22.50
N VAL I 64 -27.88 3.02 -22.32
CA VAL I 64 -26.63 3.34 -21.61
C VAL I 64 -26.75 3.02 -20.14
N SER I 65 -27.89 3.43 -19.57
CA SER I 65 -28.31 3.05 -18.24
C SER I 65 -28.25 1.54 -18.07
N ASN I 66 -28.87 0.83 -19.00
CA ASN I 66 -28.96 -0.64 -18.88
C ASN I 66 -27.58 -1.30 -18.93
N GLU I 67 -26.68 -0.81 -19.78
CA GLU I 67 -25.42 -1.49 -20.05
C GLU I 67 -24.32 -1.04 -19.09
N ILE I 68 -24.43 0.19 -18.63
CA ILE I 68 -23.34 0.76 -17.85
C ILE I 68 -23.76 1.02 -16.40
N VAL I 69 -25.01 1.41 -16.17
CA VAL I 69 -25.39 1.87 -14.84
C VAL I 69 -26.01 0.74 -14.00
N ARG I 70 -26.80 -0.10 -14.64
CA ARG I 70 -27.36 -1.28 -13.99
C ARG I 70 -26.31 -2.11 -13.22
N PHE I 71 -26.63 -2.46 -11.96
CA PHE I 71 -25.90 -3.52 -11.26
C PHE I 71 -26.77 -4.21 -10.21
N PRO I 72 -26.40 -5.43 -9.80
CA PRO I 72 -27.11 -6.11 -8.71
C PRO I 72 -27.06 -5.36 -7.37
N THR I 73 -28.23 -5.01 -6.87
CA THR I 73 -28.33 -4.31 -5.60
C THR I 73 -27.62 -5.04 -4.42
N ASP I 74 -27.62 -6.37 -4.41
CA ASP I 74 -27.02 -7.08 -3.26
C ASP I 74 -25.49 -7.02 -3.23
N GLN I 75 -24.90 -6.35 -4.21
CA GLN I 75 -23.45 -6.10 -4.25
C GLN I 75 -23.09 -4.67 -3.85
N LEU I 76 -24.12 -3.84 -3.60
CA LEU I 76 -23.92 -2.46 -3.17
C LEU I 76 -22.84 -2.34 -2.07
N THR I 77 -21.98 -1.34 -2.20
CA THR I 77 -20.90 -1.12 -1.27
C THR I 77 -21.18 0.10 -0.40
N PRO I 78 -21.34 -0.09 0.91
CA PRO I 78 -21.44 1.07 1.79
C PRO I 78 -20.14 1.89 1.84
N ASP I 79 -20.29 3.21 1.79
CA ASP I 79 -19.19 4.13 2.00
C ASP I 79 -18.85 4.14 3.47
N GLN I 80 -17.67 3.63 3.80
CA GLN I 80 -17.26 3.48 5.20
C GLN I 80 -16.73 4.78 5.78
N GLU I 81 -16.62 5.83 4.94
CA GLU I 81 -16.33 7.18 5.42
C GLU I 81 -17.34 8.27 4.99
N ARG I 82 -18.54 7.91 4.55
CA ARG I 82 -19.63 8.90 4.42
C ARG I 82 -20.95 8.43 5.04
N SER I 83 -21.69 9.37 5.62
CA SER I 83 -23.03 9.05 6.11
C SER I 83 -24.04 9.29 5.01
N LEU I 84 -25.25 8.78 5.21
CA LEU I 84 -26.32 9.02 4.26
C LEU I 84 -26.69 10.52 4.28
N MET I 85 -26.40 11.17 5.40
CA MET I 85 -26.66 12.62 5.50
C MET I 85 -25.87 13.42 4.44
N PHE I 86 -24.78 12.83 3.97
CA PHE I 86 -23.93 13.48 3.00
C PHE I 86 -24.61 13.47 1.64
N MET I 87 -25.40 12.43 1.40
CA MET I 87 -26.32 12.39 0.27
C MET I 87 -27.41 13.44 0.43
N GLN I 88 -28.02 13.50 1.61
CA GLN I 88 -29.22 14.31 1.76
C GLN I 88 -28.94 15.78 1.70
N TRP I 89 -27.83 16.20 2.30
CA TRP I 89 -27.41 17.59 2.25
C TRP I 89 -27.19 18.01 0.79
N GLY I 90 -26.56 17.13 0.02
CA GLY I 90 -26.35 17.41 -1.40
C GLY I 90 -27.64 17.76 -2.14
N GLN I 91 -28.70 17.01 -1.85
CA GLN I 91 -30.00 17.24 -2.51
C GLN I 91 -30.62 18.54 -2.03
N LEU I 92 -30.63 18.74 -0.70
CA LEU I 92 -31.14 19.95 -0.11
C LEU I 92 -30.42 21.18 -0.67
N LEU I 93 -29.11 21.10 -0.75
CA LEU I 93 -28.30 22.22 -1.24
C LEU I 93 -28.64 22.48 -2.70
N ASP I 94 -28.72 21.41 -3.48
CA ASP I 94 -29.16 21.50 -4.86
C ASP I 94 -30.43 22.32 -4.99
N HIS I 95 -31.33 22.19 -4.01
CA HIS I 95 -32.64 22.79 -4.13
C HIS I 95 -32.65 24.24 -3.62
N ASP I 96 -31.47 24.67 -3.17
CA ASP I 96 -31.11 26.08 -2.98
C ASP I 96 -30.64 26.69 -4.32
N LEU I 97 -30.02 25.87 -5.16
CA LEU I 97 -29.23 26.38 -6.26
C LEU I 97 -30.00 26.47 -7.59
N ASP I 98 -30.70 25.40 -7.97
CA ASP I 98 -31.36 25.33 -9.27
C ASP I 98 -32.61 24.48 -9.29
N PHE I 99 -33.60 25.00 -10.00
CA PHE I 99 -34.77 24.26 -10.41
C PHE I 99 -35.08 24.68 -11.84
N THR I 100 -35.13 23.70 -12.73
CA THR I 100 -35.31 23.96 -14.14
C THR I 100 -36.78 23.67 -14.58
N PRO I 101 -37.58 24.71 -14.79
CA PRO I 101 -39.00 24.36 -14.99
C PRO I 101 -39.28 23.70 -16.33
N GLU I 102 -40.37 22.93 -16.37
CA GLU I 102 -40.87 22.25 -17.59
C GLU I 102 -42.36 22.56 -17.73
N PRO I 103 -42.96 22.28 -18.89
CA PRO I 103 -44.42 22.43 -18.95
C PRO I 103 -45.14 21.41 -18.08
N ALA I 104 -46.34 21.77 -17.62
CA ALA I 104 -47.12 20.92 -16.72
C ALA I 104 -47.87 19.82 -17.49
N VAL J 1 -51.22 16.02 -27.13
CA VAL J 1 -49.87 15.85 -26.55
C VAL J 1 -49.86 14.85 -25.40
N ASN J 2 -50.04 15.33 -24.16
CA ASN J 2 -49.71 14.57 -22.93
C ASN J 2 -48.47 13.65 -22.99
N CYS J 3 -47.38 14.17 -22.44
CA CYS J 3 -46.12 13.44 -22.42
C CYS J 3 -46.14 12.33 -21.38
N GLU J 4 -47.11 12.37 -20.46
CA GLU J 4 -47.13 11.44 -19.33
C GLU J 4 -47.92 10.18 -19.66
N THR J 5 -48.77 10.27 -20.67
CA THR J 5 -49.69 9.20 -20.98
C THR J 5 -49.57 8.66 -22.40
N SER J 6 -48.69 9.23 -23.21
CA SER J 6 -48.37 8.65 -24.52
C SER J 6 -46.87 8.70 -24.86
N CYS J 7 -46.52 8.10 -25.99
CA CYS J 7 -45.13 8.11 -26.44
C CYS J 7 -44.96 8.89 -27.74
N VAL J 8 -45.94 9.73 -28.06
CA VAL J 8 -45.86 10.57 -29.27
C VAL J 8 -44.76 11.60 -29.09
N GLN J 9 -43.84 11.68 -30.05
CA GLN J 9 -42.80 12.72 -30.01
C GLN J 9 -43.27 13.99 -30.72
N GLN J 10 -43.89 14.87 -29.94
CA GLN J 10 -44.17 16.24 -30.38
C GLN J 10 -43.99 17.19 -29.21
N PRO J 11 -43.58 18.44 -29.49
CA PRO J 11 -43.28 19.36 -28.39
C PRO J 11 -44.47 19.52 -27.45
N PRO J 12 -44.23 19.52 -26.13
CA PRO J 12 -42.93 19.56 -25.45
C PRO J 12 -42.31 18.20 -25.14
N CYS J 13 -42.87 17.12 -25.68
CA CYS J 13 -42.50 15.78 -25.22
C CYS J 13 -41.19 15.34 -25.87
N PHE J 14 -40.30 14.70 -25.13
CA PHE J 14 -39.12 14.09 -25.73
C PHE J 14 -38.94 12.71 -25.12
N PRO J 15 -39.90 11.81 -25.36
CA PRO J 15 -39.86 10.56 -24.62
C PRO J 15 -38.58 9.74 -24.89
N LEU J 16 -38.13 8.99 -23.88
CA LEU J 16 -36.96 8.13 -24.02
C LEU J 16 -37.40 6.87 -24.72
N LYS J 17 -36.80 6.60 -25.88
CA LYS J 17 -37.03 5.35 -26.60
C LYS J 17 -36.37 4.16 -25.87
N ILE J 18 -36.93 2.98 -26.12
CA ILE J 18 -36.58 1.78 -25.37
C ILE J 18 -35.78 0.85 -26.28
N PRO J 19 -34.63 0.34 -25.79
CA PRO J 19 -33.82 -0.58 -26.57
C PRO J 19 -34.43 -1.98 -26.67
N PRO J 20 -33.99 -2.77 -27.65
CA PRO J 20 -34.33 -4.19 -27.61
C PRO J 20 -33.76 -4.88 -26.37
N ASN J 21 -34.48 -5.87 -25.88
CA ASN J 21 -34.02 -6.69 -24.77
C ASN J 21 -33.84 -5.85 -23.52
N ASP J 22 -34.64 -4.79 -23.38
CA ASP J 22 -34.72 -4.05 -22.13
C ASP J 22 -35.08 -5.01 -21.00
N PRO J 23 -34.49 -4.80 -19.81
CA PRO J 23 -34.82 -5.74 -18.74
C PRO J 23 -36.23 -5.60 -18.15
N ARG J 24 -36.91 -4.49 -18.42
CA ARG J 24 -38.21 -4.25 -17.82
C ARG J 24 -39.32 -3.98 -18.85
N ILE J 25 -39.06 -3.07 -19.79
CA ILE J 25 -40.09 -2.63 -20.72
C ILE J 25 -39.98 -3.43 -22.03
N LYS J 26 -40.80 -4.47 -22.15
CA LYS J 26 -40.54 -5.50 -23.14
C LYS J 26 -41.06 -5.05 -24.50
N ASN J 27 -41.92 -4.03 -24.50
CA ASN J 27 -42.43 -3.50 -25.78
C ASN J 27 -41.58 -2.33 -26.25
N GLN J 28 -41.01 -2.48 -27.43
CA GLN J 28 -39.99 -1.57 -27.91
C GLN J 28 -40.60 -0.29 -28.47
N ALA J 29 -41.92 -0.27 -28.62
CA ALA J 29 -42.61 0.93 -29.09
C ALA J 29 -43.02 1.84 -27.94
N ASP J 30 -42.80 1.39 -26.72
CA ASP J 30 -43.19 2.18 -25.56
C ASP J 30 -42.07 3.13 -25.17
N CYS J 31 -42.12 3.73 -23.99
CA CYS J 31 -41.16 4.79 -23.71
C CYS J 31 -41.10 5.11 -22.24
N ILE J 32 -40.08 5.87 -21.86
CA ILE J 32 -40.10 6.58 -20.61
C ILE J 32 -40.46 8.04 -20.83
N PRO J 33 -41.43 8.55 -20.03
CA PRO J 33 -41.98 9.91 -20.15
C PRO J 33 -40.93 10.98 -19.92
N PHE J 34 -41.00 12.04 -20.71
CA PHE J 34 -40.00 13.13 -20.61
C PHE J 34 -40.52 14.45 -21.22
N PHE J 35 -40.67 15.47 -20.36
CA PHE J 35 -40.97 16.83 -20.76
C PHE J 35 -39.68 17.64 -20.94
N ARG J 36 -39.53 18.26 -22.10
CA ARG J 36 -38.45 19.22 -22.35
C ARG J 36 -38.53 20.42 -21.44
N SER J 37 -37.37 20.83 -20.94
CA SER J 37 -37.25 22.03 -20.13
C SER J 37 -37.77 23.26 -20.89
N CSO J 38 -38.48 24.14 -20.19
CA CSO J 38 -38.97 25.39 -20.79
CB CSO J 38 -39.64 26.33 -19.76
SG CSO J 38 -41.02 25.62 -19.03
C CSO J 38 -37.83 26.18 -21.38
O CSO J 38 -36.80 26.35 -20.71
OD CSO J 38 -42.17 25.73 -20.01
N PRO J 39 -37.98 26.68 -22.60
CA PRO J 39 -36.98 27.55 -23.20
C PRO J 39 -37.02 28.98 -22.66
N ALA J 40 -35.87 29.66 -22.67
CA ALA J 40 -35.82 31.10 -22.29
C ALA J 40 -36.56 32.01 -23.26
N CYS J 41 -36.56 31.66 -24.54
CA CYS J 41 -37.20 32.49 -25.55
C CYS J 41 -38.12 31.64 -26.45
N PRO J 42 -39.33 31.35 -25.95
CA PRO J 42 -40.30 30.50 -26.63
C PRO J 42 -40.46 30.92 -28.07
N GLY J 43 -40.25 29.99 -28.99
CA GLY J 43 -40.64 30.20 -30.37
C GLY J 43 -39.59 30.91 -31.22
N SER J 44 -38.42 31.18 -30.66
CA SER J 44 -37.49 32.06 -31.35
C SER J 44 -36.88 31.37 -32.56
N ASN J 45 -36.61 32.18 -33.57
CA ASN J 45 -35.86 31.78 -34.75
C ASN J 45 -34.39 32.11 -34.57
N ILE J 46 -34.08 32.89 -33.54
CA ILE J 46 -32.78 33.54 -33.48
C ILE J 46 -31.91 32.96 -32.39
N THR J 47 -32.46 32.83 -31.17
CA THR J 47 -31.66 32.38 -30.04
C THR J 47 -31.25 30.94 -30.25
N ILE J 48 -30.09 30.61 -29.68
CA ILE J 48 -29.74 29.25 -29.35
C ILE J 48 -30.45 28.86 -28.04
N ARG J 49 -31.31 27.85 -28.12
CA ARG J 49 -32.17 27.47 -27.02
C ARG J 49 -31.41 27.38 -25.71
N ASN J 50 -31.97 28.01 -24.69
CA ASN J 50 -31.42 27.90 -23.34
C ASN J 50 -32.57 27.73 -22.35
N GLN J 51 -32.22 27.35 -21.13
CA GLN J 51 -33.19 26.93 -20.13
C GLN J 51 -33.14 27.91 -18.93
N ILE J 52 -34.11 27.79 -18.03
CA ILE J 52 -34.39 28.81 -17.03
C ILE J 52 -34.11 28.27 -15.62
N ASN J 53 -33.39 29.04 -14.80
CA ASN J 53 -33.33 28.81 -13.35
C ASN J 53 -34.44 29.55 -12.61
N ALA J 54 -35.27 28.80 -11.91
CA ALA J 54 -36.41 29.40 -11.19
C ALA J 54 -35.97 29.94 -9.83
N LEU J 55 -34.77 29.51 -9.38
CA LEU J 55 -34.34 29.79 -8.02
C LEU J 55 -33.21 30.83 -8.01
N THR J 56 -32.96 31.42 -6.85
CA THR J 56 -31.76 32.25 -6.64
C THR J 56 -30.53 31.35 -6.61
N SER J 57 -29.47 31.71 -7.32
CA SER J 57 -28.27 30.87 -7.38
C SER J 57 -27.54 30.83 -6.05
N PHE J 58 -27.69 31.90 -5.27
CA PHE J 58 -26.88 32.09 -4.09
C PHE J 58 -27.27 31.04 -3.09
N VAL J 59 -26.34 30.76 -2.17
CA VAL J 59 -26.60 29.86 -1.08
C VAL J 59 -27.20 30.68 0.05
N ASP J 60 -28.52 30.87 -0.05
CA ASP J 60 -29.25 31.83 0.79
C ASP J 60 -30.47 31.19 1.42
N ALA J 61 -30.45 29.87 1.52
CA ALA J 61 -31.60 29.10 2.01
C ALA J 61 -32.94 29.48 1.35
N SER J 62 -32.92 29.75 0.05
CA SER J 62 -34.16 30.05 -0.69
C SER J 62 -35.11 28.83 -0.74
N MET J 63 -34.58 27.65 -0.40
CA MET J 63 -35.37 26.45 -0.31
C MET J 63 -36.19 26.41 0.97
N VAL J 64 -35.83 27.26 1.93
CA VAL J 64 -36.69 27.54 3.06
C VAL J 64 -37.61 28.72 2.76
N TYR J 65 -37.07 29.75 2.11
CA TYR J 65 -37.72 31.07 2.14
C TYR J 65 -38.52 31.39 0.86
N GLY J 66 -38.23 30.67 -0.22
CA GLY J 66 -38.79 30.97 -1.53
C GLY J 66 -37.86 31.85 -2.35
N SER J 67 -38.07 31.85 -3.67
CA SER J 67 -37.28 32.66 -4.61
C SER J 67 -38.16 33.64 -5.41
N GLU J 68 -39.46 33.63 -5.16
CA GLU J 68 -40.41 34.64 -5.69
C GLU J 68 -41.25 35.25 -4.56
N GLU J 69 -41.86 36.40 -4.82
CA GLU J 69 -42.33 37.29 -3.74
C GLU J 69 -43.64 36.84 -3.14
N PRO J 70 -44.52 36.24 -3.98
CA PRO J 70 -45.80 35.78 -3.48
C PRO J 70 -45.62 34.60 -2.54
N LEU J 71 -44.83 33.63 -2.98
CA LEU J 71 -44.53 32.47 -2.16
C LEU J 71 -43.88 32.91 -0.86
N ALA J 72 -42.87 33.78 -0.96
CA ALA J 72 -42.08 34.17 0.22
C ALA J 72 -43.04 34.62 1.32
N ARG J 73 -43.97 35.49 0.95
CA ARG J 73 -44.93 36.05 1.89
C ARG J 73 -45.80 34.93 2.46
N ASN J 74 -46.27 34.07 1.57
CA ASN J 74 -47.24 33.05 1.97
C ASN J 74 -46.60 32.00 2.89
N LEU J 75 -45.28 31.94 2.90
CA LEU J 75 -44.57 31.03 3.80
C LEU J 75 -44.44 31.63 5.19
N ARG J 76 -44.87 32.88 5.37
CA ARG J 76 -44.76 33.55 6.65
C ARG J 76 -46.06 33.47 7.45
N ASN J 77 -45.91 33.35 8.76
CA ASN J 77 -47.02 33.41 9.69
C ASN J 77 -47.33 34.87 9.94
N MET J 78 -48.40 35.35 9.31
CA MET J 78 -48.73 36.77 9.34
C MET J 78 -49.87 37.04 10.31
N SER J 79 -50.13 36.08 11.19
CA SER J 79 -51.13 36.26 12.24
C SER J 79 -50.58 37.10 13.40
N ASN J 80 -49.26 37.24 13.48
CA ASN J 80 -48.59 37.92 14.60
C ASN J 80 -47.28 38.58 14.18
N GLN J 81 -46.68 39.32 15.10
CA GLN J 81 -45.51 40.16 14.76
C GLN J 81 -44.19 39.48 15.09
N LEU J 82 -44.14 38.15 14.98
CA LEU J 82 -43.06 37.37 15.55
C LEU J 82 -42.01 36.92 14.53
N GLY J 83 -42.27 37.20 13.25
CA GLY J 83 -41.31 36.86 12.21
C GLY J 83 -41.11 35.36 12.03
N LEU J 84 -42.20 34.60 12.19
CA LEU J 84 -42.18 33.15 12.07
C LEU J 84 -42.54 32.73 10.63
N LEU J 85 -41.98 31.61 10.19
CA LEU J 85 -42.58 30.84 9.09
C LEU J 85 -43.87 30.13 9.52
N ALA J 86 -44.82 30.00 8.60
CA ALA J 86 -46.06 29.29 8.89
C ALA J 86 -45.76 27.82 9.17
N VAL J 87 -46.58 27.21 10.01
CA VAL J 87 -46.45 25.79 10.30
C VAL J 87 -47.78 25.06 10.09
N ASN J 88 -47.69 23.75 9.85
CA ASN J 88 -48.88 22.91 9.66
C ASN J 88 -49.93 23.14 10.74
N GLN J 89 -51.17 23.24 10.33
CA GLN J 89 -52.24 23.64 11.24
C GLN J 89 -53.08 22.43 11.69
N ARG J 90 -52.65 21.23 11.28
CA ARG J 90 -53.42 20.00 11.53
C ARG J 90 -52.66 18.98 12.39
N PHE J 91 -51.35 19.13 12.46
CA PHE J 91 -50.46 18.05 12.89
C PHE J 91 -49.21 18.65 13.51
N GLN J 92 -48.76 18.01 14.58
CA GLN J 92 -47.41 18.22 15.10
C GLN J 92 -46.66 16.89 15.15
N ASP J 93 -45.34 17.01 15.19
CA ASP J 93 -44.44 15.87 15.34
C ASP J 93 -43.97 15.81 16.79
N ASN J 94 -44.70 15.06 17.61
CA ASN J 94 -44.46 15.03 19.05
C ASN J 94 -44.30 16.42 19.64
N GLY J 95 -45.15 17.35 19.19
CA GLY J 95 -45.18 18.70 19.73
C GLY J 95 -44.39 19.73 18.93
N ARG J 96 -43.79 19.33 17.81
CA ARG J 96 -42.94 20.24 17.05
C ARG J 96 -43.48 20.54 15.67
N ALA J 97 -43.12 21.69 15.13
CA ALA J 97 -43.68 22.17 13.87
C ALA J 97 -43.37 21.20 12.73
N LEU J 98 -44.38 20.92 11.91
CA LEU J 98 -44.14 20.39 10.56
C LEU J 98 -44.43 21.48 9.54
N LEU J 99 -44.03 21.25 8.30
CA LEU J 99 -44.30 22.22 7.23
C LEU J 99 -45.80 22.32 6.93
N PRO J 100 -46.26 23.50 6.51
CA PRO J 100 -47.68 23.51 6.18
C PRO J 100 -47.95 22.70 4.91
N PHE J 101 -49.22 22.40 4.69
CA PHE J 101 -49.65 21.66 3.51
C PHE J 101 -49.79 22.58 2.30
N ASP J 102 -49.40 22.07 1.13
CA ASP J 102 -49.69 22.72 -0.15
C ASP J 102 -51.20 22.69 -0.42
N ASN J 103 -51.61 23.39 -1.48
CA ASN J 103 -52.88 23.09 -2.17
C ASN J 103 -52.63 22.89 -3.67
N LEU J 104 -52.21 21.69 -4.03
CA LEU J 104 -51.67 21.42 -5.38
C LEU J 104 -52.80 20.96 -6.29
N HIS J 105 -52.55 21.01 -7.60
CA HIS J 105 -53.53 20.59 -8.59
C HIS J 105 -53.60 19.06 -8.66
N ASP J 106 -52.55 18.45 -9.20
CA ASP J 106 -52.47 16.99 -9.30
C ASP J 106 -51.49 16.49 -8.23
N ASP J 107 -51.90 16.65 -6.97
CA ASP J 107 -51.01 16.48 -5.80
C ASP J 107 -50.46 15.06 -5.77
N PRO J 108 -49.15 14.91 -6.01
CA PRO J 108 -48.63 13.54 -6.15
C PRO J 108 -48.59 12.78 -4.84
N CYS J 109 -48.54 13.49 -3.71
CA CYS J 109 -48.41 12.88 -2.40
C CYS J 109 -49.68 12.13 -1.98
N LEU J 110 -50.84 12.64 -2.38
CA LEU J 110 -52.10 11.93 -2.15
C LEU J 110 -52.13 10.52 -2.81
N LEU J 111 -51.35 10.34 -3.88
CA LEU J 111 -51.38 9.10 -4.66
C LEU J 111 -50.55 7.98 -4.01
N THR J 112 -49.61 8.36 -3.16
CA THR J 112 -48.70 7.39 -2.53
C THR J 112 -49.40 6.54 -1.44
N ASN J 113 -50.39 7.11 -0.78
CA ASN J 113 -51.25 6.34 0.11
C ASN J 113 -52.66 6.94 0.11
N ARG J 114 -53.53 6.34 -0.68
CA ARG J 114 -54.81 6.97 -1.03
C ARG J 114 -55.73 7.17 0.16
N SER J 115 -55.68 6.24 1.12
CA SER J 115 -56.50 6.32 2.32
C SER J 115 -55.93 7.19 3.44
N ALA J 116 -54.64 7.50 3.41
CA ALA J 116 -54.05 8.35 4.44
C ALA J 116 -54.41 9.82 4.21
N ARG J 117 -54.54 10.21 2.94
CA ARG J 117 -55.00 11.55 2.54
C ARG J 117 -54.10 12.67 3.10
N ILE J 118 -52.79 12.47 2.97
CA ILE J 118 -51.81 13.49 3.36
C ILE J 118 -51.27 14.22 2.10
N PRO J 119 -51.61 15.52 1.95
CA PRO J 119 -51.10 16.29 0.82
C PRO J 119 -49.61 16.51 0.92
N CYS J 120 -49.03 16.99 -0.18
CA CYS J 120 -47.64 17.46 -0.19
C CYS J 120 -47.46 18.71 0.67
N PHE J 121 -46.19 19.00 0.96
CA PHE J 121 -45.86 20.04 1.90
C PHE J 121 -45.56 21.30 1.12
N LEU J 122 -45.78 22.43 1.77
CA LEU J 122 -45.45 23.72 1.17
C LEU J 122 -44.12 24.16 1.73
N ALA J 123 -43.21 24.55 0.84
CA ALA J 123 -41.94 25.10 1.26
C ALA J 123 -41.40 26.06 0.18
N GLY J 124 -40.20 26.59 0.41
CA GLY J 124 -39.65 27.60 -0.46
C GLY J 124 -39.15 26.99 -1.77
N ASP J 125 -38.97 25.68 -1.78
CA ASP J 125 -38.76 24.91 -3.02
C ASP J 125 -39.85 23.86 -3.14
N THR J 126 -40.31 23.64 -4.38
CA THR J 126 -41.49 22.84 -4.66
C THR J 126 -41.25 21.34 -4.58
N ARG J 127 -40.00 20.92 -4.47
CA ARG J 127 -39.71 19.49 -4.39
C ARG J 127 -39.60 18.98 -2.95
N SER J 128 -40.09 19.74 -1.98
CA SER J 128 -39.75 19.44 -0.58
C SER J 128 -40.28 18.07 -0.13
N SER J 129 -41.32 17.57 -0.79
CA SER J 129 -41.92 16.29 -0.40
C SER J 129 -41.36 15.09 -1.19
N GLU J 130 -40.35 15.31 -2.01
CA GLU J 130 -39.93 14.27 -2.97
C GLU J 130 -39.38 13.00 -2.29
N MET J 131 -38.76 13.17 -1.11
CA MET J 131 -38.54 12.03 -0.21
C MET J 131 -38.51 12.54 1.23
N PRO J 132 -38.99 11.70 2.15
CA PRO J 132 -39.13 12.06 3.56
C PRO J 132 -37.84 12.59 4.16
N GLU J 133 -36.71 12.08 3.70
CA GLU J 133 -35.40 12.49 4.22
C GLU J 133 -35.16 13.94 3.85
N LEU J 134 -35.57 14.34 2.65
CA LEU J 134 -35.45 15.74 2.23
C LEU J 134 -36.42 16.59 3.06
N THR J 135 -37.64 16.10 3.22
CA THR J 135 -38.67 16.81 3.97
C THR J 135 -38.16 17.03 5.37
N SER J 136 -37.54 16.00 5.93
CA SER J 136 -37.01 16.06 7.29
C SER J 136 -36.08 17.25 7.48
N MET J 137 -35.21 17.47 6.49
CA MET J 137 -34.24 18.55 6.51
C MET J 137 -34.91 19.91 6.28
N HIS J 138 -35.92 19.95 5.41
CA HIS J 138 -36.70 21.17 5.25
C HIS J 138 -37.31 21.59 6.58
N THR J 139 -37.77 20.58 7.32
CA THR J 139 -38.54 20.79 8.53
C THR J 139 -37.62 21.23 9.66
N LEU J 140 -36.42 20.66 9.67
CA LEU J 140 -35.37 21.03 10.61
C LEU J 140 -35.15 22.53 10.57
N LEU J 141 -35.08 23.06 9.35
CA LEU J 141 -34.62 24.41 9.10
C LEU J 141 -35.73 25.41 9.34
N LEU J 142 -36.96 25.04 8.98
CA LEU J 142 -38.17 25.75 9.39
C LEU J 142 -38.19 25.98 10.89
N ARG J 143 -38.00 24.90 11.64
CA ARG J 143 -37.98 24.98 13.09
C ARG J 143 -36.86 25.90 13.58
N GLU J 144 -35.68 25.78 12.96
CA GLU J 144 -34.51 26.57 13.37
C GLU J 144 -34.80 28.05 13.24
N HIS J 145 -35.36 28.43 12.09
CA HIS J 145 -35.80 29.82 11.89
C HIS J 145 -36.70 30.29 13.03
N ASN J 146 -37.71 29.49 13.38
CA ASN J 146 -38.70 29.94 14.35
C ASN J 146 -38.08 30.06 15.75
N ARG J 147 -37.14 29.16 16.07
CA ARG J 147 -36.40 29.22 17.33
C ARG J 147 -35.57 30.51 17.43
N LEU J 148 -34.84 30.82 16.37
CA LEU J 148 -34.01 32.03 16.30
C LEU J 148 -34.82 33.33 16.38
N ALA J 149 -35.97 33.36 15.72
CA ALA J 149 -36.86 34.50 15.83
C ALA J 149 -37.32 34.66 17.27
N THR J 150 -37.66 33.54 17.92
CA THR J 150 -38.09 33.55 19.31
C THR J 150 -36.98 34.11 20.22
N GLU J 151 -35.75 33.65 20.01
CA GLU J 151 -34.61 34.08 20.83
C GLU J 151 -34.20 35.52 20.56
N LEU J 152 -34.31 35.97 19.30
CA LEU J 152 -34.05 37.38 18.97
C LEU J 152 -35.19 38.29 19.42
N LYS J 153 -36.41 37.76 19.46
CA LYS J 153 -37.52 38.45 20.09
C LYS J 153 -37.22 38.62 21.56
N SER J 154 -36.58 37.61 22.15
CA SER J 154 -36.02 37.72 23.50
C SER J 154 -35.04 38.88 23.60
N LEU J 155 -33.90 38.76 22.92
CA LEU J 155 -32.79 39.71 23.07
C LEU J 155 -33.23 41.13 22.76
N ASN J 156 -34.01 41.29 21.70
CA ASN J 156 -34.42 42.60 21.23
C ASN J 156 -35.94 42.74 21.22
N PRO J 157 -36.52 43.09 22.38
CA PRO J 157 -37.96 43.28 22.59
C PRO J 157 -38.62 44.16 21.54
N ARG J 158 -37.89 45.17 21.06
CA ARG J 158 -38.48 46.24 20.28
C ARG J 158 -38.58 45.86 18.82
N TRP J 159 -37.91 44.78 18.44
CA TRP J 159 -37.88 44.37 17.05
C TRP J 159 -39.24 43.89 16.59
N ASP J 160 -39.63 44.29 15.38
CA ASP J 160 -40.93 43.97 14.84
C ASP J 160 -40.81 42.75 13.92
N GLY J 161 -41.94 42.26 13.44
CA GLY J 161 -41.98 41.01 12.67
C GLY J 161 -41.00 40.98 11.52
N GLU J 162 -40.98 42.03 10.70
CA GLU J 162 -40.09 42.08 9.55
C GLU J 162 -38.65 41.86 9.94
N ARG J 163 -38.20 42.52 11.00
CA ARG J 163 -36.80 42.50 11.37
C ARG J 163 -36.41 41.17 12.03
N LEU J 164 -37.32 40.61 12.80
CA LEU J 164 -37.16 39.27 13.36
C LEU J 164 -37.09 38.19 12.27
N TYR J 165 -37.94 38.31 11.25
CA TYR J 165 -37.84 37.41 10.09
C TYR J 165 -36.52 37.60 9.37
N GLN J 166 -36.24 38.83 8.95
CA GLN J 166 -35.03 39.08 8.15
C GLN J 166 -33.77 38.70 8.94
N GLU J 167 -33.76 38.93 10.25
CA GLU J 167 -32.56 38.61 11.03
C GLU J 167 -32.39 37.09 11.16
N ALA J 168 -33.46 36.39 11.51
CA ALA J 168 -33.41 34.92 11.57
C ALA J 168 -33.08 34.32 10.19
N ARG J 169 -33.71 34.84 9.13
CA ARG J 169 -33.45 34.37 7.78
C ARG J 169 -31.98 34.52 7.38
N LYS J 170 -31.37 35.64 7.77
CA LYS J 170 -29.98 35.95 7.47
C LYS J 170 -28.99 34.97 8.10
N ILE J 171 -29.24 34.57 9.34
CA ILE J 171 -28.44 33.54 10.02
C ILE J 171 -28.60 32.16 9.39
N VAL J 172 -29.84 31.74 9.20
CA VAL J 172 -30.13 30.48 8.56
C VAL J 172 -29.39 30.35 7.22
N GLY J 173 -29.41 31.41 6.41
CA GLY J 173 -28.63 31.44 5.18
C GLY J 173 -27.14 31.27 5.43
N ALA J 174 -26.68 31.77 6.57
CA ALA J 174 -25.27 31.69 6.96
C ALA J 174 -24.89 30.27 7.44
N MET J 175 -25.77 29.68 8.24
CA MET J 175 -25.67 28.28 8.58
C MET J 175 -25.54 27.40 7.31
N VAL J 176 -26.44 27.58 6.35
CA VAL J 176 -26.34 26.79 5.15
C VAL J 176 -24.96 26.95 4.50
N GLN J 177 -24.45 28.16 4.44
CA GLN J 177 -23.15 28.43 3.81
C GLN J 177 -22.01 27.72 4.53
N ILE J 178 -21.99 27.86 5.85
CA ILE J 178 -20.92 27.29 6.68
C ILE J 178 -20.92 25.76 6.55
N ILE J 179 -22.09 25.15 6.60
CA ILE J 179 -22.13 23.72 6.57
C ILE J 179 -21.70 23.22 5.22
N THR J 180 -22.06 23.98 4.18
CA THR J 180 -21.75 23.61 2.83
C THR J 180 -20.25 23.71 2.51
N TYR J 181 -19.65 24.84 2.86
CA TYR J 181 -18.27 25.07 2.51
C TYR J 181 -17.29 24.57 3.56
N ARG J 182 -17.69 24.55 4.83
CA ARG J 182 -16.80 24.05 5.89
C ARG J 182 -16.82 22.53 5.92
N ASP J 183 -18.00 21.95 5.83
CA ASP J 183 -18.17 20.51 6.10
C ASP J 183 -18.40 19.66 4.86
N TYR J 184 -19.23 20.14 3.91
CA TYR J 184 -19.74 19.29 2.84
C TYR J 184 -18.75 19.25 1.67
N LEU J 185 -18.43 20.42 1.13
CA LEU J 185 -17.66 20.51 -0.12
C LEU J 185 -16.24 19.89 -0.06
N PRO J 186 -15.54 20.05 1.09
CA PRO J 186 -14.24 19.41 1.22
C PRO J 186 -14.36 17.91 1.03
N LEU J 187 -15.44 17.33 1.55
CA LEU J 187 -15.68 15.88 1.42
C LEU J 187 -16.17 15.46 0.04
N VAL J 188 -16.82 16.37 -0.69
CA VAL J 188 -17.11 16.09 -2.08
C VAL J 188 -15.82 16.12 -2.89
N LEU J 189 -15.03 17.19 -2.78
CA LEU J 189 -13.99 17.45 -3.79
C LEU J 189 -12.66 16.73 -3.45
N GLY J 190 -12.45 16.48 -2.16
CA GLY J 190 -11.14 16.05 -1.64
C GLY J 190 -10.22 17.24 -1.44
N PRO J 191 -9.06 17.03 -0.78
CA PRO J 191 -8.34 18.20 -0.37
C PRO J 191 -7.60 18.93 -1.48
N THR J 192 -7.12 18.23 -2.51
CA THR J 192 -6.37 18.93 -3.55
C THR J 192 -7.28 19.72 -4.51
N ALA J 193 -8.44 19.18 -4.86
CA ALA J 193 -9.44 19.98 -5.60
C ALA J 193 -9.98 21.13 -4.76
N MET J 194 -10.08 20.93 -3.45
CA MET J 194 -10.56 21.98 -2.54
C MET J 194 -9.65 23.18 -2.59
N ARG J 195 -8.34 22.92 -2.73
CA ARG J 195 -7.35 23.98 -2.65
C ARG J 195 -7.17 24.64 -4.01
N LYS J 196 -7.38 23.89 -5.08
CA LYS J 196 -7.35 24.46 -6.42
C LYS J 196 -8.59 25.31 -6.67
N TYR J 197 -9.79 24.79 -6.40
CA TYR J 197 -11.03 25.49 -6.80
C TYR J 197 -11.61 26.43 -5.74
N LEU J 198 -11.40 26.11 -4.47
CA LEU J 198 -11.81 27.01 -3.40
C LEU J 198 -10.64 27.39 -2.53
N PRO J 199 -9.71 28.21 -3.05
CA PRO J 199 -8.68 28.77 -2.17
C PRO J 199 -9.30 29.70 -1.13
N THR J 200 -8.54 29.99 -0.07
CA THR J 200 -9.06 30.75 1.05
C THR J 200 -9.76 32.03 0.60
N TYR J 201 -10.97 32.22 1.11
CA TYR J 201 -11.78 33.39 0.80
C TYR J 201 -11.02 34.67 1.10
N ARG J 202 -11.09 35.62 0.18
CA ARG J 202 -10.47 36.93 0.36
C ARG J 202 -11.56 37.97 0.67
N SER J 203 -12.31 38.39 -0.35
CA SER J 203 -13.50 39.20 -0.12
C SER J 203 -14.39 39.20 -1.36
N TYR J 204 -15.52 39.89 -1.24
CA TYR J 204 -16.51 39.89 -2.31
C TYR J 204 -15.87 40.51 -3.55
N ASN J 205 -16.15 39.92 -4.69
CA ASN J 205 -15.71 40.45 -5.95
C ASN J 205 -16.90 40.63 -6.89
N ASP J 206 -17.20 41.87 -7.24
CA ASP J 206 -18.43 42.16 -7.97
C ASP J 206 -18.30 41.86 -9.47
N SER J 207 -17.15 41.34 -9.89
CA SER J 207 -16.99 40.93 -11.29
C SER J 207 -17.06 39.42 -11.50
N VAL J 208 -17.16 38.69 -10.39
CA VAL J 208 -17.43 37.25 -10.43
C VAL J 208 -18.93 36.98 -10.65
N ASP J 209 -19.23 36.26 -11.74
CA ASP J 209 -20.61 35.96 -12.18
C ASP J 209 -21.21 34.83 -11.34
N PRO J 210 -22.31 35.11 -10.63
CA PRO J 210 -22.70 34.06 -9.70
C PRO J 210 -23.84 33.18 -10.23
N ARG J 211 -24.11 33.23 -11.53
CA ARG J 211 -25.16 32.40 -12.10
C ARG J 211 -24.78 30.93 -12.09
N ILE J 212 -25.80 30.08 -11.89
CA ILE J 212 -25.69 28.66 -12.17
C ILE J 212 -25.40 28.44 -13.64
N ALA J 213 -24.39 27.62 -13.90
CA ALA J 213 -24.10 27.21 -15.24
C ALA J 213 -25.05 26.07 -15.62
N ASN J 214 -25.44 26.04 -16.89
CA ASN J 214 -26.31 25.03 -17.39
C ASN J 214 -25.73 23.65 -17.10
N VAL J 215 -24.44 23.49 -17.28
CA VAL J 215 -23.84 22.17 -17.08
C VAL J 215 -23.90 21.73 -15.65
N PHE J 216 -23.84 22.68 -14.72
CA PHE J 216 -23.91 22.33 -13.31
C PHE J 216 -25.16 21.55 -12.98
N THR J 217 -26.29 21.92 -13.59
CA THR J 217 -27.59 21.34 -13.22
C THR J 217 -27.56 19.84 -13.46
N ASN J 218 -26.74 19.41 -14.43
CA ASN J 218 -26.56 17.99 -14.74
C ASN J 218 -25.41 17.37 -13.90
N ALA J 219 -24.27 18.05 -13.87
CA ALA J 219 -23.04 17.52 -13.25
C ALA J 219 -23.26 17.28 -11.76
N PHE J 220 -24.00 18.16 -11.11
CA PHE J 220 -24.24 18.02 -9.69
C PHE J 220 -25.14 16.84 -9.34
N ARG J 221 -25.79 16.26 -10.35
CA ARG J 221 -26.52 14.99 -10.21
C ARG J 221 -25.61 13.80 -9.95
N TYR J 222 -24.32 14.06 -9.83
CA TYR J 222 -23.41 13.00 -9.37
C TYR J 222 -24.02 12.38 -8.11
N GLY J 223 -24.73 13.18 -7.34
CA GLY J 223 -25.26 12.69 -6.07
C GLY J 223 -26.19 11.49 -6.25
N HIS J 224 -26.76 11.30 -7.43
CA HIS J 224 -27.61 10.13 -7.64
C HIS J 224 -26.85 8.83 -7.36
N THR J 225 -25.52 8.87 -7.45
CA THR J 225 -24.72 7.67 -7.19
C THR J 225 -24.57 7.34 -5.68
N LEU J 226 -25.01 8.25 -4.83
CA LEU J 226 -24.82 8.14 -3.36
C LEU J 226 -26.02 7.49 -2.69
N ILE J 227 -27.11 7.36 -3.46
CA ILE J 227 -28.41 6.99 -2.91
C ILE J 227 -28.48 5.50 -2.61
N GLN J 228 -28.97 5.19 -1.42
CA GLN J 228 -29.23 3.83 -0.98
C GLN J 228 -30.64 3.41 -1.37
N PRO J 229 -30.93 2.10 -1.38
CA PRO J 229 -32.24 1.71 -1.89
C PRO J 229 -33.34 1.72 -0.82
N PHE J 230 -33.00 2.13 0.40
CA PHE J 230 -33.97 2.14 1.49
C PHE J 230 -33.96 3.48 2.20
N MET J 231 -35.10 3.88 2.75
CA MET J 231 -35.10 4.87 3.82
C MET J 231 -34.99 4.12 5.16
N PHE J 232 -33.91 4.40 5.91
CA PHE J 232 -33.65 3.76 7.20
C PHE J 232 -34.25 4.62 8.29
N ARG J 233 -34.96 4.00 9.23
CA ARG J 233 -35.43 4.71 10.41
C ARG J 233 -34.90 4.04 11.66
N LEU J 234 -34.52 4.85 12.64
CA LEU J 234 -33.92 4.33 13.87
C LEU J 234 -34.56 4.97 15.09
N ASP J 235 -34.75 4.18 16.15
CA ASP J 235 -35.36 4.65 17.41
C ASP J 235 -34.36 5.35 18.33
N ASN J 236 -34.77 5.61 19.57
CA ASN J 236 -33.99 6.47 20.48
C ASN J 236 -32.70 5.82 21.00
N ARG J 237 -32.54 4.52 20.79
CA ARG J 237 -31.25 3.85 20.99
C ARG J 237 -30.51 3.61 19.68
N TYR J 238 -30.95 4.26 18.62
CA TYR J 238 -30.30 4.10 17.32
C TYR J 238 -30.39 2.67 16.80
N GLN J 239 -31.44 1.97 17.22
CA GLN J 239 -31.74 0.62 16.74
C GLN J 239 -32.89 0.69 15.73
N PRO J 240 -33.00 -0.33 14.87
CA PRO J 240 -33.96 -0.19 13.79
C PRO J 240 -35.41 -0.09 14.32
N MET J 241 -36.12 0.95 13.87
CA MET J 241 -37.50 1.21 14.31
C MET J 241 -38.45 0.17 13.74
N GLU J 242 -39.24 -0.44 14.61
CA GLU J 242 -40.23 -1.43 14.17
C GLU J 242 -41.58 -0.74 13.94
N PRO J 243 -42.38 -1.26 13.00
CA PRO J 243 -42.20 -2.53 12.32
C PRO J 243 -41.50 -2.46 10.94
N ASN J 244 -41.19 -1.25 10.47
CA ASN J 244 -40.64 -1.05 9.12
C ASN J 244 -39.34 -0.25 9.13
N PRO J 245 -38.21 -0.90 9.44
CA PRO J 245 -36.96 -0.18 9.60
C PRO J 245 -36.28 0.23 8.29
N ARG J 246 -36.71 -0.35 7.16
CA ARG J 246 -35.99 -0.19 5.91
C ARG J 246 -36.97 -0.20 4.74
N VAL J 247 -37.56 0.97 4.45
CA VAL J 247 -38.55 1.06 3.37
C VAL J 247 -37.90 1.22 2.02
N PRO J 248 -38.27 0.37 1.06
CA PRO J 248 -37.81 0.60 -0.29
C PRO J 248 -38.14 2.01 -0.75
N LEU J 249 -37.18 2.65 -1.41
CA LEU J 249 -37.27 4.04 -1.83
C LEU J 249 -38.49 4.30 -2.73
N SER J 250 -38.76 3.37 -3.64
CA SER J 250 -39.89 3.50 -4.58
C SER J 250 -41.25 3.51 -3.86
N ARG J 251 -41.23 3.44 -2.53
CA ARG J 251 -42.46 3.59 -1.74
C ARG J 251 -42.39 4.75 -0.74
N VAL J 252 -41.37 5.59 -0.88
CA VAL J 252 -41.24 6.79 -0.09
C VAL J 252 -41.26 8.08 -0.91
N PHE J 253 -41.05 7.99 -2.23
CA PHE J 253 -41.13 9.20 -3.06
C PHE J 253 -42.50 9.88 -2.87
N PHE J 254 -42.48 11.18 -2.59
CA PHE J 254 -43.71 11.97 -2.33
C PHE J 254 -44.61 11.35 -1.26
N ALA J 255 -44.04 10.65 -0.29
CA ALA J 255 -44.81 10.00 0.75
C ALA J 255 -44.80 10.82 2.05
N SER J 256 -45.26 12.06 1.91
CA SER J 256 -45.53 12.94 3.06
C SER J 256 -46.23 12.20 4.20
N TRP J 257 -47.24 11.39 3.89
CA TRP J 257 -47.96 10.65 4.91
C TRP J 257 -47.03 9.91 5.88
N ARG J 258 -45.86 9.51 5.40
CA ARG J 258 -44.93 8.72 6.23
C ARG J 258 -44.35 9.55 7.34
N VAL J 259 -44.20 10.84 7.07
CA VAL J 259 -43.62 11.80 8.02
C VAL J 259 -44.66 12.12 9.09
N VAL J 260 -45.89 12.31 8.63
CA VAL J 260 -47.01 12.65 9.50
C VAL J 260 -47.41 11.44 10.34
N LEU J 261 -47.55 10.28 9.71
CA LEU J 261 -48.26 9.17 10.35
C LEU J 261 -47.37 8.01 10.85
N GLU J 262 -46.07 8.06 10.58
CA GLU J 262 -45.17 6.99 11.01
C GLU J 262 -44.01 7.56 11.81
N GLY J 263 -44.27 8.65 12.52
CA GLY J 263 -43.48 9.03 13.67
C GLY J 263 -42.46 10.12 13.45
N GLY J 264 -42.78 11.11 12.62
CA GLY J 264 -42.06 12.38 12.64
C GLY J 264 -40.62 12.29 12.13
N ILE J 265 -39.85 13.35 12.35
CA ILE J 265 -38.59 13.46 11.61
C ILE J 265 -37.40 12.88 12.36
N ASP J 266 -37.60 12.47 13.60
CA ASP J 266 -36.47 12.03 14.38
C ASP J 266 -35.91 10.71 13.84
N PRO J 267 -36.79 9.72 13.60
CA PRO J 267 -36.27 8.46 13.14
C PRO J 267 -35.60 8.56 11.76
N ILE J 268 -36.07 9.50 10.95
CA ILE J 268 -35.48 9.72 9.64
C ILE J 268 -34.09 10.34 9.74
N LEU J 269 -33.94 11.30 10.65
CA LEU J 269 -32.68 11.98 10.81
C LEU J 269 -31.64 11.03 11.41
N ARG J 270 -32.03 10.24 12.41
CA ARG J 270 -31.12 9.26 12.97
C ARG J 270 -30.65 8.30 11.87
N GLY J 271 -31.55 7.96 10.95
CA GLY J 271 -31.21 7.06 9.85
C GLY J 271 -30.21 7.69 8.92
N LEU J 272 -30.36 8.97 8.65
CA LEU J 272 -29.39 9.69 7.83
C LEU J 272 -28.00 9.76 8.46
N MET J 273 -27.94 9.91 9.78
CA MET J 273 -26.65 10.06 10.48
C MET J 273 -25.89 8.75 10.73
N ALA J 274 -26.60 7.66 11.04
CA ALA J 274 -25.96 6.39 11.39
C ALA J 274 -26.09 5.31 10.31
N THR J 275 -26.19 5.72 9.05
CA THR J 275 -26.23 4.76 7.95
C THR J 275 -25.25 5.23 6.91
N PRO J 276 -24.53 4.28 6.28
CA PRO J 276 -23.53 4.78 5.33
C PRO J 276 -24.18 5.25 4.02
N ALA J 277 -23.54 6.16 3.29
CA ALA J 277 -23.92 6.43 1.90
C ALA J 277 -23.53 5.23 1.06
N LYS J 278 -24.24 5.01 -0.04
CA LYS J 278 -23.69 4.18 -1.09
C LYS J 278 -22.41 4.80 -1.65
N LEU J 279 -21.43 3.95 -1.93
CA LEU J 279 -20.25 4.32 -2.68
C LEU J 279 -20.58 4.28 -4.15
N ASN J 280 -20.15 5.29 -4.91
CA ASN J 280 -20.07 5.16 -6.37
C ASN J 280 -18.87 4.28 -6.72
N ARG J 281 -19.12 3.16 -7.37
CA ARG J 281 -18.05 2.40 -8.01
C ARG J 281 -18.41 2.15 -9.46
N GLN J 282 -17.40 1.86 -10.29
CA GLN J 282 -17.53 1.97 -11.74
C GLN J 282 -18.40 0.84 -12.31
N ASN J 283 -18.54 -0.24 -11.55
CA ASN J 283 -19.51 -1.30 -11.84
C ASN J 283 -20.67 -1.32 -10.83
N GLN J 284 -20.82 -0.26 -10.05
CA GLN J 284 -21.96 -0.09 -9.14
C GLN J 284 -22.45 1.37 -9.11
N ILE J 285 -22.89 1.89 -10.24
CA ILE J 285 -23.09 3.33 -10.36
C ILE J 285 -24.34 3.85 -9.65
N ALA J 286 -25.50 3.23 -9.91
CA ALA J 286 -26.78 3.73 -9.37
C ALA J 286 -27.80 2.59 -9.20
N VAL J 287 -28.61 2.63 -8.13
CA VAL J 287 -29.45 1.50 -7.75
C VAL J 287 -30.76 1.49 -8.53
N ASP J 288 -31.42 0.34 -8.59
CA ASP J 288 -32.61 0.17 -9.42
C ASP J 288 -33.86 0.81 -8.81
N GLU J 289 -33.79 1.19 -7.54
CA GLU J 289 -34.89 1.94 -6.94
C GLU J 289 -35.06 3.27 -7.66
N ILE J 290 -33.95 3.81 -8.17
CA ILE J 290 -34.02 5.03 -8.98
C ILE J 290 -33.85 4.76 -10.48
N ARG J 291 -33.23 3.64 -10.84
CA ARG J 291 -32.97 3.33 -12.24
C ARG J 291 -34.15 2.60 -12.90
N GLU J 292 -34.93 1.87 -12.11
CA GLU J 292 -36.09 1.10 -12.60
C GLU J 292 -37.41 1.58 -12.03
N ARG J 293 -37.39 2.16 -10.84
CA ARG J 293 -38.63 2.36 -10.05
C ARG J 293 -38.77 3.78 -9.47
N LEU J 294 -38.17 4.76 -10.12
CA LEU J 294 -38.33 6.14 -9.70
C LEU J 294 -39.78 6.56 -9.85
N PHE J 295 -40.38 7.08 -8.78
CA PHE J 295 -41.76 7.57 -8.78
C PHE J 295 -42.72 6.51 -9.31
N GLU J 296 -42.36 5.24 -9.11
CA GLU J 296 -43.31 4.10 -9.17
C GLU J 296 -44.74 4.40 -8.74
N GLN J 297 -44.95 4.97 -7.56
CA GLN J 297 -46.31 5.06 -7.01
C GLN J 297 -47.16 6.18 -7.63
N VAL J 298 -46.53 7.03 -8.41
CA VAL J 298 -47.18 8.26 -8.88
C VAL J 298 -47.05 8.48 -10.40
N MET J 299 -46.53 7.49 -11.12
CA MET J 299 -46.37 7.54 -12.57
C MET J 299 -46.96 6.25 -13.20
N ARG J 300 -47.22 6.28 -14.51
CA ARG J 300 -47.78 5.11 -15.16
C ARG J 300 -46.81 3.94 -15.17
N ILE J 301 -45.51 4.24 -15.26
CA ILE J 301 -44.45 3.28 -14.97
C ILE J 301 -43.32 3.92 -14.15
N GLY J 302 -42.44 3.08 -13.61
CA GLY J 302 -41.21 3.56 -12.98
C GLY J 302 -40.29 4.29 -13.95
N LEU J 303 -39.70 5.38 -13.50
CA LEU J 303 -38.71 6.08 -14.30
C LEU J 303 -37.27 5.59 -14.03
N ASP J 304 -36.38 5.94 -14.95
CA ASP J 304 -34.95 5.59 -14.88
C ASP J 304 -34.13 6.87 -14.77
N LEU J 305 -33.78 7.24 -13.53
CA LEU J 305 -33.23 8.56 -13.27
C LEU J 305 -31.90 8.78 -13.97
N PRO J 306 -31.03 7.75 -13.99
CA PRO J 306 -29.83 7.92 -14.80
C PRO J 306 -30.11 8.23 -16.25
N ALA J 307 -31.09 7.58 -16.85
CA ALA J 307 -31.42 7.80 -18.26
C ALA J 307 -32.03 9.18 -18.44
N LEU J 308 -32.84 9.61 -17.46
CA LEU J 308 -33.37 10.98 -17.47
C LEU J 308 -32.25 12.02 -17.46
N ASN J 309 -31.22 11.77 -16.63
CA ASN J 309 -30.05 12.66 -16.56
C ASN J 309 -29.43 12.86 -17.94
N MET J 310 -29.33 11.78 -18.68
CA MET J 310 -28.68 11.83 -19.95
C MET J 310 -29.62 12.44 -21.03
N GLN J 311 -30.90 12.09 -20.99
CA GLN J 311 -31.86 12.74 -21.87
C GLN J 311 -31.91 14.25 -21.56
N ARG J 312 -31.79 14.61 -20.29
CA ARG J 312 -31.88 16.02 -19.87
C ARG J 312 -30.66 16.80 -20.38
N SER J 313 -29.49 16.19 -20.38
CA SER J 313 -28.30 16.84 -20.92
C SER J 313 -28.43 17.12 -22.41
N ARG J 314 -29.06 16.21 -23.14
CA ARG J 314 -29.36 16.44 -24.56
C ARG J 314 -30.45 17.49 -24.75
N ASP J 315 -31.51 17.40 -23.95
CA ASP J 315 -32.55 18.43 -23.90
C ASP J 315 -31.91 19.83 -23.78
N HIS J 316 -30.87 19.91 -22.93
CA HIS J 316 -30.25 21.19 -22.58
C HIS J 316 -29.08 21.54 -23.50
N GLY J 317 -28.82 20.69 -24.51
CA GLY J 317 -27.82 20.98 -25.54
C GLY J 317 -26.40 20.96 -25.01
N LEU J 318 -26.16 20.18 -23.95
CA LEU J 318 -24.84 20.17 -23.35
C LEU J 318 -23.81 19.46 -24.27
N PRO J 319 -22.60 20.04 -24.35
CA PRO J 319 -21.50 19.32 -24.98
C PRO J 319 -21.17 18.02 -24.26
N GLY J 320 -20.40 17.18 -24.91
CA GLY J 320 -20.13 15.83 -24.39
C GLY J 320 -18.89 15.85 -23.50
N TYR J 321 -18.40 14.68 -23.17
CA TYR J 321 -17.40 14.51 -22.11
C TYR J 321 -16.10 15.24 -22.47
N ASN J 322 -15.53 14.98 -23.64
CA ASN J 322 -14.25 15.57 -24.00
C ASN J 322 -14.26 17.09 -24.07
N ALA J 323 -15.36 17.65 -24.60
CA ALA J 323 -15.53 19.10 -24.56
C ALA J 323 -15.36 19.67 -23.16
N TRP J 324 -15.93 19.00 -22.17
CA TRP J 324 -15.86 19.50 -20.81
C TRP J 324 -14.49 19.21 -20.22
N ARG J 325 -13.86 18.12 -20.61
CA ARG J 325 -12.51 17.82 -20.14
C ARG J 325 -11.58 18.92 -20.62
N ARG J 326 -11.73 19.31 -21.90
CA ARG J 326 -11.00 20.43 -22.49
C ARG J 326 -11.29 21.74 -21.75
N PHE J 327 -12.56 22.07 -21.56
CA PHE J 327 -12.94 23.20 -20.72
C PHE J 327 -12.15 23.23 -19.40
N CYS J 328 -12.02 22.07 -18.76
CA CYS J 328 -11.45 22.00 -17.41
C CYS J 328 -9.93 21.91 -17.43
N GLY J 329 -9.35 21.87 -18.62
CA GLY J 329 -7.91 21.72 -18.80
C GLY J 329 -7.35 20.33 -18.63
N LEU J 330 -8.20 19.31 -18.75
CA LEU J 330 -7.79 17.93 -18.55
C LEU J 330 -7.69 17.21 -19.90
N PRO J 331 -6.75 16.26 -19.99
CA PRO J 331 -6.55 15.47 -21.22
C PRO J 331 -7.86 14.94 -21.79
N GLN J 332 -7.93 14.86 -23.10
CA GLN J 332 -9.12 14.39 -23.82
C GLN J 332 -8.83 13.03 -24.48
N PRO J 333 -9.17 11.92 -23.83
CA PRO J 333 -8.88 10.63 -24.45
C PRO J 333 -9.66 10.45 -25.77
N GLU J 334 -8.99 10.04 -26.83
CA GLU J 334 -9.64 9.94 -28.17
C GLU J 334 -9.91 8.48 -28.58
N THR J 335 -9.26 7.54 -27.88
CA THR J 335 -9.37 6.11 -28.19
C THR J 335 -9.79 5.34 -26.95
N VAL J 336 -10.16 4.08 -27.13
CA VAL J 336 -10.64 3.28 -26.02
C VAL J 336 -9.54 3.04 -24.99
N GLY J 337 -8.32 2.81 -25.46
CA GLY J 337 -7.12 2.69 -24.59
C GLY J 337 -6.78 3.96 -23.82
N GLN J 338 -6.93 5.12 -24.44
CA GLN J 338 -6.73 6.37 -23.72
C GLN J 338 -7.83 6.60 -22.70
N LEU J 339 -9.04 6.22 -23.04
CA LEU J 339 -10.14 6.36 -22.10
C LEU J 339 -10.01 5.35 -20.98
N GLY J 340 -9.47 4.17 -21.29
CA GLY J 340 -9.21 3.16 -20.26
C GLY J 340 -8.21 3.65 -19.22
N THR J 341 -7.17 4.35 -19.67
CA THR J 341 -6.18 4.94 -18.77
C THR J 341 -6.75 6.06 -17.89
N VAL J 342 -7.49 6.98 -18.51
CA VAL J 342 -8.16 8.06 -17.76
C VAL J 342 -9.14 7.51 -16.70
N LEU J 343 -9.80 6.41 -17.01
CA LEU J 343 -10.76 5.82 -16.10
C LEU J 343 -10.12 4.76 -15.20
N ARG J 344 -8.85 4.46 -15.48
CA ARG J 344 -8.13 3.38 -14.81
C ARG J 344 -8.99 2.13 -14.86
N ASN J 345 -9.58 1.88 -16.01
CA ASN J 345 -10.53 0.78 -16.16
C ASN J 345 -10.86 0.56 -17.63
N LEU J 346 -10.12 -0.34 -18.28
CA LEU J 346 -10.35 -0.60 -19.70
C LEU J 346 -11.69 -1.26 -19.94
N LYS J 347 -12.19 -2.01 -18.95
CA LYS J 347 -13.46 -2.69 -19.11
C LYS J 347 -14.58 -1.66 -19.23
N LEU J 348 -14.55 -0.61 -18.41
CA LEU J 348 -15.58 0.40 -18.48
C LEU J 348 -15.45 1.25 -19.74
N ALA J 349 -14.22 1.57 -20.14
CA ALA J 349 -13.97 2.31 -21.39
C ALA J 349 -14.57 1.60 -22.61
N ARG J 350 -14.44 0.28 -22.65
CA ARG J 350 -14.95 -0.55 -23.74
C ARG J 350 -16.47 -0.47 -23.87
N LYS J 351 -17.16 -0.66 -22.75
CA LYS J 351 -18.62 -0.53 -22.69
C LYS J 351 -19.12 0.88 -23.02
N LEU J 352 -18.35 1.90 -22.65
CA LEU J 352 -18.68 3.27 -22.99
C LEU J 352 -18.57 3.53 -24.50
N MET J 353 -17.54 2.95 -25.11
CA MET J 353 -17.36 3.05 -26.57
C MET J 353 -18.33 2.19 -27.35
N GLU J 354 -18.72 1.03 -26.82
CA GLU J 354 -19.77 0.24 -27.47
C GLU J 354 -21.05 1.07 -27.58
N GLN J 355 -21.33 1.86 -26.54
CA GLN J 355 -22.53 2.68 -26.49
C GLN J 355 -22.42 3.94 -27.34
N TYR J 356 -21.29 4.63 -27.24
CA TYR J 356 -21.24 6.03 -27.67
C TYR J 356 -20.40 6.23 -28.92
N GLY J 357 -19.56 5.24 -29.22
CA GLY J 357 -18.66 5.30 -30.38
C GLY J 357 -17.39 6.10 -30.16
N THR J 358 -17.54 7.27 -29.54
CA THR J 358 -16.43 8.17 -29.29
C THR J 358 -16.61 8.84 -27.92
N PRO J 359 -15.50 9.05 -27.19
CA PRO J 359 -15.54 9.77 -25.91
C PRO J 359 -16.05 11.18 -26.04
N ASN J 360 -15.92 11.77 -27.23
CA ASN J 360 -16.56 13.05 -27.52
C ASN J 360 -18.07 13.06 -27.29
N ASN J 361 -18.70 11.90 -27.31
CA ASN J 361 -20.18 11.87 -27.33
C ASN J 361 -20.75 11.38 -26.01
N ILE J 362 -19.90 10.90 -25.12
CA ILE J 362 -20.37 10.46 -23.81
C ILE J 362 -21.12 11.62 -23.18
N ASP J 363 -22.31 11.36 -22.65
CA ASP J 363 -23.04 12.40 -21.96
C ASP J 363 -22.29 12.81 -20.67
N ILE J 364 -22.38 14.10 -20.32
CA ILE J 364 -21.59 14.66 -19.19
C ILE J 364 -21.90 14.00 -17.84
N TRP J 365 -23.12 13.56 -17.60
CA TRP J 365 -23.33 12.86 -16.31
C TRP J 365 -22.60 11.52 -16.32
N MET J 366 -22.74 10.78 -17.41
CA MET J 366 -22.27 9.41 -17.49
C MET J 366 -20.74 9.39 -17.35
N GLY J 367 -20.08 10.27 -18.10
CA GLY J 367 -18.62 10.37 -18.10
C GLY J 367 -18.10 10.87 -16.76
N GLY J 368 -18.75 11.88 -16.22
CA GLY J 368 -18.39 12.40 -14.90
C GLY J 368 -18.39 11.36 -13.78
N VAL J 369 -19.48 10.58 -13.67
CA VAL J 369 -19.61 9.60 -12.58
C VAL J 369 -18.85 8.30 -12.89
N SER J 370 -18.40 8.13 -14.13
CA SER J 370 -17.53 7.02 -14.50
C SER J 370 -16.08 7.19 -14.00
N GLU J 371 -15.69 8.42 -13.69
CA GLU J 371 -14.28 8.72 -13.43
C GLU J 371 -13.91 8.22 -12.02
N PRO J 372 -12.71 7.64 -11.86
CA PRO J 372 -12.26 7.26 -10.51
C PRO J 372 -12.33 8.42 -9.55
N LEU J 373 -12.72 8.17 -8.30
CA LEU J 373 -12.95 9.26 -7.33
C LEU J 373 -11.63 9.83 -6.79
N LYS J 374 -11.55 11.15 -6.64
CA LYS J 374 -10.33 11.72 -6.10
C LYS J 374 -10.10 11.21 -4.67
N ARG J 375 -8.84 11.04 -4.28
CA ARG J 375 -8.52 10.69 -2.91
C ARG J 375 -9.23 11.60 -1.93
N LYS J 376 -9.93 10.98 -0.99
CA LYS J 376 -10.62 11.66 0.10
C LYS J 376 -11.81 12.49 -0.39
N GLY J 377 -12.17 12.33 -1.66
CA GLY J 377 -13.36 12.96 -2.22
C GLY J 377 -14.27 11.95 -2.90
N ARG J 378 -15.37 12.40 -3.49
CA ARG J 378 -16.36 11.46 -4.02
C ARG J 378 -16.86 11.91 -5.39
N VAL J 379 -15.99 12.64 -6.07
CA VAL J 379 -16.09 12.86 -7.49
C VAL J 379 -14.71 12.73 -8.10
N GLY J 380 -14.65 12.39 -9.39
CA GLY J 380 -13.41 12.49 -10.16
C GLY J 380 -13.04 13.93 -10.46
N PRO J 381 -11.97 14.12 -11.26
CA PRO J 381 -11.42 15.41 -11.73
C PRO J 381 -12.41 16.30 -12.52
N LEU J 382 -13.11 15.72 -13.48
CA LEU J 382 -14.02 16.52 -14.30
C LEU J 382 -15.13 17.13 -13.46
N LEU J 383 -15.79 16.30 -12.65
CA LEU J 383 -16.83 16.79 -11.76
C LEU J 383 -16.30 17.71 -10.67
N ALA J 384 -15.08 17.47 -10.18
CA ALA J 384 -14.50 18.32 -9.14
C ALA J 384 -14.28 19.70 -9.76
N CYS J 385 -13.89 19.71 -11.03
CA CYS J 385 -13.70 20.98 -11.70
C CYS J 385 -15.03 21.71 -11.78
N ILE J 386 -16.07 21.02 -12.28
CA ILE J 386 -17.34 21.68 -12.61
C ILE J 386 -18.05 22.11 -11.32
N ILE J 387 -18.00 21.26 -10.29
CA ILE J 387 -18.63 21.59 -9.02
C ILE J 387 -17.78 22.61 -8.23
N GLY J 388 -16.46 22.45 -8.25
CA GLY J 388 -15.58 23.42 -7.58
C GLY J 388 -15.70 24.79 -8.24
N THR J 389 -15.64 24.83 -9.56
CA THR J 389 -15.77 26.11 -10.27
C THR J 389 -17.09 26.83 -9.91
N GLN J 390 -18.21 26.11 -9.92
CA GLN J 390 -19.50 26.72 -9.63
C GLN J 390 -19.57 27.26 -8.20
N PHE J 391 -19.09 26.49 -7.23
CA PHE J 391 -19.17 26.92 -5.84
C PHE J 391 -18.27 28.10 -5.51
N ARG J 392 -17.17 28.25 -6.24
CA ARG J 392 -16.31 29.38 -6.01
C ARG J 392 -16.99 30.67 -6.45
N LYS J 393 -17.71 30.60 -7.58
CA LYS J 393 -18.45 31.77 -8.08
C LYS J 393 -19.56 32.21 -7.13
N LEU J 394 -20.22 31.22 -6.52
CA LEU J 394 -21.34 31.43 -5.63
C LEU J 394 -20.85 31.98 -4.28
N ARG J 395 -19.57 31.75 -3.97
CA ARG J 395 -18.97 32.28 -2.76
C ARG J 395 -18.42 33.67 -3.02
N ASP J 396 -17.47 33.76 -3.95
CA ASP J 396 -16.76 35.01 -4.21
C ASP J 396 -17.70 36.07 -4.82
N GLY J 397 -18.74 35.64 -5.51
CA GLY J 397 -19.61 36.57 -6.25
C GLY J 397 -20.92 36.85 -5.55
N ASP J 398 -20.98 36.48 -4.27
CA ASP J 398 -22.13 36.75 -3.42
C ASP J 398 -21.88 37.90 -2.43
N ARG J 399 -22.56 39.02 -2.67
CA ARG J 399 -22.27 40.23 -1.92
C ARG J 399 -22.70 40.01 -0.48
N PHE J 400 -23.62 39.07 -0.27
CA PHE J 400 -24.05 38.67 1.06
C PHE J 400 -23.41 37.41 1.61
N TRP J 401 -22.29 36.96 1.05
CA TRP J 401 -21.48 35.92 1.70
C TRP J 401 -21.21 36.28 3.15
N TRP J 402 -21.14 35.27 4.03
CA TRP J 402 -21.26 35.51 5.46
C TRP J 402 -19.97 36.09 6.05
N GLU J 403 -18.86 35.98 5.32
CA GLU J 403 -17.59 36.49 5.80
C GLU J 403 -17.34 37.87 5.20
N ASN J 404 -18.13 38.26 4.22
CA ASN J 404 -17.89 39.51 3.53
C ASN J 404 -18.10 40.69 4.45
N GLU J 405 -17.24 41.70 4.29
CA GLU J 405 -17.21 42.82 5.20
C GLU J 405 -18.54 43.56 5.18
N GLY J 406 -19.14 43.75 6.35
CA GLY J 406 -20.38 44.49 6.47
C GLY J 406 -21.66 43.66 6.57
N VAL J 407 -21.59 42.37 6.25
CA VAL J 407 -22.78 41.54 6.29
C VAL J 407 -23.14 41.18 7.74
N PHE J 408 -22.15 40.68 8.46
CA PHE J 408 -22.24 40.56 9.91
C PHE J 408 -21.10 41.35 10.55
N SER J 409 -21.22 41.63 11.85
CA SER J 409 -20.11 42.17 12.62
C SER J 409 -19.05 41.08 12.85
N MET J 410 -17.90 41.49 13.39
CA MET J 410 -16.81 40.54 13.67
C MET J 410 -17.18 39.61 14.82
N GLN J 411 -17.92 40.14 15.79
CA GLN J 411 -18.39 39.33 16.92
C GLN J 411 -19.47 38.35 16.47
N GLN J 412 -20.33 38.79 15.55
CA GLN J 412 -21.32 37.90 14.95
C GLN J 412 -20.69 36.77 14.13
N ARG J 413 -19.60 37.04 13.42
CA ARG J 413 -18.99 36.04 12.54
C ARG J 413 -18.36 34.94 13.39
N GLN J 414 -17.78 35.33 14.53
CA GLN J 414 -17.08 34.40 15.40
C GLN J 414 -18.04 33.37 16.00
N ALA J 415 -19.05 33.84 16.73
CA ALA J 415 -20.23 33.04 17.08
C ALA J 415 -20.79 32.11 15.97
N LEU J 416 -20.91 32.59 14.74
CA LEU J 416 -21.43 31.74 13.64
C LEU J 416 -20.46 30.60 13.31
N ALA J 417 -19.17 30.83 13.59
CA ALA J 417 -18.14 29.84 13.28
C ALA J 417 -18.34 28.59 14.13
N GLN J 418 -19.10 28.72 15.20
CA GLN J 418 -19.35 27.61 16.12
C GLN J 418 -20.42 26.63 15.62
N ILE J 419 -21.29 27.06 14.71
CA ILE J 419 -22.45 26.22 14.33
C ILE J 419 -22.08 24.94 13.62
N SER J 420 -22.99 23.96 13.68
CA SER J 420 -22.83 22.69 13.00
C SER J 420 -24.22 22.07 12.82
N LEU J 421 -24.34 21.17 11.85
CA LEU J 421 -25.60 20.45 11.62
C LEU J 421 -26.08 19.69 12.87
N PRO J 422 -25.22 18.86 13.46
CA PRO J 422 -25.61 18.11 14.66
C PRO J 422 -26.25 18.98 15.74
N ARG J 423 -25.68 20.15 16.00
CA ARG J 423 -26.23 21.05 17.01
C ARG J 423 -27.64 21.52 16.64
N ILE J 424 -27.78 21.97 15.41
CA ILE J 424 -29.06 22.36 14.84
C ILE J 424 -30.07 21.23 14.99
N ILE J 425 -29.63 20.02 14.64
CA ILE J 425 -30.41 18.83 14.94
C ILE J 425 -30.77 18.75 16.43
N CYS J 426 -29.78 18.93 17.31
CA CYS J 426 -30.02 18.85 18.76
C CYS J 426 -31.11 19.82 19.25
N ASP J 427 -31.27 20.95 18.59
CA ASP J 427 -31.95 22.08 19.20
C ASP J 427 -33.36 22.22 18.68
N ASN J 428 -33.69 21.46 17.64
CA ASN J 428 -34.99 21.57 17.01
C ASN J 428 -35.73 20.24 16.92
N THR J 429 -35.11 19.16 17.41
CA THR J 429 -35.72 17.84 17.41
C THR J 429 -35.70 17.22 18.80
N GLY J 430 -35.99 15.93 18.88
CA GLY J 430 -35.95 15.20 20.15
C GLY J 430 -34.76 14.24 20.22
N ILE J 431 -33.77 14.47 19.36
CA ILE J 431 -32.57 13.66 19.34
C ILE J 431 -31.58 14.21 20.37
N THR J 432 -31.06 13.34 21.23
CA THR J 432 -30.09 13.76 22.24
C THR J 432 -28.75 13.07 22.04
N THR J 433 -28.62 12.34 20.95
CA THR J 433 -27.35 11.72 20.57
C THR J 433 -27.18 11.85 19.06
N VAL J 434 -26.08 12.49 18.67
CA VAL J 434 -25.93 12.93 17.30
C VAL J 434 -24.47 12.76 16.87
N SER J 435 -24.24 12.78 15.56
CA SER J 435 -22.91 12.60 14.99
C SER J 435 -21.87 13.55 15.58
N LYS J 436 -20.68 13.01 15.85
CA LYS J 436 -19.44 13.77 15.79
C LYS J 436 -19.32 14.54 14.49
N ASN J 437 -18.83 15.77 14.54
CA ASN J 437 -18.28 16.43 13.34
C ASN J 437 -17.06 15.63 12.84
N ASN J 438 -16.82 15.55 11.54
CA ASN J 438 -17.73 15.98 10.49
C ASN J 438 -18.95 15.06 10.40
N ILE J 439 -20.15 15.66 10.36
CA ILE J 439 -21.38 14.88 10.28
C ILE J 439 -21.50 14.10 8.96
N PHE J 440 -20.79 14.53 7.92
CA PHE J 440 -20.86 13.84 6.64
C PHE J 440 -19.87 12.69 6.56
N MET J 441 -19.01 12.58 7.56
CA MET J 441 -18.10 11.45 7.63
C MET J 441 -18.64 10.45 8.62
N SER J 442 -18.93 10.92 9.84
CA SER J 442 -19.47 10.08 10.90
C SER J 442 -20.66 9.31 10.35
N ASN J 443 -20.63 7.99 10.47
CA ASN J 443 -21.71 7.13 9.95
C ASN J 443 -21.88 5.80 10.68
N SER J 444 -21.56 5.73 11.97
CA SER J 444 -21.67 4.47 12.70
C SER J 444 -21.87 4.63 14.22
N TYR J 445 -22.97 4.09 14.73
CA TYR J 445 -23.29 4.18 16.14
C TYR J 445 -22.67 2.99 16.87
N PRO J 446 -21.98 3.23 18.00
CA PRO J 446 -21.84 4.49 18.73
C PRO J 446 -20.52 5.20 18.45
N ARG J 447 -19.57 4.51 17.83
CA ARG J 447 -18.24 5.07 17.59
C ARG J 447 -18.28 6.58 17.33
N ASP J 448 -19.15 6.98 16.40
CA ASP J 448 -19.10 8.33 15.82
C ASP J 448 -20.16 9.26 16.40
N PHE J 449 -20.48 9.11 17.68
CA PHE J 449 -21.65 9.78 18.24
C PHE J 449 -21.43 10.31 19.64
N VAL J 450 -21.92 11.52 19.90
CA VAL J 450 -21.78 12.12 21.22
C VAL J 450 -23.15 12.60 21.72
N ASN J 451 -23.21 12.89 23.02
CA ASN J 451 -24.40 13.44 23.65
C ASN J 451 -24.58 14.90 23.27
N CYS J 452 -25.82 15.34 23.07
CA CYS J 452 -26.06 16.73 22.69
C CYS J 452 -25.59 17.70 23.75
N SER J 453 -25.39 17.20 24.96
CA SER J 453 -25.04 18.03 26.11
C SER J 453 -23.57 18.45 26.09
N THR J 454 -22.88 18.14 24.99
CA THR J 454 -21.44 18.33 24.88
C THR J 454 -21.10 19.25 23.71
N LEU J 455 -22.11 19.63 22.93
CA LEU J 455 -21.95 20.59 21.84
C LEU J 455 -22.63 21.92 22.20
N PRO J 456 -21.87 23.04 22.14
CA PRO J 456 -22.43 24.34 22.49
C PRO J 456 -23.36 24.92 21.43
N ALA J 457 -24.32 25.74 21.88
CA ALA J 457 -25.31 26.35 20.98
C ALA J 457 -24.86 27.76 20.51
N LEU J 458 -25.30 28.17 19.33
CA LEU J 458 -25.07 29.53 18.87
C LEU J 458 -25.13 30.48 20.07
N ASN J 459 -24.13 31.31 20.21
CA ASN J 459 -24.25 32.48 21.06
C ASN J 459 -24.83 33.66 20.29
N LEU J 460 -26.03 34.07 20.66
CA LEU J 460 -26.66 35.23 20.04
C LEU J 460 -26.42 36.54 20.85
N ALA J 461 -25.33 36.59 21.61
CA ALA J 461 -25.00 37.79 22.38
C ALA J 461 -24.82 39.00 21.46
N SER J 462 -24.13 38.82 20.33
CA SER J 462 -23.78 39.96 19.49
C SER J 462 -24.92 40.42 18.58
N TRP J 463 -26.13 39.90 18.79
CA TRP J 463 -27.30 40.36 18.03
C TRP J 463 -28.20 41.34 18.80
N ARG J 464 -27.95 41.50 20.10
CA ARG J 464 -28.60 42.56 20.87
C ARG J 464 -28.21 43.89 20.25
N GLU J 465 -29.20 44.75 20.04
CA GLU J 465 -28.94 46.08 19.49
C GLU J 465 -28.73 47.07 20.63
N CYS K 1 -25.50 18.96 -41.30
CA CYS K 1 -24.23 19.34 -42.00
C CYS K 1 -23.65 18.14 -42.75
N PRO K 2 -23.25 18.33 -44.02
CA PRO K 2 -22.69 17.23 -44.82
C PRO K 2 -21.31 16.77 -44.31
N GLU K 3 -20.98 15.48 -44.55
CA GLU K 3 -19.74 14.90 -44.04
C GLU K 3 -18.52 15.57 -44.69
N GLN K 4 -18.74 16.13 -45.87
CA GLN K 4 -17.65 16.52 -46.74
C GLN K 4 -18.13 17.76 -47.49
N ASP K 5 -17.33 18.82 -47.45
CA ASP K 5 -17.71 20.13 -48.03
C ASP K 5 -16.49 20.97 -48.44
N LYS K 6 -16.38 21.27 -49.74
CA LYS K 6 -15.28 22.08 -50.27
C LYS K 6 -15.42 23.58 -50.01
N TYR K 7 -16.65 24.05 -49.84
CA TYR K 7 -16.91 25.50 -49.77
C TYR K 7 -17.70 25.89 -48.51
N ARG K 8 -17.48 27.10 -48.05
CA ARG K 8 -18.35 27.69 -47.06
C ARG K 8 -19.79 27.72 -47.56
N THR K 9 -20.71 27.65 -46.60
CA THR K 9 -22.09 28.10 -46.82
C THR K 9 -22.10 29.64 -46.86
N ILE K 10 -23.21 30.20 -47.34
CA ILE K 10 -23.32 31.64 -47.50
C ILE K 10 -23.63 32.25 -46.14
N THR K 11 -24.43 31.56 -45.34
CA THR K 11 -24.80 32.03 -44.00
C THR K 11 -23.72 31.80 -42.95
N GLY K 12 -22.72 30.99 -43.31
CA GLY K 12 -21.69 30.59 -42.34
C GLY K 12 -22.07 29.40 -41.47
N MET K 13 -23.30 28.91 -41.62
CA MET K 13 -23.73 27.69 -40.92
C MET K 13 -22.85 26.48 -41.31
N CYS K 14 -22.73 25.56 -40.38
CA CYS K 14 -21.92 24.35 -40.56
C CYS K 14 -20.40 24.59 -40.61
N ASN K 15 -19.96 25.82 -40.39
CA ASN K 15 -18.54 26.05 -40.21
C ASN K 15 -18.03 25.29 -39.00
N ASN K 16 -18.63 25.53 -37.86
CA ASN K 16 -18.44 24.70 -36.70
C ASN K 16 -19.44 23.57 -36.73
N ARG K 17 -18.95 22.35 -36.94
CA ARG K 17 -19.78 21.17 -37.01
C ARG K 17 -20.47 20.77 -35.70
N ARG K 18 -19.81 21.03 -34.59
CA ARG K 18 -20.36 20.62 -33.31
C ARG K 18 -21.45 21.60 -32.83
N SER K 19 -21.32 22.87 -33.21
CA SER K 19 -22.31 23.91 -32.89
C SER K 19 -22.56 24.84 -34.13
N PRO K 20 -23.41 24.40 -35.07
CA PRO K 20 -23.20 24.91 -36.42
C PRO K 20 -23.83 26.27 -36.73
N THR K 21 -24.37 26.97 -35.73
CA THR K 21 -24.72 28.38 -35.93
C THR K 21 -23.61 29.34 -35.54
N LEU K 22 -22.58 28.84 -34.85
CA LEU K 22 -21.51 29.71 -34.38
C LEU K 22 -20.85 30.38 -35.57
N GLY K 23 -20.93 31.70 -35.57
CA GLY K 23 -20.31 32.51 -36.61
C GLY K 23 -21.27 32.71 -37.77
N ALA K 24 -22.34 31.93 -37.79
CA ALA K 24 -23.44 32.12 -38.74
C ALA K 24 -24.14 33.47 -38.57
N SER K 25 -24.76 33.92 -39.66
CA SER K 25 -25.45 35.20 -39.72
C SER K 25 -26.80 35.13 -39.03
N ASN K 26 -27.32 36.29 -38.65
CA ASN K 26 -28.62 36.42 -37.96
C ASN K 26 -28.72 35.59 -36.69
N ARG K 27 -27.72 35.78 -35.83
CA ARG K 27 -27.66 35.17 -34.52
C ARG K 27 -27.21 36.23 -33.52
N ALA K 28 -27.48 35.98 -32.26
CA ALA K 28 -27.14 36.92 -31.21
C ALA K 28 -25.62 36.95 -31.00
N PHE K 29 -25.07 38.13 -30.74
CA PHE K 29 -23.68 38.26 -30.33
C PHE K 29 -23.36 37.41 -29.12
N VAL K 30 -22.10 36.97 -29.04
CA VAL K 30 -21.60 36.44 -27.78
C VAL K 30 -21.31 37.60 -26.81
N ARG K 31 -21.60 37.41 -25.53
CA ARG K 31 -21.16 38.35 -24.48
C ARG K 31 -19.88 37.87 -23.81
N TRP K 32 -18.91 38.76 -23.67
CA TRP K 32 -17.67 38.45 -22.95
C TRP K 32 -17.79 38.90 -21.49
N LEU K 33 -18.72 39.83 -21.26
CA LEU K 33 -19.09 40.21 -19.91
C LEU K 33 -20.61 40.36 -19.86
N PRO K 34 -21.19 40.20 -18.68
CA PRO K 34 -22.63 40.32 -18.59
C PRO K 34 -23.08 41.75 -18.93
N ALA K 35 -24.27 41.87 -19.49
CA ALA K 35 -24.89 43.17 -19.77
C ALA K 35 -25.05 44.04 -18.52
N GLU K 36 -24.94 45.35 -18.72
CA GLU K 36 -25.33 46.32 -17.71
C GLU K 36 -26.34 47.33 -18.25
N TYR K 37 -27.57 47.18 -17.78
CA TYR K 37 -28.67 48.06 -18.15
C TYR K 37 -29.22 48.70 -16.87
N GLU K 38 -29.97 49.79 -17.02
CA GLU K 38 -30.41 50.53 -15.85
C GLU K 38 -31.45 49.75 -15.07
N ASP K 39 -32.13 48.82 -15.74
CA ASP K 39 -33.06 47.92 -15.07
C ASP K 39 -32.53 46.50 -15.01
N GLY K 40 -31.27 46.30 -15.40
CA GLY K 40 -30.64 44.97 -15.33
C GLY K 40 -30.84 44.09 -16.55
N PHE K 41 -31.85 44.40 -17.37
CA PHE K 41 -32.22 43.46 -18.41
C PHE K 41 -32.56 44.06 -19.76
N SER K 42 -32.77 45.37 -19.83
CA SER K 42 -33.49 45.97 -20.94
C SER K 42 -33.07 47.40 -21.26
N LEU K 43 -33.32 48.30 -20.31
CA LEU K 43 -33.29 49.73 -20.61
C LEU K 43 -31.86 50.28 -20.54
N PRO K 44 -31.49 51.11 -21.52
CA PRO K 44 -30.11 51.58 -21.60
C PRO K 44 -29.85 52.66 -20.56
N TYR K 45 -28.62 52.70 -20.05
CA TYR K 45 -28.25 53.76 -19.13
C TYR K 45 -28.44 55.08 -19.87
N GLY K 46 -29.04 56.05 -19.19
CA GLY K 46 -29.38 57.32 -19.82
C GLY K 46 -30.85 57.40 -20.21
N TRP K 47 -31.56 56.28 -20.10
CA TRP K 47 -32.98 56.22 -20.50
C TRP K 47 -33.89 57.01 -19.55
N THR K 48 -33.84 56.66 -18.28
CA THR K 48 -34.68 57.29 -17.27
C THR K 48 -33.92 58.42 -16.62
N PRO K 49 -34.44 59.65 -16.74
CA PRO K 49 -33.72 60.77 -16.15
C PRO K 49 -33.69 60.72 -14.61
N GLY K 50 -32.55 61.07 -14.03
CA GLY K 50 -32.40 61.01 -12.57
C GLY K 50 -31.86 59.68 -12.07
N VAL K 51 -31.74 58.70 -12.97
CA VAL K 51 -31.26 57.37 -12.60
C VAL K 51 -29.74 57.25 -12.78
N LYS K 52 -29.02 57.09 -11.66
CA LYS K 52 -27.56 57.12 -11.65
C LYS K 52 -26.99 55.79 -12.12
N ARG K 53 -25.78 55.82 -12.68
CA ARG K 53 -24.99 54.61 -12.91
C ARG K 53 -23.82 54.53 -11.93
N ASN K 54 -23.82 53.48 -11.12
CA ASN K 54 -22.71 53.19 -10.23
C ASN K 54 -22.30 54.43 -9.43
N GLY K 55 -23.31 55.18 -8.99
CA GLY K 55 -23.09 56.31 -8.08
C GLY K 55 -23.17 57.68 -8.73
N PHE K 56 -23.29 57.72 -10.05
CA PHE K 56 -22.99 58.96 -10.79
C PHE K 56 -24.01 59.26 -11.88
N PRO K 57 -24.25 60.55 -12.14
CA PRO K 57 -25.07 60.93 -13.29
C PRO K 57 -24.54 60.41 -14.62
N VAL K 58 -25.48 59.97 -15.44
CA VAL K 58 -25.14 59.47 -16.76
C VAL K 58 -25.02 60.66 -17.69
N ALA K 59 -23.88 60.77 -18.36
CA ALA K 59 -23.54 61.99 -19.07
C ALA K 59 -23.96 61.87 -20.52
N LEU K 60 -24.54 62.94 -21.06
CA LEU K 60 -25.07 62.90 -22.42
C LEU K 60 -23.95 62.54 -23.41
N ALA K 61 -24.21 61.62 -24.34
CA ALA K 61 -23.16 61.21 -25.27
C ALA K 61 -22.66 62.43 -26.06
N ARG K 62 -23.56 63.37 -26.32
CA ARG K 62 -23.18 64.54 -27.10
C ARG K 62 -22.36 65.56 -26.30
N ALA K 63 -22.65 65.71 -25.01
CA ALA K 63 -21.78 66.47 -24.12
C ALA K 63 -20.37 65.86 -24.06
N VAL K 64 -20.27 64.54 -23.87
CA VAL K 64 -18.94 63.92 -23.77
C VAL K 64 -18.17 64.19 -25.07
N SER K 65 -18.84 63.95 -26.20
CA SER K 65 -18.31 64.31 -27.51
C SER K 65 -17.93 65.79 -27.63
N ASN K 66 -18.80 66.73 -27.25
CA ASN K 66 -18.46 68.16 -27.32
C ASN K 66 -17.18 68.48 -26.54
N GLU K 67 -17.01 67.83 -25.40
CA GLU K 67 -16.02 68.26 -24.43
C GLU K 67 -14.67 67.52 -24.53
N ILE K 68 -14.70 66.31 -25.07
CA ILE K 68 -13.47 65.52 -25.21
C ILE K 68 -13.05 65.32 -26.66
N VAL K 69 -14.02 65.02 -27.53
CA VAL K 69 -13.71 64.59 -28.88
C VAL K 69 -13.44 65.79 -29.77
N ARG K 70 -14.25 66.84 -29.62
CA ARG K 70 -14.19 68.01 -30.49
C ARG K 70 -12.78 68.61 -30.50
N PHE K 71 -12.28 68.91 -31.70
CA PHE K 71 -11.03 69.66 -31.84
C PHE K 71 -10.99 70.43 -33.17
N PRO K 72 -10.12 71.46 -33.27
CA PRO K 72 -10.10 72.27 -34.49
C PRO K 72 -9.41 71.57 -35.66
N THR K 73 -10.12 71.43 -36.79
CA THR K 73 -9.64 70.63 -37.91
C THR K 73 -8.22 71.03 -38.37
N ASP K 74 -7.89 72.32 -38.29
CA ASP K 74 -6.58 72.80 -38.75
C ASP K 74 -5.39 72.31 -37.90
N GLN K 75 -5.67 71.75 -36.73
CA GLN K 75 -4.64 71.07 -35.93
C GLN K 75 -4.42 69.62 -36.35
N LEU K 76 -5.22 69.15 -37.31
CA LEU K 76 -5.22 67.73 -37.62
C LEU K 76 -3.79 67.27 -37.86
N THR K 77 -3.44 66.12 -37.29
CA THR K 77 -2.08 65.58 -37.44
C THR K 77 -2.02 64.39 -38.41
N PRO K 78 -1.35 64.57 -39.54
CA PRO K 78 -1.25 63.45 -40.48
C PRO K 78 -0.30 62.36 -39.96
N ASP K 79 -0.69 61.11 -40.15
CA ASP K 79 0.07 59.98 -39.63
C ASP K 79 1.22 59.62 -40.58
N GLN K 80 2.46 59.83 -40.14
CA GLN K 80 3.63 59.62 -40.99
C GLN K 80 3.84 58.16 -41.44
N GLU K 81 3.25 57.20 -40.72
CA GLU K 81 3.53 55.79 -41.02
C GLU K 81 2.29 54.95 -41.33
N ARG K 82 1.16 55.61 -41.62
CA ARG K 82 -0.07 54.93 -42.11
C ARG K 82 -0.73 55.70 -43.27
N SER K 83 -1.15 54.98 -44.30
CA SER K 83 -1.91 55.55 -45.40
C SER K 83 -3.40 55.61 -45.07
N LEU K 84 -4.14 56.39 -45.84
CA LEU K 84 -5.59 56.42 -45.67
C LEU K 84 -6.21 55.03 -45.96
N MET K 85 -5.47 54.18 -46.68
CA MET K 85 -5.93 52.81 -46.98
C MET K 85 -6.02 52.00 -45.70
N PHE K 86 -5.14 52.32 -44.76
CA PHE K 86 -5.26 51.79 -43.40
C PHE K 86 -6.62 52.04 -42.78
N MET K 87 -7.14 53.25 -42.94
CA MET K 87 -8.49 53.52 -42.46
C MET K 87 -9.47 52.66 -43.24
N GLN K 88 -9.34 52.67 -44.56
CA GLN K 88 -10.42 52.18 -45.42
C GLN K 88 -10.52 50.66 -45.33
N TRP K 89 -9.40 50.00 -45.12
CA TRP K 89 -9.42 48.56 -44.97
C TRP K 89 -10.15 48.19 -43.68
N GLY K 90 -10.00 49.05 -42.68
CA GLY K 90 -10.63 48.78 -41.40
C GLY K 90 -12.12 48.73 -41.64
N GLN K 91 -12.66 49.75 -42.28
CA GLN K 91 -14.10 49.83 -42.44
C GLN K 91 -14.60 48.68 -43.31
N LEU K 92 -13.94 48.43 -44.43
CA LEU K 92 -14.28 47.30 -45.30
C LEU K 92 -14.30 45.98 -44.54
N LEU K 93 -13.23 45.74 -43.79
CA LEU K 93 -13.11 44.52 -42.97
C LEU K 93 -14.21 44.45 -41.90
N ASP K 94 -14.49 45.56 -41.25
CA ASP K 94 -15.61 45.64 -40.32
C ASP K 94 -16.90 45.11 -40.96
N HIS K 95 -17.07 45.42 -42.25
CA HIS K 95 -18.29 45.08 -42.95
C HIS K 95 -18.30 43.61 -43.42
N ASP K 96 -17.17 42.92 -43.28
CA ASP K 96 -17.11 41.44 -43.37
C ASP K 96 -17.70 40.83 -42.09
N LEU K 97 -17.53 41.51 -40.96
CA LEU K 97 -17.60 40.89 -39.65
C LEU K 97 -18.94 41.15 -38.97
N ASP K 98 -19.38 42.41 -38.95
CA ASP K 98 -20.61 42.75 -38.23
C ASP K 98 -21.46 43.86 -38.81
N PHE K 99 -22.76 43.58 -38.78
CA PHE K 99 -23.82 44.56 -39.00
C PHE K 99 -24.94 44.28 -38.01
N THR K 100 -25.18 45.23 -37.12
CA THR K 100 -26.20 45.11 -36.08
C THR K 100 -27.53 45.73 -36.52
N PRO K 101 -28.59 44.94 -36.70
CA PRO K 101 -29.74 45.58 -37.32
C PRO K 101 -30.63 46.36 -36.35
N GLU K 102 -31.42 47.28 -36.92
CA GLU K 102 -32.36 48.15 -36.20
C GLU K 102 -33.72 48.14 -36.93
N PRO K 103 -34.79 48.59 -36.26
CA PRO K 103 -36.07 48.76 -36.98
C PRO K 103 -36.00 49.87 -38.04
N ALA K 104 -36.68 49.69 -39.18
CA ALA K 104 -36.72 50.69 -40.28
C ALA K 104 -37.50 51.94 -39.89
N VAL L 1 -44.06 56.50 -33.28
CA VAL L 1 -42.84 57.34 -33.13
C VAL L 1 -41.78 56.94 -34.17
N ASN L 2 -41.75 57.68 -35.27
CA ASN L 2 -40.65 57.62 -36.24
C ASN L 2 -39.40 58.27 -35.67
N CYS L 3 -38.36 57.47 -35.41
CA CYS L 3 -37.18 57.93 -34.67
C CYS L 3 -36.36 58.93 -35.48
N GLU L 4 -36.56 58.93 -36.79
CA GLU L 4 -35.86 59.85 -37.68
C GLU L 4 -36.39 61.29 -37.50
N THR L 5 -37.68 61.44 -37.23
CA THR L 5 -38.33 62.75 -37.31
C THR L 5 -38.85 63.25 -35.96
N SER L 6 -39.06 62.34 -35.01
CA SER L 6 -39.48 62.74 -33.66
C SER L 6 -38.35 62.62 -32.61
N CYS L 7 -38.42 63.47 -31.59
CA CYS L 7 -37.51 63.41 -30.46
C CYS L 7 -38.15 62.82 -29.19
N VAL L 8 -39.35 62.27 -29.33
CA VAL L 8 -40.00 61.54 -28.24
C VAL L 8 -39.20 60.25 -27.99
N GLN L 9 -38.84 60.00 -26.72
CA GLN L 9 -38.26 58.74 -26.28
C GLN L 9 -39.31 57.67 -25.98
N GLN L 10 -39.66 56.89 -26.99
CA GLN L 10 -40.45 55.68 -26.80
C GLN L 10 -39.88 54.59 -27.69
N PRO L 11 -39.95 53.32 -27.23
CA PRO L 11 -39.34 52.25 -28.04
C PRO L 11 -39.94 52.27 -29.45
N PRO L 12 -39.11 52.12 -30.48
CA PRO L 12 -37.70 51.75 -30.45
C PRO L 12 -36.72 52.92 -30.31
N CYS L 13 -37.22 54.12 -30.04
CA CYS L 13 -36.40 55.31 -30.22
C CYS L 13 -35.68 55.69 -28.93
N PHE L 14 -34.39 55.96 -29.05
CA PHE L 14 -33.56 56.35 -27.91
C PHE L 14 -32.77 57.60 -28.28
N PRO L 15 -33.47 58.69 -28.62
CA PRO L 15 -32.78 59.82 -29.24
C PRO L 15 -31.73 60.42 -28.30
N LEU L 16 -30.65 60.97 -28.87
CA LEU L 16 -29.63 61.63 -28.06
C LEU L 16 -30.09 63.05 -27.73
N LYS L 17 -30.24 63.33 -26.44
CA LYS L 17 -30.55 64.67 -25.93
C LYS L 17 -29.39 65.66 -26.17
N ILE L 18 -29.70 66.94 -26.17
CA ILE L 18 -28.72 67.96 -26.54
C ILE L 18 -28.34 68.77 -25.29
N PRO L 19 -27.04 68.89 -25.00
CA PRO L 19 -26.64 69.76 -23.89
C PRO L 19 -26.95 71.26 -24.15
N PRO L 20 -27.07 72.05 -23.06
CA PRO L 20 -27.07 73.50 -23.20
C PRO L 20 -25.73 73.95 -23.76
N ASN L 21 -25.75 74.95 -24.63
CA ASN L 21 -24.51 75.53 -25.14
C ASN L 21 -23.81 74.66 -26.17
N ASP L 22 -24.57 73.80 -26.83
CA ASP L 22 -24.03 73.01 -27.92
C ASP L 22 -23.44 73.94 -29.00
N PRO L 23 -22.29 73.54 -29.59
CA PRO L 23 -21.72 74.39 -30.64
C PRO L 23 -22.60 74.50 -31.89
N ARG L 24 -23.44 73.49 -32.13
CA ARG L 24 -24.13 73.40 -33.40
C ARG L 24 -25.63 73.42 -33.23
N ILE L 25 -26.12 72.64 -32.26
CA ILE L 25 -27.54 72.39 -32.14
C ILE L 25 -28.09 73.27 -31.03
N LYS L 26 -28.70 74.38 -31.42
CA LYS L 26 -29.04 75.44 -30.48
C LYS L 26 -30.35 75.18 -29.73
N ASN L 27 -31.26 74.45 -30.37
CA ASN L 27 -32.59 74.24 -29.81
C ASN L 27 -32.65 72.92 -29.07
N GLN L 28 -32.75 72.97 -27.74
CA GLN L 28 -32.71 71.73 -26.96
C GLN L 28 -33.96 70.86 -27.17
N ALA L 29 -35.01 71.42 -27.79
CA ALA L 29 -36.16 70.62 -28.22
C ALA L 29 -35.79 69.68 -29.37
N ASP L 30 -34.61 69.88 -29.93
CA ASP L 30 -34.05 69.03 -30.97
C ASP L 30 -33.33 67.84 -30.34
N CYS L 31 -32.79 66.96 -31.17
CA CYS L 31 -32.12 65.74 -30.73
C CYS L 31 -31.44 65.11 -31.94
N ILE L 32 -30.47 64.24 -31.72
CA ILE L 32 -29.89 63.43 -32.79
C ILE L 32 -30.63 62.09 -32.83
N PRO L 33 -31.18 61.74 -34.01
CA PRO L 33 -31.97 60.52 -34.20
C PRO L 33 -31.22 59.28 -33.77
N PHE L 34 -31.92 58.32 -33.14
CA PHE L 34 -31.31 57.04 -32.72
C PHE L 34 -32.33 55.90 -32.58
N PHE L 35 -32.14 54.83 -33.35
CA PHE L 35 -32.95 53.60 -33.23
C PHE L 35 -32.20 52.60 -32.36
N ARG L 36 -32.89 51.99 -31.40
CA ARG L 36 -32.33 50.90 -30.60
C ARG L 36 -32.15 49.69 -31.50
N SER L 37 -30.96 49.11 -31.45
CA SER L 37 -30.69 47.81 -32.07
C SER L 37 -31.77 46.73 -31.79
N CSO L 38 -32.13 45.96 -32.82
CA CSO L 38 -33.11 44.87 -32.63
CB CSO L 38 -33.38 44.09 -33.92
SG CSO L 38 -34.09 45.09 -35.11
C CSO L 38 -32.64 43.89 -31.57
O CSO L 38 -31.49 43.46 -31.59
OD CSO L 38 -35.57 45.35 -34.88
N PRO L 39 -33.52 43.57 -30.62
CA PRO L 39 -33.22 42.56 -29.61
C PRO L 39 -33.33 41.13 -30.12
N ALA L 40 -32.46 40.26 -29.64
CA ALA L 40 -32.51 38.81 -29.90
C ALA L 40 -33.90 38.25 -29.66
N CYS L 41 -34.50 38.60 -28.53
CA CYS L 41 -35.74 38.00 -28.10
C CYS L 41 -36.76 39.09 -27.72
N PRO L 42 -37.38 39.71 -28.73
CA PRO L 42 -38.37 40.77 -28.50
C PRO L 42 -39.43 40.42 -27.46
N GLY L 43 -39.70 41.33 -26.53
CA GLY L 43 -40.88 41.21 -25.66
C GLY L 43 -40.66 40.40 -24.38
N SER L 44 -39.46 39.84 -24.21
CA SER L 44 -39.20 38.87 -23.16
C SER L 44 -38.99 39.58 -21.83
N ASN L 45 -39.56 39.03 -20.76
CA ASN L 45 -39.19 39.42 -19.41
C ASN L 45 -38.18 38.51 -18.76
N ILE L 46 -37.66 37.53 -19.52
CA ILE L 46 -36.75 36.54 -18.98
C ILE L 46 -35.33 36.85 -19.40
N THR L 47 -35.12 37.07 -20.69
CA THR L 47 -33.77 37.26 -21.21
C THR L 47 -33.19 38.63 -20.86
N ILE L 48 -31.88 38.65 -20.77
CA ILE L 48 -31.12 39.89 -20.70
C ILE L 48 -30.82 40.36 -22.10
N ARG L 49 -31.35 41.53 -22.45
CA ARG L 49 -31.48 41.89 -23.88
C ARG L 49 -30.12 41.83 -24.60
N ASN L 50 -30.10 41.16 -25.73
CA ASN L 50 -28.90 41.07 -26.54
C ASN L 50 -29.26 41.43 -27.98
N GLN L 51 -28.23 41.79 -28.76
CA GLN L 51 -28.40 42.27 -30.12
C GLN L 51 -27.93 41.23 -31.14
N ILE L 52 -28.18 41.51 -32.41
CA ILE L 52 -28.08 40.49 -33.47
C ILE L 52 -26.95 40.87 -34.41
N ASN L 53 -26.16 39.87 -34.82
CA ASN L 53 -25.29 40.00 -36.00
C ASN L 53 -25.93 39.45 -37.25
N ALA L 54 -26.08 40.32 -38.25
CA ALA L 54 -26.74 39.96 -39.50
C ALA L 54 -25.76 39.38 -40.51
N LEU L 55 -24.46 39.40 -40.18
CA LEU L 55 -23.42 38.96 -41.10
C LEU L 55 -22.70 37.72 -40.57
N THR L 56 -21.98 37.03 -41.46
CA THR L 56 -21.15 35.93 -40.99
C THR L 56 -19.93 36.49 -40.28
N SER L 57 -19.64 35.97 -39.10
CA SER L 57 -18.52 36.50 -38.34
C SER L 57 -17.19 36.26 -39.05
N PHE L 58 -17.11 35.27 -39.95
CA PHE L 58 -15.79 34.89 -40.50
C PHE L 58 -15.26 35.92 -41.46
N VAL L 59 -13.94 35.95 -41.61
CA VAL L 59 -13.32 36.78 -42.62
C VAL L 59 -13.42 35.99 -43.91
N ASP L 60 -14.61 36.04 -44.50
CA ASP L 60 -14.96 35.21 -45.66
C ASP L 60 -15.46 36.04 -46.83
N ALA L 61 -15.20 37.33 -46.77
CA ALA L 61 -15.58 38.25 -47.83
C ALA L 61 -17.08 38.29 -48.04
N SER L 62 -17.84 38.07 -46.97
CA SER L 62 -19.30 38.21 -47.04
C SER L 62 -19.77 39.63 -47.41
N MET L 63 -18.89 40.62 -47.31
CA MET L 63 -19.21 41.96 -47.76
C MET L 63 -19.20 42.08 -49.30
N VAL L 64 -18.64 41.06 -49.96
CA VAL L 64 -18.74 40.90 -51.41
C VAL L 64 -19.85 39.91 -51.82
N TYR L 65 -20.00 38.81 -51.07
CA TYR L 65 -20.86 37.70 -51.51
C TYR L 65 -22.25 37.68 -50.86
N GLY L 66 -22.44 38.44 -49.78
CA GLY L 66 -23.67 38.36 -48.99
C GLY L 66 -23.62 37.31 -47.88
N SER L 67 -24.52 37.43 -46.92
CA SER L 67 -24.53 36.60 -45.72
C SER L 67 -25.80 35.79 -45.61
N GLU L 68 -26.61 35.84 -46.66
CA GLU L 68 -27.85 35.08 -46.72
C GLU L 68 -28.42 35.07 -48.14
N GLU L 69 -29.27 34.09 -48.42
CA GLU L 69 -29.18 33.35 -49.69
C GLU L 69 -29.84 34.01 -50.88
N PRO L 70 -30.94 34.77 -50.64
CA PRO L 70 -31.55 35.43 -51.84
C PRO L 70 -30.66 36.55 -52.38
N LEU L 71 -30.10 37.36 -51.47
CA LEU L 71 -29.04 38.30 -51.82
C LEU L 71 -27.91 37.62 -52.58
N ALA L 72 -27.31 36.57 -52.00
CA ALA L 72 -26.14 35.93 -52.61
C ALA L 72 -26.42 35.55 -54.06
N ARG L 73 -27.58 34.97 -54.29
CA ARG L 73 -28.07 34.63 -55.63
C ARG L 73 -28.17 35.87 -56.53
N ASN L 74 -28.85 36.90 -56.02
CA ASN L 74 -29.13 38.13 -56.79
C ASN L 74 -27.87 38.91 -57.17
N LEU L 75 -26.77 38.64 -56.47
CA LEU L 75 -25.50 39.33 -56.79
C LEU L 75 -24.78 38.64 -57.95
N ARG L 76 -25.23 37.44 -58.31
CA ARG L 76 -24.52 36.61 -59.29
C ARG L 76 -25.06 36.87 -60.69
N ASN L 77 -24.19 36.72 -61.68
CA ASN L 77 -24.59 36.93 -63.07
C ASN L 77 -25.13 35.61 -63.58
N MET L 78 -26.44 35.45 -63.52
CA MET L 78 -27.08 34.17 -63.81
C MET L 78 -27.57 34.12 -65.26
N SER L 79 -26.86 34.80 -66.16
CA SER L 79 -27.21 34.81 -67.57
C SER L 79 -26.32 33.87 -68.38
N ASN L 80 -25.32 33.31 -67.70
CA ASN L 80 -24.29 32.48 -68.33
C ASN L 80 -23.59 31.66 -67.25
N GLN L 81 -22.80 30.67 -67.66
CA GLN L 81 -22.20 29.72 -66.71
C GLN L 81 -20.77 30.13 -66.35
N LEU L 82 -20.52 31.44 -66.30
CA LEU L 82 -19.15 31.94 -66.14
C LEU L 82 -18.75 32.16 -64.69
N GLY L 83 -19.68 31.92 -63.78
CA GLY L 83 -19.44 32.06 -62.35
C GLY L 83 -19.18 33.48 -61.90
N LEU L 84 -19.71 34.43 -62.66
CA LEU L 84 -19.38 35.84 -62.44
C LEU L 84 -20.30 36.52 -61.42
N LEU L 85 -19.81 37.63 -60.85
CA LEU L 85 -20.67 38.53 -60.06
C LEU L 85 -21.27 39.58 -61.01
N ALA L 86 -22.54 39.93 -60.77
CA ALA L 86 -23.23 40.91 -61.63
C ALA L 86 -22.52 42.25 -61.61
N VAL L 87 -22.54 42.92 -62.76
CA VAL L 87 -21.94 44.26 -62.90
C VAL L 87 -22.95 45.29 -63.43
N ASN L 88 -22.59 46.56 -63.27
CA ASN L 88 -23.47 47.66 -63.63
C ASN L 88 -23.81 47.61 -65.12
N GLN L 89 -25.09 47.71 -65.45
CA GLN L 89 -25.57 47.56 -66.84
C GLN L 89 -25.71 48.90 -67.55
N ARG L 90 -25.52 49.99 -66.81
CA ARG L 90 -25.61 51.33 -67.36
C ARG L 90 -24.26 52.04 -67.50
N PHE L 91 -23.33 51.76 -66.59
CA PHE L 91 -22.05 52.48 -66.53
C PHE L 91 -20.87 51.53 -66.37
N GLN L 92 -19.74 51.91 -66.95
CA GLN L 92 -18.44 51.30 -66.67
C GLN L 92 -17.40 52.41 -66.37
N ASP L 93 -16.29 52.01 -65.78
CA ASP L 93 -15.20 52.93 -65.42
C ASP L 93 -13.95 52.67 -66.26
N ASN L 94 -13.78 53.48 -67.29
CA ASN L 94 -12.74 53.24 -68.29
C ASN L 94 -12.70 51.77 -68.75
N GLY L 95 -13.86 51.22 -69.09
CA GLY L 95 -13.93 49.86 -69.64
C GLY L 95 -13.92 48.76 -68.62
N ARG L 96 -13.89 49.15 -67.35
CA ARG L 96 -13.94 48.20 -66.25
C ARG L 96 -15.27 48.29 -65.53
N ALA L 97 -15.58 47.21 -64.83
CA ALA L 97 -16.87 47.02 -64.16
C ALA L 97 -17.09 47.95 -62.97
N LEU L 98 -18.32 48.43 -62.85
CA LEU L 98 -18.82 48.95 -61.58
C LEU L 98 -19.88 48.00 -61.01
N LEU L 99 -20.08 48.10 -59.69
CA LEU L 99 -21.09 47.31 -59.01
C LEU L 99 -22.48 47.62 -59.59
N PRO L 100 -23.40 46.65 -59.52
CA PRO L 100 -24.78 46.93 -59.96
C PRO L 100 -25.42 47.97 -59.07
N PHE L 101 -26.49 48.60 -59.56
CA PHE L 101 -27.27 49.52 -58.76
C PHE L 101 -28.27 48.73 -57.93
N ASP L 102 -28.74 49.35 -56.85
CA ASP L 102 -29.77 48.76 -56.03
C ASP L 102 -31.13 49.38 -56.37
N ASN L 103 -32.18 48.85 -55.73
CA ASN L 103 -33.56 49.18 -56.07
C ASN L 103 -34.30 49.70 -54.84
N LEU L 104 -33.67 50.63 -54.13
CA LEU L 104 -34.18 51.11 -52.85
C LEU L 104 -35.49 51.88 -53.04
N HIS L 105 -36.22 52.07 -51.95
CA HIS L 105 -37.37 52.97 -51.92
C HIS L 105 -36.94 54.35 -51.41
N ASP L 106 -36.15 54.36 -50.34
CA ASP L 106 -35.70 55.60 -49.72
C ASP L 106 -34.26 55.88 -50.08
N ASP L 107 -33.95 55.80 -51.37
CA ASP L 107 -32.57 55.63 -51.81
C ASP L 107 -31.71 56.83 -51.41
N PRO L 108 -30.92 56.68 -50.33
CA PRO L 108 -30.14 57.84 -49.85
C PRO L 108 -29.20 58.46 -50.91
N CYS L 109 -28.71 57.65 -51.85
CA CYS L 109 -27.70 58.09 -52.81
C CYS L 109 -28.27 59.09 -53.83
N LEU L 110 -29.53 58.94 -54.19
CA LEU L 110 -30.21 59.91 -55.08
C LEU L 110 -30.22 61.32 -54.50
N LEU L 111 -30.22 61.43 -53.16
CA LEU L 111 -30.38 62.71 -52.47
C LEU L 111 -29.10 63.54 -52.44
N THR L 112 -27.95 62.90 -52.63
CA THR L 112 -26.68 63.62 -52.52
C THR L 112 -26.48 64.54 -53.71
N ASN L 113 -27.22 64.28 -54.79
CA ASN L 113 -27.19 65.12 -55.96
C ASN L 113 -28.38 64.81 -56.88
N ARG L 114 -29.29 65.77 -56.99
CA ARG L 114 -30.58 65.53 -57.62
C ARG L 114 -30.49 65.47 -59.15
N SER L 115 -29.63 66.27 -59.76
CA SER L 115 -29.41 66.20 -61.21
C SER L 115 -28.85 64.84 -61.66
N ALA L 116 -27.92 64.29 -60.88
CA ALA L 116 -27.19 63.06 -61.23
C ALA L 116 -28.10 61.83 -61.32
N ARG L 117 -28.97 61.66 -60.33
CA ARG L 117 -29.87 60.51 -60.26
C ARG L 117 -29.11 59.18 -60.38
N ILE L 118 -28.08 59.06 -59.55
CA ILE L 118 -27.32 57.83 -59.46
C ILE L 118 -27.72 57.14 -58.17
N PRO L 119 -28.41 55.99 -58.28
CA PRO L 119 -28.83 55.25 -57.10
C PRO L 119 -27.64 54.60 -56.44
N CYS L 120 -27.84 54.10 -55.22
CA CYS L 120 -26.82 53.38 -54.48
C CYS L 120 -26.46 52.11 -55.22
N PHE L 121 -25.26 51.59 -54.94
CA PHE L 121 -24.85 50.28 -55.45
C PHE L 121 -25.33 49.10 -54.61
N LEU L 122 -25.31 47.93 -55.23
CA LEU L 122 -25.75 46.70 -54.58
C LEU L 122 -24.52 45.81 -54.44
N ALA L 123 -24.39 45.20 -53.28
CA ALA L 123 -23.19 44.48 -52.92
C ALA L 123 -23.53 43.52 -51.76
N GLY L 124 -22.53 42.80 -51.26
CA GLY L 124 -22.76 41.79 -50.22
C GLY L 124 -23.19 42.41 -48.91
N ASP L 125 -22.76 43.63 -48.69
CA ASP L 125 -23.12 44.38 -47.51
C ASP L 125 -23.87 45.66 -47.93
N THR L 126 -24.85 46.04 -47.10
CA THR L 126 -25.77 47.13 -47.41
C THR L 126 -25.14 48.52 -47.26
N ARG L 127 -23.88 48.58 -46.84
CA ARG L 127 -23.28 49.88 -46.58
C ARG L 127 -22.30 50.27 -47.68
N SER L 128 -22.38 49.60 -48.82
CA SER L 128 -21.33 49.73 -49.85
C SER L 128 -21.17 51.17 -50.35
N SER L 129 -22.28 51.90 -50.51
CA SER L 129 -22.24 53.29 -50.97
C SER L 129 -21.97 54.35 -49.88
N GLU L 130 -21.76 53.93 -48.64
CA GLU L 130 -21.59 54.90 -47.54
C GLU L 130 -20.54 55.98 -47.84
N MET L 131 -19.40 55.61 -48.40
CA MET L 131 -18.41 56.61 -48.85
C MET L 131 -17.65 56.05 -50.06
N PRO L 132 -17.39 56.89 -51.07
CA PRO L 132 -16.89 56.35 -52.33
C PRO L 132 -15.54 55.57 -52.23
N GLU L 133 -14.73 55.90 -51.22
CA GLU L 133 -13.55 55.10 -50.91
C GLU L 133 -13.92 53.66 -50.53
N LEU L 134 -14.99 53.50 -49.76
CA LEU L 134 -15.51 52.17 -49.46
C LEU L 134 -16.02 51.50 -50.73
N THR L 135 -16.90 52.21 -51.43
CA THR L 135 -17.38 51.78 -52.74
C THR L 135 -16.25 51.30 -53.61
N SER L 136 -15.15 52.02 -53.61
CA SER L 136 -14.04 51.70 -54.48
C SER L 136 -13.37 50.38 -54.09
N MET L 137 -13.33 50.10 -52.79
CA MET L 137 -12.81 48.81 -52.31
C MET L 137 -13.75 47.65 -52.65
N HIS L 138 -15.05 47.85 -52.46
CA HIS L 138 -16.05 46.88 -52.93
C HIS L 138 -15.86 46.58 -54.41
N THR L 139 -15.68 47.63 -55.21
CA THR L 139 -15.61 47.49 -56.67
C THR L 139 -14.34 46.75 -57.03
N LEU L 140 -13.25 47.12 -56.36
CA LEU L 140 -11.99 46.38 -56.50
C LEU L 140 -12.20 44.88 -56.44
N LEU L 141 -12.92 44.42 -55.43
CA LEU L 141 -13.00 43.03 -55.13
C LEU L 141 -14.01 42.35 -56.04
N LEU L 142 -15.02 43.10 -56.48
CA LEU L 142 -15.94 42.60 -57.49
C LEU L 142 -15.17 42.25 -58.74
N ARG L 143 -14.28 43.14 -59.14
CA ARG L 143 -13.42 42.90 -60.31
C ARG L 143 -12.50 41.71 -60.16
N GLU L 144 -11.93 41.55 -58.96
CA GLU L 144 -10.98 40.48 -58.71
C GLU L 144 -11.71 39.13 -58.82
N HIS L 145 -12.91 39.04 -58.24
CA HIS L 145 -13.73 37.82 -58.37
C HIS L 145 -13.88 37.45 -59.82
N ASN L 146 -14.33 38.41 -60.61
CA ASN L 146 -14.62 38.14 -62.02
C ASN L 146 -13.36 37.80 -62.81
N ARG L 147 -12.24 38.39 -62.41
CA ARG L 147 -10.97 38.14 -63.08
C ARG L 147 -10.53 36.68 -62.86
N LEU L 148 -10.66 36.25 -61.61
CA LEU L 148 -10.30 34.89 -61.23
C LEU L 148 -11.22 33.89 -61.92
N ALA L 149 -12.53 34.09 -61.77
CA ALA L 149 -13.52 33.23 -62.46
C ALA L 149 -13.12 33.04 -63.94
N THR L 150 -12.70 34.13 -64.58
CA THR L 150 -12.38 34.08 -66.00
C THR L 150 -11.08 33.30 -66.19
N GLU L 151 -10.13 33.48 -65.28
CA GLU L 151 -8.86 32.78 -65.38
C GLU L 151 -9.10 31.31 -65.11
N LEU L 152 -9.94 31.02 -64.13
CA LEU L 152 -10.28 29.65 -63.77
C LEU L 152 -10.99 28.94 -64.90
N LYS L 153 -11.73 29.70 -65.68
CA LYS L 153 -12.47 29.17 -66.83
C LYS L 153 -11.56 28.80 -67.98
N SER L 154 -10.54 29.62 -68.25
CA SER L 154 -9.48 29.24 -69.18
C SER L 154 -8.73 27.99 -68.73
N LEU L 155 -8.47 27.87 -67.42
CA LEU L 155 -7.75 26.69 -66.91
C LEU L 155 -8.65 25.47 -66.93
N ASN L 156 -9.93 25.65 -66.58
CA ASN L 156 -10.85 24.54 -66.36
C ASN L 156 -12.19 24.80 -67.08
N PRO L 157 -12.17 24.75 -68.42
CA PRO L 157 -13.30 25.15 -69.25
C PRO L 157 -14.57 24.32 -69.03
N ARG L 158 -14.39 23.04 -68.66
CA ARG L 158 -15.49 22.14 -68.30
C ARG L 158 -16.23 22.59 -67.02
N TRP L 159 -15.56 23.35 -66.17
CA TRP L 159 -16.15 23.78 -64.92
C TRP L 159 -17.41 24.60 -65.16
N ASP L 160 -18.50 24.25 -64.49
CA ASP L 160 -19.73 25.02 -64.65
C ASP L 160 -19.69 26.24 -63.76
N GLY L 161 -20.75 27.03 -63.77
CA GLY L 161 -20.75 28.38 -63.19
C GLY L 161 -20.72 28.35 -61.67
N GLU L 162 -21.41 27.38 -61.09
CA GLU L 162 -21.41 27.17 -59.66
C GLU L 162 -19.98 26.91 -59.14
N ARG L 163 -19.25 26.01 -59.79
CA ARG L 163 -17.86 25.72 -59.41
C ARG L 163 -16.93 26.91 -59.61
N LEU L 164 -17.00 27.51 -60.79
CA LEU L 164 -16.29 28.75 -61.09
C LEU L 164 -16.54 29.80 -59.99
N TYR L 165 -17.81 30.01 -59.65
CA TYR L 165 -18.18 31.00 -58.65
C TYR L 165 -17.59 30.64 -57.28
N GLN L 166 -17.74 29.38 -56.85
CA GLN L 166 -17.30 28.99 -55.49
C GLN L 166 -15.76 29.05 -55.39
N GLU L 167 -15.07 28.67 -56.46
CA GLU L 167 -13.60 28.62 -56.44
C GLU L 167 -12.99 30.01 -56.47
N ALA L 168 -13.60 30.91 -57.24
CA ALA L 168 -13.21 32.32 -57.21
C ALA L 168 -13.46 32.93 -55.83
N ARG L 169 -14.63 32.64 -55.25
CA ARG L 169 -15.01 33.23 -53.94
C ARG L 169 -14.08 32.73 -52.83
N LYS L 170 -13.66 31.47 -52.96
CA LYS L 170 -12.77 30.85 -51.96
C LYS L 170 -11.45 31.63 -51.99
N ILE L 171 -11.00 31.97 -53.20
CA ILE L 171 -9.72 32.65 -53.35
C ILE L 171 -9.81 34.07 -52.79
N VAL L 172 -10.90 34.77 -53.11
CA VAL L 172 -11.13 36.12 -52.60
C VAL L 172 -11.17 36.15 -51.05
N GLY L 173 -11.87 35.20 -50.44
CA GLY L 173 -11.92 35.15 -48.97
C GLY L 173 -10.51 34.97 -48.41
N ALA L 174 -9.69 34.17 -49.09
CA ALA L 174 -8.34 33.90 -48.60
C ALA L 174 -7.50 35.16 -48.72
N MET L 175 -7.72 35.91 -49.80
CA MET L 175 -6.98 37.15 -50.01
C MET L 175 -7.26 38.16 -48.90
N VAL L 176 -8.53 38.25 -48.49
CA VAL L 176 -8.93 39.20 -47.45
C VAL L 176 -8.34 38.79 -46.06
N GLN L 177 -8.32 37.48 -45.78
CA GLN L 177 -7.70 36.96 -44.55
C GLN L 177 -6.22 37.29 -44.55
N ILE L 178 -5.57 37.06 -45.67
CA ILE L 178 -4.11 37.20 -45.77
C ILE L 178 -3.74 38.66 -45.62
N ILE L 179 -4.44 39.53 -46.32
CA ILE L 179 -4.13 40.96 -46.27
C ILE L 179 -4.41 41.42 -44.84
N THR L 180 -5.46 40.87 -44.23
CA THR L 180 -5.90 41.33 -42.92
C THR L 180 -4.89 40.93 -41.86
N TYR L 181 -4.49 39.66 -41.86
CA TYR L 181 -3.65 39.14 -40.75
C TYR L 181 -2.16 39.36 -40.98
N ARG L 182 -1.73 39.36 -42.24
CA ARG L 182 -0.32 39.64 -42.59
C ARG L 182 0.03 41.13 -42.54
N ASP L 183 -0.84 41.99 -43.07
CA ASP L 183 -0.46 43.38 -43.31
C ASP L 183 -1.14 44.37 -42.39
N TYR L 184 -2.41 44.12 -42.08
CA TYR L 184 -3.27 45.14 -41.47
C TYR L 184 -3.17 45.06 -39.93
N LEU L 185 -3.42 43.88 -39.38
CA LEU L 185 -3.52 43.75 -37.93
C LEU L 185 -2.23 44.07 -37.16
N PRO L 186 -1.04 43.70 -37.71
CA PRO L 186 0.22 44.07 -37.01
C PRO L 186 0.37 45.58 -36.84
N LEU L 187 -0.22 46.32 -37.78
CA LEU L 187 -0.13 47.78 -37.80
C LEU L 187 -1.19 48.43 -36.90
N VAL L 188 -2.27 47.70 -36.62
CA VAL L 188 -3.24 48.08 -35.60
C VAL L 188 -2.72 47.84 -34.18
N LEU L 189 -2.17 46.65 -33.94
CA LEU L 189 -1.87 46.15 -32.58
C LEU L 189 -0.47 46.57 -32.11
N GLY L 190 0.43 46.79 -33.06
CA GLY L 190 1.87 46.84 -32.78
C GLY L 190 2.45 45.47 -32.50
N PRO L 191 3.78 45.36 -32.42
CA PRO L 191 4.37 44.04 -32.46
C PRO L 191 4.14 43.24 -31.19
N THR L 192 4.08 43.91 -30.05
CA THR L 192 4.03 43.24 -28.77
C THR L 192 2.66 42.59 -28.57
N ALA L 193 1.61 43.35 -28.88
CA ALA L 193 0.25 42.86 -28.76
C ALA L 193 -0.05 41.88 -29.89
N MET L 194 0.51 42.12 -31.08
CA MET L 194 0.47 41.11 -32.13
C MET L 194 1.01 39.76 -31.63
N ARG L 195 2.17 39.74 -30.98
CA ARG L 195 2.74 38.48 -30.51
C ARG L 195 1.95 37.87 -29.35
N LYS L 196 1.33 38.74 -28.54
CA LYS L 196 0.55 38.27 -27.39
C LYS L 196 -0.84 37.71 -27.76
N TYR L 197 -1.57 38.38 -28.63
CA TYR L 197 -2.96 37.97 -28.91
C TYR L 197 -3.10 37.13 -30.16
N LEU L 198 -2.12 37.23 -31.05
CA LEU L 198 -2.17 36.49 -32.30
C LEU L 198 -0.84 35.78 -32.52
N PRO L 199 -0.46 34.91 -31.58
CA PRO L 199 0.71 34.11 -31.90
C PRO L 199 0.54 33.24 -33.16
N THR L 200 1.63 32.69 -33.63
CA THR L 200 1.67 31.95 -34.89
C THR L 200 0.60 30.86 -34.97
N TYR L 201 -0.09 30.84 -36.11
CA TYR L 201 -1.16 29.87 -36.36
C TYR L 201 -0.64 28.46 -36.27
N ARG L 202 -1.42 27.59 -35.64
CA ARG L 202 -1.09 26.15 -35.57
C ARG L 202 -2.06 25.34 -36.40
N SER L 203 -3.30 25.21 -35.93
CA SER L 203 -4.36 24.77 -36.83
C SER L 203 -5.74 25.04 -36.24
N TYR L 204 -6.74 24.58 -36.98
CA TYR L 204 -8.12 24.85 -36.67
C TYR L 204 -8.42 24.24 -35.33
N ASN L 205 -9.06 25.01 -34.46
CA ASN L 205 -9.51 24.50 -33.18
C ASN L 205 -11.02 24.69 -33.02
N ASP L 206 -11.76 23.58 -33.01
CA ASP L 206 -13.22 23.64 -33.05
C ASP L 206 -13.87 23.90 -31.72
N SER L 207 -13.05 24.14 -30.68
CA SER L 207 -13.53 24.68 -29.40
C SER L 207 -13.36 26.18 -29.26
N VAL L 208 -12.81 26.84 -30.29
CA VAL L 208 -12.67 28.31 -30.26
C VAL L 208 -13.98 28.91 -30.80
N ASP L 209 -14.65 29.70 -29.99
CA ASP L 209 -15.98 30.25 -30.35
C ASP L 209 -15.74 31.43 -31.28
N PRO L 210 -16.20 31.30 -32.55
CA PRO L 210 -15.86 32.28 -33.56
C PRO L 210 -16.88 33.39 -33.73
N ARG L 211 -17.78 33.55 -32.77
CA ARG L 211 -18.74 34.63 -32.86
C ARG L 211 -18.06 35.98 -32.62
N ILE L 212 -18.62 37.03 -33.25
CA ILE L 212 -18.36 38.41 -32.81
C ILE L 212 -18.91 38.66 -31.39
N ALA L 213 -18.09 39.22 -30.52
CA ALA L 213 -18.55 39.67 -29.22
C ALA L 213 -19.24 41.01 -29.36
N ASN L 214 -20.31 41.20 -28.61
CA ASN L 214 -21.01 42.50 -28.57
C ASN L 214 -20.03 43.69 -28.50
N VAL L 215 -19.18 43.66 -27.47
CA VAL L 215 -18.18 44.72 -27.26
C VAL L 215 -17.35 45.04 -28.48
N PHE L 216 -17.01 44.04 -29.29
CA PHE L 216 -16.17 44.31 -30.45
C PHE L 216 -16.87 45.25 -31.42
N THR L 217 -18.19 45.15 -31.54
CA THR L 217 -18.92 46.01 -32.45
C THR L 217 -18.73 47.47 -32.11
N ASN L 218 -18.44 47.76 -30.83
CA ASN L 218 -18.26 49.14 -30.40
C ASN L 218 -16.77 49.50 -30.40
N ALA L 219 -15.92 48.52 -30.05
CA ALA L 219 -14.50 48.78 -29.84
C ALA L 219 -13.75 48.93 -31.16
N PHE L 220 -14.14 48.17 -32.18
CA PHE L 220 -13.47 48.23 -33.47
C PHE L 220 -13.77 49.51 -34.24
N ARG L 221 -14.75 50.29 -33.77
CA ARG L 221 -14.96 51.67 -34.21
C ARG L 221 -13.81 52.62 -33.84
N TYR L 222 -12.74 52.11 -33.21
CA TYR L 222 -11.51 52.89 -33.06
C TYR L 222 -11.14 53.57 -34.38
N GLY L 223 -11.42 52.87 -35.48
CA GLY L 223 -11.16 53.36 -36.83
C GLY L 223 -11.78 54.72 -37.15
N HIS L 224 -12.71 55.18 -36.33
CA HIS L 224 -13.28 56.52 -36.55
C HIS L 224 -12.26 57.61 -36.28
N THR L 225 -11.23 57.26 -35.50
CA THR L 225 -10.15 58.20 -35.20
C THR L 225 -9.18 58.33 -36.35
N LEU L 226 -9.36 57.51 -37.38
CA LEU L 226 -8.42 57.43 -38.48
C LEU L 226 -8.89 58.30 -39.65
N ILE L 227 -10.14 58.78 -39.59
CA ILE L 227 -10.82 59.32 -40.78
C ILE L 227 -10.40 60.77 -41.04
N GLN L 228 -9.82 61.03 -42.20
CA GLN L 228 -9.50 62.39 -42.65
C GLN L 228 -10.79 63.14 -43.05
N PRO L 229 -10.77 64.48 -42.97
CA PRO L 229 -11.96 65.30 -43.27
C PRO L 229 -12.31 65.46 -44.74
N PHE L 230 -11.54 64.84 -45.63
CA PHE L 230 -11.71 64.99 -47.09
C PHE L 230 -11.55 63.64 -47.77
N MET L 231 -12.22 63.45 -48.91
CA MET L 231 -11.84 62.41 -49.86
C MET L 231 -10.85 63.01 -50.87
N PHE L 232 -9.72 62.35 -51.02
CA PHE L 232 -8.61 62.84 -51.85
C PHE L 232 -8.57 62.07 -53.18
N ARG L 233 -8.44 62.78 -54.29
CA ARG L 233 -8.34 62.13 -55.59
C ARG L 233 -7.06 62.56 -56.28
N LEU L 234 -6.34 61.59 -56.83
CA LEU L 234 -5.08 61.88 -57.55
C LEU L 234 -5.06 61.31 -58.98
N ASP L 235 -4.42 62.04 -59.87
CA ASP L 235 -4.31 61.56 -61.25
C ASP L 235 -3.13 60.59 -61.40
N ASN L 236 -2.81 60.21 -62.63
CA ASN L 236 -1.73 59.26 -62.87
C ASN L 236 -0.35 59.86 -62.64
N ARG L 237 -0.30 61.14 -62.27
CA ARG L 237 0.96 61.73 -61.86
C ARG L 237 1.06 61.69 -60.34
N TYR L 238 0.08 61.06 -59.72
CA TYR L 238 -0.20 61.19 -58.30
C TYR L 238 -0.26 62.66 -57.86
N GLN L 239 -0.79 63.49 -58.76
CA GLN L 239 -1.15 64.87 -58.44
C GLN L 239 -2.65 65.03 -58.17
N PRO L 240 -3.02 65.95 -57.27
CA PRO L 240 -4.42 66.27 -57.08
C PRO L 240 -5.17 66.42 -58.41
N MET L 241 -6.26 65.69 -58.54
CA MET L 241 -7.05 65.70 -59.75
C MET L 241 -8.05 66.84 -59.68
N GLU L 242 -7.68 67.98 -60.26
CA GLU L 242 -8.56 69.14 -60.35
C GLU L 242 -9.76 68.78 -61.23
N PRO L 243 -10.89 69.50 -61.06
CA PRO L 243 -11.06 70.75 -60.32
C PRO L 243 -11.38 70.56 -58.83
N ASN L 244 -11.62 69.32 -58.40
CA ASN L 244 -12.09 69.04 -57.04
C ASN L 244 -11.28 67.93 -56.36
N PRO L 245 -9.99 68.20 -56.11
CA PRO L 245 -9.08 67.13 -55.69
C PRO L 245 -9.32 66.71 -54.25
N ARG L 246 -10.00 67.56 -53.47
CA ARG L 246 -10.19 67.30 -52.05
C ARG L 246 -11.62 67.64 -51.60
N VAL L 247 -12.51 66.67 -51.61
CA VAL L 247 -13.90 66.91 -51.25
C VAL L 247 -14.13 66.66 -49.76
N PRO L 248 -14.76 67.63 -49.06
CA PRO L 248 -15.21 67.42 -47.70
C PRO L 248 -16.08 66.17 -47.57
N LEU L 249 -15.84 65.39 -46.51
CA LEU L 249 -16.52 64.12 -46.26
C LEU L 249 -18.03 64.23 -46.13
N SER L 250 -18.50 65.30 -45.49
CA SER L 250 -19.92 65.57 -45.38
C SER L 250 -20.59 65.75 -46.75
N ARG L 251 -19.83 65.71 -47.82
CA ARG L 251 -20.41 65.76 -49.15
C ARG L 251 -20.12 64.52 -49.99
N VAL L 252 -19.52 63.48 -49.37
CA VAL L 252 -19.26 62.25 -50.10
C VAL L 252 -20.07 61.08 -49.61
N PHE L 253 -20.73 61.22 -48.46
CA PHE L 253 -21.47 60.10 -47.88
C PHE L 253 -22.64 59.73 -48.81
N PHE L 254 -22.70 58.46 -49.21
CA PHE L 254 -23.74 57.95 -50.12
C PHE L 254 -23.73 58.65 -51.48
N ALA L 255 -22.63 59.34 -51.81
CA ALA L 255 -22.51 60.04 -53.08
C ALA L 255 -21.92 59.10 -54.13
N SER L 256 -22.74 58.14 -54.53
CA SER L 256 -22.36 57.14 -55.51
C SER L 256 -22.11 57.79 -56.88
N TRP L 257 -22.75 58.94 -57.10
CA TRP L 257 -22.66 59.64 -58.38
C TRP L 257 -21.23 60.11 -58.68
N ARG L 258 -20.42 60.28 -57.65
CA ARG L 258 -19.04 60.70 -57.79
C ARG L 258 -18.19 59.58 -58.40
N VAL L 259 -18.51 58.34 -58.04
CA VAL L 259 -17.82 57.18 -58.60
C VAL L 259 -18.14 57.06 -60.09
N VAL L 260 -19.41 57.14 -60.42
CA VAL L 260 -19.87 56.91 -61.79
C VAL L 260 -19.49 58.08 -62.67
N LEU L 261 -19.69 59.30 -62.18
CA LEU L 261 -19.60 60.48 -63.03
C LEU L 261 -18.29 61.25 -62.88
N GLU L 262 -17.53 61.02 -61.82
CA GLU L 262 -16.35 61.87 -61.56
C GLU L 262 -15.04 61.10 -61.59
N GLY L 263 -15.02 60.01 -62.34
CA GLY L 263 -13.79 59.50 -62.93
C GLY L 263 -13.38 58.11 -62.49
N GLY L 264 -14.31 57.37 -61.87
CA GLY L 264 -14.06 55.97 -61.52
C GLY L 264 -13.30 55.77 -60.21
N ILE L 265 -12.76 54.58 -60.01
CA ILE L 265 -12.20 54.24 -58.70
C ILE L 265 -10.69 54.46 -58.66
N ASP L 266 -10.09 54.79 -59.80
CA ASP L 266 -8.64 54.96 -59.85
C ASP L 266 -8.15 56.17 -59.04
N PRO L 267 -8.78 57.34 -59.23
CA PRO L 267 -8.28 58.51 -58.48
C PRO L 267 -8.48 58.32 -56.97
N ILE L 268 -9.51 57.55 -56.63
CA ILE L 268 -9.89 57.35 -55.27
C ILE L 268 -8.93 56.38 -54.61
N LEU L 269 -8.54 55.33 -55.32
CA LEU L 269 -7.62 54.35 -54.78
C LEU L 269 -6.21 54.97 -54.61
N ARG L 270 -5.83 55.84 -55.55
CA ARG L 270 -4.56 56.55 -55.49
C ARG L 270 -4.49 57.53 -54.32
N GLY L 271 -5.59 58.25 -54.08
CA GLY L 271 -5.75 59.08 -52.90
C GLY L 271 -5.58 58.33 -51.58
N LEU L 272 -6.18 57.14 -51.51
CA LEU L 272 -6.09 56.28 -50.33
C LEU L 272 -4.65 55.81 -50.10
N MET L 273 -3.92 55.55 -51.19
CA MET L 273 -2.57 55.00 -51.10
C MET L 273 -1.53 56.07 -50.79
N ALA L 274 -1.71 57.25 -51.35
CA ALA L 274 -0.69 58.30 -51.30
C ALA L 274 -1.05 59.43 -50.32
N THR L 275 -2.09 59.26 -49.53
CA THR L 275 -2.40 60.23 -48.47
C THR L 275 -2.22 59.60 -47.09
N PRO L 276 -1.61 60.32 -46.15
CA PRO L 276 -1.56 59.79 -44.79
C PRO L 276 -2.96 59.62 -44.15
N ALA L 277 -3.13 58.60 -43.31
CA ALA L 277 -4.28 58.55 -42.44
C ALA L 277 -4.18 59.67 -41.40
N LYS L 278 -5.31 60.00 -40.77
CA LYS L 278 -5.30 60.89 -39.62
C LYS L 278 -4.72 60.08 -38.48
N LEU L 279 -3.80 60.68 -37.74
CA LEU L 279 -3.29 60.14 -36.47
C LEU L 279 -4.28 60.44 -35.33
N ASN L 280 -4.59 59.42 -34.54
CA ASN L 280 -5.38 59.60 -33.32
C ASN L 280 -4.49 60.18 -32.23
N ARG L 281 -4.89 61.33 -31.72
CA ARG L 281 -4.16 62.02 -30.68
C ARG L 281 -5.16 62.34 -29.58
N GLN L 282 -4.69 62.43 -28.34
CA GLN L 282 -5.57 62.52 -27.19
C GLN L 282 -6.37 63.83 -27.13
N ASN L 283 -5.87 64.87 -27.78
CA ASN L 283 -6.63 66.10 -27.93
C ASN L 283 -7.08 66.32 -29.39
N GLN L 284 -6.96 65.28 -30.22
CA GLN L 284 -7.45 65.32 -31.61
C GLN L 284 -8.10 63.98 -32.01
N ILE L 285 -9.22 63.62 -31.39
CA ILE L 285 -9.72 62.24 -31.52
C ILE L 285 -10.48 61.96 -32.84
N ALA L 286 -11.44 62.83 -33.20
CA ALA L 286 -12.22 62.65 -34.42
C ALA L 286 -12.62 64.00 -35.03
N VAL L 287 -12.58 64.07 -36.36
CA VAL L 287 -12.82 65.31 -37.10
C VAL L 287 -14.30 65.68 -37.11
N ASP L 288 -14.59 66.96 -37.36
CA ASP L 288 -15.96 67.45 -37.29
C ASP L 288 -16.81 67.00 -38.47
N GLU L 289 -16.18 66.55 -39.56
CA GLU L 289 -16.93 66.00 -40.69
C GLU L 289 -17.77 64.80 -40.28
N ILE L 290 -17.28 64.03 -39.30
CA ILE L 290 -18.10 62.97 -38.71
C ILE L 290 -18.70 63.34 -37.35
N ARG L 291 -18.19 64.40 -36.73
CA ARG L 291 -18.64 64.80 -35.40
C ARG L 291 -19.81 65.77 -35.46
N GLU L 292 -19.94 66.47 -36.58
CA GLU L 292 -20.96 67.50 -36.77
C GLU L 292 -21.84 67.27 -37.98
N ARG L 293 -21.32 66.57 -39.00
CA ARG L 293 -21.89 66.63 -40.35
C ARG L 293 -22.06 65.26 -41.02
N LEU L 294 -22.04 64.22 -40.20
CA LEU L 294 -22.34 62.86 -40.65
C LEU L 294 -23.71 62.81 -41.32
N PHE L 295 -23.71 62.50 -42.60
CA PHE L 295 -24.95 62.21 -43.32
C PHE L 295 -25.82 63.46 -43.46
N GLU L 296 -25.19 64.63 -43.39
CA GLU L 296 -25.94 65.89 -43.37
C GLU L 296 -26.75 65.99 -44.66
N GLN L 297 -26.24 65.38 -45.74
CA GLN L 297 -26.86 65.52 -47.06
C GLN L 297 -28.05 64.59 -47.24
N VAL L 298 -28.13 63.55 -46.43
CA VAL L 298 -29.15 62.52 -46.66
C VAL L 298 -30.25 62.48 -45.61
N MET L 299 -30.20 63.39 -44.63
CA MET L 299 -31.18 63.39 -43.56
C MET L 299 -31.28 64.72 -42.84
N ARG L 300 -32.20 64.81 -41.87
CA ARG L 300 -32.71 66.11 -41.46
C ARG L 300 -31.67 66.90 -40.63
N ILE L 301 -30.70 66.18 -40.08
CA ILE L 301 -29.73 66.78 -39.17
C ILE L 301 -28.45 65.97 -39.20
N GLY L 302 -27.32 66.67 -39.09
CA GLY L 302 -26.02 66.00 -39.17
C GLY L 302 -25.74 65.26 -37.89
N LEU L 303 -25.31 64.01 -38.01
CA LEU L 303 -25.14 63.14 -36.85
C LEU L 303 -23.76 63.38 -36.26
N ASP L 304 -23.55 62.86 -35.05
CA ASP L 304 -22.29 62.94 -34.34
C ASP L 304 -21.85 61.50 -34.08
N LEU L 305 -21.00 60.99 -34.96
CA LEU L 305 -20.66 59.57 -34.98
C LEU L 305 -19.99 59.13 -33.67
N PRO L 306 -19.10 59.97 -33.12
CA PRO L 306 -18.64 59.62 -31.77
C PRO L 306 -19.78 59.55 -30.74
N ALA L 307 -20.69 60.51 -30.76
CA ALA L 307 -21.81 60.51 -29.82
C ALA L 307 -22.67 59.26 -30.01
N LEU L 308 -22.92 58.91 -31.26
CA LEU L 308 -23.64 57.68 -31.59
C LEU L 308 -22.92 56.48 -30.96
N ASN L 309 -21.60 56.45 -31.09
CA ASN L 309 -20.83 55.32 -30.60
C ASN L 309 -21.16 55.08 -29.13
N MET L 310 -21.27 56.15 -28.37
CA MET L 310 -21.45 56.00 -26.92
C MET L 310 -22.88 55.65 -26.58
N GLN L 311 -23.83 56.23 -27.30
CA GLN L 311 -25.22 55.90 -27.10
C GLN L 311 -25.44 54.43 -27.42
N ARG L 312 -24.76 53.95 -28.47
CA ARG L 312 -24.87 52.56 -28.93
C ARG L 312 -24.36 51.51 -27.93
N SER L 313 -23.20 51.79 -27.32
CA SER L 313 -22.68 50.97 -26.24
C SER L 313 -23.65 50.87 -25.06
N ARG L 314 -24.35 51.95 -24.73
CA ARG L 314 -25.38 51.90 -23.70
C ARG L 314 -26.63 51.15 -24.20
N ASP L 315 -26.94 51.31 -25.48
CA ASP L 315 -28.06 50.57 -26.10
C ASP L 315 -27.77 49.07 -26.01
N HIS L 316 -26.48 48.73 -26.04
CA HIS L 316 -26.05 47.35 -26.02
C HIS L 316 -25.72 46.86 -24.61
N GLY L 317 -25.93 47.72 -23.63
CA GLY L 317 -25.73 47.33 -22.25
C GLY L 317 -24.30 46.93 -21.95
N LEU L 318 -23.34 47.56 -22.61
CA LEU L 318 -21.95 47.20 -22.44
C LEU L 318 -21.41 47.75 -21.13
N PRO L 319 -20.62 46.95 -20.40
CA PRO L 319 -20.02 47.48 -19.18
C PRO L 319 -19.06 48.63 -19.47
N GLY L 320 -18.73 49.37 -18.43
CA GLY L 320 -17.83 50.51 -18.52
C GLY L 320 -16.34 50.16 -18.59
N TYR L 321 -15.54 51.22 -18.57
CA TYR L 321 -14.11 51.14 -18.90
C TYR L 321 -13.37 50.19 -17.95
N ASN L 322 -13.54 50.39 -16.65
CA ASN L 322 -12.86 49.55 -15.68
C ASN L 322 -13.24 48.07 -15.72
N ALA L 323 -14.52 47.77 -15.96
CA ALA L 323 -14.93 46.37 -16.20
C ALA L 323 -14.10 45.73 -17.35
N TRP L 324 -13.94 46.45 -18.45
CA TRP L 324 -13.19 45.93 -19.58
C TRP L 324 -11.68 45.85 -19.39
N ARG L 325 -11.10 46.82 -18.68
CA ARG L 325 -9.69 46.76 -18.31
C ARG L 325 -9.44 45.49 -17.51
N ARG L 326 -10.31 45.26 -16.53
CA ARG L 326 -10.24 44.09 -15.69
C ARG L 326 -10.35 42.82 -16.53
N PHE L 327 -11.37 42.74 -17.38
CA PHE L 327 -11.49 41.62 -18.32
C PHE L 327 -10.16 41.35 -19.03
N CYS L 328 -9.44 42.41 -19.37
CA CYS L 328 -8.23 42.30 -20.18
C CYS L 328 -6.97 42.09 -19.36
N GLY L 329 -7.10 42.11 -18.04
CA GLY L 329 -5.98 41.81 -17.13
C GLY L 329 -5.16 43.06 -16.87
N LEU L 330 -5.81 44.22 -16.98
CA LEU L 330 -5.16 45.51 -16.88
C LEU L 330 -5.60 46.25 -15.64
N PRO L 331 -4.72 47.13 -15.12
CA PRO L 331 -5.02 47.94 -13.95
C PRO L 331 -6.27 48.79 -14.16
N GLN L 332 -7.06 48.91 -13.08
CA GLN L 332 -8.29 49.69 -13.09
C GLN L 332 -8.14 50.94 -12.21
N PRO L 333 -7.81 52.09 -12.83
CA PRO L 333 -7.73 53.34 -12.10
C PRO L 333 -9.08 53.75 -11.52
N GLU L 334 -9.08 54.26 -10.28
CA GLU L 334 -10.31 54.65 -9.57
C GLU L 334 -10.34 56.13 -9.18
N THR L 335 -9.19 56.78 -9.25
CA THR L 335 -9.09 58.23 -9.03
C THR L 335 -8.66 58.94 -10.33
N VAL L 336 -8.84 60.26 -10.34
CA VAL L 336 -8.41 61.06 -11.47
C VAL L 336 -6.90 60.93 -11.67
N GLY L 337 -6.15 60.90 -10.56
CA GLY L 337 -4.69 60.77 -10.60
C GLY L 337 -4.27 59.48 -11.26
N GLN L 338 -4.88 58.38 -10.83
CA GLN L 338 -4.56 57.07 -11.37
C GLN L 338 -4.99 56.97 -12.82
N LEU L 339 -6.11 57.60 -13.12
CA LEU L 339 -6.60 57.60 -14.48
C LEU L 339 -5.68 58.43 -15.34
N GLY L 340 -5.08 59.46 -14.73
CA GLY L 340 -4.10 60.31 -15.40
C GLY L 340 -2.81 59.59 -15.74
N THR L 341 -2.38 58.72 -14.85
CA THR L 341 -1.23 57.85 -15.08
C THR L 341 -1.49 56.79 -16.14
N VAL L 342 -2.68 56.21 -16.13
CA VAL L 342 -3.04 55.19 -17.09
C VAL L 342 -3.17 55.78 -18.51
N LEU L 343 -3.72 56.99 -18.61
CA LEU L 343 -3.86 57.66 -19.89
C LEU L 343 -2.57 58.38 -20.32
N ARG L 344 -1.61 58.47 -19.40
CA ARG L 344 -0.43 59.30 -19.58
C ARG L 344 -0.84 60.72 -20.00
N ASN L 345 -1.88 61.21 -19.36
CA ASN L 345 -2.46 62.49 -19.73
C ASN L 345 -3.45 62.92 -18.68
N LEU L 346 -2.97 63.77 -17.78
CA LEU L 346 -3.72 64.16 -16.58
C LEU L 346 -4.89 65.08 -16.94
N LYS L 347 -4.68 65.91 -17.95
CA LYS L 347 -5.70 66.86 -18.36
C LYS L 347 -6.90 66.12 -18.94
N LEU L 348 -6.62 65.12 -19.77
CA LEU L 348 -7.67 64.30 -20.35
C LEU L 348 -8.39 63.50 -19.25
N ALA L 349 -7.65 63.03 -18.25
CA ALA L 349 -8.26 62.28 -17.16
C ALA L 349 -9.20 63.19 -16.36
N ARG L 350 -8.81 64.45 -16.22
CA ARG L 350 -9.71 65.44 -15.63
C ARG L 350 -10.98 65.67 -16.46
N LYS L 351 -10.83 65.75 -17.76
CA LYS L 351 -11.96 66.05 -18.63
C LYS L 351 -12.93 64.89 -18.58
N LEU L 352 -12.38 63.69 -18.65
CA LEU L 352 -13.16 62.47 -18.52
C LEU L 352 -13.91 62.37 -17.18
N MET L 353 -13.25 62.76 -16.09
CA MET L 353 -13.81 62.54 -14.76
C MET L 353 -14.89 63.58 -14.45
N GLU L 354 -14.70 64.79 -15.00
CA GLU L 354 -15.72 65.82 -15.04
C GLU L 354 -17.00 65.35 -15.75
N GLN L 355 -16.85 64.56 -16.80
CA GLN L 355 -18.02 64.06 -17.53
C GLN L 355 -18.64 62.89 -16.78
N TYR L 356 -17.80 61.93 -16.39
CA TYR L 356 -18.29 60.61 -16.00
C TYR L 356 -18.35 60.37 -14.50
N GLY L 357 -17.55 61.09 -13.73
CA GLY L 357 -17.55 60.96 -12.27
C GLY L 357 -16.69 59.82 -11.71
N THR L 358 -16.62 58.71 -12.43
CA THR L 358 -15.72 57.62 -12.10
C THR L 358 -15.26 56.94 -13.39
N PRO L 359 -14.04 56.38 -13.41
CA PRO L 359 -13.64 55.64 -14.60
C PRO L 359 -14.50 54.40 -14.83
N ASN L 360 -15.20 53.98 -13.79
CA ASN L 360 -16.11 52.85 -13.87
C ASN L 360 -17.17 53.06 -14.94
N ASN L 361 -17.49 54.32 -15.25
CA ASN L 361 -18.63 54.64 -16.09
C ASN L 361 -18.23 55.09 -17.48
N ILE L 362 -16.93 55.27 -17.73
CA ILE L 362 -16.51 55.75 -19.04
C ILE L 362 -16.96 54.75 -20.09
N ASP L 363 -17.64 55.22 -21.13
CA ASP L 363 -18.13 54.32 -22.16
C ASP L 363 -16.95 53.68 -22.87
N ILE L 364 -17.12 52.47 -23.37
CA ILE L 364 -15.98 51.65 -23.81
C ILE L 364 -15.21 52.31 -24.94
N TRP L 365 -15.92 52.84 -25.93
CA TRP L 365 -15.25 53.44 -27.09
C TRP L 365 -14.41 54.65 -26.67
N MET L 366 -14.96 55.47 -25.77
CA MET L 366 -14.35 56.72 -25.36
C MET L 366 -13.09 56.44 -24.57
N GLY L 367 -13.21 55.58 -23.57
CA GLY L 367 -12.04 55.11 -22.82
C GLY L 367 -11.03 54.45 -23.73
N GLY L 368 -11.52 53.68 -24.68
CA GLY L 368 -10.64 52.93 -25.56
C GLY L 368 -9.76 53.82 -26.43
N VAL L 369 -10.36 54.80 -27.13
CA VAL L 369 -9.61 55.62 -28.07
C VAL L 369 -8.81 56.70 -27.33
N SER L 370 -9.15 56.91 -26.07
CA SER L 370 -8.44 57.84 -25.21
C SER L 370 -7.04 57.36 -24.84
N GLU L 371 -6.84 56.04 -24.84
CA GLU L 371 -5.59 55.48 -24.37
C GLU L 371 -4.42 55.79 -25.29
N PRO L 372 -3.25 55.98 -24.69
CA PRO L 372 -2.05 56.13 -25.46
C PRO L 372 -1.75 54.89 -26.31
N LEU L 373 -1.19 55.14 -27.49
CA LEU L 373 -1.05 54.12 -28.50
C LEU L 373 0.15 53.22 -28.23
N LYS L 374 -0.05 51.92 -28.39
CA LYS L 374 1.04 50.98 -28.36
C LYS L 374 2.09 51.37 -29.42
N ARG L 375 3.36 51.10 -29.10
CA ARG L 375 4.44 51.41 -30.02
C ARG L 375 4.24 50.71 -31.36
N LYS L 376 4.40 51.47 -32.45
CA LYS L 376 4.18 50.96 -33.80
C LYS L 376 2.75 50.45 -33.96
N GLY L 377 1.89 50.83 -33.02
CA GLY L 377 0.47 50.48 -33.05
C GLY L 377 -0.43 51.72 -33.12
N ARG L 378 -1.73 51.50 -33.28
CA ARG L 378 -2.67 52.63 -33.38
C ARG L 378 -3.87 52.45 -32.49
N VAL L 379 -3.69 51.62 -31.46
CA VAL L 379 -4.62 51.54 -30.35
C VAL L 379 -3.80 51.29 -29.10
N GLY L 380 -4.35 51.68 -27.95
CA GLY L 380 -3.77 51.36 -26.66
C GLY L 380 -4.07 49.95 -26.17
N PRO L 381 -3.72 49.68 -24.90
CA PRO L 381 -3.73 48.36 -24.32
C PRO L 381 -5.10 47.69 -24.30
N LEU L 382 -6.14 48.45 -23.96
CA LEU L 382 -7.50 47.93 -23.82
C LEU L 382 -8.10 47.51 -25.15
N LEU L 383 -7.88 48.32 -26.18
CA LEU L 383 -8.41 48.02 -27.51
C LEU L 383 -7.57 46.96 -28.22
N ALA L 384 -6.27 46.94 -27.93
CA ALA L 384 -5.38 45.90 -28.44
C ALA L 384 -5.88 44.55 -27.97
N CYS L 385 -6.33 44.50 -26.72
CA CYS L 385 -6.83 43.29 -26.10
C CYS L 385 -8.14 42.86 -26.76
N ILE L 386 -9.10 43.77 -26.80
CA ILE L 386 -10.43 43.42 -27.31
C ILE L 386 -10.35 43.01 -28.78
N ILE L 387 -9.59 43.79 -29.56
CA ILE L 387 -9.46 43.57 -30.99
C ILE L 387 -8.59 42.33 -31.29
N GLY L 388 -7.48 42.21 -30.57
CA GLY L 388 -6.62 41.04 -30.69
C GLY L 388 -7.35 39.74 -30.36
N THR L 389 -8.07 39.72 -29.25
CA THR L 389 -8.82 38.53 -28.84
C THR L 389 -9.90 38.15 -29.90
N GLN L 390 -10.66 39.13 -30.35
CA GLN L 390 -11.61 38.86 -31.44
C GLN L 390 -10.98 38.18 -32.67
N PHE L 391 -9.93 38.77 -33.22
CA PHE L 391 -9.35 38.27 -34.46
C PHE L 391 -8.62 36.94 -34.29
N ARG L 392 -8.16 36.65 -33.07
CA ARG L 392 -7.65 35.30 -32.80
C ARG L 392 -8.73 34.27 -32.89
N LYS L 393 -9.91 34.60 -32.36
CA LYS L 393 -11.07 33.70 -32.44
C LYS L 393 -11.56 33.46 -33.85
N LEU L 394 -11.57 34.52 -34.67
CA LEU L 394 -12.01 34.41 -36.07
C LEU L 394 -11.03 33.62 -36.90
N ARG L 395 -9.80 33.49 -36.40
CA ARG L 395 -8.77 32.74 -37.10
C ARG L 395 -8.75 31.28 -36.69
N ASP L 396 -8.39 31.03 -35.43
CA ASP L 396 -8.27 29.68 -34.91
C ASP L 396 -9.60 28.93 -34.99
N GLY L 397 -10.72 29.63 -34.95
CA GLY L 397 -12.02 28.94 -34.92
C GLY L 397 -12.76 28.93 -36.24
N ASP L 398 -12.04 29.07 -37.37
CA ASP L 398 -12.65 29.08 -38.70
C ASP L 398 -12.15 27.87 -39.49
N ARG L 399 -13.05 26.94 -39.76
CA ARG L 399 -12.64 25.68 -40.33
C ARG L 399 -12.14 25.91 -41.75
N PHE L 400 -12.43 27.08 -42.30
CA PHE L 400 -12.06 27.42 -43.68
C PHE L 400 -10.94 28.45 -43.73
N TRP L 401 -10.28 28.62 -42.59
CA TRP L 401 -9.04 29.41 -42.57
C TRP L 401 -8.11 28.95 -43.67
N TRP L 402 -7.44 29.88 -44.35
CA TRP L 402 -6.73 29.50 -45.59
C TRP L 402 -5.57 28.51 -45.32
N GLU L 403 -5.03 28.55 -44.10
CA GLU L 403 -3.92 27.68 -43.72
C GLU L 403 -4.37 26.38 -43.01
N ASN L 404 -5.66 26.22 -42.74
CA ASN L 404 -6.15 24.92 -42.25
C ASN L 404 -5.95 23.84 -43.29
N GLU L 405 -5.36 22.72 -42.86
CA GLU L 405 -5.11 21.59 -43.75
C GLU L 405 -6.39 21.23 -44.48
N GLY L 406 -6.28 20.96 -45.78
CA GLY L 406 -7.41 20.52 -46.58
C GLY L 406 -8.24 21.65 -47.16
N VAL L 407 -8.10 22.86 -46.66
CA VAL L 407 -8.82 23.98 -47.26
C VAL L 407 -8.26 24.33 -48.60
N PHE L 408 -6.93 24.47 -48.68
CA PHE L 408 -6.24 24.51 -49.97
C PHE L 408 -5.16 23.43 -50.00
N SER L 409 -4.62 23.15 -51.18
CA SER L 409 -3.43 22.31 -51.29
C SER L 409 -2.19 23.14 -50.98
N MET L 410 -1.06 22.47 -50.84
CA MET L 410 0.19 23.14 -50.49
C MET L 410 0.64 24.06 -51.62
N GLN L 411 0.48 23.61 -52.86
CA GLN L 411 0.84 24.45 -54.00
C GLN L 411 -0.03 25.71 -54.00
N GLN L 412 -1.31 25.56 -53.65
CA GLN L 412 -2.23 26.69 -53.64
C GLN L 412 -1.87 27.66 -52.52
N ARG L 413 -1.44 27.13 -51.39
CA ARG L 413 -1.06 27.99 -50.27
C ARG L 413 0.20 28.78 -50.59
N GLN L 414 1.16 28.14 -51.22
CA GLN L 414 2.38 28.84 -51.68
C GLN L 414 2.09 29.97 -52.71
N ALA L 415 1.11 29.75 -53.59
CA ALA L 415 0.66 30.81 -54.51
C ALA L 415 -0.14 31.90 -53.79
N LEU L 416 -0.96 31.52 -52.81
CA LEU L 416 -1.75 32.53 -52.10
C LEU L 416 -0.87 33.47 -51.28
N ALA L 417 0.22 32.93 -50.73
CA ALA L 417 1.15 33.67 -49.87
C ALA L 417 1.83 34.83 -50.62
N GLN L 418 1.89 34.75 -51.95
CA GLN L 418 2.50 35.80 -52.76
C GLN L 418 1.55 36.99 -53.05
N ILE L 419 0.28 36.91 -52.64
CA ILE L 419 -0.68 37.94 -53.04
C ILE L 419 -0.55 39.17 -52.13
N SER L 420 -1.00 40.31 -52.64
CA SER L 420 -1.00 41.53 -51.85
C SER L 420 -2.04 42.50 -52.43
N LEU L 421 -2.43 43.48 -51.64
CA LEU L 421 -3.37 44.51 -52.08
C LEU L 421 -2.87 45.36 -53.27
N PRO L 422 -1.58 45.78 -53.24
CA PRO L 422 -1.04 46.53 -54.37
C PRO L 422 -1.17 45.77 -55.67
N ARG L 423 -0.88 44.47 -55.65
CA ARG L 423 -0.98 43.68 -56.87
C ARG L 423 -2.46 43.53 -57.28
N ILE L 424 -3.35 43.35 -56.31
CA ILE L 424 -4.78 43.28 -56.66
C ILE L 424 -5.22 44.55 -57.39
N ILE L 425 -4.72 45.69 -56.91
CA ILE L 425 -4.98 46.98 -57.53
C ILE L 425 -4.41 47.03 -58.96
N CYS L 426 -3.13 46.67 -59.12
CA CYS L 426 -2.51 46.57 -60.43
C CYS L 426 -3.35 45.75 -61.41
N ASP L 427 -3.94 44.68 -60.93
CA ASP L 427 -4.57 43.69 -61.79
C ASP L 427 -6.00 44.10 -62.18
N ASN L 428 -6.60 45.08 -61.48
CA ASN L 428 -8.03 45.36 -61.62
C ASN L 428 -8.37 46.85 -61.84
N THR L 429 -7.36 47.66 -62.13
CA THR L 429 -7.55 49.10 -62.29
C THR L 429 -6.69 49.53 -63.46
N GLY L 430 -6.74 50.83 -63.80
CA GLY L 430 -5.76 51.45 -64.71
C GLY L 430 -4.51 51.95 -64.01
N ILE L 431 -4.37 51.69 -62.71
CA ILE L 431 -3.24 52.20 -61.92
C ILE L 431 -1.98 51.33 -62.13
N THR L 432 -0.93 51.93 -62.68
CA THR L 432 0.28 51.19 -63.04
C THR L 432 1.45 51.47 -62.07
N THR L 433 1.18 52.28 -61.04
CA THR L 433 2.19 52.64 -60.04
C THR L 433 1.51 52.60 -58.67
N VAL L 434 2.03 51.76 -57.78
CA VAL L 434 1.34 51.44 -56.53
C VAL L 434 2.30 51.48 -55.34
N SER L 435 1.71 51.42 -54.13
CA SER L 435 2.45 51.44 -52.88
C SER L 435 3.33 50.21 -52.81
N LYS L 436 4.58 50.40 -52.36
CA LYS L 436 5.38 49.31 -51.80
C LYS L 436 4.63 48.71 -50.64
N ASN L 437 4.72 47.40 -50.47
CA ASN L 437 4.33 46.77 -49.21
C ASN L 437 5.27 47.28 -48.11
N ASN L 438 4.75 47.58 -46.94
CA ASN L 438 3.37 47.36 -46.57
C ASN L 438 2.49 48.55 -47.04
N ILE L 439 1.42 48.27 -47.76
CA ILE L 439 0.54 49.31 -48.29
C ILE L 439 -0.10 50.15 -47.19
N PHE L 440 -0.31 49.56 -46.03
CA PHE L 440 -0.93 50.29 -44.93
C PHE L 440 0.06 51.24 -44.27
N MET L 441 1.35 51.05 -44.53
CA MET L 441 2.38 51.95 -44.01
C MET L 441 2.74 53.02 -45.03
N SER L 442 3.22 52.58 -46.19
CA SER L 442 3.50 53.43 -47.36
C SER L 442 2.45 54.49 -47.61
N ASN L 443 2.85 55.76 -47.71
CA ASN L 443 1.86 56.83 -47.86
C ASN L 443 2.38 58.04 -48.64
N SER L 444 3.54 57.91 -49.25
CA SER L 444 4.25 59.06 -49.78
C SER L 444 4.81 58.81 -51.19
N TYR L 445 4.21 59.47 -52.17
CA TYR L 445 4.72 59.43 -53.53
C TYR L 445 5.80 60.48 -53.69
N PRO L 446 6.92 60.14 -54.34
CA PRO L 446 7.28 58.88 -55.01
C PRO L 446 7.93 57.84 -54.11
N ARG L 447 8.30 58.23 -52.89
CA ARG L 447 9.31 57.50 -52.14
C ARG L 447 8.85 56.06 -51.88
N ASP L 448 7.58 55.93 -51.56
CA ASP L 448 7.03 54.67 -51.13
C ASP L 448 6.37 53.90 -52.27
N PHE L 449 6.67 54.25 -53.52
CA PHE L 449 5.93 53.64 -54.64
C PHE L 449 6.82 52.97 -55.67
N VAL L 450 6.26 51.96 -56.33
CA VAL L 450 6.99 51.19 -57.34
C VAL L 450 6.09 50.89 -58.54
N ASN L 451 6.70 50.49 -59.65
CA ASN L 451 5.94 50.11 -60.83
C ASN L 451 5.26 48.75 -60.66
N CYS L 452 4.01 48.65 -61.11
CA CYS L 452 3.29 47.38 -61.07
C CYS L 452 4.12 46.24 -61.66
N SER L 453 4.85 46.52 -62.73
CA SER L 453 5.71 45.52 -63.35
C SER L 453 6.63 44.78 -62.37
N THR L 454 6.98 45.40 -61.24
CA THR L 454 7.90 44.77 -60.30
C THR L 454 7.23 43.80 -59.32
N LEU L 455 5.91 43.64 -59.44
CA LEU L 455 5.16 42.82 -58.49
C LEU L 455 4.61 41.61 -59.23
N PRO L 456 4.79 40.41 -58.64
CA PRO L 456 4.35 39.17 -59.30
C PRO L 456 2.84 38.95 -59.21
N ALA L 457 2.22 38.57 -60.32
CA ALA L 457 0.79 38.24 -60.34
C ALA L 457 0.54 36.85 -59.77
N LEU L 458 -0.67 36.62 -59.31
CA LEU L 458 -1.05 35.34 -58.68
C LEU L 458 -0.91 34.19 -59.65
N ASN L 459 -0.25 33.13 -59.19
CA ASN L 459 -0.12 31.91 -59.98
C ASN L 459 -1.23 30.89 -59.72
N LEU L 460 -2.18 30.80 -60.64
CA LEU L 460 -3.29 29.84 -60.59
C LEU L 460 -3.02 28.46 -61.22
N ALA L 461 -1.78 28.21 -61.64
CA ALA L 461 -1.39 26.90 -62.13
C ALA L 461 -1.95 25.74 -61.28
N SER L 462 -1.83 25.82 -59.96
CA SER L 462 -2.26 24.73 -59.09
C SER L 462 -3.78 24.63 -58.83
N TRP L 463 -4.57 25.44 -59.52
CA TRP L 463 -6.03 25.26 -59.56
C TRP L 463 -6.50 24.44 -60.76
N ARG L 464 -5.59 24.05 -61.65
CA ARG L 464 -5.97 23.22 -62.78
C ARG L 464 -6.42 21.83 -62.33
N GLU L 465 -7.61 21.40 -62.76
CA GLU L 465 -8.00 19.99 -62.63
C GLU L 465 -7.12 19.12 -63.51
N ALA L 466 -7.12 19.40 -64.82
CA ALA L 466 -6.51 18.53 -65.82
C ALA L 466 -6.86 17.07 -65.59
N CYS M 1 -24.47 -40.47 -50.96
CA CYS M 1 -24.99 -39.82 -52.21
C CYS M 1 -25.90 -40.77 -52.99
N PRO M 2 -27.20 -40.46 -53.03
CA PRO M 2 -28.11 -41.18 -53.93
C PRO M 2 -27.40 -41.77 -55.15
N GLU M 3 -27.19 -43.08 -55.09
CA GLU M 3 -26.79 -43.91 -56.24
C GLU M 3 -26.97 -43.23 -57.61
N GLN M 4 -28.14 -42.64 -57.83
CA GLN M 4 -28.39 -41.86 -59.04
C GLN M 4 -29.33 -40.68 -58.79
N ASP M 5 -29.26 -39.68 -59.67
CA ASP M 5 -29.88 -38.39 -59.42
C ASP M 5 -29.99 -37.54 -60.70
N LYS M 6 -31.11 -36.83 -60.84
CA LYS M 6 -31.41 -36.08 -62.06
C LYS M 6 -31.16 -34.60 -61.85
N TYR M 7 -31.17 -34.18 -60.59
CA TYR M 7 -31.11 -32.77 -60.23
C TYR M 7 -30.05 -32.51 -59.18
N ARG M 8 -29.43 -31.34 -59.25
CA ARG M 8 -28.61 -30.81 -58.16
C ARG M 8 -29.34 -30.85 -56.83
N THR M 9 -28.58 -31.07 -55.76
CA THR M 9 -29.00 -30.70 -54.43
C THR M 9 -29.01 -29.19 -54.28
N ILE M 10 -29.70 -28.71 -53.25
CA ILE M 10 -29.70 -27.28 -52.96
C ILE M 10 -28.34 -26.83 -52.38
N THR M 11 -27.72 -27.68 -51.59
CA THR M 11 -26.44 -27.34 -50.96
C THR M 11 -25.21 -27.53 -51.87
N GLY M 12 -25.37 -28.30 -52.94
CA GLY M 12 -24.24 -28.70 -53.80
C GLY M 12 -23.54 -29.96 -53.30
N MET M 13 -24.00 -30.46 -52.16
CA MET M 13 -23.54 -31.73 -51.67
C MET M 13 -23.82 -32.82 -52.72
N CYS M 14 -22.84 -33.68 -52.91
CA CYS M 14 -22.96 -34.84 -53.81
C CYS M 14 -22.79 -34.52 -55.28
N ASN M 15 -22.46 -33.27 -55.60
CA ASN M 15 -22.01 -32.97 -56.96
C ASN M 15 -20.77 -33.81 -57.32
N ASN M 16 -19.75 -33.74 -56.47
CA ASN M 16 -18.61 -34.62 -56.59
C ASN M 16 -18.80 -35.87 -55.73
N ARG M 17 -19.05 -37.03 -56.34
CA ARG M 17 -19.39 -38.21 -55.54
C ARG M 17 -18.24 -38.76 -54.68
N ARG M 18 -16.99 -38.50 -55.07
CA ARG M 18 -15.85 -39.04 -54.33
C ARG M 18 -15.56 -38.18 -53.08
N SER M 19 -15.74 -36.87 -53.23
CA SER M 19 -15.61 -35.95 -52.10
C SER M 19 -16.80 -34.94 -52.08
N PRO M 20 -17.92 -35.36 -51.48
CA PRO M 20 -19.24 -34.76 -51.68
C PRO M 20 -19.49 -33.38 -51.07
N THR M 21 -18.53 -32.81 -50.34
CA THR M 21 -18.69 -31.44 -49.85
C THR M 21 -18.14 -30.43 -50.85
N LEU M 22 -17.34 -30.89 -51.82
CA LEU M 22 -16.63 -29.97 -52.71
C LEU M 22 -17.58 -29.14 -53.60
N GLY M 23 -17.66 -27.84 -53.32
CA GLY M 23 -18.53 -26.92 -54.04
C GLY M 23 -19.84 -26.73 -53.29
N ALA M 24 -20.08 -27.57 -52.29
CA ALA M 24 -21.21 -27.43 -51.42
C ALA M 24 -21.07 -26.21 -50.53
N SER M 25 -22.21 -25.67 -50.10
CA SER M 25 -22.22 -24.47 -49.28
C SER M 25 -21.74 -24.69 -47.84
N ASN M 26 -21.37 -23.58 -47.20
CA ASN M 26 -20.97 -23.55 -45.78
C ASN M 26 -19.74 -24.42 -45.53
N ARG M 27 -18.76 -24.29 -46.41
CA ARG M 27 -17.48 -24.96 -46.26
C ARG M 27 -16.37 -23.95 -46.51
N ALA M 28 -15.16 -24.28 -46.03
CA ALA M 28 -14.02 -23.40 -46.18
C ALA M 28 -13.70 -23.21 -47.67
N PHE M 29 -13.30 -22.00 -48.05
CA PHE M 29 -12.62 -21.76 -49.31
C PHE M 29 -11.41 -22.68 -49.48
N VAL M 30 -11.07 -22.95 -50.73
CA VAL M 30 -9.79 -23.57 -51.04
C VAL M 30 -8.78 -22.44 -51.17
N ARG M 31 -7.54 -22.69 -50.76
CA ARG M 31 -6.47 -21.70 -50.93
C ARG M 31 -5.63 -22.17 -52.07
N TRP M 32 -5.29 -21.27 -53.00
CA TRP M 32 -4.32 -21.54 -54.03
C TRP M 32 -2.90 -21.21 -53.61
N LEU M 33 -2.75 -20.46 -52.52
CA LEU M 33 -1.44 -20.15 -51.91
C LEU M 33 -1.62 -20.09 -50.40
N PRO M 34 -0.56 -20.39 -49.63
CA PRO M 34 -0.73 -20.34 -48.16
C PRO M 34 -1.02 -18.94 -47.64
N ALA M 35 -1.71 -18.86 -46.50
CA ALA M 35 -2.13 -17.58 -45.97
C ALA M 35 -0.92 -16.79 -45.45
N GLU M 36 -1.08 -15.46 -45.45
CA GLU M 36 -0.10 -14.56 -44.86
C GLU M 36 -0.71 -13.64 -43.82
N TYR M 37 -0.42 -13.93 -42.56
CA TYR M 37 -0.95 -13.21 -41.44
C TYR M 37 0.22 -12.70 -40.59
N GLU M 38 -0.06 -11.66 -39.84
CA GLU M 38 0.90 -10.99 -38.95
C GLU M 38 1.66 -11.95 -38.04
N ASP M 39 0.93 -12.92 -37.52
CA ASP M 39 1.47 -13.89 -36.54
C ASP M 39 1.63 -15.27 -37.16
N GLY M 40 1.29 -15.35 -38.44
CA GLY M 40 1.43 -16.59 -39.17
C GLY M 40 0.11 -17.31 -39.37
N PHE M 41 -0.86 -17.10 -38.47
CA PHE M 41 -2.03 -17.97 -38.45
C PHE M 41 -3.39 -17.32 -38.29
N SER M 42 -3.46 -16.06 -37.82
CA SER M 42 -4.75 -15.42 -37.48
C SER M 42 -4.85 -13.92 -37.74
N LEU M 43 -3.91 -13.14 -37.20
CA LEU M 43 -4.05 -11.69 -37.22
C LEU M 43 -3.71 -11.12 -38.58
N PRO M 44 -4.53 -10.16 -39.05
CA PRO M 44 -4.25 -9.59 -40.37
C PRO M 44 -3.14 -8.55 -40.30
N TYR M 45 -2.43 -8.36 -41.39
CA TYR M 45 -1.54 -7.24 -41.52
C TYR M 45 -2.31 -5.93 -41.36
N GLY M 46 -1.75 -5.07 -40.50
CA GLY M 46 -2.39 -3.84 -40.06
C GLY M 46 -2.98 -3.87 -38.66
N TRP M 47 -3.01 -5.05 -38.04
CA TRP M 47 -3.68 -5.19 -36.74
C TRP M 47 -2.82 -4.57 -35.64
N THR M 48 -1.55 -4.94 -35.63
CA THR M 48 -0.67 -4.57 -34.52
C THR M 48 0.16 -3.34 -34.88
N PRO M 49 0.03 -2.26 -34.09
CA PRO M 49 0.77 -1.05 -34.36
C PRO M 49 2.26 -1.32 -34.36
N GLY M 50 2.94 -0.87 -35.40
CA GLY M 50 4.40 -0.97 -35.42
C GLY M 50 4.91 -2.30 -35.95
N VAL M 51 4.01 -3.18 -36.41
CA VAL M 51 4.43 -4.42 -37.07
C VAL M 51 4.44 -4.25 -38.59
N LYS M 52 5.61 -4.50 -39.15
CA LYS M 52 5.88 -4.23 -40.56
C LYS M 52 5.56 -5.46 -41.38
N ARG M 53 5.38 -5.28 -42.68
CA ARG M 53 5.30 -6.41 -43.62
C ARG M 53 6.46 -6.36 -44.61
N ASN M 54 7.33 -7.37 -44.54
CA ASN M 54 8.44 -7.51 -45.48
C ASN M 54 9.35 -6.30 -45.41
N GLY M 55 9.51 -5.75 -44.22
CA GLY M 55 10.36 -4.59 -44.03
C GLY M 55 9.74 -3.25 -44.40
N PHE M 56 8.44 -3.23 -44.72
CA PHE M 56 7.74 -1.95 -44.96
C PHE M 56 6.48 -1.78 -44.10
N PRO M 57 6.12 -0.53 -43.77
CA PRO M 57 4.91 -0.36 -42.99
C PRO M 57 3.69 -0.71 -43.82
N VAL M 58 2.74 -1.38 -43.19
CA VAL M 58 1.46 -1.70 -43.82
C VAL M 58 0.70 -0.42 -44.19
N ALA M 59 0.40 -0.25 -45.49
CA ALA M 59 -0.25 0.96 -45.94
C ALA M 59 -1.74 0.96 -45.58
N LEU M 60 -2.21 2.09 -45.06
CA LEU M 60 -3.62 2.25 -44.72
C LEU M 60 -4.45 2.04 -45.98
N ALA M 61 -5.40 1.11 -45.90
CA ALA M 61 -6.30 0.81 -47.01
C ALA M 61 -6.95 2.09 -47.52
N ARG M 62 -7.34 2.94 -46.58
CA ARG M 62 -8.01 4.18 -46.93
C ARG M 62 -7.01 5.21 -47.51
N ALA M 63 -5.76 5.17 -47.05
CA ALA M 63 -4.72 6.03 -47.60
C ALA M 63 -4.37 5.62 -49.03
N VAL M 64 -4.33 4.32 -49.28
CA VAL M 64 -4.10 3.80 -50.64
C VAL M 64 -5.27 4.15 -51.58
N SER M 65 -6.48 4.01 -51.04
CA SER M 65 -7.70 4.44 -51.72
C SER M 65 -7.66 5.92 -52.07
N ASN M 66 -7.25 6.75 -51.11
CA ASN M 66 -7.17 8.18 -51.33
C ASN M 66 -6.13 8.55 -52.41
N GLU M 67 -4.99 7.86 -52.42
CA GLU M 67 -3.86 8.32 -53.20
C GLU M 67 -3.87 7.73 -54.60
N ILE M 68 -4.43 6.53 -54.74
CA ILE M 68 -4.34 5.83 -56.03
C ILE M 68 -5.71 5.66 -56.71
N VAL M 69 -6.75 5.43 -55.90
CA VAL M 69 -8.09 5.12 -56.44
C VAL M 69 -8.88 6.38 -56.73
N ARG M 70 -8.81 7.33 -55.80
CA ARG M 70 -9.57 8.57 -55.88
C ARG M 70 -9.34 9.29 -57.20
N PHE M 71 -10.42 9.75 -57.84
CA PHE M 71 -10.32 10.58 -59.03
C PHE M 71 -11.53 11.49 -59.22
N PRO M 72 -11.43 12.49 -60.12
CA PRO M 72 -12.55 13.40 -60.31
C PRO M 72 -13.62 12.77 -61.19
N THR M 73 -14.85 12.74 -60.68
CA THR M 73 -15.90 11.99 -61.35
C THR M 73 -16.21 12.60 -62.71
N ASP M 74 -15.90 13.90 -62.87
CA ASP M 74 -16.25 14.60 -64.09
C ASP M 74 -15.35 14.20 -65.26
N GLN M 75 -14.32 13.40 -64.99
CA GLN M 75 -13.47 12.90 -66.08
C GLN M 75 -13.63 11.40 -66.30
N LEU M 76 -14.69 10.84 -65.73
CA LEU M 76 -15.05 9.44 -65.96
C LEU M 76 -15.10 9.14 -67.45
N THR M 77 -14.53 8.02 -67.85
CA THR M 77 -14.56 7.60 -69.24
C THR M 77 -15.59 6.49 -69.39
N PRO M 78 -16.61 6.73 -70.24
CA PRO M 78 -17.54 5.67 -70.67
C PRO M 78 -16.82 4.57 -71.45
N ASP M 79 -17.29 3.32 -71.32
CA ASP M 79 -16.75 2.23 -72.13
C ASP M 79 -17.59 2.05 -73.41
N GLN M 80 -16.97 2.32 -74.55
CA GLN M 80 -17.70 2.30 -75.84
C GLN M 80 -18.09 0.88 -76.26
N GLU M 81 -17.49 -0.12 -75.63
CA GLU M 81 -17.64 -1.52 -76.04
C GLU M 81 -18.27 -2.39 -74.95
N ARG M 82 -18.77 -1.80 -73.87
CA ARG M 82 -19.44 -2.56 -72.84
C ARG M 82 -20.65 -1.80 -72.34
N SER M 83 -21.76 -2.50 -72.18
CA SER M 83 -22.93 -1.91 -71.56
C SER M 83 -22.81 -2.02 -70.05
N LEU M 84 -23.62 -1.24 -69.36
CA LEU M 84 -23.65 -1.32 -67.92
C LEU M 84 -24.26 -2.66 -67.47
N MET M 85 -24.98 -3.34 -68.37
CA MET M 85 -25.39 -4.73 -68.12
C MET M 85 -24.17 -5.65 -67.88
N PHE M 86 -23.01 -5.26 -68.41
CA PHE M 86 -21.78 -6.03 -68.21
C PHE M 86 -21.30 -5.99 -66.76
N MET M 87 -21.46 -4.84 -66.12
CA MET M 87 -21.20 -4.70 -64.70
C MET M 87 -22.22 -5.51 -63.90
N GLN M 88 -23.49 -5.42 -64.29
CA GLN M 88 -24.57 -6.01 -63.49
C GLN M 88 -24.58 -7.54 -63.47
N TRP M 89 -24.32 -8.17 -64.60
CA TRP M 89 -24.24 -9.63 -64.65
C TRP M 89 -23.07 -10.08 -63.79
N GLY M 90 -22.01 -9.28 -63.80
CA GLY M 90 -20.86 -9.52 -62.92
C GLY M 90 -21.23 -9.71 -61.47
N GLN M 91 -21.96 -8.75 -60.91
CA GLN M 91 -22.35 -8.82 -59.50
C GLN M 91 -23.30 -9.98 -59.24
N LEU M 92 -24.30 -10.14 -60.11
CA LEU M 92 -25.22 -11.26 -60.06
C LEU M 92 -24.53 -12.61 -60.06
N LEU M 93 -23.69 -12.83 -61.06
CA LEU M 93 -22.90 -14.06 -61.16
C LEU M 93 -22.03 -14.25 -59.88
N ASP M 94 -21.43 -13.16 -59.42
CA ASP M 94 -20.67 -13.18 -58.15
C ASP M 94 -21.55 -13.75 -57.05
N HIS M 95 -22.83 -13.38 -57.06
CA HIS M 95 -23.74 -13.80 -56.01
C HIS M 95 -24.32 -15.21 -56.26
N ASP M 96 -23.96 -15.80 -57.39
CA ASP M 96 -24.05 -17.26 -57.58
C ASP M 96 -22.86 -18.00 -56.93
N LEU M 97 -21.68 -17.38 -56.83
CA LEU M 97 -20.44 -18.11 -56.58
C LEU M 97 -19.99 -18.04 -55.13
N ASP M 98 -20.03 -16.85 -54.54
CA ASP M 98 -19.59 -16.67 -53.15
C ASP M 98 -20.31 -15.58 -52.38
N PHE M 99 -20.57 -15.92 -51.11
CA PHE M 99 -20.90 -14.96 -50.06
C PHE M 99 -20.00 -15.36 -48.90
N THR M 100 -19.21 -14.42 -48.42
CA THR M 100 -18.30 -14.68 -47.30
C THR M 100 -18.91 -14.13 -46.00
N PRO M 101 -19.39 -15.01 -45.09
CA PRO M 101 -20.17 -14.46 -43.97
C PRO M 101 -19.35 -13.76 -42.90
N GLU M 102 -20.04 -12.96 -42.08
CA GLU M 102 -19.46 -12.17 -41.01
C GLU M 102 -20.43 -12.28 -39.85
N PRO M 103 -19.95 -12.06 -38.60
CA PRO M 103 -20.92 -11.89 -37.50
C PRO M 103 -21.91 -10.75 -37.76
N ALA M 104 -23.18 -11.00 -37.50
CA ALA M 104 -24.19 -9.96 -37.68
C ALA M 104 -23.94 -8.85 -36.65
N VAL N 1 -18.25 -6.18 -28.00
CA VAL N 1 -17.77 -5.09 -28.90
C VAL N 1 -18.75 -4.98 -30.07
N ASN N 2 -18.97 -3.75 -30.54
CA ASN N 2 -19.88 -3.51 -31.68
C ASN N 2 -19.18 -2.77 -32.84
N CYS N 3 -19.14 -3.38 -34.02
CA CYS N 3 -18.22 -2.94 -35.07
C CYS N 3 -18.79 -1.78 -35.87
N GLU N 4 -20.12 -1.65 -35.86
CA GLU N 4 -20.77 -0.57 -36.58
C GLU N 4 -20.80 0.73 -35.81
N THR N 5 -20.83 0.64 -34.48
CA THR N 5 -20.91 1.81 -33.64
C THR N 5 -19.53 2.30 -33.19
N SER N 6 -18.61 1.38 -32.91
CA SER N 6 -17.33 1.76 -32.30
C SER N 6 -16.16 1.63 -33.26
N CYS N 7 -15.03 2.21 -32.87
CA CYS N 7 -13.78 1.99 -33.58
C CYS N 7 -12.84 1.17 -32.72
N VAL N 8 -13.43 0.39 -31.82
CA VAL N 8 -12.66 -0.56 -31.01
C VAL N 8 -12.19 -1.73 -31.88
N GLN N 9 -10.88 -1.99 -31.83
CA GLN N 9 -10.29 -3.10 -32.56
C GLN N 9 -10.12 -4.27 -31.62
N GLN N 10 -11.22 -4.97 -31.38
CA GLN N 10 -11.21 -6.26 -30.69
C GLN N 10 -12.11 -7.17 -31.51
N PRO N 11 -11.99 -8.49 -31.31
CA PRO N 11 -12.73 -9.27 -32.28
C PRO N 11 -14.23 -9.21 -32.02
N PRO N 12 -15.04 -9.28 -33.08
CA PRO N 12 -14.61 -9.55 -34.44
C PRO N 12 -14.30 -8.33 -35.30
N CYS N 13 -14.04 -7.17 -34.70
CA CYS N 13 -13.90 -5.95 -35.50
C CYS N 13 -12.46 -5.70 -35.95
N PHE N 14 -12.31 -5.25 -37.20
CA PHE N 14 -11.03 -4.82 -37.74
C PHE N 14 -11.18 -3.47 -38.47
N PRO N 15 -11.57 -2.41 -37.73
CA PRO N 15 -11.88 -1.11 -38.32
C PRO N 15 -10.74 -0.53 -39.14
N LEU N 16 -11.07 0.08 -40.26
CA LEU N 16 -10.08 0.78 -41.07
C LEU N 16 -9.66 2.08 -40.40
N LYS N 17 -8.39 2.14 -40.04
CA LYS N 17 -7.81 3.37 -39.52
C LYS N 17 -7.79 4.46 -40.59
N ILE N 18 -7.78 5.72 -40.14
CA ILE N 18 -7.92 6.87 -41.00
C ILE N 18 -6.57 7.59 -41.06
N PRO N 19 -6.16 8.01 -42.27
CA PRO N 19 -4.90 8.73 -42.44
C PRO N 19 -4.97 10.20 -42.03
N PRO N 20 -3.82 10.81 -41.71
CA PRO N 20 -3.85 12.25 -41.54
C PRO N 20 -4.40 12.94 -42.79
N ASN N 21 -5.05 14.08 -42.60
CA ASN N 21 -5.48 14.89 -43.72
C ASN N 21 -6.36 14.08 -44.67
N ASP N 22 -7.18 13.20 -44.11
CA ASP N 22 -8.18 12.54 -44.91
C ASP N 22 -9.19 13.57 -45.40
N PRO N 23 -9.51 13.53 -46.70
CA PRO N 23 -10.39 14.50 -47.33
C PRO N 23 -11.83 14.53 -46.75
N ARG N 24 -12.26 13.46 -46.10
CA ARG N 24 -13.63 13.41 -45.57
C ARG N 24 -13.67 13.20 -44.06
N ILE N 25 -13.02 12.14 -43.60
CA ILE N 25 -13.00 11.82 -42.17
C ILE N 25 -11.84 12.53 -41.46
N LYS N 26 -12.11 13.72 -40.93
CA LYS N 26 -11.05 14.58 -40.42
C LYS N 26 -10.57 14.18 -39.03
N ASN N 27 -11.36 13.38 -38.33
CA ASN N 27 -10.95 12.87 -37.02
C ASN N 27 -10.18 11.56 -37.16
N GLN N 28 -8.87 11.65 -36.96
CA GLN N 28 -7.94 10.56 -37.26
C GLN N 28 -8.14 9.39 -36.28
N ALA N 29 -9.00 9.57 -35.29
CA ALA N 29 -9.40 8.46 -34.41
C ALA N 29 -10.80 7.88 -34.72
N ASP N 30 -11.56 8.49 -35.64
CA ASP N 30 -12.73 7.84 -36.27
C ASP N 30 -12.23 6.56 -36.95
N CYS N 31 -13.09 5.93 -37.74
CA CYS N 31 -12.69 4.76 -38.52
C CYS N 31 -13.80 4.45 -39.52
N ILE N 32 -13.52 3.57 -40.46
CA ILE N 32 -14.56 3.01 -41.32
C ILE N 32 -14.84 1.59 -40.81
N PRO N 33 -16.13 1.29 -40.55
CA PRO N 33 -16.57 0.01 -39.98
C PRO N 33 -16.05 -1.20 -40.75
N PHE N 34 -15.73 -2.26 -40.02
CA PHE N 34 -15.33 -3.52 -40.65
C PHE N 34 -15.42 -4.71 -39.72
N PHE N 35 -16.21 -5.70 -40.13
CA PHE N 35 -16.26 -6.99 -39.45
C PHE N 35 -15.32 -7.98 -40.14
N ARG N 36 -14.48 -8.64 -39.35
CA ARG N 36 -13.70 -9.75 -39.88
C ARG N 36 -14.65 -10.87 -40.36
N SER N 37 -14.36 -11.45 -41.51
CA SER N 37 -15.11 -12.63 -41.96
C SER N 37 -15.00 -13.80 -40.96
N CSO N 38 -16.07 -14.58 -40.82
CA CSO N 38 -16.10 -15.66 -39.83
CB CSO N 38 -17.44 -16.40 -39.84
SG CSO N 38 -18.85 -15.50 -39.42
C CSO N 38 -14.97 -16.66 -40.07
O CSO N 38 -14.77 -17.11 -41.18
OD CSO N 38 -18.94 -15.28 -37.93
N PRO N 39 -14.31 -17.13 -39.00
CA PRO N 39 -13.31 -18.19 -39.16
C PRO N 39 -13.93 -19.58 -39.32
N ALA N 40 -13.29 -20.42 -40.14
CA ALA N 40 -13.72 -21.80 -40.33
C ALA N 40 -13.65 -22.60 -39.03
N CYS N 41 -12.66 -22.30 -38.20
CA CYS N 41 -12.44 -22.97 -36.93
C CYS N 41 -12.27 -21.98 -35.76
N PRO N 42 -13.38 -21.49 -35.21
CA PRO N 42 -13.26 -20.42 -34.23
C PRO N 42 -12.42 -20.80 -32.99
N GLY N 43 -11.49 -19.93 -32.61
CA GLY N 43 -10.73 -20.12 -31.38
C GLY N 43 -9.48 -20.98 -31.51
N SER N 44 -9.27 -21.63 -32.65
CA SER N 44 -8.21 -22.64 -32.77
C SER N 44 -6.82 -22.03 -32.69
N ASN N 45 -5.96 -22.68 -31.89
CA ASN N 45 -4.54 -22.40 -31.84
C ASN N 45 -3.77 -23.34 -32.76
N ILE N 46 -4.48 -24.05 -33.65
CA ILE N 46 -3.81 -24.96 -34.57
C ILE N 46 -4.00 -24.58 -36.05
N THR N 47 -5.23 -24.26 -36.45
CA THR N 47 -5.53 -23.93 -37.85
C THR N 47 -4.92 -22.58 -38.29
N ILE N 48 -4.57 -22.48 -39.57
CA ILE N 48 -4.29 -21.20 -40.19
C ILE N 48 -5.62 -20.63 -40.65
N ARG N 49 -6.02 -19.49 -40.06
CA ARG N 49 -7.40 -19.03 -40.17
C ARG N 49 -7.84 -19.09 -41.62
N ASN N 50 -9.02 -19.63 -41.88
CA ASN N 50 -9.57 -19.56 -43.24
C ASN N 50 -11.04 -19.15 -43.16
N GLN N 51 -11.60 -18.74 -44.29
CA GLN N 51 -12.92 -18.17 -44.30
C GLN N 51 -13.89 -19.12 -44.99
N ILE N 52 -15.18 -18.77 -44.95
CA ILE N 52 -16.26 -19.68 -45.32
C ILE N 52 -17.00 -19.18 -46.56
N ASN N 53 -17.41 -20.10 -47.42
CA ASN N 53 -18.32 -19.78 -48.51
C ASN N 53 -19.71 -20.33 -48.18
N ALA N 54 -20.66 -19.42 -47.98
CA ALA N 54 -22.01 -19.79 -47.54
C ALA N 54 -22.86 -20.20 -48.73
N LEU N 55 -22.30 -20.09 -49.93
CA LEU N 55 -23.01 -20.45 -51.17
C LEU N 55 -22.45 -21.70 -51.86
N THR N 56 -23.19 -22.20 -52.86
CA THR N 56 -22.67 -23.24 -53.75
C THR N 56 -21.76 -22.59 -54.78
N SER N 57 -20.55 -23.12 -54.93
CA SER N 57 -19.58 -22.54 -55.87
C SER N 57 -20.11 -22.66 -57.33
N PHE N 58 -20.83 -23.74 -57.61
CA PHE N 58 -21.25 -24.07 -58.98
C PHE N 58 -22.10 -22.93 -59.55
N VAL N 59 -22.01 -22.73 -60.85
CA VAL N 59 -22.87 -21.78 -61.51
C VAL N 59 -24.21 -22.48 -61.70
N ASP N 60 -25.07 -22.37 -60.68
CA ASP N 60 -26.32 -23.11 -60.62
C ASP N 60 -27.53 -22.27 -60.24
N ALA N 61 -27.40 -20.95 -60.40
CA ALA N 61 -28.46 -20.03 -60.07
C ALA N 61 -28.92 -20.13 -58.61
N SER N 62 -27.99 -20.38 -57.70
CA SER N 62 -28.30 -20.49 -56.29
C SER N 62 -28.61 -19.12 -55.72
N MET N 63 -28.28 -18.07 -56.47
CA MET N 63 -28.73 -16.74 -56.10
C MET N 63 -30.23 -16.59 -56.39
N VAL N 64 -30.81 -17.54 -57.13
CA VAL N 64 -32.28 -17.56 -57.26
C VAL N 64 -32.91 -18.53 -56.24
N TYR N 65 -32.25 -19.67 -56.00
CA TYR N 65 -32.96 -20.81 -55.41
C TYR N 65 -32.60 -21.00 -53.95
N GLY N 66 -31.48 -20.39 -53.54
CA GLY N 66 -30.94 -20.64 -52.21
C GLY N 66 -29.88 -21.72 -52.24
N SER N 67 -29.02 -21.69 -51.22
CA SER N 67 -27.92 -22.64 -51.06
C SER N 67 -28.08 -23.50 -49.80
N GLU N 68 -29.15 -23.27 -49.03
CA GLU N 68 -29.55 -24.13 -47.94
C GLU N 68 -31.07 -24.22 -47.84
N GLU N 69 -31.57 -25.31 -47.26
CA GLU N 69 -32.80 -25.95 -47.75
C GLU N 69 -34.07 -25.36 -47.16
N PRO N 70 -33.97 -24.74 -45.95
CA PRO N 70 -35.13 -24.02 -45.41
C PRO N 70 -35.43 -22.77 -46.24
N LEU N 71 -34.41 -21.95 -46.49
CA LEU N 71 -34.52 -20.84 -47.44
C LEU N 71 -35.08 -21.31 -48.79
N ALA N 72 -34.48 -22.37 -49.31
CA ALA N 72 -34.94 -22.96 -50.58
C ALA N 72 -36.43 -23.31 -50.56
N ARG N 73 -36.88 -24.02 -49.51
CA ARG N 73 -38.31 -24.30 -49.29
C ARG N 73 -39.14 -23.03 -49.26
N ASN N 74 -38.62 -22.03 -48.57
CA ASN N 74 -39.38 -20.82 -48.28
C ASN N 74 -39.52 -19.89 -49.49
N LEU N 75 -38.64 -20.03 -50.47
CA LEU N 75 -38.72 -19.22 -51.70
C LEU N 75 -39.83 -19.77 -52.58
N ARG N 76 -40.28 -20.97 -52.24
CA ARG N 76 -41.23 -21.67 -53.09
C ARG N 76 -42.67 -21.36 -52.72
N ASN N 77 -43.51 -21.25 -53.73
CA ASN N 77 -44.95 -21.13 -53.57
C ASN N 77 -45.55 -22.51 -53.30
N MET N 78 -45.99 -22.74 -52.06
CA MET N 78 -46.42 -24.06 -51.67
C MET N 78 -47.95 -24.17 -51.62
N SER N 79 -48.65 -23.06 -51.88
CA SER N 79 -50.11 -23.05 -51.98
C SER N 79 -50.68 -23.92 -53.11
N ASN N 80 -49.85 -24.40 -54.03
CA ASN N 80 -50.34 -25.21 -55.15
C ASN N 80 -49.26 -26.12 -55.69
N GLN N 81 -49.61 -26.96 -56.66
CA GLN N 81 -48.65 -27.93 -57.20
C GLN N 81 -48.03 -27.46 -58.51
N LEU N 82 -47.87 -26.15 -58.67
CA LEU N 82 -47.40 -25.60 -59.94
C LEU N 82 -45.89 -25.36 -59.97
N GLY N 83 -45.21 -25.62 -58.87
CA GLY N 83 -43.75 -25.55 -58.85
C GLY N 83 -43.17 -24.15 -59.05
N LEU N 84 -43.88 -23.16 -58.52
CA LEU N 84 -43.51 -21.76 -58.69
C LEU N 84 -42.63 -21.29 -57.55
N LEU N 85 -41.88 -20.22 -57.79
CA LEU N 85 -41.31 -19.44 -56.70
C LEU N 85 -42.32 -18.39 -56.23
N ALA N 86 -42.30 -18.15 -54.93
CA ALA N 86 -43.24 -17.26 -54.27
C ALA N 86 -43.00 -15.84 -54.72
N VAL N 87 -44.08 -15.07 -54.79
CA VAL N 87 -44.05 -13.72 -55.33
C VAL N 87 -44.61 -12.72 -54.32
N ASN N 88 -44.24 -11.46 -54.48
CA ASN N 88 -44.72 -10.40 -53.60
C ASN N 88 -46.26 -10.40 -53.50
N GLN N 89 -46.76 -10.35 -52.27
CA GLN N 89 -48.20 -10.49 -52.03
C GLN N 89 -48.87 -9.12 -51.91
N ARG N 90 -48.06 -8.07 -52.01
CA ARG N 90 -48.56 -6.72 -51.86
C ARG N 90 -48.51 -5.91 -53.15
N PHE N 91 -47.51 -6.14 -54.00
CA PHE N 91 -47.23 -5.23 -55.10
C PHE N 91 -46.97 -5.99 -56.40
N GLN N 92 -47.46 -5.42 -57.51
CA GLN N 92 -47.07 -5.87 -58.84
C GLN N 92 -46.47 -4.75 -59.67
N ASP N 93 -45.72 -5.13 -60.69
CA ASP N 93 -44.98 -4.20 -61.54
C ASP N 93 -45.60 -4.21 -62.96
N ASN N 94 -46.55 -3.30 -63.19
CA ASN N 94 -47.51 -3.39 -64.31
C ASN N 94 -48.02 -4.82 -64.58
N GLY N 95 -48.68 -5.40 -63.59
CA GLY N 95 -49.19 -6.75 -63.69
C GLY N 95 -48.18 -7.89 -63.55
N ARG N 96 -46.90 -7.59 -63.37
CA ARG N 96 -45.89 -8.65 -63.34
C ARG N 96 -45.25 -8.81 -61.96
N ALA N 97 -44.65 -9.97 -61.73
CA ALA N 97 -44.26 -10.39 -60.38
C ALA N 97 -43.08 -9.59 -59.86
N LEU N 98 -43.06 -9.32 -58.57
CA LEU N 98 -41.84 -8.85 -57.91
C LEU N 98 -41.43 -9.90 -56.91
N LEU N 99 -40.19 -9.80 -56.42
CA LEU N 99 -39.71 -10.67 -55.36
C LEU N 99 -40.58 -10.48 -54.12
N PRO N 100 -40.82 -11.55 -53.36
CA PRO N 100 -41.38 -11.42 -52.00
C PRO N 100 -40.58 -10.47 -51.10
N PHE N 101 -41.24 -9.94 -50.08
CA PHE N 101 -40.54 -9.18 -49.03
C PHE N 101 -39.90 -10.10 -48.01
N ASP N 102 -38.79 -9.64 -47.44
CA ASP N 102 -38.16 -10.31 -46.32
C ASP N 102 -38.80 -9.82 -45.03
N ASN N 103 -38.36 -10.38 -43.90
CA ASN N 103 -38.32 -9.64 -42.64
C ASN N 103 -36.99 -9.84 -41.92
N LEU N 104 -35.89 -9.49 -42.58
CA LEU N 104 -34.71 -9.02 -41.88
C LEU N 104 -35.21 -8.20 -40.70
N HIS N 105 -34.60 -8.38 -39.54
CA HIS N 105 -34.91 -7.53 -38.39
C HIS N 105 -34.42 -6.10 -38.67
N ASP N 106 -33.13 -5.89 -38.44
CA ASP N 106 -32.46 -4.67 -38.86
C ASP N 106 -32.47 -4.60 -40.39
N ASP N 107 -33.54 -4.01 -40.94
CA ASP N 107 -33.80 -4.07 -42.37
C ASP N 107 -33.35 -2.77 -43.01
N PRO N 108 -32.21 -2.82 -43.72
CA PRO N 108 -31.56 -1.60 -44.23
C PRO N 108 -32.37 -0.86 -45.31
N CYS N 109 -33.26 -1.55 -46.00
CA CYS N 109 -34.08 -0.92 -47.04
C CYS N 109 -35.11 0.06 -46.46
N LEU N 110 -35.62 -0.25 -45.27
CA LEU N 110 -36.59 0.60 -44.60
C LEU N 110 -35.99 1.96 -44.25
N LEU N 111 -34.65 2.05 -44.21
CA LEU N 111 -33.93 3.28 -43.86
C LEU N 111 -33.69 4.23 -45.06
N THR N 112 -33.72 3.71 -46.27
CA THR N 112 -33.45 4.55 -47.44
C THR N 112 -34.59 5.54 -47.69
N ASN N 113 -35.81 5.13 -47.37
CA ASN N 113 -36.94 6.06 -47.37
C ASN N 113 -37.90 5.69 -46.26
N ARG N 114 -37.75 6.35 -45.12
CA ARG N 114 -38.46 5.97 -43.91
C ARG N 114 -39.97 5.96 -44.08
N SER N 115 -40.50 6.99 -44.74
CA SER N 115 -41.95 7.08 -44.89
C SER N 115 -42.53 6.07 -45.89
N ALA N 116 -41.75 5.68 -46.91
CA ALA N 116 -42.22 4.69 -47.88
C ALA N 116 -42.35 3.28 -47.26
N ARG N 117 -41.50 2.99 -46.28
CA ARG N 117 -41.58 1.72 -45.54
C ARG N 117 -41.69 0.49 -46.47
N ILE N 118 -40.86 0.47 -47.50
CA ILE N 118 -40.73 -0.71 -48.33
C ILE N 118 -39.51 -1.53 -47.87
N PRO N 119 -39.77 -2.73 -47.35
CA PRO N 119 -38.72 -3.62 -46.86
C PRO N 119 -37.82 -4.19 -47.97
N CYS N 120 -36.71 -4.80 -47.57
CA CYS N 120 -35.86 -5.54 -48.50
C CYS N 120 -36.58 -6.75 -49.11
N PHE N 121 -36.14 -7.16 -50.29
CA PHE N 121 -36.72 -8.30 -50.95
C PHE N 121 -36.08 -9.56 -50.42
N LEU N 122 -36.77 -10.68 -50.64
CA LEU N 122 -36.25 -11.99 -50.30
C LEU N 122 -35.90 -12.76 -51.59
N ALA N 123 -34.66 -13.25 -51.68
CA ALA N 123 -34.24 -14.06 -52.83
C ALA N 123 -33.32 -15.18 -52.35
N GLY N 124 -32.71 -15.89 -53.28
CA GLY N 124 -31.79 -16.98 -52.95
C GLY N 124 -30.50 -16.52 -52.31
N ASP N 125 -30.06 -15.32 -52.69
CA ASP N 125 -28.91 -14.65 -52.06
C ASP N 125 -29.38 -13.42 -51.27
N THR N 126 -28.78 -13.20 -50.11
CA THR N 126 -29.21 -12.13 -49.18
C THR N 126 -28.99 -10.72 -49.69
N ARG N 127 -28.16 -10.55 -50.72
CA ARG N 127 -27.77 -9.21 -51.19
C ARG N 127 -28.63 -8.69 -52.35
N SER N 128 -29.77 -9.30 -52.58
CA SER N 128 -30.61 -8.97 -53.73
C SER N 128 -31.08 -7.51 -53.79
N SER N 129 -31.26 -6.90 -52.62
CA SER N 129 -31.70 -5.51 -52.52
C SER N 129 -30.59 -4.45 -52.70
N GLU N 130 -29.32 -4.89 -52.77
CA GLU N 130 -28.17 -4.02 -52.50
C GLU N 130 -28.12 -2.83 -53.47
N MET N 131 -28.57 -3.05 -54.72
CA MET N 131 -28.91 -1.95 -55.60
C MET N 131 -30.01 -2.39 -56.58
N PRO N 132 -30.95 -1.49 -56.92
CA PRO N 132 -32.13 -1.86 -57.73
C PRO N 132 -31.83 -2.49 -59.09
N GLU N 133 -30.66 -2.21 -59.64
CA GLU N 133 -30.20 -2.88 -60.85
C GLU N 133 -29.97 -4.37 -60.60
N LEU N 134 -29.47 -4.70 -59.41
CA LEU N 134 -29.32 -6.09 -59.00
C LEU N 134 -30.67 -6.73 -58.69
N THR N 135 -31.53 -5.99 -57.99
CA THR N 135 -32.85 -6.46 -57.65
C THR N 135 -33.62 -6.83 -58.92
N SER N 136 -33.45 -6.01 -59.95
CA SER N 136 -34.14 -6.18 -61.21
C SER N 136 -33.76 -7.46 -61.95
N MET N 137 -32.48 -7.80 -61.88
CA MET N 137 -31.95 -9.02 -62.45
C MET N 137 -32.45 -10.24 -61.71
N HIS N 138 -32.48 -10.15 -60.38
CA HIS N 138 -33.14 -11.16 -59.59
C HIS N 138 -34.61 -11.35 -59.97
N THR N 139 -35.35 -10.25 -60.11
CA THR N 139 -36.76 -10.32 -60.47
C THR N 139 -36.92 -10.92 -61.87
N LEU N 140 -36.01 -10.64 -62.78
CA LEU N 140 -36.06 -11.20 -64.15
C LEU N 140 -36.01 -12.74 -64.15
N LEU N 141 -35.11 -13.30 -63.36
CA LEU N 141 -34.93 -14.74 -63.27
C LEU N 141 -36.06 -15.40 -62.51
N LEU N 142 -36.56 -14.75 -61.46
CA LEU N 142 -37.77 -15.21 -60.77
C LEU N 142 -38.90 -15.39 -61.79
N ARG N 143 -39.08 -14.36 -62.61
CA ARG N 143 -40.16 -14.41 -63.57
C ARG N 143 -39.95 -15.54 -64.55
N GLU N 144 -38.71 -15.71 -64.97
CA GLU N 144 -38.36 -16.74 -65.96
C GLU N 144 -38.56 -18.13 -65.40
N HIS N 145 -38.13 -18.37 -64.15
CA HIS N 145 -38.47 -19.63 -63.46
C HIS N 145 -39.96 -19.94 -63.57
N ASN N 146 -40.79 -19.01 -63.09
CA ASN N 146 -42.22 -19.20 -63.10
C ASN N 146 -42.79 -19.39 -64.51
N ARG N 147 -42.23 -18.69 -65.47
CA ARG N 147 -42.70 -18.82 -66.85
C ARG N 147 -42.41 -20.25 -67.33
N LEU N 148 -41.19 -20.73 -67.06
CA LEU N 148 -40.83 -22.07 -67.42
C LEU N 148 -41.73 -23.11 -66.72
N ALA N 149 -41.97 -22.94 -65.43
CA ALA N 149 -42.85 -23.86 -64.69
C ALA N 149 -44.22 -23.95 -65.35
N THR N 150 -44.72 -22.80 -65.81
CA THR N 150 -46.04 -22.72 -66.40
C THR N 150 -46.09 -23.41 -67.76
N GLU N 151 -45.05 -23.23 -68.57
CA GLU N 151 -44.99 -23.88 -69.89
C GLU N 151 -44.78 -25.39 -69.77
N LEU N 152 -43.99 -25.82 -68.78
CA LEU N 152 -43.69 -27.26 -68.59
C LEU N 152 -44.94 -28.00 -68.15
N LYS N 153 -45.76 -27.32 -67.35
CA LYS N 153 -47.04 -27.86 -66.90
C LYS N 153 -48.06 -28.02 -68.04
N SER N 154 -48.11 -27.06 -68.96
CA SER N 154 -48.94 -27.21 -70.15
C SER N 154 -48.48 -28.36 -71.03
N LEU N 155 -47.16 -28.57 -71.11
CA LEU N 155 -46.58 -29.70 -71.82
C LEU N 155 -46.88 -31.01 -71.10
N ASN N 156 -46.61 -31.02 -69.79
CA ASN N 156 -46.67 -32.23 -68.99
C ASN N 156 -47.62 -32.01 -67.82
N PRO N 157 -48.93 -32.08 -68.06
CA PRO N 157 -49.85 -31.64 -67.02
C PRO N 157 -49.84 -32.57 -65.80
N ARG N 158 -49.32 -33.79 -65.97
CA ARG N 158 -49.30 -34.75 -64.86
C ARG N 158 -48.15 -34.50 -63.89
N TRP N 159 -47.16 -33.69 -64.29
CA TRP N 159 -45.99 -33.47 -63.42
C TRP N 159 -46.41 -32.75 -62.15
N ASP N 160 -45.85 -33.16 -61.00
CA ASP N 160 -46.22 -32.51 -59.75
C ASP N 160 -45.35 -31.27 -59.48
N GLY N 161 -45.71 -30.53 -58.44
CA GLY N 161 -45.04 -29.27 -58.17
C GLY N 161 -43.54 -29.47 -58.02
N GLU N 162 -43.13 -30.58 -57.43
CA GLU N 162 -41.72 -30.79 -57.16
C GLU N 162 -40.98 -31.02 -58.47
N ARG N 163 -41.61 -31.78 -59.36
CA ARG N 163 -41.00 -32.08 -60.66
C ARG N 163 -40.93 -30.79 -61.46
N LEU N 164 -41.97 -29.95 -61.37
CA LEU N 164 -42.02 -28.73 -62.19
C LEU N 164 -40.95 -27.75 -61.73
N TYR N 165 -40.73 -27.73 -60.43
CA TYR N 165 -39.75 -26.84 -59.84
C TYR N 165 -38.33 -27.27 -60.21
N GLN N 166 -38.03 -28.55 -60.03
CA GLN N 166 -36.67 -29.04 -60.29
C GLN N 166 -36.31 -28.84 -61.75
N GLU N 167 -37.27 -29.04 -62.64
CA GLU N 167 -37.00 -28.94 -64.08
C GLU N 167 -36.85 -27.49 -64.58
N ALA N 168 -37.61 -26.55 -64.02
CA ALA N 168 -37.44 -25.12 -64.36
C ALA N 168 -36.10 -24.58 -63.81
N ARG N 169 -35.76 -25.04 -62.62
CA ARG N 169 -34.51 -24.64 -61.96
C ARG N 169 -33.27 -25.12 -62.71
N LYS N 170 -33.34 -26.33 -63.25
CA LYS N 170 -32.27 -26.92 -64.04
C LYS N 170 -32.10 -26.15 -65.37
N ILE N 171 -33.22 -25.74 -65.98
CA ILE N 171 -33.17 -24.87 -67.15
C ILE N 171 -32.51 -23.53 -66.82
N VAL N 172 -33.03 -22.86 -65.79
CA VAL N 172 -32.56 -21.53 -65.40
C VAL N 172 -31.07 -21.55 -65.06
N GLY N 173 -30.64 -22.59 -64.36
CA GLY N 173 -29.21 -22.76 -64.05
C GLY N 173 -28.38 -22.93 -65.30
N ALA N 174 -28.93 -23.65 -66.27
CA ALA N 174 -28.27 -23.82 -67.56
C ALA N 174 -28.15 -22.51 -68.31
N MET N 175 -29.21 -21.69 -68.26
CA MET N 175 -29.20 -20.34 -68.86
C MET N 175 -28.14 -19.41 -68.27
N VAL N 176 -28.00 -19.46 -66.96
CA VAL N 176 -26.92 -18.71 -66.28
C VAL N 176 -25.54 -19.16 -66.78
N GLN N 177 -25.35 -20.48 -66.91
CA GLN N 177 -24.08 -21.02 -67.39
C GLN N 177 -23.78 -20.59 -68.83
N ILE N 178 -24.76 -20.67 -69.71
CA ILE N 178 -24.57 -20.33 -71.13
C ILE N 178 -24.28 -18.86 -71.24
N ILE N 179 -25.07 -18.04 -70.54
CA ILE N 179 -24.92 -16.59 -70.67
C ILE N 179 -23.55 -16.17 -70.14
N THR N 180 -23.15 -16.74 -69.03
CA THR N 180 -21.83 -16.47 -68.46
C THR N 180 -20.68 -16.92 -69.35
N TYR N 181 -20.69 -18.17 -69.76
CA TYR N 181 -19.54 -18.72 -70.44
C TYR N 181 -19.51 -18.34 -71.94
N ARG N 182 -20.67 -18.15 -72.56
CA ARG N 182 -20.68 -17.83 -74.00
C ARG N 182 -20.48 -16.35 -74.24
N ASP N 183 -21.12 -15.52 -73.44
CA ASP N 183 -21.31 -14.11 -73.80
C ASP N 183 -20.48 -13.18 -72.95
N TYR N 184 -20.44 -13.49 -71.65
CA TYR N 184 -19.86 -12.62 -70.64
C TYR N 184 -18.34 -12.83 -70.51
N LEU N 185 -17.93 -14.01 -70.06
CA LEU N 185 -16.51 -14.28 -69.76
C LEU N 185 -15.54 -13.91 -70.87
N PRO N 186 -15.89 -14.21 -72.12
CA PRO N 186 -15.02 -13.85 -73.25
C PRO N 186 -14.67 -12.36 -73.25
N LEU N 187 -15.58 -11.55 -72.74
CA LEU N 187 -15.47 -10.10 -72.79
C LEU N 187 -14.82 -9.59 -71.52
N VAL N 188 -14.75 -10.43 -70.50
CA VAL N 188 -13.98 -10.12 -69.31
C VAL N 188 -12.53 -10.36 -69.60
N LEU N 189 -12.23 -11.55 -70.12
CA LEU N 189 -10.85 -12.02 -70.23
C LEU N 189 -10.23 -11.55 -71.52
N GLY N 190 -11.02 -11.51 -72.58
CA GLY N 190 -10.50 -11.31 -73.93
C GLY N 190 -10.02 -12.61 -74.54
N PRO N 191 -9.86 -12.65 -75.86
CA PRO N 191 -9.82 -13.93 -76.55
C PRO N 191 -8.55 -14.73 -76.28
N THR N 192 -7.44 -14.04 -76.03
CA THR N 192 -6.16 -14.71 -75.80
C THR N 192 -6.21 -15.52 -74.50
N ALA N 193 -6.68 -14.87 -73.43
CA ALA N 193 -6.84 -15.48 -72.13
C ALA N 193 -7.97 -16.51 -72.13
N MET N 194 -9.04 -16.20 -72.84
CA MET N 194 -10.10 -17.19 -73.10
C MET N 194 -9.54 -18.52 -73.61
N ARG N 195 -8.60 -18.46 -74.55
CA ARG N 195 -8.08 -19.68 -75.19
C ARG N 195 -7.18 -20.44 -74.21
N LYS N 196 -6.44 -19.69 -73.40
CA LYS N 196 -5.52 -20.25 -72.41
C LYS N 196 -6.27 -20.90 -71.24
N TYR N 197 -7.23 -20.19 -70.64
CA TYR N 197 -7.81 -20.61 -69.36
C TYR N 197 -9.10 -21.40 -69.51
N LEU N 198 -9.79 -21.21 -70.64
CA LEU N 198 -11.03 -21.93 -70.92
C LEU N 198 -11.00 -22.55 -72.33
N PRO N 199 -10.05 -23.48 -72.58
CA PRO N 199 -10.11 -24.23 -73.83
C PRO N 199 -11.45 -24.92 -73.98
N THR N 200 -11.77 -25.40 -75.18
CA THR N 200 -13.09 -25.97 -75.46
C THR N 200 -13.41 -27.08 -74.47
N TYR N 201 -14.63 -27.04 -73.93
CA TYR N 201 -15.16 -28.11 -73.10
C TYR N 201 -14.92 -29.48 -73.71
N ARG N 202 -14.60 -30.45 -72.84
CA ARG N 202 -14.45 -31.84 -73.26
C ARG N 202 -15.52 -32.70 -72.57
N SER N 203 -15.33 -32.95 -71.28
CA SER N 203 -16.47 -33.23 -70.40
C SER N 203 -16.07 -33.22 -68.91
N TYR N 204 -16.92 -33.83 -68.08
CA TYR N 204 -16.81 -33.69 -66.64
C TYR N 204 -15.55 -34.43 -66.12
N ASN N 205 -14.81 -33.79 -65.23
CA ASN N 205 -13.62 -34.40 -64.66
C ASN N 205 -13.71 -34.41 -63.13
N ASP N 206 -13.96 -35.58 -62.55
CA ASP N 206 -14.29 -35.65 -61.13
C ASP N 206 -13.05 -35.45 -60.25
N SER N 207 -11.91 -35.13 -60.86
CA SER N 207 -10.70 -34.80 -60.12
C SER N 207 -10.38 -33.30 -60.19
N VAL N 208 -11.27 -32.52 -60.80
CA VAL N 208 -11.14 -31.04 -60.81
C VAL N 208 -11.89 -30.44 -59.62
N ASP N 209 -11.15 -29.76 -58.74
CA ASP N 209 -11.71 -29.19 -57.51
C ASP N 209 -12.56 -27.97 -57.86
N PRO N 210 -13.88 -28.02 -57.57
CA PRO N 210 -14.80 -26.96 -57.95
C PRO N 210 -14.96 -25.83 -56.93
N ARG N 211 -14.24 -25.90 -55.83
CA ARG N 211 -14.37 -24.89 -54.79
C ARG N 211 -13.91 -23.51 -55.27
N ILE N 212 -14.58 -22.48 -54.79
CA ILE N 212 -14.08 -21.13 -54.95
C ILE N 212 -12.80 -20.96 -54.15
N ALA N 213 -11.82 -20.30 -54.75
CA ALA N 213 -10.54 -20.07 -54.10
C ALA N 213 -10.66 -18.80 -53.28
N ASN N 214 -10.02 -18.77 -52.12
CA ASN N 214 -10.13 -17.62 -51.28
C ASN N 214 -9.78 -16.34 -52.02
N VAL N 215 -8.75 -16.39 -52.87
CA VAL N 215 -8.33 -15.20 -53.59
C VAL N 215 -9.39 -14.70 -54.59
N PHE N 216 -10.17 -15.59 -55.19
CA PHE N 216 -11.13 -15.15 -56.20
C PHE N 216 -12.19 -14.21 -55.59
N THR N 217 -12.48 -14.37 -54.29
CA THR N 217 -13.50 -13.53 -53.68
C THR N 217 -13.08 -12.07 -53.77
N ASN N 218 -11.78 -11.82 -53.75
CA ASN N 218 -11.20 -10.50 -53.88
C ASN N 218 -10.90 -10.07 -55.31
N ALA N 219 -10.40 -11.00 -56.13
CA ALA N 219 -10.03 -10.70 -57.50
C ALA N 219 -11.24 -10.34 -58.35
N PHE N 220 -12.35 -11.02 -58.10
CA PHE N 220 -13.55 -10.76 -58.89
C PHE N 220 -14.24 -9.43 -58.54
N ARG N 221 -13.71 -8.72 -57.54
CA ARG N 221 -14.15 -7.37 -57.28
C ARG N 221 -13.50 -6.42 -58.25
N TYR N 222 -12.90 -6.94 -59.31
CA TYR N 222 -12.43 -6.08 -60.39
C TYR N 222 -13.59 -5.26 -60.99
N GLY N 223 -14.80 -5.80 -60.88
CA GLY N 223 -15.99 -5.19 -61.48
C GLY N 223 -16.44 -3.92 -60.78
N HIS N 224 -15.97 -3.70 -59.56
CA HIS N 224 -16.16 -2.40 -58.90
C HIS N 224 -15.67 -1.26 -59.81
N THR N 225 -14.68 -1.53 -60.65
CA THR N 225 -14.14 -0.49 -61.50
C THR N 225 -15.07 -0.17 -62.68
N LEU N 226 -16.14 -0.95 -62.80
CA LEU N 226 -17.08 -0.86 -63.93
C LEU N 226 -18.28 0.01 -63.57
N ILE N 227 -18.36 0.34 -62.27
CA ILE N 227 -19.55 0.93 -61.66
C ILE N 227 -19.69 2.42 -61.96
N GLN N 228 -20.79 2.78 -62.64
CA GLN N 228 -21.18 4.18 -62.84
C GLN N 228 -21.72 4.81 -61.55
N PRO N 229 -21.58 6.13 -61.41
CA PRO N 229 -22.00 6.81 -60.20
C PRO N 229 -23.49 7.15 -60.20
N PHE N 230 -24.23 6.70 -61.22
CA PHE N 230 -25.68 6.90 -61.28
C PHE N 230 -26.40 5.61 -61.59
N MET N 231 -27.66 5.50 -61.15
CA MET N 231 -28.59 4.55 -61.73
C MET N 231 -29.38 5.23 -62.83
N PHE N 232 -29.34 4.67 -64.02
CA PHE N 232 -29.88 5.29 -65.21
C PHE N 232 -31.24 4.64 -65.50
N ARG N 233 -32.25 5.46 -65.74
CA ARG N 233 -33.58 4.95 -66.05
C ARG N 233 -34.13 5.52 -67.38
N LEU N 234 -34.55 4.62 -68.27
CA LEU N 234 -35.00 5.03 -69.60
C LEU N 234 -36.43 4.54 -69.82
N ASP N 235 -37.21 5.31 -70.57
CA ASP N 235 -38.60 4.95 -70.87
C ASP N 235 -38.69 4.11 -72.14
N ASN N 236 -39.89 3.97 -72.69
CA ASN N 236 -40.14 2.97 -73.73
C ASN N 236 -39.53 3.33 -75.07
N ARG N 237 -39.03 4.55 -75.20
CA ARG N 237 -38.32 4.97 -76.40
C ARG N 237 -36.83 5.09 -76.13
N TYR N 238 -36.39 4.45 -75.04
CA TYR N 238 -35.03 4.56 -74.54
C TYR N 238 -34.59 6.02 -74.35
N GLN N 239 -35.58 6.90 -74.23
CA GLN N 239 -35.37 8.28 -73.76
C GLN N 239 -35.21 8.29 -72.24
N PRO N 240 -34.51 9.30 -71.70
CA PRO N 240 -34.36 9.40 -70.26
C PRO N 240 -35.70 9.53 -69.58
N MET N 241 -35.98 8.69 -68.58
CA MET N 241 -37.29 8.71 -67.91
C MET N 241 -37.40 9.83 -66.87
N GLU N 242 -38.12 10.89 -67.21
CA GLU N 242 -38.29 12.05 -66.34
C GLU N 242 -39.16 11.71 -65.14
N PRO N 243 -38.99 12.43 -64.02
CA PRO N 243 -38.12 13.59 -63.79
C PRO N 243 -36.74 13.28 -63.18
N ASN N 244 -36.53 12.03 -62.78
CA ASN N 244 -35.24 11.59 -62.21
C ASN N 244 -34.65 10.43 -63.00
N PRO N 245 -34.07 10.73 -64.18
CA PRO N 245 -33.50 9.70 -65.04
C PRO N 245 -32.11 9.23 -64.60
N ARG N 246 -31.49 9.96 -63.69
CA ARG N 246 -30.14 9.63 -63.23
C ARG N 246 -30.02 9.83 -61.73
N VAL N 247 -30.14 8.74 -60.97
CA VAL N 247 -30.12 8.83 -59.51
C VAL N 247 -28.76 8.47 -58.95
N PRO N 248 -28.19 9.36 -58.11
CA PRO N 248 -26.86 9.08 -57.57
C PRO N 248 -26.87 7.75 -56.82
N LEU N 249 -25.84 6.94 -57.05
CA LEU N 249 -25.76 5.59 -56.47
C LEU N 249 -25.91 5.56 -54.95
N SER N 250 -25.53 6.64 -54.27
CA SER N 250 -25.55 6.65 -52.81
C SER N 250 -26.96 6.86 -52.26
N ARG N 251 -27.94 6.99 -53.15
CA ARG N 251 -29.34 7.00 -52.75
C ARG N 251 -30.16 5.85 -53.36
N VAL N 252 -29.47 4.86 -53.95
CA VAL N 252 -30.12 3.65 -54.42
C VAL N 252 -29.73 2.37 -53.70
N PHE N 253 -28.66 2.40 -52.89
CA PHE N 253 -28.28 1.21 -52.13
C PHE N 253 -29.39 0.80 -51.13
N PHE N 254 -29.81 -0.45 -51.21
CA PHE N 254 -30.94 -0.97 -50.44
C PHE N 254 -32.27 -0.24 -50.70
N ALA N 255 -32.37 0.51 -51.79
CA ALA N 255 -33.59 1.32 -52.03
C ALA N 255 -34.67 0.53 -52.78
N SER N 256 -35.15 -0.52 -52.15
CA SER N 256 -36.14 -1.37 -52.79
C SER N 256 -37.40 -0.58 -53.15
N TRP N 257 -37.71 0.44 -52.35
CA TRP N 257 -38.82 1.32 -52.62
C TRP N 257 -38.79 1.91 -54.03
N ARG N 258 -37.61 2.05 -54.60
CA ARG N 258 -37.50 2.61 -55.95
C ARG N 258 -38.03 1.65 -57.00
N VAL N 259 -37.93 0.36 -56.71
CA VAL N 259 -38.44 -0.67 -57.63
C VAL N 259 -39.96 -0.70 -57.52
N VAL N 260 -40.47 -0.62 -56.30
CA VAL N 260 -41.91 -0.75 -56.07
C VAL N 260 -42.69 0.50 -56.47
N LEU N 261 -42.15 1.68 -56.15
CA LEU N 261 -42.93 2.90 -56.19
C LEU N 261 -42.45 3.88 -57.27
N GLU N 262 -41.46 3.47 -58.05
CA GLU N 262 -40.82 4.38 -58.98
C GLU N 262 -40.65 3.73 -60.36
N GLY N 263 -41.50 2.77 -60.68
CA GLY N 263 -41.73 2.36 -62.08
C GLY N 263 -41.35 0.93 -62.45
N GLY N 264 -41.01 0.11 -61.45
CA GLY N 264 -40.73 -1.30 -61.73
C GLY N 264 -39.36 -1.52 -62.37
N ILE N 265 -39.17 -2.68 -63.02
CA ILE N 265 -37.82 -3.06 -63.43
C ILE N 265 -37.52 -2.72 -64.88
N ASP N 266 -38.55 -2.42 -65.66
CA ASP N 266 -38.33 -2.11 -67.06
C ASP N 266 -37.39 -0.90 -67.26
N PRO N 267 -37.63 0.21 -66.54
CA PRO N 267 -36.75 1.35 -66.82
C PRO N 267 -35.31 1.13 -66.35
N ILE N 268 -35.12 0.20 -65.43
CA ILE N 268 -33.80 -0.09 -64.90
C ILE N 268 -33.05 -1.01 -65.88
N LEU N 269 -33.74 -1.99 -66.44
CA LEU N 269 -33.12 -2.92 -67.39
C LEU N 269 -32.75 -2.18 -68.69
N ARG N 270 -33.66 -1.34 -69.17
CA ARG N 270 -33.36 -0.49 -70.32
C ARG N 270 -32.14 0.41 -70.05
N GLY N 271 -32.05 0.96 -68.86
CA GLY N 271 -30.88 1.77 -68.49
C GLY N 271 -29.58 0.97 -68.51
N LEU N 272 -29.65 -0.28 -68.08
CA LEU N 272 -28.48 -1.17 -68.06
C LEU N 272 -28.02 -1.54 -69.47
N MET N 273 -28.98 -1.68 -70.39
CA MET N 273 -28.69 -2.13 -71.74
C MET N 273 -28.10 -1.04 -72.62
N ALA N 274 -28.56 0.20 -72.45
CA ALA N 274 -28.22 1.29 -73.39
C ALA N 274 -27.46 2.45 -72.72
N THR N 275 -26.83 2.16 -71.58
CA THR N 275 -25.85 3.07 -70.99
C THR N 275 -24.50 2.34 -70.91
N PRO N 276 -23.40 3.04 -71.21
CA PRO N 276 -22.07 2.44 -71.15
C PRO N 276 -21.69 2.07 -69.72
N ALA N 277 -20.93 1.00 -69.56
CA ALA N 277 -20.19 0.80 -68.30
C ALA N 277 -19.17 1.91 -68.17
N LYS N 278 -18.71 2.13 -66.95
CA LYS N 278 -17.46 2.81 -66.71
C LYS N 278 -16.27 1.98 -67.18
N LEU N 279 -15.34 2.62 -67.88
CA LEU N 279 -14.09 2.00 -68.26
C LEU N 279 -13.06 2.13 -67.11
N ASN N 280 -12.47 1.01 -66.72
CA ASN N 280 -11.27 1.04 -65.88
C ASN N 280 -10.12 1.70 -66.64
N ARG N 281 -9.64 2.82 -66.10
CA ARG N 281 -8.36 3.38 -66.47
C ARG N 281 -7.51 3.61 -65.23
N GLN N 282 -6.21 3.73 -65.43
CA GLN N 282 -5.26 3.66 -64.33
C GLN N 282 -5.27 4.94 -63.51
N ASN N 283 -5.68 6.05 -64.11
CA ASN N 283 -5.93 7.27 -63.36
C ASN N 283 -7.43 7.51 -63.13
N GLN N 284 -8.25 6.48 -63.35
CA GLN N 284 -9.70 6.59 -63.13
C GLN N 284 -10.27 5.26 -62.65
N ILE N 285 -9.84 4.81 -61.47
CA ILE N 285 -10.09 3.44 -61.08
C ILE N 285 -11.51 3.21 -60.57
N ALA N 286 -11.98 4.03 -59.64
CA ALA N 286 -13.28 3.80 -59.00
C ALA N 286 -13.88 5.09 -58.44
N VAL N 287 -15.19 5.28 -58.65
CA VAL N 287 -15.81 6.58 -58.45
C VAL N 287 -16.14 6.80 -56.99
N ASP N 288 -16.30 8.06 -56.61
CA ASP N 288 -16.52 8.42 -55.21
C ASP N 288 -17.88 8.01 -54.63
N GLU N 289 -18.87 7.71 -55.48
CA GLU N 289 -20.13 7.20 -54.99
C GLU N 289 -19.96 5.90 -54.20
N ILE N 290 -18.95 5.09 -54.54
CA ILE N 290 -18.63 3.90 -53.77
C ILE N 290 -17.39 4.06 -52.87
N ARG N 291 -16.54 5.05 -53.18
CA ARG N 291 -15.29 5.23 -52.44
C ARG N 291 -15.52 6.16 -51.25
N GLU N 292 -16.48 7.06 -51.38
CA GLU N 292 -16.72 8.03 -50.33
C GLU N 292 -18.05 7.83 -49.61
N ARG N 293 -19.04 7.27 -50.31
CA ARG N 293 -20.43 7.34 -49.85
C ARG N 293 -21.15 6.00 -49.93
N LEU N 294 -20.40 4.90 -49.80
CA LEU N 294 -21.02 3.60 -49.94
C LEU N 294 -21.94 3.37 -48.74
N PHE N 295 -23.23 3.11 -49.02
CA PHE N 295 -24.20 2.77 -47.99
C PHE N 295 -24.48 3.94 -47.05
N GLU N 296 -24.28 5.14 -47.57
CA GLU N 296 -24.35 6.37 -46.82
C GLU N 296 -25.67 6.53 -46.07
N GLN N 297 -26.75 6.03 -46.65
CA GLN N 297 -28.07 6.29 -46.12
C GLN N 297 -28.39 5.36 -44.97
N VAL N 298 -27.67 4.25 -44.91
CA VAL N 298 -27.98 3.19 -43.98
C VAL N 298 -26.82 2.84 -43.02
N MET N 299 -25.79 3.67 -42.98
CA MET N 299 -24.64 3.48 -42.06
C MET N 299 -24.30 4.82 -41.39
N ARG N 300 -23.47 4.77 -40.36
CA ARG N 300 -23.22 5.97 -39.56
C ARG N 300 -22.30 6.92 -40.33
N ILE N 301 -21.57 6.37 -41.29
CA ILE N 301 -20.85 7.19 -42.25
C ILE N 301 -20.70 6.45 -43.55
N GLY N 302 -20.35 7.18 -44.60
CA GLY N 302 -20.06 6.54 -45.88
C GLY N 302 -18.90 5.57 -45.80
N LEU N 303 -19.04 4.43 -46.47
CA LEU N 303 -17.94 3.49 -46.57
C LEU N 303 -17.15 3.74 -47.86
N ASP N 304 -15.94 3.19 -47.86
CA ASP N 304 -15.03 3.27 -48.99
C ASP N 304 -14.73 1.84 -49.49
N LEU N 305 -15.38 1.45 -50.61
CA LEU N 305 -15.39 0.05 -51.05
C LEU N 305 -14.03 -0.45 -51.51
N PRO N 306 -13.32 0.36 -52.30
CA PRO N 306 -11.93 0.06 -52.60
C PRO N 306 -11.08 -0.17 -51.34
N ALA N 307 -11.26 0.67 -50.32
CA ALA N 307 -10.58 0.49 -49.03
C ALA N 307 -11.00 -0.84 -48.39
N LEU N 308 -12.30 -1.12 -48.34
CA LEU N 308 -12.77 -2.38 -47.76
C LEU N 308 -12.19 -3.60 -48.46
N ASN N 309 -12.03 -3.55 -49.79
CA ASN N 309 -11.49 -4.67 -50.55
C ASN N 309 -10.08 -5.03 -50.02
N MET N 310 -9.26 -4.01 -49.80
CA MET N 310 -7.89 -4.20 -49.37
C MET N 310 -7.81 -4.63 -47.90
N GLN N 311 -8.62 -4.04 -47.04
CA GLN N 311 -8.72 -4.54 -45.67
C GLN N 311 -9.20 -5.99 -45.68
N ARG N 312 -10.15 -6.32 -46.57
CA ARG N 312 -10.66 -7.69 -46.68
C ARG N 312 -9.62 -8.70 -47.14
N SER N 313 -8.80 -8.36 -48.14
CA SER N 313 -7.67 -9.25 -48.53
C SER N 313 -6.70 -9.46 -47.37
N ARG N 314 -6.57 -8.47 -46.49
CA ARG N 314 -5.64 -8.64 -45.35
C ARG N 314 -6.27 -9.50 -44.30
N ASP N 315 -7.57 -9.26 -44.07
CA ASP N 315 -8.43 -10.08 -43.22
C ASP N 315 -8.32 -11.55 -43.57
N HIS N 316 -8.25 -11.82 -44.87
CA HIS N 316 -8.25 -13.18 -45.41
C HIS N 316 -6.83 -13.72 -45.58
N GLY N 317 -5.86 -13.02 -44.97
CA GLY N 317 -4.45 -13.31 -45.13
C GLY N 317 -4.04 -13.68 -46.54
N LEU N 318 -4.52 -12.92 -47.54
CA LEU N 318 -4.12 -13.17 -48.92
C LEU N 318 -2.69 -12.65 -49.15
N PRO N 319 -1.88 -13.41 -49.89
CA PRO N 319 -0.56 -12.89 -50.21
C PRO N 319 -0.63 -11.72 -51.17
N GLY N 320 0.50 -11.02 -51.34
CA GLY N 320 0.52 -9.74 -52.05
C GLY N 320 0.67 -9.96 -53.56
N TYR N 321 0.80 -8.86 -54.28
CA TYR N 321 0.78 -8.84 -55.75
C TYR N 321 1.73 -9.86 -56.34
N ASN N 322 2.99 -9.85 -55.91
CA ASN N 322 4.02 -10.62 -56.61
C ASN N 322 3.89 -12.10 -56.35
N ALA N 323 3.32 -12.47 -55.21
CA ALA N 323 3.12 -13.90 -54.90
C ALA N 323 2.11 -14.42 -55.91
N TRP N 324 1.09 -13.60 -56.20
CA TRP N 324 0.07 -13.98 -57.16
C TRP N 324 0.59 -13.94 -58.58
N ARG N 325 1.50 -13.01 -58.86
CA ARG N 325 2.12 -12.96 -60.17
C ARG N 325 2.85 -14.28 -60.40
N ARG N 326 3.68 -14.65 -59.42
CA ARG N 326 4.46 -15.88 -59.49
C ARG N 326 3.53 -17.09 -59.68
N PHE N 327 2.46 -17.15 -58.88
CA PHE N 327 1.51 -18.26 -58.98
C PHE N 327 1.00 -18.41 -60.42
N CYS N 328 0.80 -17.27 -61.09
CA CYS N 328 0.21 -17.23 -62.44
C CYS N 328 1.27 -17.40 -63.54
N GLY N 329 2.52 -17.46 -63.12
CA GLY N 329 3.64 -17.61 -64.04
C GLY N 329 4.05 -16.28 -64.67
N LEU N 330 3.64 -15.16 -64.08
CA LEU N 330 3.99 -13.85 -64.62
C LEU N 330 5.22 -13.24 -63.92
N PRO N 331 6.00 -12.41 -64.64
CA PRO N 331 7.20 -11.84 -63.99
C PRO N 331 6.83 -11.04 -62.74
N GLN N 332 7.72 -11.06 -61.76
CA GLN N 332 7.53 -10.28 -60.52
C GLN N 332 8.47 -9.08 -60.53
N PRO N 333 7.91 -7.88 -60.77
CA PRO N 333 8.70 -6.65 -60.72
C PRO N 333 9.14 -6.33 -59.27
N GLU N 334 10.40 -5.97 -59.08
CA GLU N 334 10.92 -5.76 -57.74
C GLU N 334 11.20 -4.27 -57.48
N THR N 335 11.58 -3.54 -58.52
CA THR N 335 11.89 -2.10 -58.41
C THR N 335 10.74 -1.22 -58.94
N VAL N 336 10.77 0.06 -58.58
CA VAL N 336 9.84 1.04 -59.18
C VAL N 336 9.90 1.02 -60.70
N GLY N 337 11.10 0.97 -61.26
CA GLY N 337 11.23 0.89 -62.73
C GLY N 337 10.57 -0.36 -63.30
N GLN N 338 10.77 -1.51 -62.68
CA GLN N 338 10.31 -2.75 -63.27
C GLN N 338 8.77 -2.81 -63.23
N LEU N 339 8.22 -2.39 -62.10
CA LEU N 339 6.79 -2.21 -61.95
C LEU N 339 6.25 -1.21 -62.97
N GLY N 340 6.97 -0.12 -63.19
CA GLY N 340 6.58 0.84 -64.22
C GLY N 340 6.40 0.19 -65.59
N THR N 341 7.28 -0.76 -65.91
CA THR N 341 7.25 -1.47 -67.18
C THR N 341 6.04 -2.40 -67.28
N VAL N 342 5.80 -3.14 -66.21
CA VAL N 342 4.68 -4.08 -66.12
C VAL N 342 3.33 -3.37 -66.17
N LEU N 343 3.25 -2.17 -65.58
CA LEU N 343 2.01 -1.39 -65.56
C LEU N 343 1.95 -0.43 -66.76
N ARG N 344 3.04 -0.41 -67.54
CA ARG N 344 3.21 0.50 -68.67
C ARG N 344 2.89 1.94 -68.25
N ASN N 345 3.37 2.30 -67.07
CA ASN N 345 2.93 3.51 -66.36
C ASN N 345 3.82 3.77 -65.13
N LEU N 346 4.84 4.58 -65.31
CA LEU N 346 5.80 4.85 -64.24
C LEU N 346 5.18 5.68 -63.11
N LYS N 347 4.23 6.53 -63.45
CA LYS N 347 3.70 7.48 -62.46
C LYS N 347 2.80 6.75 -61.47
N LEU N 348 2.05 5.75 -61.96
CA LEU N 348 1.31 4.85 -61.09
C LEU N 348 2.23 3.95 -60.25
N ALA N 349 3.35 3.51 -60.81
CA ALA N 349 4.30 2.68 -60.07
C ALA N 349 4.85 3.45 -58.88
N ARG N 350 5.22 4.70 -59.12
CA ARG N 350 5.75 5.55 -58.05
C ARG N 350 4.67 5.79 -57.02
N LYS N 351 3.44 5.97 -57.48
CA LYS N 351 2.33 6.18 -56.55
C LYS N 351 2.19 4.95 -55.67
N LEU N 352 2.30 3.77 -56.29
CA LEU N 352 2.12 2.52 -55.57
C LEU N 352 3.28 2.27 -54.61
N MET N 353 4.50 2.53 -55.06
CA MET N 353 5.67 2.35 -54.20
C MET N 353 5.74 3.36 -53.07
N GLU N 354 5.18 4.56 -53.26
CA GLU N 354 5.11 5.52 -52.16
C GLU N 354 4.21 4.98 -51.05
N GLN N 355 3.15 4.27 -51.44
CA GLN N 355 2.23 3.66 -50.49
C GLN N 355 2.75 2.37 -49.86
N TYR N 356 3.28 1.47 -50.69
CA TYR N 356 3.53 0.11 -50.27
C TYR N 356 5.01 -0.22 -50.01
N GLY N 357 5.92 0.54 -50.64
CA GLY N 357 7.36 0.32 -50.46
C GLY N 357 7.97 -0.77 -51.33
N THR N 358 7.27 -1.88 -51.49
CA THR N 358 7.69 -2.98 -52.36
C THR N 358 6.46 -3.55 -53.09
N PRO N 359 6.65 -4.00 -54.34
CA PRO N 359 5.55 -4.58 -55.11
C PRO N 359 5.09 -5.89 -54.51
N ASN N 360 5.92 -6.46 -53.65
CA ASN N 360 5.55 -7.62 -52.87
C ASN N 360 4.38 -7.39 -51.92
N ASN N 361 4.17 -6.16 -51.49
CA ASN N 361 3.15 -5.85 -50.46
C ASN N 361 1.84 -5.28 -51.04
N ILE N 362 1.81 -5.01 -52.33
CA ILE N 362 0.62 -4.44 -52.94
C ILE N 362 -0.54 -5.43 -52.76
N ASP N 363 -1.66 -4.95 -52.26
CA ASP N 363 -2.80 -5.80 -52.09
C ASP N 363 -3.29 -6.31 -53.44
N ILE N 364 -3.83 -7.53 -53.45
CA ILE N 364 -4.17 -8.23 -54.70
C ILE N 364 -5.24 -7.49 -55.53
N TRP N 365 -6.27 -6.92 -54.91
CA TRP N 365 -7.24 -6.13 -55.71
C TRP N 365 -6.57 -4.94 -56.41
N MET N 366 -5.77 -4.22 -55.64
CA MET N 366 -5.13 -2.98 -56.09
C MET N 366 -4.14 -3.24 -57.22
N GLY N 367 -3.24 -4.21 -57.05
CA GLY N 367 -2.38 -4.65 -58.14
C GLY N 367 -3.20 -5.15 -59.31
N GLY N 368 -4.15 -6.02 -59.03
CA GLY N 368 -5.06 -6.51 -60.06
C GLY N 368 -5.56 -5.40 -60.99
N VAL N 369 -6.32 -4.46 -60.43
CA VAL N 369 -7.05 -3.49 -61.23
C VAL N 369 -6.12 -2.38 -61.74
N SER N 370 -4.88 -2.35 -61.24
CA SER N 370 -3.88 -1.38 -61.70
C SER N 370 -3.25 -1.79 -63.03
N GLU N 371 -3.26 -3.09 -63.33
CA GLU N 371 -2.65 -3.60 -64.54
C GLU N 371 -3.42 -3.17 -65.79
N PRO N 372 -2.67 -2.82 -66.86
CA PRO N 372 -3.29 -2.48 -68.13
C PRO N 372 -4.20 -3.62 -68.61
N LEU N 373 -5.34 -3.27 -69.18
CA LEU N 373 -6.30 -4.27 -69.61
C LEU N 373 -5.79 -5.03 -70.83
N LYS N 374 -6.08 -6.32 -70.89
CA LYS N 374 -5.78 -7.11 -72.07
C LYS N 374 -6.61 -6.64 -73.27
N ARG N 375 -6.08 -6.85 -74.47
CA ARG N 375 -6.83 -6.50 -75.69
C ARG N 375 -8.20 -7.19 -75.71
N LYS N 376 -9.25 -6.42 -75.98
CA LYS N 376 -10.63 -6.92 -76.01
C LYS N 376 -11.08 -7.61 -74.71
N GLY N 377 -10.36 -7.40 -73.61
CA GLY N 377 -10.86 -7.76 -72.29
C GLY N 377 -10.88 -6.59 -71.35
N ARG N 378 -11.30 -6.82 -70.11
CA ARG N 378 -11.39 -5.72 -69.16
C ARG N 378 -10.72 -6.04 -67.83
N VAL N 379 -9.78 -6.97 -67.86
CA VAL N 379 -8.82 -7.17 -66.76
C VAL N 379 -7.44 -7.38 -67.37
N GLY N 380 -6.39 -7.23 -66.57
CA GLY N 380 -5.03 -7.51 -67.05
C GLY N 380 -4.69 -8.98 -66.91
N PRO N 381 -3.42 -9.36 -67.17
CA PRO N 381 -3.05 -10.78 -67.09
C PRO N 381 -3.23 -11.40 -65.70
N LEU N 382 -2.98 -10.66 -64.63
CA LEU N 382 -3.00 -11.27 -63.30
C LEU N 382 -4.42 -11.67 -62.95
N LEU N 383 -5.34 -10.73 -63.08
CA LEU N 383 -6.75 -11.03 -62.87
C LEU N 383 -7.29 -11.99 -63.95
N ALA N 384 -6.83 -11.90 -65.19
CA ALA N 384 -7.19 -12.89 -66.22
C ALA N 384 -6.86 -14.32 -65.78
N CYS N 385 -5.66 -14.52 -65.24
CA CYS N 385 -5.25 -15.84 -64.74
C CYS N 385 -6.10 -16.34 -63.53
N ILE N 386 -6.35 -15.49 -62.54
CA ILE N 386 -7.09 -15.91 -61.34
C ILE N 386 -8.57 -16.13 -61.65
N ILE N 387 -9.21 -15.16 -62.32
CA ILE N 387 -10.60 -15.31 -62.70
C ILE N 387 -10.78 -16.48 -63.70
N GLY N 388 -9.90 -16.56 -64.69
CA GLY N 388 -10.02 -17.62 -65.71
C GLY N 388 -9.80 -19.01 -65.14
N THR N 389 -8.79 -19.14 -64.26
CA THR N 389 -8.56 -20.40 -63.60
C THR N 389 -9.79 -20.85 -62.82
N GLN N 390 -10.42 -19.92 -62.09
CA GLN N 390 -11.56 -20.26 -61.28
C GLN N 390 -12.71 -20.83 -62.11
N PHE N 391 -13.03 -20.16 -63.20
CA PHE N 391 -14.20 -20.52 -64.01
C PHE N 391 -14.00 -21.77 -64.84
N ARG N 392 -12.74 -22.16 -65.10
CA ARG N 392 -12.50 -23.46 -65.71
C ARG N 392 -12.83 -24.58 -64.76
N LYS N 393 -12.49 -24.39 -63.49
CA LYS N 393 -12.76 -25.38 -62.46
C LYS N 393 -14.24 -25.53 -62.16
N LEU N 394 -14.96 -24.40 -62.17
CA LEU N 394 -16.40 -24.43 -61.92
C LEU N 394 -17.13 -25.12 -63.06
N ARG N 395 -16.55 -25.05 -64.26
CA ARG N 395 -17.09 -25.74 -65.43
C ARG N 395 -16.69 -27.21 -65.43
N ASP N 396 -15.38 -27.44 -65.49
CA ASP N 396 -14.84 -28.77 -65.69
C ASP N 396 -15.20 -29.67 -64.50
N GLY N 397 -15.41 -29.07 -63.33
CA GLY N 397 -15.57 -29.83 -62.11
C GLY N 397 -17.02 -29.92 -61.68
N ASP N 398 -17.92 -29.61 -62.62
CA ASP N 398 -19.34 -29.54 -62.33
C ASP N 398 -20.05 -30.65 -63.06
N ARG N 399 -20.55 -31.60 -62.29
CA ARG N 399 -21.11 -32.82 -62.85
C ARG N 399 -22.40 -32.52 -63.59
N PHE N 400 -23.04 -31.40 -63.22
CA PHE N 400 -24.30 -30.97 -63.80
C PHE N 400 -24.07 -29.76 -64.73
N TRP N 401 -22.84 -29.61 -65.21
CA TRP N 401 -22.59 -28.73 -66.36
C TRP N 401 -23.54 -29.07 -67.51
N TRP N 402 -24.05 -28.04 -68.18
CA TRP N 402 -25.17 -28.25 -69.10
C TRP N 402 -24.78 -29.13 -70.29
N GLU N 403 -23.49 -29.19 -70.62
CA GLU N 403 -23.03 -29.93 -71.78
C GLU N 403 -22.53 -31.33 -71.45
N ASN N 404 -22.37 -31.62 -70.17
CA ASN N 404 -21.93 -32.96 -69.74
C ASN N 404 -22.99 -33.98 -70.16
N GLU N 405 -22.53 -35.06 -70.76
CA GLU N 405 -23.40 -36.17 -71.13
C GLU N 405 -24.37 -36.48 -69.99
N GLY N 406 -25.65 -36.62 -70.31
CA GLY N 406 -26.62 -37.19 -69.37
C GLY N 406 -27.37 -36.17 -68.53
N VAL N 407 -26.89 -34.93 -68.48
CA VAL N 407 -27.59 -33.88 -67.74
C VAL N 407 -28.84 -33.44 -68.52
N PHE N 408 -28.62 -33.07 -69.79
CA PHE N 408 -29.72 -32.85 -70.74
C PHE N 408 -29.63 -33.84 -71.91
N SER N 409 -30.73 -33.98 -72.66
CA SER N 409 -30.68 -34.69 -73.94
C SER N 409 -30.00 -33.81 -74.98
N MET N 410 -29.59 -34.41 -76.09
CA MET N 410 -29.01 -33.69 -77.21
C MET N 410 -29.97 -32.63 -77.76
N GLN N 411 -31.26 -32.96 -77.76
CA GLN N 411 -32.28 -32.05 -78.25
C GLN N 411 -32.49 -30.89 -77.27
N GLN N 412 -32.60 -31.21 -75.99
CA GLN N 412 -32.60 -30.19 -74.95
C GLN N 412 -31.37 -29.26 -75.07
N ARG N 413 -30.22 -29.82 -75.45
CA ARG N 413 -29.00 -29.02 -75.57
C ARG N 413 -29.08 -28.07 -76.76
N GLN N 414 -29.54 -28.59 -77.89
CA GLN N 414 -29.75 -27.75 -79.07
C GLN N 414 -30.75 -26.64 -78.79
N ALA N 415 -31.82 -26.94 -78.05
CA ALA N 415 -32.76 -25.92 -77.58
C ALA N 415 -32.05 -24.88 -76.72
N LEU N 416 -31.41 -25.33 -75.64
CA LEU N 416 -30.77 -24.42 -74.69
C LEU N 416 -29.74 -23.46 -75.33
N ALA N 417 -29.03 -23.92 -76.35
CA ALA N 417 -27.98 -23.10 -76.93
C ALA N 417 -28.57 -21.86 -77.61
N GLN N 418 -29.88 -21.83 -77.80
CA GLN N 418 -30.54 -20.71 -78.48
C GLN N 418 -30.92 -19.56 -77.54
N ILE N 419 -30.73 -19.74 -76.25
CA ILE N 419 -31.12 -18.71 -75.30
C ILE N 419 -30.11 -17.58 -75.29
N SER N 420 -30.58 -16.43 -74.81
CA SER N 420 -29.75 -15.25 -74.67
C SER N 420 -30.46 -14.34 -73.67
N LEU N 421 -29.72 -13.42 -73.05
CA LEU N 421 -30.31 -12.53 -72.07
C LEU N 421 -31.33 -11.58 -72.72
N PRO N 422 -31.02 -11.03 -73.89
CA PRO N 422 -32.05 -10.21 -74.54
C PRO N 422 -33.42 -10.91 -74.60
N ARG N 423 -33.43 -12.19 -74.95
CA ARG N 423 -34.70 -12.91 -75.13
C ARG N 423 -35.39 -13.19 -73.80
N ILE N 424 -34.61 -13.41 -72.75
CA ILE N 424 -35.19 -13.60 -71.41
C ILE N 424 -35.91 -12.32 -70.95
N ILE N 425 -35.31 -11.17 -71.31
CA ILE N 425 -35.88 -9.86 -71.02
C ILE N 425 -37.14 -9.61 -71.83
N CYS N 426 -37.13 -10.00 -73.10
CA CYS N 426 -38.34 -9.95 -73.91
C CYS N 426 -39.47 -10.76 -73.28
N ASP N 427 -39.13 -11.94 -72.77
CA ASP N 427 -40.13 -12.91 -72.37
C ASP N 427 -40.74 -12.60 -71.00
N ASN N 428 -40.15 -11.65 -70.27
CA ASN N 428 -40.50 -11.47 -68.87
C ASN N 428 -40.76 -10.01 -68.45
N THR N 429 -40.88 -9.10 -69.41
CA THR N 429 -41.04 -7.68 -69.13
C THR N 429 -41.94 -7.02 -70.18
N GLY N 430 -42.07 -5.69 -70.10
CA GLY N 430 -42.83 -4.91 -71.08
C GLY N 430 -41.93 -4.30 -72.15
N ILE N 431 -40.69 -4.76 -72.22
CA ILE N 431 -39.69 -4.19 -73.10
C ILE N 431 -39.79 -4.94 -74.42
N THR N 432 -39.95 -4.20 -75.52
CA THR N 432 -40.20 -4.82 -76.84
C THR N 432 -39.05 -4.55 -77.79
N THR N 433 -38.09 -3.75 -77.34
CA THR N 433 -36.85 -3.56 -78.06
C THR N 433 -35.68 -3.73 -77.11
N VAL N 434 -34.68 -4.52 -77.52
CA VAL N 434 -33.61 -4.96 -76.64
C VAL N 434 -32.30 -5.01 -77.41
N SER N 435 -31.20 -5.25 -76.70
CA SER N 435 -29.89 -5.25 -77.32
C SER N 435 -29.70 -6.40 -78.35
N LYS N 436 -28.97 -6.09 -79.43
CA LYS N 436 -28.34 -7.10 -80.27
C LYS N 436 -27.34 -7.90 -79.46
N ASN N 437 -27.25 -9.19 -79.75
CA ASN N 437 -26.10 -9.98 -79.33
C ASN N 437 -24.81 -9.36 -79.86
N ASN N 438 -23.85 -9.01 -78.99
CA ASN N 438 -23.71 -9.55 -77.64
C ASN N 438 -24.12 -8.44 -76.65
N ILE N 439 -25.12 -8.73 -75.83
CA ILE N 439 -25.73 -7.76 -74.92
C ILE N 439 -24.68 -6.99 -74.06
N PHE N 440 -23.57 -7.65 -73.70
CA PHE N 440 -22.61 -6.99 -72.82
C PHE N 440 -21.69 -6.04 -73.60
N MET N 441 -21.80 -6.06 -74.92
CA MET N 441 -21.08 -5.11 -75.77
C MET N 441 -21.97 -3.95 -76.22
N SER N 442 -23.13 -4.29 -76.82
CA SER N 442 -24.20 -3.32 -77.07
C SER N 442 -24.47 -2.37 -75.89
N ASN N 443 -24.54 -1.07 -76.18
CA ASN N 443 -24.73 -0.03 -75.16
C ASN N 443 -25.35 1.28 -75.66
N SER N 444 -25.86 1.27 -76.89
CA SER N 444 -26.14 2.51 -77.61
C SER N 444 -27.41 2.45 -78.47
N TYR N 445 -28.45 3.15 -78.03
CA TYR N 445 -29.73 3.16 -78.71
C TYR N 445 -29.77 4.36 -79.68
N PRO N 446 -30.22 4.13 -80.93
CA PRO N 446 -30.88 2.93 -81.46
C PRO N 446 -29.95 1.94 -82.17
N ARG N 447 -28.69 2.31 -82.34
CA ARG N 447 -27.74 1.54 -83.15
C ARG N 447 -27.74 0.05 -82.80
N ASP N 448 -27.56 -0.25 -81.52
CA ASP N 448 -27.26 -1.62 -81.11
C ASP N 448 -28.49 -2.44 -80.68
N PHE N 449 -29.68 -2.08 -81.18
CA PHE N 449 -30.91 -2.63 -80.60
C PHE N 449 -31.81 -3.26 -81.65
N VAL N 450 -32.69 -4.18 -81.22
CA VAL N 450 -33.58 -4.89 -82.13
C VAL N 450 -34.97 -5.07 -81.55
N ASN N 451 -35.94 -5.34 -82.42
CA ASN N 451 -37.28 -5.72 -81.99
C ASN N 451 -37.26 -7.14 -81.45
N CYS N 452 -37.95 -7.36 -80.33
CA CYS N 452 -38.01 -8.66 -79.70
C CYS N 452 -38.46 -9.77 -80.66
N SER N 453 -39.16 -9.40 -81.72
CA SER N 453 -39.76 -10.39 -82.59
C SER N 453 -38.74 -11.03 -83.53
N THR N 454 -37.56 -10.43 -83.67
CA THR N 454 -36.53 -11.00 -84.52
C THR N 454 -35.69 -12.03 -83.77
N LEU N 455 -35.92 -12.14 -82.46
CA LEU N 455 -35.28 -13.16 -81.62
C LEU N 455 -36.24 -14.32 -81.35
N PRO N 456 -35.75 -15.56 -81.50
CA PRO N 456 -36.60 -16.73 -81.47
C PRO N 456 -36.77 -17.20 -80.01
N ALA N 457 -37.99 -17.60 -79.65
CA ALA N 457 -38.28 -17.99 -78.26
C ALA N 457 -37.70 -19.36 -77.96
N LEU N 458 -37.49 -19.66 -76.69
CA LEU N 458 -36.99 -20.98 -76.27
C LEU N 458 -38.00 -22.08 -76.61
N ASN N 459 -37.49 -23.16 -77.21
CA ASN N 459 -38.31 -24.28 -77.59
C ASN N 459 -38.24 -25.39 -76.54
N LEU N 460 -39.37 -25.64 -75.89
CA LEU N 460 -39.45 -26.58 -74.77
C LEU N 460 -39.95 -27.96 -75.20
N ALA N 461 -40.21 -28.16 -76.49
CA ALA N 461 -40.83 -29.40 -76.97
C ALA N 461 -40.11 -30.65 -76.42
N SER N 462 -38.78 -30.60 -76.34
CA SER N 462 -38.02 -31.79 -76.00
C SER N 462 -38.06 -32.05 -74.49
N TRP N 463 -38.84 -31.25 -73.77
CA TRP N 463 -39.10 -31.51 -72.36
C TRP N 463 -40.39 -32.29 -72.16
N ARG N 464 -41.14 -32.43 -73.24
CA ARG N 464 -42.32 -33.25 -73.22
C ARG N 464 -41.99 -34.66 -72.79
N GLU N 465 -42.67 -35.13 -71.75
CA GLU N 465 -42.54 -36.53 -71.35
C GLU N 465 -43.48 -37.38 -72.19
N ALA N 466 -42.87 -38.27 -72.98
CA ALA N 466 -43.58 -39.31 -73.69
C ALA N 466 -43.10 -40.67 -73.16
N CYS O 1 8.66 -12.27 -36.49
CA CYS O 1 9.94 -12.85 -37.00
C CYS O 1 11.03 -11.78 -37.05
N PRO O 2 12.20 -12.07 -36.44
CA PRO O 2 13.34 -11.16 -36.47
C PRO O 2 13.87 -10.86 -37.88
N GLU O 3 14.47 -9.70 -38.07
CA GLU O 3 14.95 -9.32 -39.39
C GLU O 3 16.07 -10.25 -39.86
N GLN O 4 16.66 -10.95 -38.89
CA GLN O 4 17.97 -11.55 -39.03
C GLN O 4 18.05 -12.75 -38.08
N ASP O 5 18.58 -13.88 -38.55
CA ASP O 5 18.80 -15.02 -37.66
C ASP O 5 19.92 -15.93 -38.15
N LYS O 6 20.81 -16.33 -37.24
CA LYS O 6 21.83 -17.35 -37.57
C LYS O 6 21.26 -18.76 -37.55
N TYR O 7 20.25 -18.97 -36.72
CA TYR O 7 19.86 -20.28 -36.27
C TYR O 7 18.36 -20.50 -36.47
N ARG O 8 17.99 -21.75 -36.75
CA ARG O 8 16.60 -22.19 -36.69
C ARG O 8 15.96 -21.97 -35.33
N THR O 9 14.67 -21.67 -35.32
CA THR O 9 13.90 -21.78 -34.09
C THR O 9 13.64 -23.25 -33.78
N ILE O 10 13.29 -23.58 -32.53
CA ILE O 10 12.99 -24.97 -32.20
C ILE O 10 11.67 -25.45 -32.84
N THR O 11 10.67 -24.57 -32.95
CA THR O 11 9.36 -24.94 -33.54
C THR O 11 9.31 -24.94 -35.08
N GLY O 12 10.28 -24.27 -35.70
CA GLY O 12 10.30 -24.13 -37.15
C GLY O 12 9.56 -22.89 -37.62
N MET O 13 9.01 -22.14 -36.67
CA MET O 13 8.44 -20.86 -36.96
C MET O 13 9.52 -19.93 -37.53
N CYS O 14 9.11 -19.10 -38.46
CA CYS O 14 9.94 -18.06 -39.05
C CYS O 14 10.96 -18.56 -40.07
N ASN O 15 10.94 -19.85 -40.39
CA ASN O 15 11.70 -20.36 -41.55
C ASN O 15 11.22 -19.74 -42.87
N ASN O 16 9.91 -19.87 -43.12
CA ASN O 16 9.24 -19.03 -44.10
C ASN O 16 8.76 -17.74 -43.50
N ARG O 17 9.32 -16.63 -43.97
CA ARG O 17 9.03 -15.34 -43.39
C ARG O 17 7.69 -14.75 -43.85
N ARG O 18 7.14 -15.20 -44.97
CA ARG O 18 5.83 -14.68 -45.45
C ARG O 18 4.62 -15.41 -44.80
N SER O 19 4.75 -16.71 -44.64
CA SER O 19 3.77 -17.49 -43.87
CA SER O 19 3.79 -17.48 -43.87
C SER O 19 4.54 -18.24 -42.80
N PRO O 20 4.74 -17.61 -41.63
CA PRO O 20 5.82 -18.12 -40.80
C PRO O 20 5.51 -19.39 -40.00
N THR O 21 4.32 -19.99 -40.17
CA THR O 21 4.01 -21.31 -39.55
C THR O 21 4.31 -22.54 -40.44
N LEU O 22 4.63 -22.32 -41.71
CA LEU O 22 4.88 -23.41 -42.65
C LEU O 22 6.12 -24.21 -42.30
N GLY O 23 5.92 -25.51 -42.08
CA GLY O 23 6.98 -26.38 -41.61
C GLY O 23 7.11 -26.34 -40.11
N ALA O 24 6.35 -25.48 -39.45
CA ALA O 24 6.39 -25.42 -37.99
C ALA O 24 5.49 -26.49 -37.35
N SER O 25 5.72 -26.76 -36.07
CA SER O 25 5.13 -27.89 -35.38
C SER O 25 3.75 -27.57 -34.86
N ASN O 26 2.96 -28.62 -34.66
CA ASN O 26 1.63 -28.50 -34.08
C ASN O 26 0.73 -27.69 -34.99
N ARG O 27 0.84 -27.99 -36.28
CA ARG O 27 -0.01 -27.43 -37.32
C ARG O 27 -0.57 -28.57 -38.16
N ALA O 28 -1.68 -28.32 -38.83
CA ALA O 28 -2.29 -29.29 -39.72
C ALA O 28 -1.40 -29.65 -40.90
N PHE O 29 -1.46 -30.91 -41.35
CA PHE O 29 -0.78 -31.31 -42.58
C PHE O 29 -1.37 -30.52 -43.71
N VAL O 30 -0.56 -30.29 -44.74
CA VAL O 30 -1.10 -29.84 -46.04
C VAL O 30 -1.70 -31.02 -46.77
N ARG O 31 -2.77 -30.78 -47.52
CA ARG O 31 -3.34 -31.82 -48.39
C ARG O 31 -2.95 -31.57 -49.84
N TRP O 32 -2.46 -32.61 -50.50
CA TRP O 32 -2.20 -32.56 -51.93
C TRP O 32 -3.42 -32.93 -52.74
N LEU O 33 -4.35 -33.66 -52.13
CA LEU O 33 -5.66 -33.89 -52.75
C LEU O 33 -6.74 -33.68 -51.71
N PRO O 34 -7.99 -33.46 -52.17
CA PRO O 34 -9.10 -33.35 -51.24
C PRO O 34 -9.35 -34.64 -50.49
N ALA O 35 -9.85 -34.53 -49.26
CA ALA O 35 -10.11 -35.70 -48.43
C ALA O 35 -11.23 -36.54 -48.99
N GLU O 36 -11.21 -37.81 -48.65
CA GLU O 36 -12.34 -38.67 -48.95
C GLU O 36 -12.74 -39.42 -47.72
N TYR O 37 -13.92 -39.06 -47.22
CA TYR O 37 -14.47 -39.63 -46.01
C TYR O 37 -15.82 -40.23 -46.34
N GLU O 38 -16.26 -41.17 -45.51
CA GLU O 38 -17.57 -41.81 -45.65
C GLU O 38 -18.68 -40.79 -45.84
N ASP O 39 -18.61 -39.68 -45.10
CA ASP O 39 -19.67 -38.69 -45.08
C ASP O 39 -19.18 -37.41 -45.72
N GLY O 40 -18.00 -37.47 -46.32
CA GLY O 40 -17.45 -36.34 -47.03
C GLY O 40 -16.60 -35.41 -46.16
N PHE O 41 -16.74 -35.50 -44.84
CA PHE O 41 -16.03 -34.55 -43.97
C PHE O 41 -15.32 -35.09 -42.71
N SER O 42 -15.66 -36.30 -42.28
CA SER O 42 -15.25 -36.73 -40.94
C SER O 42 -15.05 -38.22 -40.82
N LEU O 43 -16.11 -38.99 -41.09
CA LEU O 43 -16.11 -40.43 -40.77
C LEU O 43 -15.25 -41.20 -41.76
N PRO O 44 -14.37 -42.08 -41.24
CA PRO O 44 -13.52 -42.87 -42.12
C PRO O 44 -14.32 -43.96 -42.84
N TYR O 45 -13.86 -44.34 -44.03
CA TYR O 45 -14.44 -45.47 -44.73
C TYR O 45 -14.26 -46.72 -43.89
N GLY O 46 -15.35 -47.49 -43.79
CA GLY O 46 -15.42 -48.64 -42.91
C GLY O 46 -16.13 -48.39 -41.59
N TRP O 47 -16.46 -47.13 -41.30
CA TRP O 47 -17.12 -46.79 -40.02
C TRP O 47 -18.52 -47.40 -39.87
N THR O 48 -19.35 -47.24 -40.91
CA THR O 48 -20.74 -47.65 -40.84
C THR O 48 -21.00 -48.88 -41.69
N PRO O 49 -21.46 -49.97 -41.06
CA PRO O 49 -21.65 -51.21 -41.80
C PRO O 49 -22.70 -51.08 -42.90
N GLY O 50 -22.33 -51.48 -44.11
CA GLY O 50 -23.21 -51.38 -45.26
C GLY O 50 -22.79 -50.28 -46.22
N VAL O 51 -21.94 -49.37 -45.77
CA VAL O 51 -21.63 -48.20 -46.58
C VAL O 51 -20.45 -48.45 -47.52
N LYS O 52 -20.74 -48.46 -48.81
CA LYS O 52 -19.75 -48.76 -49.83
C LYS O 52 -18.77 -47.60 -49.99
N ARG O 53 -17.62 -47.88 -50.57
CA ARG O 53 -16.75 -46.83 -51.12
C ARG O 53 -16.77 -46.94 -52.63
N ASN O 54 -17.18 -45.88 -53.31
CA ASN O 54 -17.08 -45.89 -54.76
C ASN O 54 -17.70 -47.16 -55.31
N GLY O 55 -18.85 -47.57 -54.78
CA GLY O 55 -19.66 -48.66 -55.38
C GLY O 55 -19.33 -50.07 -54.88
N PHE O 56 -18.26 -50.17 -54.08
CA PHE O 56 -17.71 -51.46 -53.65
C PHE O 56 -17.60 -51.53 -52.11
N PRO O 57 -17.66 -52.75 -51.56
CA PRO O 57 -17.50 -53.00 -50.12
C PRO O 57 -16.13 -52.60 -49.60
N VAL O 58 -16.09 -52.08 -48.37
CA VAL O 58 -14.85 -51.68 -47.73
C VAL O 58 -14.14 -52.91 -47.15
N ALA O 59 -12.96 -53.23 -47.69
CA ALA O 59 -12.20 -54.40 -47.25
C ALA O 59 -11.65 -54.13 -45.86
N LEU O 60 -11.86 -55.06 -44.93
CA LEU O 60 -11.21 -55.00 -43.62
C LEU O 60 -9.70 -54.90 -43.80
N ALA O 61 -9.07 -53.98 -43.07
CA ALA O 61 -7.60 -53.79 -43.14
C ALA O 61 -6.89 -55.09 -42.80
N ARG O 62 -7.41 -55.81 -41.81
CA ARG O 62 -6.74 -57.00 -41.29
C ARG O 62 -6.87 -58.17 -42.27
N ALA O 63 -7.99 -58.22 -43.00
CA ALA O 63 -8.21 -59.21 -44.05
C ALA O 63 -7.32 -58.94 -45.25
N VAL O 64 -7.11 -57.68 -45.57
CA VAL O 64 -6.18 -57.34 -46.63
C VAL O 64 -4.75 -57.77 -46.24
N SER O 65 -4.37 -57.48 -44.99
CA SER O 65 -3.07 -57.92 -44.45
C SER O 65 -2.96 -59.45 -44.41
N ASN O 66 -4.02 -60.12 -43.98
CA ASN O 66 -4.01 -61.59 -43.94
C ASN O 66 -3.82 -62.20 -45.32
N GLU O 67 -4.43 -61.60 -46.34
CA GLU O 67 -4.53 -62.23 -47.65
C GLU O 67 -3.47 -61.75 -48.65
N ILE O 68 -2.93 -60.54 -48.47
CA ILE O 68 -1.91 -60.03 -49.40
C ILE O 68 -0.52 -59.88 -48.77
N VAL O 69 -0.49 -59.43 -47.51
CA VAL O 69 0.77 -59.06 -46.86
C VAL O 69 1.49 -60.26 -46.26
N ARG O 70 0.72 -61.20 -45.71
CA ARG O 70 1.26 -62.32 -44.96
C ARG O 70 2.13 -63.23 -45.84
N PHE O 71 3.29 -63.63 -45.33
CA PHE O 71 4.04 -64.76 -45.91
C PHE O 71 4.88 -65.50 -44.87
N PRO O 72 5.43 -66.66 -45.24
CA PRO O 72 6.29 -67.44 -44.35
C PRO O 72 7.67 -66.78 -44.18
N THR O 73 8.01 -66.43 -42.95
CA THR O 73 9.27 -65.74 -42.64
C THR O 73 10.53 -66.45 -43.14
N ASP O 74 10.54 -67.78 -43.16
CA ASP O 74 11.75 -68.51 -43.56
C ASP O 74 12.02 -68.39 -45.07
N GLN O 75 11.08 -67.77 -45.79
CA GLN O 75 11.28 -67.46 -47.22
C GLN O 75 11.86 -66.05 -47.43
N LEU O 76 11.78 -65.22 -46.40
CA LEU O 76 12.29 -63.85 -46.45
C LEU O 76 13.56 -63.73 -47.29
N THR O 77 13.60 -62.74 -48.18
CA THR O 77 14.71 -62.58 -49.10
C THR O 77 15.59 -61.43 -48.67
N PRO O 78 16.88 -61.70 -48.40
CA PRO O 78 17.84 -60.66 -48.06
C PRO O 78 18.20 -59.75 -49.25
N ASP O 79 18.36 -58.46 -48.98
CA ASP O 79 18.75 -57.48 -50.01
C ASP O 79 20.27 -57.47 -50.17
N GLN O 80 20.74 -57.82 -51.36
CA GLN O 80 22.16 -57.91 -51.63
C GLN O 80 22.80 -56.51 -51.75
N GLU O 81 21.96 -55.49 -51.91
CA GLU O 81 22.44 -54.11 -52.15
C GLU O 81 21.93 -53.08 -51.12
N ARG O 82 21.27 -53.53 -50.05
CA ARG O 82 20.93 -52.64 -48.93
C ARG O 82 21.26 -53.27 -47.59
N SER O 83 21.80 -52.43 -46.71
CA SER O 83 22.07 -52.78 -45.32
C SER O 83 20.84 -52.54 -44.48
N LEU O 84 20.82 -53.08 -43.27
CA LEU O 84 19.76 -52.78 -42.34
C LEU O 84 19.80 -51.30 -41.91
N MET O 85 20.97 -50.68 -42.04
CA MET O 85 21.09 -49.25 -41.73
C MET O 85 20.16 -48.40 -42.58
N PHE O 86 19.90 -48.87 -43.80
CA PHE O 86 18.95 -48.22 -44.74
C PHE O 86 17.52 -48.16 -44.20
N MET O 87 17.06 -49.26 -43.62
CA MET O 87 15.78 -49.32 -42.92
C MET O 87 15.82 -48.33 -41.74
N GLN O 88 16.87 -48.44 -40.93
CA GLN O 88 16.93 -47.68 -39.68
C GLN O 88 17.07 -46.17 -39.91
N TRP O 89 17.76 -45.76 -40.96
CA TRP O 89 17.83 -44.33 -41.28
C TRP O 89 16.43 -43.81 -41.67
N GLY O 90 15.71 -44.57 -42.48
CA GLY O 90 14.33 -44.24 -42.81
C GLY O 90 13.50 -43.94 -41.57
N GLN O 91 13.55 -44.79 -40.58
CA GLN O 91 12.69 -44.59 -39.44
C GLN O 91 13.16 -43.34 -38.69
N LEU O 92 14.48 -43.22 -38.49
CA LEU O 92 15.06 -42.05 -37.82
C LEU O 92 14.65 -40.76 -38.51
N LEU O 93 14.82 -40.73 -39.82
CA LEU O 93 14.43 -39.60 -40.67
C LEU O 93 12.94 -39.31 -40.63
N ASP O 94 12.13 -40.35 -40.65
CA ASP O 94 10.69 -40.21 -40.46
C ASP O 94 10.42 -39.45 -39.17
N HIS O 95 11.22 -39.73 -38.13
CA HIS O 95 10.97 -39.09 -36.84
C HIS O 95 11.52 -37.68 -36.72
N ASP O 96 12.22 -37.24 -37.75
CA ASP O 96 12.51 -35.83 -37.94
C ASP O 96 11.28 -35.16 -38.57
N LEU O 97 10.47 -35.90 -39.34
CA LEU O 97 9.57 -35.27 -40.35
C LEU O 97 8.12 -35.14 -39.84
N ASP O 98 7.61 -36.22 -39.26
CA ASP O 98 6.20 -36.25 -38.84
C ASP O 98 5.92 -37.18 -37.67
N PHE O 99 5.13 -36.66 -36.72
CA PHE O 99 4.39 -37.47 -35.74
C PHE O 99 2.95 -36.97 -35.68
N THR O 100 2.01 -37.88 -35.78
CA THR O 100 0.59 -37.56 -35.86
C THR O 100 -0.12 -37.90 -34.53
N PRO O 101 -0.43 -36.86 -33.75
CA PRO O 101 -0.93 -37.07 -32.40
C PRO O 101 -2.26 -37.80 -32.35
N GLU O 102 -2.42 -38.61 -31.30
CA GLU O 102 -3.66 -39.30 -30.96
C GLU O 102 -4.03 -39.00 -29.50
N PRO O 103 -5.31 -39.16 -29.14
CA PRO O 103 -5.69 -39.11 -27.73
C PRO O 103 -5.03 -40.21 -26.90
N ALA O 104 -4.64 -39.87 -25.68
CA ALA O 104 -4.23 -40.86 -24.68
C ALA O 104 -5.45 -41.63 -24.16
N VAL P 1 -14.94 -44.47 -23.56
CA VAL P 1 -14.46 -45.66 -24.31
C VAL P 1 -12.93 -45.64 -24.36
N ASN P 2 -12.31 -46.43 -23.50
CA ASN P 2 -10.87 -46.70 -23.56
C ASN P 2 -10.53 -47.56 -24.78
N CYS P 3 -9.90 -46.96 -25.79
CA CYS P 3 -9.66 -47.64 -27.06
C CYS P 3 -8.73 -48.85 -26.94
N GLU P 4 -7.87 -48.85 -25.94
CA GLU P 4 -6.88 -49.91 -25.79
C GLU P 4 -7.51 -51.17 -25.22
N THR P 5 -8.66 -51.02 -24.55
CA THR P 5 -9.26 -52.16 -23.86
C THR P 5 -10.69 -52.46 -24.29
N SER P 6 -11.36 -51.52 -24.94
CA SER P 6 -12.69 -51.77 -25.49
C SER P 6 -12.63 -51.96 -27.01
N CYS P 7 -13.59 -52.70 -27.55
CA CYS P 7 -13.69 -52.90 -28.99
C CYS P 7 -14.97 -52.28 -29.55
N VAL P 8 -15.65 -51.49 -28.73
CA VAL P 8 -16.79 -50.72 -29.23
C VAL P 8 -16.29 -49.49 -29.99
N GLN P 9 -16.99 -49.20 -31.09
CA GLN P 9 -16.62 -48.11 -31.99
C GLN P 9 -17.40 -46.85 -31.63
N GLN P 10 -16.92 -46.14 -30.61
CA GLN P 10 -17.28 -44.76 -30.37
C GLN P 10 -16.00 -43.96 -30.28
N PRO P 11 -16.03 -42.69 -30.71
CA PRO P 11 -14.79 -41.92 -30.74
C PRO P 11 -14.15 -41.89 -29.36
N PRO P 12 -12.80 -41.85 -29.32
CA PRO P 12 -11.90 -41.69 -30.47
C PRO P 12 -11.47 -43.00 -31.11
N CYS P 13 -12.18 -44.08 -30.80
CA CYS P 13 -11.76 -45.42 -31.17
C CYS P 13 -12.33 -45.83 -32.52
N PHE P 14 -11.43 -46.17 -33.43
CA PHE P 14 -11.80 -46.81 -34.70
C PHE P 14 -11.15 -48.20 -34.75
N PRO P 15 -11.55 -49.12 -33.84
CA PRO P 15 -10.90 -50.44 -33.77
C PRO P 15 -11.01 -51.23 -35.07
N LEU P 16 -9.95 -51.99 -35.39
CA LEU P 16 -9.97 -52.90 -36.55
C LEU P 16 -10.73 -54.18 -36.22
N LYS P 17 -11.71 -54.50 -37.05
CA LYS P 17 -12.42 -55.77 -36.93
C LYS P 17 -11.62 -56.94 -37.50
N ILE P 18 -11.94 -58.14 -37.03
CA ILE P 18 -11.23 -59.37 -37.39
C ILE P 18 -12.02 -60.15 -38.44
N PRO P 19 -11.35 -60.63 -39.50
CA PRO P 19 -12.02 -61.42 -40.53
C PRO P 19 -12.21 -62.87 -40.10
N PRO P 20 -13.01 -63.63 -40.88
CA PRO P 20 -13.30 -65.02 -40.55
C PRO P 20 -12.11 -65.94 -40.80
N ASN P 21 -11.88 -66.87 -39.88
CA ASN P 21 -10.75 -67.78 -39.99
C ASN P 21 -9.43 -67.02 -40.07
N ASP P 22 -9.31 -65.96 -39.26
CA ASP P 22 -8.06 -65.27 -39.08
C ASP P 22 -7.01 -66.23 -38.51
N PRO P 23 -5.77 -66.18 -39.03
CA PRO P 23 -4.72 -67.11 -38.61
C PRO P 23 -4.38 -67.02 -37.11
N ARG P 24 -4.58 -65.85 -36.50
CA ARG P 24 -4.15 -65.60 -35.12
C ARG P 24 -5.34 -65.34 -34.18
N ILE P 25 -6.12 -64.30 -34.48
CA ILE P 25 -7.12 -63.77 -33.55
C ILE P 25 -8.47 -64.44 -33.76
N LYS P 26 -8.78 -65.43 -32.93
CA LYS P 26 -9.84 -66.38 -33.24
C LYS P 26 -11.18 -66.08 -32.55
N ASN P 27 -11.20 -65.12 -31.64
CA ASN P 27 -12.47 -64.53 -31.23
C ASN P 27 -12.77 -63.33 -32.11
N GLN P 28 -13.81 -63.44 -32.92
CA GLN P 28 -14.18 -62.36 -33.84
C GLN P 28 -14.84 -61.19 -33.10
N ALA P 29 -15.26 -61.44 -31.86
CA ALA P 29 -15.64 -60.38 -30.92
C ALA P 29 -14.42 -59.58 -30.44
N ASP P 30 -13.23 -59.97 -30.91
CA ASP P 30 -12.00 -59.27 -30.59
C ASP P 30 -11.69 -58.25 -31.69
N CYS P 31 -10.70 -57.41 -31.44
CA CYS P 31 -10.36 -56.34 -32.36
C CYS P 31 -8.90 -55.93 -32.14
N ILE P 32 -8.30 -55.32 -33.16
CA ILE P 32 -7.03 -54.63 -32.99
C ILE P 32 -7.29 -53.15 -32.69
N PRO P 33 -6.86 -52.69 -31.50
CA PRO P 33 -7.03 -51.31 -31.04
C PRO P 33 -6.59 -50.25 -32.05
N PHE P 34 -7.31 -49.13 -32.06
CA PHE P 34 -6.99 -48.01 -32.92
C PHE P 34 -7.63 -46.73 -32.38
N PHE P 35 -6.79 -45.76 -32.04
CA PHE P 35 -7.23 -44.42 -31.70
C PHE P 35 -7.16 -43.57 -32.96
N ARG P 36 -8.25 -42.86 -33.29
CA ARG P 36 -8.23 -41.84 -34.35
C ARG P 36 -7.25 -40.71 -34.06
N SER P 37 -6.47 -40.34 -35.06
CA SER P 37 -5.59 -39.17 -34.99
C SER P 37 -6.36 -37.90 -34.58
N CSO P 38 -5.84 -37.18 -33.59
CA CSO P 38 -6.41 -35.87 -33.24
CB CSO P 38 -5.39 -35.08 -32.43
SG CSO P 38 -5.04 -35.85 -30.94
C CSO P 38 -6.79 -35.07 -34.48
O CSO P 38 -5.98 -34.87 -35.39
OD CSO P 38 -6.27 -35.96 -30.13
N PRO P 39 -8.03 -34.61 -34.53
CA PRO P 39 -8.46 -33.71 -35.60
C PRO P 39 -7.93 -32.26 -35.44
N ALA P 40 -7.56 -31.62 -36.53
CA ALA P 40 -7.14 -30.21 -36.50
C ALA P 40 -8.16 -29.27 -35.87
N CYS P 41 -9.44 -29.48 -36.17
CA CYS P 41 -10.52 -28.66 -35.65
C CYS P 41 -11.63 -29.50 -35.01
N PRO P 42 -11.44 -29.93 -33.74
CA PRO P 42 -12.36 -30.90 -33.16
C PRO P 42 -13.80 -30.36 -32.98
N GLY P 43 -14.77 -31.20 -33.28
CA GLY P 43 -16.18 -30.86 -33.07
C GLY P 43 -16.82 -30.09 -34.21
N SER P 44 -16.02 -29.73 -35.22
CA SER P 44 -16.46 -28.80 -36.26
C SER P 44 -17.51 -29.40 -37.17
N ASN P 45 -18.55 -28.62 -37.42
CA ASN P 45 -19.51 -28.97 -38.46
C ASN P 45 -19.18 -28.33 -39.80
N ILE P 46 -17.99 -27.77 -39.92
CA ILE P 46 -17.64 -27.00 -41.09
C ILE P 46 -16.37 -27.50 -41.76
N THR P 47 -15.36 -27.84 -40.96
CA THR P 47 -14.09 -28.25 -41.53
C THR P 47 -14.19 -29.64 -42.10
N ILE P 48 -13.40 -29.89 -43.14
CA ILE P 48 -13.14 -31.24 -43.61
C ILE P 48 -11.95 -31.78 -42.82
N ARG P 49 -12.19 -32.84 -42.07
CA ARG P 49 -11.31 -33.22 -40.96
C ARG P 49 -9.91 -33.38 -41.48
N ASN P 50 -8.96 -32.72 -40.81
CA ASN P 50 -7.55 -32.93 -41.07
C ASN P 50 -6.81 -33.24 -39.77
N GLN P 51 -5.59 -33.74 -39.92
CA GLN P 51 -4.76 -34.19 -38.82
C GLN P 51 -3.57 -33.24 -38.66
N ILE P 52 -2.71 -33.50 -37.67
CA ILE P 52 -1.77 -32.53 -37.12
C ILE P 52 -0.39 -33.18 -37.15
N ASN P 53 0.60 -32.46 -37.69
CA ASN P 53 2.00 -32.79 -37.49
C ASN P 53 2.53 -32.15 -36.21
N ALA P 54 2.93 -32.97 -35.24
CA ALA P 54 3.52 -32.45 -34.01
C ALA P 54 4.97 -32.00 -34.17
N LEU P 55 5.59 -32.26 -35.33
CA LEU P 55 7.02 -31.97 -35.49
C LEU P 55 7.31 -30.92 -36.56
N THR P 56 8.53 -30.40 -36.56
CA THR P 56 8.98 -29.54 -37.68
C THR P 56 9.19 -30.39 -38.90
N SER P 57 8.60 -30.00 -40.04
CA SER P 57 8.76 -30.75 -41.27
C SER P 57 10.22 -30.76 -41.74
N PHE P 58 10.98 -29.73 -41.38
CA PHE P 58 12.34 -29.58 -41.91
C PHE P 58 13.20 -30.72 -41.44
N VAL P 59 14.16 -31.06 -42.28
CA VAL P 59 15.18 -32.03 -41.92
C VAL P 59 16.20 -31.28 -41.07
N ASP P 60 15.90 -31.15 -39.78
CA ASP P 60 16.65 -30.26 -38.90
C ASP P 60 17.07 -30.97 -37.62
N ALA P 61 17.13 -32.29 -37.69
CA ALA P 61 17.42 -33.12 -36.53
C ALA P 61 16.51 -32.76 -35.34
N SER P 62 15.22 -32.50 -35.59
CA SER P 62 14.30 -32.23 -34.48
C SER P 62 14.02 -33.50 -33.68
N MET P 63 14.39 -34.66 -34.21
CA MET P 63 14.31 -35.90 -33.40
C MET P 63 15.38 -35.93 -32.29
N VAL P 64 16.38 -35.06 -32.42
CA VAL P 64 17.43 -34.89 -31.41
C VAL P 64 17.12 -33.73 -30.45
N TYR P 65 16.64 -32.62 -30.99
CA TYR P 65 16.60 -31.36 -30.27
C TYR P 65 15.22 -31.01 -29.78
N GLY P 66 14.19 -31.61 -30.37
CA GLY P 66 12.80 -31.24 -30.06
C GLY P 66 12.16 -30.29 -31.05
N SER P 67 10.83 -30.31 -31.12
CA SER P 67 10.07 -29.38 -31.94
C SER P 67 9.21 -28.40 -31.11
N GLU P 68 9.40 -28.42 -29.79
CA GLU P 68 8.73 -27.51 -28.88
C GLU P 68 9.67 -27.20 -27.70
N GLU P 69 9.48 -26.04 -27.07
CA GLU P 69 10.54 -25.34 -26.33
C GLU P 69 10.81 -25.87 -24.92
N PRO P 70 9.74 -26.29 -24.20
CA PRO P 70 10.03 -26.85 -22.87
C PRO P 70 10.84 -28.14 -22.98
N LEU P 71 10.44 -29.03 -23.90
CA LEU P 71 11.20 -30.24 -24.15
C LEU P 71 12.64 -29.90 -24.58
N ALA P 72 12.76 -29.11 -25.64
CA ALA P 72 14.02 -28.55 -26.11
C ALA P 72 14.95 -28.10 -24.99
N ARG P 73 14.42 -27.31 -24.06
CA ARG P 73 15.24 -26.79 -22.97
C ARG P 73 15.57 -27.89 -21.95
N ASN P 74 14.62 -28.79 -21.72
CA ASN P 74 14.81 -29.91 -20.82
C ASN P 74 15.84 -30.93 -21.31
N LEU P 75 16.06 -30.96 -22.61
CA LEU P 75 17.07 -31.84 -23.22
C LEU P 75 18.52 -31.31 -23.06
N ARG P 76 18.66 -30.04 -22.68
CA ARG P 76 19.98 -29.42 -22.59
C ARG P 76 20.56 -29.55 -21.20
N ASN P 77 21.87 -29.65 -21.12
CA ASN P 77 22.59 -29.65 -19.85
C ASN P 77 22.77 -28.20 -19.43
N MET P 78 21.97 -27.77 -18.48
CA MET P 78 22.00 -26.37 -18.06
C MET P 78 22.99 -26.11 -16.92
N SER P 79 23.66 -27.15 -16.41
CA SER P 79 24.52 -26.96 -15.25
C SER P 79 25.77 -26.16 -15.60
N ASN P 80 26.01 -25.93 -16.88
CA ASN P 80 27.23 -25.26 -17.30
C ASN P 80 27.11 -24.61 -18.68
N GLN P 81 28.17 -23.91 -19.10
CA GLN P 81 28.14 -23.16 -20.35
C GLN P 81 28.76 -23.94 -21.52
N LEU P 82 28.67 -25.27 -21.51
CA LEU P 82 29.37 -26.06 -22.50
C LEU P 82 28.55 -26.31 -23.77
N GLY P 83 27.28 -25.95 -23.74
CA GLY P 83 26.39 -26.15 -24.90
C GLY P 83 26.05 -27.59 -25.21
N LEU P 84 26.06 -28.44 -24.19
CA LEU P 84 25.84 -29.85 -24.37
C LEU P 84 24.36 -30.22 -24.21
N LEU P 85 24.05 -31.38 -24.80
CA LEU P 85 22.81 -32.07 -24.52
C LEU P 85 22.97 -32.95 -23.29
N ALA P 86 21.94 -32.94 -22.44
CA ALA P 86 21.93 -33.76 -21.23
C ALA P 86 22.22 -35.21 -21.57
N VAL P 87 22.84 -35.92 -20.64
CA VAL P 87 23.09 -37.35 -20.77
C VAL P 87 22.61 -38.09 -19.52
N ASN P 88 22.48 -39.41 -19.64
CA ASN P 88 22.08 -40.29 -18.54
C ASN P 88 22.96 -40.09 -17.29
N GLN P 89 22.33 -40.04 -16.12
CA GLN P 89 23.04 -39.68 -14.89
C GLN P 89 23.32 -40.92 -14.06
N ARG P 90 22.91 -42.06 -14.59
CA ARG P 90 23.02 -43.34 -13.88
C ARG P 90 23.91 -44.35 -14.62
N PHE P 91 23.86 -44.34 -15.95
CA PHE P 91 24.60 -45.31 -16.75
C PHE P 91 25.49 -44.66 -17.86
N GLN P 92 26.63 -45.29 -18.10
CA GLN P 92 27.42 -45.01 -19.30
C GLN P 92 27.60 -46.28 -20.11
N ASP P 93 27.93 -46.10 -21.39
CA ASP P 93 28.13 -47.21 -22.30
C ASP P 93 29.64 -47.29 -22.60
N ASN P 94 30.36 -48.05 -21.77
CA ASN P 94 31.84 -48.01 -21.75
C ASN P 94 32.37 -46.59 -21.60
N GLY P 95 31.84 -45.87 -20.62
CA GLY P 95 32.27 -44.50 -20.36
C GLY P 95 31.61 -43.47 -21.26
N ARG P 96 30.92 -43.92 -22.31
CA ARG P 96 30.27 -42.99 -23.25
C ARG P 96 28.83 -42.70 -22.90
N ALA P 97 28.28 -41.65 -23.50
CA ALA P 97 27.00 -41.13 -23.05
C ALA P 97 25.83 -42.02 -23.49
N LEU P 98 24.87 -42.22 -22.58
CA LEU P 98 23.54 -42.66 -22.99
C LEU P 98 22.54 -41.51 -22.84
N LEU P 99 21.46 -41.58 -23.62
CA LEU P 99 20.34 -40.68 -23.46
C LEU P 99 19.92 -40.65 -22.00
N PRO P 100 19.44 -39.49 -21.53
CA PRO P 100 18.78 -39.41 -20.22
C PRO P 100 17.52 -40.25 -20.18
N PHE P 101 17.05 -40.57 -18.98
CA PHE P 101 15.79 -41.30 -18.84
C PHE P 101 14.59 -40.35 -18.86
N ASP P 102 13.44 -40.87 -19.28
CA ASP P 102 12.18 -40.12 -19.23
C ASP P 102 11.44 -40.34 -17.89
N ASN P 103 10.50 -39.44 -17.61
CA ASN P 103 9.45 -39.70 -16.60
C ASN P 103 8.09 -39.89 -17.27
N LEU P 104 7.69 -41.14 -17.46
CA LEU P 104 6.42 -41.44 -18.10
C LEU P 104 5.49 -42.15 -17.12
N HIS P 105 4.23 -41.76 -17.11
CA HIS P 105 3.25 -42.27 -16.15
C HIS P 105 3.06 -43.77 -16.31
N ASP P 106 2.57 -44.19 -17.47
CA ASP P 106 2.48 -45.61 -17.81
C ASP P 106 3.65 -45.98 -18.72
N ASP P 107 4.85 -45.98 -18.17
CA ASP P 107 6.05 -46.17 -18.97
C ASP P 107 6.05 -47.58 -19.58
N PRO P 108 6.12 -47.65 -20.93
CA PRO P 108 6.02 -48.93 -21.64
C PRO P 108 7.30 -49.76 -21.62
N CYS P 109 8.44 -49.09 -21.50
CA CYS P 109 9.74 -49.79 -21.47
C CYS P 109 9.90 -50.64 -20.21
N LEU P 110 9.49 -50.10 -19.07
CA LEU P 110 9.48 -50.82 -17.80
C LEU P 110 8.77 -52.19 -17.95
N LEU P 111 7.75 -52.25 -18.80
CA LEU P 111 6.99 -53.48 -19.02
C LEU P 111 7.78 -54.59 -19.70
N THR P 112 8.76 -54.23 -20.54
CA THR P 112 9.42 -55.22 -21.43
C THR P 112 10.37 -56.14 -20.66
N ASN P 113 10.68 -55.75 -19.44
CA ASN P 113 11.40 -56.63 -18.53
C ASN P 113 11.24 -56.08 -17.12
N ARG P 114 10.38 -56.71 -16.35
CA ARG P 114 9.98 -56.17 -15.07
C ARG P 114 11.21 -55.94 -14.22
N SER P 115 12.04 -56.99 -14.09
CA SER P 115 13.17 -57.00 -13.18
C SER P 115 14.27 -55.98 -13.53
N ALA P 116 14.48 -55.72 -14.81
CA ALA P 116 15.51 -54.78 -15.26
C ALA P 116 15.19 -53.34 -14.87
N ARG P 117 13.91 -52.97 -14.95
CA ARG P 117 13.44 -51.64 -14.53
C ARG P 117 14.22 -50.49 -15.17
N ILE P 118 14.40 -50.56 -16.49
CA ILE P 118 14.85 -49.40 -17.24
C ILE P 118 13.64 -48.73 -17.92
N PRO P 119 13.35 -47.47 -17.56
CA PRO P 119 12.32 -46.70 -18.26
C PRO P 119 12.75 -46.35 -19.68
N CYS P 120 11.91 -45.59 -20.38
CA CYS P 120 12.28 -45.14 -21.72
C CYS P 120 13.21 -43.95 -21.64
N PHE P 121 14.04 -43.82 -22.66
CA PHE P 121 14.90 -42.67 -22.81
C PHE P 121 14.09 -41.42 -23.15
N LEU P 122 14.67 -40.26 -22.85
CA LEU P 122 14.11 -38.98 -23.27
C LEU P 122 14.93 -38.45 -24.44
N ALA P 123 14.25 -38.02 -25.49
CA ALA P 123 14.90 -37.56 -26.72
C ALA P 123 14.01 -36.53 -27.39
N GLY P 124 14.50 -35.94 -28.49
CA GLY P 124 13.81 -34.84 -29.15
C GLY P 124 12.46 -35.31 -29.70
N ASP P 125 12.36 -36.62 -29.92
CA ASP P 125 11.12 -37.23 -30.41
C ASP P 125 10.73 -38.37 -29.47
N THR P 126 9.44 -38.66 -29.42
CA THR P 126 8.85 -39.35 -28.28
C THR P 126 8.94 -40.86 -28.47
N ARG P 127 9.36 -41.27 -29.68
CA ARG P 127 9.45 -42.67 -30.08
C ARG P 127 10.87 -43.25 -29.93
N SER P 128 11.79 -42.52 -29.31
CA SER P 128 13.23 -42.89 -29.33
C SER P 128 13.54 -44.31 -28.84
N SER P 129 12.73 -44.81 -27.91
CA SER P 129 12.88 -46.16 -27.35
C SER P 129 12.22 -47.28 -28.18
N GLU P 130 11.52 -46.91 -29.26
CA GLU P 130 10.58 -47.85 -29.89
C GLU P 130 11.27 -49.14 -30.33
N MET P 131 12.52 -49.02 -30.78
CA MET P 131 13.39 -50.17 -30.87
C MET P 131 14.87 -49.80 -30.64
N PRO P 132 15.65 -50.75 -30.12
CA PRO P 132 16.97 -50.36 -29.65
C PRO P 132 17.88 -49.90 -30.79
N GLU P 133 17.60 -50.35 -32.00
CA GLU P 133 18.35 -49.87 -33.16
C GLU P 133 18.06 -48.39 -33.34
N LEU P 134 16.81 -47.98 -33.15
CA LEU P 134 16.46 -46.56 -33.19
C LEU P 134 17.17 -45.80 -32.07
N THR P 135 17.18 -46.39 -30.87
CA THR P 135 17.76 -45.74 -29.71
C THR P 135 19.24 -45.52 -29.94
N SER P 136 19.89 -46.50 -30.57
CA SER P 136 21.31 -46.42 -30.90
C SER P 136 21.64 -45.30 -31.88
N MET P 137 20.74 -45.02 -32.81
CA MET P 137 20.91 -43.89 -33.74
C MET P 137 20.67 -42.55 -33.03
N HIS P 138 19.63 -42.47 -32.19
CA HIS P 138 19.46 -41.29 -31.35
C HIS P 138 20.72 -41.02 -30.51
N THR P 139 21.30 -42.08 -29.95
CA THR P 139 22.39 -41.92 -28.97
C THR P 139 23.64 -41.48 -29.72
N LEU P 140 23.82 -42.03 -30.92
CA LEU P 140 24.90 -41.62 -31.80
C LEU P 140 24.92 -40.12 -32.08
N LEU P 141 23.75 -39.57 -32.43
CA LEU P 141 23.60 -38.15 -32.72
C LEU P 141 23.75 -37.27 -31.47
N LEU P 142 23.25 -37.75 -30.34
CA LEU P 142 23.45 -37.02 -29.08
C LEU P 142 24.95 -36.86 -28.77
N ARG P 143 25.71 -37.95 -28.94
CA ARG P 143 27.17 -37.90 -28.75
C ARG P 143 27.88 -36.99 -29.75
N GLU P 144 27.51 -37.10 -31.01
CA GLU P 144 28.02 -36.21 -32.05
C GLU P 144 27.82 -34.74 -31.70
N HIS P 145 26.63 -34.38 -31.22
CA HIS P 145 26.38 -33.01 -30.79
C HIS P 145 27.42 -32.59 -29.75
N ASN P 146 27.60 -33.43 -28.73
CA ASN P 146 28.42 -33.04 -27.57
C ASN P 146 29.88 -32.97 -27.94
N ARG P 147 30.27 -33.79 -28.92
CA ARG P 147 31.62 -33.79 -29.46
C ARG P 147 31.89 -32.49 -30.23
N LEU P 148 31.02 -32.16 -31.18
CA LEU P 148 31.10 -30.90 -31.87
C LEU P 148 31.18 -29.72 -30.89
N ALA P 149 30.31 -29.72 -29.87
CA ALA P 149 30.30 -28.61 -28.91
C ALA P 149 31.65 -28.51 -28.17
N THR P 150 32.19 -29.65 -27.75
CA THR P 150 33.48 -29.72 -27.04
C THR P 150 34.59 -29.15 -27.93
N GLU P 151 34.67 -29.67 -29.15
CA GLU P 151 35.61 -29.16 -30.17
C GLU P 151 35.44 -27.66 -30.45
N LEU P 152 34.20 -27.21 -30.69
CA LEU P 152 33.96 -25.79 -30.97
C LEU P 152 34.41 -24.91 -29.80
N LYS P 153 34.19 -25.38 -28.58
CA LYS P 153 34.63 -24.64 -27.38
C LYS P 153 36.15 -24.49 -27.37
N SER P 154 36.83 -25.57 -27.70
CA SER P 154 38.29 -25.56 -27.77
C SER P 154 38.75 -24.55 -28.81
N LEU P 155 38.02 -24.51 -29.94
CA LEU P 155 38.36 -23.65 -31.06
C LEU P 155 37.98 -22.17 -30.79
N ASN P 156 36.88 -21.99 -30.05
CA ASN P 156 36.28 -20.66 -29.86
C ASN P 156 35.95 -20.45 -28.39
N PRO P 157 36.99 -20.21 -27.57
CA PRO P 157 36.79 -20.15 -26.12
C PRO P 157 35.85 -19.02 -25.67
N ARG P 158 35.66 -18.01 -26.52
CA ARG P 158 34.80 -16.90 -26.17
C ARG P 158 33.33 -17.27 -26.29
N TRP P 159 33.02 -18.36 -27.00
CA TRP P 159 31.63 -18.75 -27.23
C TRP P 159 30.94 -19.20 -25.95
N ASP P 160 29.74 -18.68 -25.72
CA ASP P 160 28.97 -19.07 -24.55
C ASP P 160 28.17 -20.32 -24.86
N GLY P 161 27.49 -20.86 -23.85
CA GLY P 161 26.87 -22.17 -23.98
C GLY P 161 25.80 -22.19 -25.06
N GLU P 162 25.03 -21.11 -25.13
CA GLU P 162 23.97 -21.00 -26.12
C GLU P 162 24.57 -21.10 -27.51
N ARG P 163 25.65 -20.37 -27.75
CA ARG P 163 26.26 -20.34 -29.07
C ARG P 163 26.80 -21.71 -29.43
N LEU P 164 27.49 -22.33 -28.49
CA LEU P 164 28.01 -23.68 -28.67
C LEU P 164 26.88 -24.68 -29.03
N TYR P 165 25.78 -24.61 -28.31
CA TYR P 165 24.65 -25.48 -28.61
C TYR P 165 24.10 -25.25 -30.02
N GLN P 166 23.96 -23.98 -30.41
CA GLN P 166 23.28 -23.67 -31.67
C GLN P 166 24.20 -24.04 -32.84
N GLU P 167 25.47 -23.72 -32.68
CA GLU P 167 26.47 -24.05 -33.71
C GLU P 167 26.61 -25.55 -33.91
N ALA P 168 26.65 -26.32 -32.82
CA ALA P 168 26.65 -27.80 -32.94
C ALA P 168 25.33 -28.29 -33.59
N ARG P 169 24.21 -27.80 -33.06
CA ARG P 169 22.88 -28.14 -33.57
C ARG P 169 22.80 -27.94 -35.06
N LYS P 170 23.34 -26.82 -35.52
CA LYS P 170 23.32 -26.42 -36.92
C LYS P 170 24.15 -27.39 -37.76
N ILE P 171 25.26 -27.86 -37.19
CA ILE P 171 26.08 -28.81 -37.90
C ILE P 171 25.38 -30.17 -37.98
N VAL P 172 24.82 -30.62 -36.86
CA VAL P 172 24.18 -31.94 -36.84
C VAL P 172 22.97 -31.94 -37.80
N GLY P 173 22.25 -30.83 -37.82
CA GLY P 173 21.16 -30.67 -38.77
C GLY P 173 21.63 -30.82 -40.21
N ALA P 174 22.79 -30.23 -40.53
CA ALA P 174 23.38 -30.34 -41.89
C ALA P 174 23.86 -31.77 -42.21
N MET P 175 24.41 -32.46 -41.21
CA MET P 175 24.81 -33.85 -41.41
C MET P 175 23.61 -34.73 -41.76
N VAL P 176 22.48 -34.48 -41.11
CA VAL P 176 21.27 -35.27 -41.36
C VAL P 176 20.72 -34.96 -42.75
N GLN P 177 20.76 -33.69 -43.16
CA GLN P 177 20.51 -33.30 -44.54
C GLN P 177 21.40 -33.99 -45.57
N ILE P 178 22.71 -33.94 -45.37
CA ILE P 178 23.66 -34.47 -46.34
C ILE P 178 23.54 -35.99 -46.51
N ILE P 179 23.53 -36.70 -45.40
CA ILE P 179 23.36 -38.16 -45.41
C ILE P 179 22.00 -38.52 -46.03
N THR P 180 20.98 -37.72 -45.74
CA THR P 180 19.66 -37.98 -46.28
C THR P 180 19.61 -37.84 -47.81
N TYR P 181 20.13 -36.72 -48.32
CA TYR P 181 19.94 -36.38 -49.74
C TYR P 181 21.02 -36.94 -50.65
N ARG P 182 22.25 -36.99 -50.15
CA ARG P 182 23.37 -37.54 -50.92
C ARG P 182 23.34 -39.08 -50.94
N ASP P 183 23.07 -39.70 -49.78
CA ASP P 183 23.34 -41.15 -49.57
C ASP P 183 22.04 -42.00 -49.57
N TYR P 184 21.01 -41.53 -48.88
CA TYR P 184 19.79 -42.31 -48.64
C TYR P 184 18.80 -42.25 -49.80
N LEU P 185 18.34 -41.06 -50.12
CA LEU P 185 17.22 -40.90 -51.07
C LEU P 185 17.52 -41.50 -52.44
N PRO P 186 18.74 -41.31 -52.96
CA PRO P 186 19.11 -41.92 -54.24
C PRO P 186 18.86 -43.43 -54.28
N LEU P 187 19.12 -44.10 -53.15
CA LEU P 187 18.88 -45.51 -53.05
C LEU P 187 17.39 -45.85 -52.76
N VAL P 188 16.61 -44.85 -52.36
CA VAL P 188 15.18 -45.04 -52.19
C VAL P 188 14.52 -44.91 -53.55
N LEU P 189 14.86 -43.83 -54.25
CA LEU P 189 14.13 -43.41 -55.46
C LEU P 189 14.64 -44.10 -56.73
N GLY P 190 15.94 -44.44 -56.74
CA GLY P 190 16.66 -44.83 -57.97
C GLY P 190 17.02 -43.63 -58.83
N PRO P 191 17.99 -43.78 -59.73
CA PRO P 191 18.59 -42.63 -60.43
C PRO P 191 17.58 -41.81 -61.24
N THR P 192 16.67 -42.48 -61.93
CA THR P 192 15.68 -41.87 -62.82
C THR P 192 14.78 -40.94 -62.02
N ALA P 193 14.20 -41.51 -60.98
CA ALA P 193 13.30 -40.78 -60.08
C ALA P 193 14.07 -39.68 -59.38
N MET P 194 15.31 -39.96 -59.05
CA MET P 194 16.14 -38.99 -58.36
C MET P 194 16.30 -37.75 -59.22
N ARG P 195 16.64 -37.94 -60.50
CA ARG P 195 16.82 -36.81 -61.41
C ARG P 195 15.51 -36.10 -61.78
N LYS P 196 14.42 -36.85 -61.84
CA LYS P 196 13.11 -36.26 -62.09
C LYS P 196 12.60 -35.40 -60.92
N TYR P 197 12.71 -35.89 -59.69
CA TYR P 197 12.07 -35.23 -58.56
C TYR P 197 13.05 -34.38 -57.74
N LEU P 198 14.34 -34.66 -57.81
CA LEU P 198 15.32 -33.89 -57.07
C LEU P 198 16.46 -33.47 -57.96
N PRO P 199 16.16 -32.65 -58.98
CA PRO P 199 17.24 -32.06 -59.76
C PRO P 199 18.19 -31.23 -58.92
N THR P 200 19.30 -30.84 -59.53
CA THR P 200 20.37 -30.18 -58.80
C THR P 200 19.84 -28.95 -58.07
N TYR P 201 20.18 -28.84 -56.79
CA TYR P 201 19.80 -27.68 -55.99
C TYR P 201 20.32 -26.42 -56.61
N ARG P 202 19.45 -25.40 -56.64
CA ARG P 202 19.81 -24.09 -57.14
C ARG P 202 19.88 -23.10 -55.98
N SER P 203 18.71 -22.69 -55.49
CA SER P 203 18.68 -21.90 -54.27
C SER P 203 17.36 -21.98 -53.54
N TYR P 204 17.35 -21.40 -52.36
CA TYR P 204 16.17 -21.34 -51.54
C TYR P 204 15.05 -20.60 -52.28
N ASN P 205 13.88 -21.21 -52.25
CA ASN P 205 12.70 -20.65 -52.85
C ASN P 205 11.60 -20.49 -51.81
N ASP P 206 11.29 -19.23 -51.50
CA ASP P 206 10.39 -18.89 -50.44
C ASP P 206 8.90 -19.09 -50.80
N SER P 207 8.63 -19.52 -52.04
CA SER P 207 7.27 -19.87 -52.49
C SER P 207 7.03 -21.39 -52.57
N VAL P 208 7.99 -22.20 -52.11
CA VAL P 208 7.82 -23.64 -52.00
C VAL P 208 7.31 -24.01 -50.60
N ASP P 209 6.09 -24.53 -50.55
CA ASP P 209 5.42 -24.88 -49.30
C ASP P 209 6.11 -26.11 -48.69
N PRO P 210 6.78 -25.93 -47.53
CA PRO P 210 7.58 -27.04 -46.97
C PRO P 210 6.82 -27.95 -46.02
N ARG P 211 5.51 -27.81 -45.93
CA ARG P 211 4.73 -28.71 -45.08
C ARG P 211 4.81 -30.18 -45.52
N ILE P 212 4.78 -31.09 -44.54
CA ILE P 212 4.48 -32.49 -44.81
C ILE P 212 3.06 -32.64 -45.31
N ALA P 213 2.92 -33.37 -46.40
CA ALA P 213 1.61 -33.68 -46.94
C ALA P 213 1.04 -34.86 -46.11
N ASN P 214 -0.28 -34.87 -45.94
CA ASN P 214 -0.95 -35.92 -45.18
C ASN P 214 -0.60 -37.31 -45.72
N VAL P 215 -0.61 -37.43 -47.03
CA VAL P 215 -0.35 -38.72 -47.68
C VAL P 215 1.07 -39.23 -47.43
N PHE P 216 2.03 -38.32 -47.26
CA PHE P 216 3.43 -38.74 -47.02
C PHE P 216 3.54 -39.54 -45.72
N THR P 217 2.72 -39.19 -44.72
CA THR P 217 2.79 -39.86 -43.43
C THR P 217 2.43 -41.33 -43.56
N ASN P 218 1.74 -41.66 -44.65
CA ASN P 218 1.32 -43.03 -44.94
C ASN P 218 2.26 -43.68 -45.96
N ALA P 219 2.56 -42.94 -47.02
CA ALA P 219 3.42 -43.42 -48.10
C ALA P 219 4.84 -43.78 -47.62
N PHE P 220 5.38 -42.98 -46.71
CA PHE P 220 6.76 -43.16 -46.33
C PHE P 220 6.92 -44.39 -45.44
N ARG P 221 5.80 -44.95 -44.97
CA ARG P 221 5.78 -46.22 -44.25
C ARG P 221 6.11 -47.42 -45.15
N TYR P 222 6.57 -47.14 -46.38
CA TYR P 222 7.12 -48.18 -47.22
C TYR P 222 8.24 -48.88 -46.45
N GLY P 223 8.99 -48.12 -45.68
CA GLY P 223 10.13 -48.68 -44.96
C GLY P 223 9.77 -49.88 -44.11
N HIS P 224 8.48 -50.05 -43.81
CA HIS P 224 8.00 -51.20 -43.07
C HIS P 224 8.28 -52.52 -43.81
N THR P 225 8.32 -52.47 -45.15
CA THR P 225 8.70 -53.64 -45.95
C THR P 225 10.17 -54.06 -45.76
N LEU P 226 11.00 -53.15 -45.27
CA LEU P 226 12.46 -53.38 -45.19
C LEU P 226 12.86 -54.07 -43.88
N ILE P 227 11.93 -54.12 -42.92
CA ILE P 227 12.19 -54.62 -41.57
C ILE P 227 12.45 -56.14 -41.56
N GLN P 228 13.60 -56.52 -41.00
CA GLN P 228 13.90 -57.91 -40.66
C GLN P 228 13.25 -58.33 -39.32
N PRO P 229 13.00 -59.63 -39.15
CA PRO P 229 12.34 -60.12 -37.94
C PRO P 229 13.22 -60.24 -36.69
N PHE P 230 14.51 -59.92 -36.80
CA PHE P 230 15.41 -59.92 -35.64
C PHE P 230 16.17 -58.59 -35.49
N MET P 231 16.63 -58.33 -34.27
CA MET P 231 17.75 -57.43 -34.03
C MET P 231 19.08 -58.20 -33.96
N PHE P 232 20.05 -57.76 -34.74
CA PHE P 232 21.32 -58.47 -34.89
C PHE P 232 22.38 -57.70 -34.14
N ARG P 233 23.07 -58.38 -33.23
CA ARG P 233 24.13 -57.74 -32.48
C ARG P 233 25.44 -58.46 -32.79
N LEU P 234 26.48 -57.67 -33.07
CA LEU P 234 27.76 -58.23 -33.47
C LEU P 234 28.86 -57.69 -32.55
N ASP P 235 29.83 -58.52 -32.23
CA ASP P 235 30.93 -58.10 -31.35
C ASP P 235 32.02 -57.40 -32.16
N ASN P 236 33.17 -57.14 -31.54
CA ASN P 236 34.22 -56.40 -32.23
C ASN P 236 35.02 -57.21 -33.27
N ARG P 237 34.62 -58.43 -33.58
CA ARG P 237 35.11 -59.04 -34.82
C ARG P 237 33.96 -59.32 -35.79
N TYR P 238 32.92 -58.52 -35.62
CA TYR P 238 31.72 -58.56 -36.45
C TYR P 238 31.14 -59.95 -36.47
N GLN P 239 31.24 -60.64 -35.33
CA GLN P 239 30.61 -61.95 -35.18
C GLN P 239 29.38 -61.87 -34.30
N PRO P 240 28.48 -62.84 -34.43
CA PRO P 240 27.27 -62.91 -33.63
C PRO P 240 27.57 -62.80 -32.14
N MET P 241 27.01 -61.78 -31.49
CA MET P 241 27.34 -61.49 -30.11
C MET P 241 26.53 -62.37 -29.17
N GLU P 242 27.22 -63.30 -28.51
CA GLU P 242 26.56 -64.22 -27.59
C GLU P 242 26.47 -63.59 -26.20
N PRO P 243 25.42 -63.95 -25.43
CA PRO P 243 24.59 -65.13 -25.65
C PRO P 243 23.53 -64.99 -26.75
N ASN P 244 22.90 -63.81 -26.87
CA ASN P 244 21.72 -63.67 -27.73
C ASN P 244 21.96 -62.78 -28.94
N PRO P 245 22.52 -63.35 -30.02
CA PRO P 245 22.99 -62.56 -31.17
C PRO P 245 21.87 -62.10 -32.11
N ARG P 246 20.74 -62.81 -32.11
CA ARG P 246 19.57 -62.46 -32.92
C ARG P 246 18.27 -62.50 -32.11
N VAL P 247 17.84 -61.36 -31.60
CA VAL P 247 16.67 -61.30 -30.73
C VAL P 247 15.42 -61.04 -31.55
N PRO P 248 14.38 -61.86 -31.40
CA PRO P 248 13.18 -61.62 -32.20
C PRO P 248 12.66 -60.22 -31.92
N LEU P 249 12.19 -59.54 -32.97
CA LEU P 249 11.84 -58.13 -32.86
C LEU P 249 10.75 -57.91 -31.80
N SER P 250 9.82 -58.86 -31.70
CA SER P 250 8.69 -58.72 -30.81
C SER P 250 9.08 -58.84 -29.31
N ARG P 251 10.37 -58.80 -29.03
CA ARG P 251 10.81 -58.67 -27.65
C ARG P 251 11.86 -57.60 -27.49
N VAL P 252 12.01 -56.75 -28.51
CA VAL P 252 12.89 -55.59 -28.42
C VAL P 252 12.16 -54.25 -28.46
N PHE P 253 10.89 -54.26 -28.86
CA PHE P 253 10.08 -53.05 -28.84
C PHE P 253 10.05 -52.49 -27.41
N PHE P 254 10.55 -51.26 -27.28
CA PHE P 254 10.55 -50.53 -26.00
C PHE P 254 11.47 -51.20 -24.99
N ALA P 255 12.40 -52.00 -25.49
CA ALA P 255 13.40 -52.68 -24.65
C ALA P 255 14.64 -51.81 -24.52
N SER P 256 14.45 -50.62 -23.94
CA SER P 256 15.54 -49.76 -23.50
C SER P 256 16.56 -50.49 -22.62
N TRP P 257 16.11 -51.46 -21.83
CA TRP P 257 17.00 -52.18 -20.93
C TRP P 257 18.07 -52.97 -21.69
N ARG P 258 17.81 -53.26 -22.96
CA ARG P 258 18.77 -54.02 -23.76
C ARG P 258 20.01 -53.21 -24.13
N VAL P 259 19.81 -51.93 -24.46
CA VAL P 259 20.91 -50.97 -24.64
C VAL P 259 21.71 -50.83 -23.33
N VAL P 260 21.00 -50.78 -22.21
CA VAL P 260 21.60 -50.40 -20.94
C VAL P 260 22.42 -51.57 -20.42
N LEU P 261 21.84 -52.77 -20.46
CA LEU P 261 22.42 -53.93 -19.79
C LEU P 261 23.05 -54.95 -20.73
N GLU P 262 22.75 -54.89 -22.03
CA GLU P 262 23.25 -55.92 -22.95
C GLU P 262 24.27 -55.37 -23.96
N GLY P 263 25.06 -54.39 -23.52
CA GLY P 263 26.32 -54.05 -24.19
C GLY P 263 26.31 -52.75 -24.96
N GLY P 264 25.36 -51.87 -24.68
CA GLY P 264 25.36 -50.55 -25.32
C GLY P 264 25.03 -50.58 -26.80
N ILE P 265 25.46 -49.55 -27.52
CA ILE P 265 25.01 -49.36 -28.90
C ILE P 265 25.98 -49.93 -29.94
N ASP P 266 27.20 -50.25 -29.50
CA ASP P 266 28.24 -50.70 -30.44
C ASP P 266 27.79 -51.94 -31.20
N PRO P 267 27.34 -52.97 -30.47
CA PRO P 267 26.92 -54.20 -31.15
C PRO P 267 25.69 -54.01 -32.03
N ILE P 268 24.83 -53.07 -31.67
CA ILE P 268 23.62 -52.80 -32.44
C ILE P 268 23.96 -52.07 -33.74
N LEU P 269 24.80 -51.04 -33.63
CA LEU P 269 25.29 -50.35 -34.82
C LEU P 269 26.08 -51.27 -35.77
N ARG P 270 26.84 -52.20 -35.22
CA ARG P 270 27.56 -53.13 -36.05
C ARG P 270 26.60 -54.03 -36.80
N GLY P 271 25.59 -54.54 -36.10
CA GLY P 271 24.55 -55.38 -36.70
C GLY P 271 23.77 -54.68 -37.81
N LEU P 272 23.58 -53.36 -37.67
CA LEU P 272 22.93 -52.57 -38.72
C LEU P 272 23.77 -52.42 -39.99
N MET P 273 25.09 -52.29 -39.84
CA MET P 273 25.97 -52.09 -40.97
C MET P 273 26.22 -53.37 -41.75
N ALA P 274 26.34 -54.49 -41.03
CA ALA P 274 26.78 -55.73 -41.65
C ALA P 274 25.69 -56.81 -41.71
N THR P 275 24.43 -56.39 -41.73
CA THR P 275 23.31 -57.32 -42.02
C THR P 275 22.43 -56.73 -43.15
N PRO P 276 22.00 -57.57 -44.11
CA PRO P 276 21.15 -57.03 -45.17
C PRO P 276 19.75 -56.62 -44.69
N ALA P 277 19.24 -55.52 -45.21
CA ALA P 277 17.82 -55.21 -45.08
C ALA P 277 17.03 -56.34 -45.73
N LYS P 278 15.77 -56.48 -45.32
CA LYS P 278 14.85 -57.33 -46.05
C LYS P 278 14.49 -56.67 -47.40
N LEU P 279 14.35 -57.48 -48.45
CA LEU P 279 13.87 -56.98 -49.73
C LEU P 279 12.35 -57.03 -49.73
N ASN P 280 11.73 -55.91 -50.08
CA ASN P 280 10.33 -55.97 -50.44
C ASN P 280 10.16 -56.81 -51.71
N ARG P 281 9.39 -57.89 -51.60
CA ARG P 281 8.90 -58.61 -52.78
C ARG P 281 7.38 -58.73 -52.75
N GLN P 282 6.79 -58.89 -53.94
CA GLN P 282 5.35 -58.80 -54.10
C GLN P 282 4.61 -59.94 -53.37
N ASN P 283 5.35 -60.98 -52.97
CA ASN P 283 4.81 -62.10 -52.20
C ASN P 283 5.49 -62.20 -50.83
N GLN P 284 6.25 -61.17 -50.47
CA GLN P 284 6.99 -61.14 -49.19
C GLN P 284 7.01 -59.71 -48.70
N ILE P 285 5.85 -59.16 -48.36
CA ILE P 285 5.74 -57.72 -48.19
C ILE P 285 6.22 -57.29 -46.80
N ALA P 286 5.71 -57.92 -45.75
CA ALA P 286 6.17 -57.58 -44.40
C ALA P 286 6.09 -58.78 -43.45
N VAL P 287 7.05 -58.87 -42.54
CA VAL P 287 7.19 -60.04 -41.67
C VAL P 287 6.17 -59.99 -40.56
N ASP P 288 6.01 -61.13 -39.89
CA ASP P 288 4.97 -61.37 -38.88
C ASP P 288 5.33 -60.83 -37.48
N GLU P 289 6.62 -60.60 -37.21
CA GLU P 289 7.01 -59.89 -35.98
C GLU P 289 6.35 -58.51 -35.92
N ILE P 290 6.10 -57.90 -37.07
CA ILE P 290 5.34 -56.64 -37.14
C ILE P 290 3.90 -56.82 -37.65
N ARG P 291 3.62 -57.91 -38.37
CA ARG P 291 2.26 -58.18 -38.87
C ARG P 291 1.39 -58.91 -37.84
N GLU P 292 2.01 -59.65 -36.92
CA GLU P 292 1.25 -60.49 -35.97
C GLU P 292 1.47 -60.09 -34.49
N ARG P 293 2.68 -59.65 -34.16
CA ARG P 293 3.10 -59.55 -32.76
C ARG P 293 3.79 -58.21 -32.46
N LEU P 294 3.33 -57.16 -33.13
CA LEU P 294 3.78 -55.80 -32.81
C LEU P 294 3.35 -55.38 -31.40
N PHE P 295 4.35 -55.07 -30.56
CA PHE P 295 4.09 -54.39 -29.29
C PHE P 295 3.48 -55.36 -28.30
N GLU P 296 3.70 -56.65 -28.57
CA GLU P 296 3.04 -57.74 -27.88
C GLU P 296 3.35 -57.73 -26.37
N GLN P 297 4.58 -57.38 -26.01
CA GLN P 297 4.99 -57.40 -24.60
C GLN P 297 4.39 -56.22 -23.83
N VAL P 298 3.90 -55.21 -24.55
CA VAL P 298 3.57 -53.94 -23.92
C VAL P 298 2.08 -53.63 -23.82
N MET P 299 1.24 -54.41 -24.53
CA MET P 299 -0.21 -54.18 -24.51
C MET P 299 -0.96 -55.50 -24.66
N ARG P 300 -2.29 -55.46 -24.63
CA ARG P 300 -3.10 -56.66 -24.38
C ARG P 300 -3.02 -57.68 -25.53
N ILE P 301 -2.70 -57.22 -26.72
CA ILE P 301 -2.75 -58.06 -27.92
C ILE P 301 -1.67 -57.57 -28.87
N GLY P 302 -1.12 -58.50 -29.65
CA GLY P 302 -0.21 -58.15 -30.73
C GLY P 302 -0.94 -57.35 -31.80
N LEU P 303 -0.29 -56.31 -32.31
CA LEU P 303 -0.87 -55.46 -33.34
C LEU P 303 -0.37 -55.87 -34.73
N ASP P 304 -1.03 -55.33 -35.76
CA ASP P 304 -0.73 -55.67 -37.15
C ASP P 304 -0.41 -54.38 -37.93
N LEU P 305 0.87 -54.18 -38.24
CA LEU P 305 1.35 -52.86 -38.64
C LEU P 305 0.91 -52.46 -40.06
N PRO P 306 0.93 -53.42 -41.00
CA PRO P 306 0.34 -53.15 -42.31
C PRO P 306 -1.15 -52.87 -42.25
N ALA P 307 -1.87 -53.65 -41.46
CA ALA P 307 -3.29 -53.42 -41.29
C ALA P 307 -3.51 -52.03 -40.67
N LEU P 308 -2.67 -51.68 -39.70
CA LEU P 308 -2.77 -50.37 -39.07
C LEU P 308 -2.53 -49.24 -40.09
N ASN P 309 -1.53 -49.41 -40.96
CA ASN P 309 -1.26 -48.44 -42.03
C ASN P 309 -2.53 -48.18 -42.84
N MET P 310 -3.24 -49.25 -43.18
CA MET P 310 -4.39 -49.14 -44.08
C MET P 310 -5.56 -48.53 -43.34
N GLN P 311 -5.75 -48.92 -42.09
CA GLN P 311 -6.74 -48.24 -41.26
C GLN P 311 -6.44 -46.75 -41.14
N ARG P 312 -5.15 -46.40 -41.03
CA ARG P 312 -4.73 -45.00 -40.83
C ARG P 312 -4.96 -44.11 -42.06
N SER P 313 -4.75 -44.68 -43.24
CA SER P 313 -5.10 -43.96 -44.46
C SER P 313 -6.57 -43.58 -44.50
N ARG P 314 -7.44 -44.44 -43.98
CA ARG P 314 -8.87 -44.17 -43.95
C ARG P 314 -9.25 -43.18 -42.82
N ASP P 315 -8.63 -43.36 -41.64
CA ASP P 315 -8.67 -42.36 -40.57
C ASP P 315 -8.43 -40.95 -41.10
N HIS P 316 -7.44 -40.83 -42.00
CA HIS P 316 -6.93 -39.54 -42.44
C HIS P 316 -7.64 -39.10 -43.73
N GLY P 317 -8.60 -39.91 -44.18
CA GLY P 317 -9.40 -39.59 -45.36
C GLY P 317 -8.63 -39.48 -46.65
N LEU P 318 -7.59 -40.29 -46.80
CA LEU P 318 -6.73 -40.20 -47.98
C LEU P 318 -7.45 -40.87 -49.15
N PRO P 319 -7.27 -40.32 -50.36
CA PRO P 319 -7.87 -41.01 -51.49
C PRO P 319 -7.16 -42.31 -51.83
N GLY P 320 -7.70 -43.02 -52.80
CA GLY P 320 -7.22 -44.35 -53.12
C GLY P 320 -6.06 -44.30 -54.10
N TYR P 321 -5.68 -45.49 -54.55
CA TYR P 321 -4.51 -45.67 -55.39
C TYR P 321 -4.58 -44.88 -56.71
N ASN P 322 -5.68 -45.00 -57.44
CA ASN P 322 -5.78 -44.32 -58.73
C ASN P 322 -5.80 -42.80 -58.65
N ALA P 323 -6.45 -42.24 -57.64
CA ALA P 323 -6.41 -40.80 -57.39
C ALA P 323 -4.96 -40.32 -57.28
N TRP P 324 -4.13 -41.11 -56.59
CA TRP P 324 -2.74 -40.72 -56.40
C TRP P 324 -1.91 -41.00 -57.65
N ARG P 325 -2.27 -42.03 -58.41
CA ARG P 325 -1.62 -42.24 -59.70
C ARG P 325 -1.83 -41.02 -60.59
N ARG P 326 -3.08 -40.58 -60.71
CA ARG P 326 -3.45 -39.41 -61.53
C ARG P 326 -2.79 -38.13 -61.01
N PHE P 327 -2.78 -37.96 -59.69
CA PHE P 327 -2.08 -36.81 -59.11
C PHE P 327 -0.61 -36.79 -59.59
N CYS P 328 0.00 -37.96 -59.69
CA CYS P 328 1.42 -38.09 -60.09
C CYS P 328 1.61 -38.13 -61.60
N GLY P 329 0.53 -38.11 -62.36
CA GLY P 329 0.62 -38.21 -63.81
C GLY P 329 0.92 -39.60 -64.33
N LEU P 330 0.53 -40.62 -63.57
CA LEU P 330 0.75 -42.00 -63.97
C LEU P 330 -0.59 -42.59 -64.45
N PRO P 331 -0.54 -43.41 -65.49
CA PRO P 331 -1.77 -44.03 -65.98
C PRO P 331 -2.52 -44.75 -64.85
N GLN P 332 -3.85 -44.79 -64.96
CA GLN P 332 -4.70 -45.34 -63.92
C GLN P 332 -5.40 -46.58 -64.42
N PRO P 333 -4.97 -47.76 -63.94
CA PRO P 333 -5.55 -49.03 -64.37
C PRO P 333 -6.95 -49.25 -63.81
N GLU P 334 -7.88 -49.73 -64.65
CA GLU P 334 -9.27 -49.85 -64.24
C GLU P 334 -9.79 -51.29 -64.19
N THR P 335 -9.07 -52.20 -64.83
CA THR P 335 -9.46 -53.62 -64.89
C THR P 335 -8.38 -54.45 -64.23
N VAL P 336 -8.70 -55.70 -63.90
CA VAL P 336 -7.70 -56.58 -63.28
C VAL P 336 -6.53 -56.75 -64.25
N GLY P 337 -6.85 -56.73 -65.55
CA GLY P 337 -5.84 -56.88 -66.60
C GLY P 337 -4.90 -55.69 -66.64
N GLN P 338 -5.47 -54.49 -66.54
CA GLN P 338 -4.65 -53.29 -66.54
C GLN P 338 -3.82 -53.14 -65.26
N LEU P 339 -4.38 -53.52 -64.11
CA LEU P 339 -3.61 -53.52 -62.86
C LEU P 339 -2.47 -54.54 -62.96
N GLY P 340 -2.76 -55.68 -63.57
CA GLY P 340 -1.76 -56.67 -63.90
C GLY P 340 -0.55 -56.08 -64.59
N THR P 341 -0.78 -55.36 -65.70
CA THR P 341 0.31 -54.75 -66.47
C THR P 341 1.13 -53.80 -65.61
N VAL P 342 0.44 -52.93 -64.87
CA VAL P 342 1.12 -51.99 -64.00
C VAL P 342 1.98 -52.68 -62.93
N LEU P 343 1.47 -53.77 -62.37
CA LEU P 343 2.16 -54.45 -61.26
C LEU P 343 3.11 -55.50 -61.81
N ARG P 344 2.95 -55.82 -63.09
CA ARG P 344 3.59 -56.96 -63.72
C ARG P 344 3.46 -58.20 -62.85
N ASN P 345 2.27 -58.33 -62.26
CA ASN P 345 1.94 -59.46 -61.42
C ASN P 345 0.43 -59.63 -61.40
N LEU P 346 -0.06 -60.41 -62.36
CA LEU P 346 -1.49 -60.55 -62.56
C LEU P 346 -2.11 -61.27 -61.35
N LYS P 347 -1.30 -62.08 -60.66
CA LYS P 347 -1.79 -62.82 -59.49
C LYS P 347 -1.96 -61.90 -58.28
N LEU P 348 -1.02 -60.99 -58.07
CA LEU P 348 -1.19 -59.90 -57.11
C LEU P 348 -2.33 -58.95 -57.49
N ALA P 349 -2.48 -58.65 -58.78
CA ALA P 349 -3.59 -57.79 -59.24
C ALA P 349 -4.95 -58.43 -58.93
N ARG P 350 -5.05 -59.74 -59.10
CA ARG P 350 -6.29 -60.46 -58.87
C ARG P 350 -6.65 -60.53 -57.39
N LYS P 351 -5.65 -60.72 -56.54
CA LYS P 351 -5.86 -60.68 -55.09
C LYS P 351 -6.28 -59.28 -54.64
N LEU P 352 -5.60 -58.25 -55.14
CA LEU P 352 -6.00 -56.89 -54.81
C LEU P 352 -7.45 -56.62 -55.27
N MET P 353 -7.82 -57.08 -56.46
CA MET P 353 -9.19 -56.90 -56.97
C MET P 353 -10.22 -57.69 -56.15
N GLU P 354 -9.84 -58.90 -55.74
CA GLU P 354 -10.69 -59.71 -54.88
C GLU P 354 -10.91 -59.10 -53.50
N GLN P 355 -9.94 -58.32 -53.02
CA GLN P 355 -10.12 -57.56 -51.79
C GLN P 355 -10.91 -56.28 -52.03
N TYR P 356 -10.50 -55.50 -53.02
CA TYR P 356 -10.90 -54.09 -53.10
C TYR P 356 -12.00 -53.83 -54.13
N GLY P 357 -12.09 -54.68 -55.15
CA GLY P 357 -13.15 -54.57 -56.17
C GLY P 357 -12.83 -53.66 -57.37
N THR P 358 -12.07 -52.60 -57.11
CA THR P 358 -11.60 -51.69 -58.16
C THR P 358 -10.26 -51.14 -57.69
N PRO P 359 -9.39 -50.71 -58.61
CA PRO P 359 -8.13 -50.12 -58.16
C PRO P 359 -8.30 -48.74 -57.52
N ASN P 360 -9.49 -48.18 -57.66
CA ASN P 360 -9.76 -46.86 -57.11
C ASN P 360 -9.87 -46.89 -55.60
N ASN P 361 -10.07 -48.06 -55.03
CA ASN P 361 -10.30 -48.18 -53.58
C ASN P 361 -9.08 -48.71 -52.83
N ILE P 362 -8.11 -49.23 -53.56
CA ILE P 362 -6.85 -49.71 -53.00
C ILE P 362 -6.23 -48.64 -52.10
N ASP P 363 -6.07 -48.94 -50.83
CA ASP P 363 -5.45 -48.00 -49.90
C ASP P 363 -4.03 -47.65 -50.35
N ILE P 364 -3.63 -46.39 -50.14
CA ILE P 364 -2.39 -45.85 -50.75
C ILE P 364 -1.14 -46.69 -50.43
N TRP P 365 -0.95 -47.05 -49.16
CA TRP P 365 0.22 -47.85 -48.76
C TRP P 365 0.27 -49.18 -49.51
N MET P 366 -0.88 -49.86 -49.56
CA MET P 366 -0.97 -51.21 -50.10
C MET P 366 -0.64 -51.20 -51.58
N GLY P 367 -1.25 -50.26 -52.30
CA GLY P 367 -1.01 -50.14 -53.75
C GLY P 367 0.40 -49.63 -53.98
N GLY P 368 0.89 -48.83 -53.03
CA GLY P 368 2.23 -48.24 -53.13
C GLY P 368 3.34 -49.30 -53.06
N VAL P 369 3.25 -50.16 -52.05
CA VAL P 369 4.29 -51.16 -51.79
C VAL P 369 4.09 -52.42 -52.63
N SER P 370 2.97 -52.48 -53.37
CA SER P 370 2.73 -53.56 -54.34
C SER P 370 3.47 -53.32 -55.66
N GLU P 371 3.68 -52.07 -56.03
CA GLU P 371 4.28 -51.77 -57.32
C GLU P 371 5.73 -52.30 -57.39
N PRO P 372 6.13 -52.75 -58.59
CA PRO P 372 7.48 -53.28 -58.82
C PRO P 372 8.51 -52.16 -58.73
N LEU P 373 9.69 -52.48 -58.21
CA LEU P 373 10.58 -51.46 -57.71
C LEU P 373 11.34 -50.82 -58.88
N LYS P 374 11.50 -49.50 -58.84
CA LYS P 374 12.32 -48.84 -59.84
C LYS P 374 13.74 -49.43 -59.84
N ARG P 375 14.34 -49.48 -61.02
CA ARG P 375 15.74 -49.87 -61.17
C ARG P 375 16.64 -49.16 -60.14
N LYS P 376 17.45 -49.93 -59.41
CA LYS P 376 18.39 -49.40 -58.40
C LYS P 376 17.72 -48.59 -57.28
N GLY P 377 16.41 -48.74 -57.17
CA GLY P 377 15.68 -48.12 -56.08
C GLY P 377 14.85 -49.15 -55.36
N ARG P 378 14.14 -48.69 -54.34
CA ARG P 378 13.42 -49.60 -53.46
C ARG P 378 11.96 -49.22 -53.32
N VAL P 379 11.47 -48.42 -54.28
CA VAL P 379 10.02 -48.14 -54.42
C VAL P 379 9.62 -48.14 -55.88
N GLY P 380 8.32 -48.29 -56.13
CA GLY P 380 7.73 -48.14 -57.47
C GLY P 380 7.46 -46.68 -57.83
N PRO P 381 6.88 -46.44 -59.02
CA PRO P 381 6.66 -45.09 -59.52
C PRO P 381 5.79 -44.24 -58.61
N LEU P 382 4.72 -44.83 -58.08
CA LEU P 382 3.75 -44.07 -57.33
C LEU P 382 4.42 -43.53 -56.07
N LEU P 383 5.11 -44.40 -55.34
CA LEU P 383 5.77 -43.98 -54.10
C LEU P 383 6.99 -43.11 -54.39
N ALA P 384 7.62 -43.31 -55.53
CA ALA P 384 8.74 -42.46 -55.95
C ALA P 384 8.28 -41.02 -56.15
N CYS P 385 7.13 -40.87 -56.80
CA CYS P 385 6.51 -39.58 -56.99
C CYS P 385 6.20 -38.85 -55.68
N ILE P 386 5.54 -39.55 -54.77
CA ILE P 386 5.09 -38.92 -53.52
C ILE P 386 6.25 -38.64 -52.56
N ILE P 387 7.17 -39.60 -52.48
CA ILE P 387 8.38 -39.41 -51.70
C ILE P 387 9.33 -38.35 -52.32
N GLY P 388 9.66 -38.46 -53.61
CA GLY P 388 10.46 -37.43 -54.27
C GLY P 388 9.89 -36.03 -54.11
N THR P 389 8.59 -35.88 -54.37
CA THR P 389 7.97 -34.57 -54.33
C THR P 389 8.05 -33.96 -52.89
N GLN P 390 7.78 -34.77 -51.87
CA GLN P 390 7.93 -34.29 -50.49
C GLN P 390 9.35 -33.78 -50.25
N PHE P 391 10.35 -34.62 -50.53
CA PHE P 391 11.74 -34.25 -50.21
C PHE P 391 12.25 -33.05 -51.01
N ARG P 392 11.74 -32.86 -52.24
CA ARG P 392 12.13 -31.69 -52.99
C ARG P 392 11.67 -30.41 -52.32
N LYS P 393 10.44 -30.45 -51.82
CA LYS P 393 9.83 -29.35 -51.11
C LYS P 393 10.52 -29.07 -49.78
N LEU P 394 10.91 -30.13 -49.07
CA LEU P 394 11.64 -29.96 -47.82
C LEU P 394 13.01 -29.28 -48.03
N ARG P 395 13.58 -29.46 -49.21
CA ARG P 395 14.91 -28.91 -49.50
C ARG P 395 14.82 -27.48 -50.01
N ASP P 396 14.09 -27.31 -51.12
CA ASP P 396 13.96 -26.00 -51.75
C ASP P 396 13.24 -24.99 -50.85
N GLY P 397 12.30 -25.47 -50.03
CA GLY P 397 11.50 -24.56 -49.17
C GLY P 397 12.05 -24.36 -47.75
N ASP P 398 13.31 -24.76 -47.53
CA ASP P 398 13.99 -24.62 -46.21
C ASP P 398 15.03 -23.49 -46.29
N ARG P 399 14.79 -22.41 -45.57
CA ARG P 399 15.66 -21.26 -45.64
C ARG P 399 16.99 -21.62 -44.99
N PHE P 400 16.99 -22.70 -44.22
CA PHE P 400 18.22 -23.14 -43.51
C PHE P 400 18.87 -24.36 -44.14
N TRP P 401 18.42 -24.72 -45.34
CA TRP P 401 19.11 -25.74 -46.14
C TRP P 401 20.62 -25.48 -46.21
N TRP P 402 21.44 -26.52 -46.03
CA TRP P 402 22.88 -26.31 -45.72
C TRP P 402 23.58 -25.61 -46.85
N GLU P 403 23.02 -25.72 -48.04
CA GLU P 403 23.65 -25.12 -49.22
C GLU P 403 23.14 -23.73 -49.56
N ASN P 404 22.08 -23.28 -48.90
CA ASN P 404 21.54 -21.94 -49.15
C ASN P 404 22.53 -20.84 -48.77
N GLU P 405 22.78 -19.90 -49.67
CA GLU P 405 23.73 -18.83 -49.39
C GLU P 405 23.48 -18.20 -48.02
N GLY P 406 24.53 -18.02 -47.23
CA GLY P 406 24.40 -17.35 -45.94
C GLY P 406 24.22 -18.31 -44.75
N VAL P 407 23.85 -19.56 -45.00
CA VAL P 407 23.63 -20.51 -43.90
C VAL P 407 24.98 -20.94 -43.34
N PHE P 408 25.87 -21.33 -44.23
CA PHE P 408 27.27 -21.58 -43.91
C PHE P 408 28.13 -20.75 -44.86
N SER P 409 29.39 -20.55 -44.50
CA SER P 409 30.35 -19.99 -45.45
C SER P 409 30.70 -21.04 -46.50
N MET P 410 31.33 -20.62 -47.57
CA MET P 410 31.78 -21.55 -48.60
C MET P 410 32.77 -22.57 -48.04
N GLN P 411 33.63 -22.16 -47.13
CA GLN P 411 34.65 -23.06 -46.57
C GLN P 411 34.00 -24.12 -45.66
N GLN P 412 33.02 -23.70 -44.89
CA GLN P 412 32.19 -24.60 -44.09
C GLN P 412 31.39 -25.62 -44.91
N ARG P 413 30.85 -25.18 -46.05
CA ARG P 413 30.13 -26.09 -46.95
C ARG P 413 31.09 -27.14 -47.50
N GLN P 414 32.30 -26.72 -47.83
CA GLN P 414 33.26 -27.65 -48.41
C GLN P 414 33.69 -28.70 -47.37
N ALA P 415 33.80 -28.29 -46.11
CA ALA P 415 34.10 -29.20 -45.01
C ALA P 415 32.98 -30.20 -44.78
N LEU P 416 31.75 -29.69 -44.72
CA LEU P 416 30.57 -30.52 -44.44
C LEU P 416 30.32 -31.57 -45.51
N ALA P 417 30.73 -31.28 -46.74
CA ALA P 417 30.57 -32.22 -47.86
C ALA P 417 31.46 -33.47 -47.66
N GLN P 418 32.39 -33.38 -46.71
CA GLN P 418 33.30 -34.49 -46.40
C GLN P 418 32.68 -35.46 -45.39
N ILE P 419 31.56 -35.08 -44.77
CA ILE P 419 30.99 -35.91 -43.70
C ILE P 419 30.34 -37.18 -44.27
N SER P 420 30.35 -38.24 -43.47
CA SER P 420 29.58 -39.45 -43.75
C SER P 420 29.10 -40.09 -42.44
N LEU P 421 28.14 -41.02 -42.56
CA LEU P 421 27.64 -41.74 -41.39
C LEU P 421 28.70 -42.69 -40.80
N PRO P 422 29.44 -43.40 -41.65
CA PRO P 422 30.52 -44.24 -41.11
C PRO P 422 31.49 -43.44 -40.22
N ARG P 423 31.87 -42.25 -40.65
CA ARG P 423 32.83 -41.45 -39.90
C ARG P 423 32.24 -40.96 -38.55
N ILE P 424 30.96 -40.58 -38.55
CA ILE P 424 30.25 -40.25 -37.31
C ILE P 424 30.23 -41.42 -36.33
N ILE P 425 29.95 -42.62 -36.82
CA ILE P 425 30.05 -43.79 -35.95
C ILE P 425 31.48 -43.92 -35.39
N CYS P 426 32.48 -43.85 -36.27
CA CYS P 426 33.88 -43.90 -35.83
C CYS P 426 34.16 -42.92 -34.69
N ASP P 427 33.66 -41.71 -34.81
CA ASP P 427 34.05 -40.63 -33.90
C ASP P 427 33.31 -40.69 -32.56
N ASN P 428 32.31 -41.56 -32.42
CA ASN P 428 31.40 -41.48 -31.27
C ASN P 428 31.14 -42.82 -30.57
N THR P 429 31.88 -43.85 -30.96
CA THR P 429 31.71 -45.19 -30.40
C THR P 429 33.06 -45.88 -30.31
N GLY P 430 33.04 -47.15 -29.93
CA GLY P 430 34.27 -47.97 -29.82
C GLY P 430 34.51 -48.79 -31.07
N ILE P 431 33.66 -48.59 -32.08
CA ILE P 431 33.80 -49.27 -33.36
C ILE P 431 34.96 -48.67 -34.14
N THR P 432 35.90 -49.50 -34.54
CA THR P 432 37.07 -49.06 -35.27
C THR P 432 37.13 -49.61 -36.71
N THR P 433 36.09 -50.36 -37.10
CA THR P 433 35.91 -50.82 -38.49
C THR P 433 34.43 -50.58 -38.87
N VAL P 434 34.22 -49.94 -40.03
CA VAL P 434 32.89 -49.50 -40.47
C VAL P 434 32.67 -49.71 -41.97
N SER P 435 31.41 -49.58 -42.40
CA SER P 435 31.10 -49.78 -43.82
C SER P 435 31.86 -48.79 -44.68
N LYS P 436 32.30 -49.24 -45.84
CA LYS P 436 32.51 -48.36 -46.98
C LYS P 436 31.23 -47.57 -47.23
N ASN P 437 31.39 -46.37 -47.76
CA ASN P 437 30.27 -45.75 -48.44
C ASN P 437 30.02 -46.46 -49.80
N ASN P 438 28.76 -46.57 -50.19
CA ASN P 438 27.66 -45.99 -49.47
C ASN P 438 27.22 -46.89 -48.31
N ILE P 439 27.08 -46.33 -47.12
CA ILE P 439 26.75 -47.14 -45.95
C ILE P 439 25.40 -47.86 -46.12
N PHE P 440 24.49 -47.28 -46.88
CA PHE P 440 23.15 -47.86 -47.00
C PHE P 440 23.14 -49.00 -47.99
N MET P 441 24.24 -49.14 -48.74
CA MET P 441 24.43 -50.23 -49.70
C MET P 441 25.37 -51.31 -49.17
N SER P 442 26.54 -50.88 -48.71
CA SER P 442 27.51 -51.78 -48.05
C SER P 442 26.82 -52.61 -46.99
N ASN P 443 26.97 -53.94 -47.04
CA ASN P 443 26.29 -54.78 -46.05
C ASN P 443 27.01 -56.08 -45.67
N SER P 444 28.19 -56.32 -46.22
CA SER P 444 28.86 -57.62 -46.05
C SER P 444 30.26 -57.47 -45.46
N TYR P 445 30.46 -57.98 -44.25
CA TYR P 445 31.78 -57.92 -43.62
C TYR P 445 32.53 -59.17 -44.00
N PRO P 446 33.80 -59.04 -44.45
CA PRO P 446 34.65 -57.85 -44.41
C PRO P 446 34.76 -57.10 -45.74
N ARG P 447 34.36 -57.74 -46.82
CA ARG P 447 34.41 -57.15 -48.17
C ARG P 447 34.11 -55.65 -48.18
N ASP P 448 32.97 -55.25 -47.61
CA ASP P 448 32.51 -53.88 -47.69
C ASP P 448 32.90 -53.03 -46.49
N PHE P 449 33.97 -53.40 -45.78
CA PHE P 449 34.33 -52.70 -44.53
C PHE P 449 35.77 -52.19 -44.51
N VAL P 450 35.99 -51.04 -43.90
CA VAL P 450 37.31 -50.41 -43.89
C VAL P 450 37.62 -49.94 -42.49
N ASN P 451 38.89 -49.72 -42.20
CA ASN P 451 39.31 -49.18 -40.91
C ASN P 451 38.91 -47.71 -40.77
N CYS P 452 38.54 -47.31 -39.56
CA CYS P 452 38.21 -45.91 -39.31
C CYS P 452 39.37 -44.99 -39.64
N SER P 453 40.59 -45.49 -39.48
CA SER P 453 41.78 -44.69 -39.76
C SER P 453 41.88 -44.25 -41.23
N THR P 454 41.13 -44.87 -42.13
CA THR P 454 41.18 -44.48 -43.55
C THR P 454 40.21 -43.35 -43.87
N LEU P 455 39.44 -42.92 -42.87
CA LEU P 455 38.37 -41.97 -43.06
C LEU P 455 38.69 -40.61 -42.42
N PRO P 456 38.82 -39.57 -43.26
CA PRO P 456 38.97 -38.20 -42.75
C PRO P 456 37.86 -37.80 -41.76
N ALA P 457 38.24 -37.16 -40.64
CA ALA P 457 37.27 -36.50 -39.77
C ALA P 457 36.84 -35.13 -40.30
N LEU P 458 35.69 -34.65 -39.85
CA LEU P 458 35.24 -33.31 -40.17
C LEU P 458 36.35 -32.30 -39.80
N ASN P 459 36.65 -31.37 -40.70
CA ASN P 459 37.59 -30.29 -40.41
C ASN P 459 36.80 -29.06 -39.95
N LEU P 460 36.96 -28.72 -38.66
CA LEU P 460 36.25 -27.60 -38.06
C LEU P 460 36.98 -26.25 -38.21
N ALA P 461 38.11 -26.22 -38.91
CA ALA P 461 38.92 -24.99 -38.96
C ALA P 461 38.13 -23.79 -39.46
N SER P 462 37.16 -24.00 -40.34
CA SER P 462 36.43 -22.83 -40.86
C SER P 462 35.34 -22.33 -39.92
N TRP P 463 35.16 -23.00 -38.78
CA TRP P 463 34.32 -22.48 -37.70
C TRP P 463 35.10 -21.57 -36.72
N ARG P 464 36.41 -21.47 -36.87
CA ARG P 464 37.19 -20.61 -36.00
C ARG P 464 36.79 -19.15 -36.21
N GLU P 465 36.32 -18.51 -35.15
CA GLU P 465 35.85 -17.13 -35.25
C GLU P 465 37.04 -16.18 -35.18
N ALA P 466 37.95 -16.42 -34.24
CA ALA P 466 39.02 -15.48 -33.93
C ALA P 466 38.61 -14.07 -34.34
C1 NAG Q . 19.26 -39.84 5.80
C2 NAG Q . 20.43 -40.24 4.92
C3 NAG Q . 21.70 -40.54 5.73
C4 NAG Q . 22.06 -39.38 6.63
C5 NAG Q . 20.84 -38.84 7.36
C6 NAG Q . 21.15 -37.48 8.01
C7 NAG Q . 19.53 -41.03 2.82
C8 NAG Q . 19.22 -42.20 1.94
N2 NAG Q . 20.12 -41.28 3.98
O3 NAG Q . 22.76 -40.84 4.85
O4 NAG Q . 22.96 -39.88 7.60
O5 NAG Q . 19.74 -38.68 6.49
O6 NAG Q . 21.75 -36.67 7.00
O7 NAG Q . 19.13 -39.92 2.52
C1 NAG Q . 24.12 -39.05 7.74
C2 NAG Q . 24.72 -39.42 9.09
C3 NAG Q . 26.07 -38.75 9.31
C4 NAG Q . 26.98 -39.12 8.17
C5 NAG Q . 26.29 -38.73 6.85
C6 NAG Q . 27.16 -39.10 5.65
C7 NAG Q . 23.04 -39.80 10.81
C8 NAG Q . 22.09 -39.11 11.74
N2 NAG Q . 23.78 -38.98 10.10
O3 NAG Q . 26.58 -39.16 10.55
O4 NAG Q . 28.18 -38.37 8.21
O5 NAG Q . 25.03 -39.34 6.70
O6 NAG Q . 27.37 -40.50 5.59
O7 NAG Q . 23.06 -41.02 10.66
C1 BMA Q . 29.32 -39.20 8.51
C2 BMA Q . 30.53 -38.71 7.72
C3 BMA Q . 31.84 -39.36 8.19
C4 BMA Q . 31.97 -39.37 9.71
C5 BMA Q . 30.66 -39.83 10.35
C6 BMA Q . 30.70 -39.80 11.88
O2 BMA Q . 30.60 -37.29 7.92
O3 BMA Q . 32.92 -38.60 7.65
O4 BMA Q . 33.00 -40.30 10.06
O5 BMA Q . 29.59 -39.02 9.89
O6 BMA Q . 31.08 -38.52 12.37
C1 MAN Q . 33.97 -39.48 7.21
C2 MAN Q . 35.26 -38.66 7.17
C3 MAN Q . 35.25 -37.66 6.03
C4 MAN Q . 34.87 -38.35 4.75
C5 MAN Q . 33.54 -39.08 4.92
C6 MAN Q . 33.14 -39.74 3.61
O2 MAN Q . 36.35 -39.52 7.00
O3 MAN Q . 36.50 -37.05 5.85
O4 MAN Q . 34.75 -37.36 3.75
O5 MAN Q . 33.68 -40.06 5.94
O6 MAN Q . 34.10 -40.72 3.28
C1 MAN Q . 30.02 -37.55 12.32
C2 MAN Q . 30.63 -36.29 11.73
C3 MAN Q . 31.72 -35.78 12.68
C4 MAN Q . 31.13 -35.59 14.07
C5 MAN Q . 30.56 -36.94 14.51
C6 MAN Q . 30.04 -36.94 15.95
O2 MAN Q . 29.62 -35.32 11.54
O3 MAN Q . 32.20 -34.54 12.22
O4 MAN Q . 32.09 -35.17 15.01
O5 MAN Q . 29.53 -37.24 13.61
O6 MAN Q . 28.96 -36.05 16.11
C1 FUC Q . 22.07 -35.39 7.55
C2 FUC Q . 23.10 -34.64 6.74
C3 FUC Q . 22.43 -34.43 5.40
C4 FUC Q . 21.21 -33.54 5.60
C5 FUC Q . 20.28 -34.14 6.67
C6 FUC Q . 19.21 -33.15 7.07
O2 FUC Q . 24.21 -35.46 6.51
O3 FUC Q . 23.35 -33.94 4.43
O4 FUC Q . 21.64 -32.27 6.04
O5 FUC Q . 21.00 -34.53 7.82
C1 NAG R . 37.66 -27.17 14.91
C2 NAG R . 37.68 -26.80 13.43
C3 NAG R . 36.27 -26.42 13.00
C4 NAG R . 35.30 -27.55 13.32
C5 NAG R . 35.45 -28.08 14.75
C6 NAG R . 34.66 -29.39 14.98
C7 NAG R . 39.88 -26.00 12.78
C8 NAG R . 40.73 -24.83 12.40
N2 NAG R . 38.61 -25.74 13.12
O3 NAG R . 36.33 -26.16 11.62
O4 NAG R . 33.99 -27.05 13.19
O5 NAG R . 36.81 -28.29 15.03
O6 NAG R . 35.09 -30.27 13.98
O7 NAG R . 40.38 -27.13 12.86
C1 NAG R . 33.17 -27.85 12.31
C2 NAG R . 31.70 -27.58 12.69
C3 NAG R . 30.74 -28.19 11.65
C4 NAG R . 31.13 -27.73 10.25
C5 NAG R . 32.61 -28.10 10.06
C6 NAG R . 33.12 -27.76 8.65
C7 NAG R . 31.46 -27.12 15.09
C8 NAG R . 31.29 -27.66 16.48
N2 NAG R . 31.47 -28.00 14.08
O3 NAG R . 29.38 -27.85 11.90
O4 NAG R . 30.41 -28.44 9.24
O5 NAG R . 33.43 -27.43 11.00
O6 NAG R . 32.99 -26.38 8.37
O7 NAG R . 31.58 -25.91 14.90
C1 BMA R . 29.41 -27.65 8.56
C2 BMA R . 29.28 -28.08 7.10
C3 BMA R . 28.15 -27.40 6.38
C4 BMA R . 26.85 -27.47 7.20
C5 BMA R . 27.12 -26.99 8.61
C6 BMA R . 25.88 -27.01 9.54
O2 BMA R . 28.96 -29.46 7.03
O3 BMA R . 28.06 -28.09 5.12
O4 BMA R . 25.85 -26.63 6.61
O5 BMA R . 28.13 -27.81 9.18
O6 BMA R . 25.21 -28.28 9.52
C1 MAN R . 27.58 -27.25 4.07
C2 MAN R . 27.29 -28.14 2.86
C3 MAN R . 28.59 -28.82 2.46
C4 MAN R . 29.64 -27.76 2.14
C5 MAN R . 29.77 -26.74 3.27
C6 MAN R . 30.60 -25.55 2.78
O2 MAN R . 26.81 -27.35 1.79
O3 MAN R . 28.36 -29.63 1.33
O4 MAN R . 30.89 -28.38 1.95
O5 MAN R . 28.51 -26.26 3.70
O6 MAN R . 29.77 -24.68 2.07
C1 MAN R . 25.85 -29.27 10.33
C2 MAN R . 25.94 -30.57 9.52
C3 MAN R . 24.54 -31.17 9.35
C4 MAN R . 23.89 -31.38 10.72
C5 MAN R . 23.88 -30.03 11.44
C6 MAN R . 23.16 -30.15 12.79
O2 MAN R . 26.79 -31.51 10.16
O3 MAN R . 24.69 -32.38 8.66
O4 MAN R . 22.56 -31.83 10.62
O5 MAN R . 25.20 -29.54 11.56
O6 MAN R . 23.90 -30.95 13.70
C1 FUC R . 34.54 -31.59 14.01
C2 FUC R . 34.63 -32.18 12.61
C3 FUC R . 36.11 -32.30 12.25
C4 FUC R . 36.88 -33.04 13.34
C5 FUC R . 36.54 -32.55 14.74
C6 FUC R . 37.09 -33.58 15.72
O2 FUC R . 34.06 -31.31 11.65
O3 FUC R . 36.25 -32.96 11.00
O4 FUC R . 36.54 -34.40 13.29
O5 FUC R . 35.13 -32.48 14.91
C1 NAG S . 15.22 32.88 62.66
C2 NAG S . 16.73 32.97 62.49
C3 NAG S . 17.10 33.06 61.00
C4 NAG S . 16.47 31.98 60.16
C5 NAG S . 15.03 31.66 60.57
C6 NAG S . 14.61 30.27 60.06
C7 NAG S . 17.82 33.98 64.44
C8 NAG S . 18.23 35.25 65.16
N2 NAG S . 17.25 34.12 63.24
O3 NAG S . 18.49 32.99 60.74
O4 NAG S . 16.53 32.45 58.83
O5 NAG S . 14.85 31.70 61.99
O6 NAG S . 15.62 29.34 60.35
O7 NAG S . 17.99 32.91 65.00
C1 NAG S . 17.14 31.45 58.00
C2 NAG S . 16.60 31.61 56.58
C3 NAG S . 17.31 30.68 55.60
C4 NAG S . 18.81 30.95 55.76
C5 NAG S . 19.20 30.64 57.20
C6 NAG S . 20.71 30.74 57.38
C7 NAG S . 14.29 32.34 56.66
C8 NAG S . 12.84 31.96 56.70
N2 NAG S . 15.17 31.34 56.60
O3 NAG S . 16.93 30.98 54.26
O4 NAG S . 19.55 30.13 54.90
O5 NAG S . 18.56 31.56 58.05
O6 NAG S . 21.12 32.02 56.99
O7 NAG S . 14.66 33.51 56.63
C1 BMA S . 20.06 30.84 53.76
C2 BMA S . 21.42 30.22 53.43
C3 BMA S . 22.00 30.68 52.09
C4 BMA S . 20.95 30.64 50.98
C5 BMA S . 19.66 31.31 51.45
C6 BMA S . 18.57 31.33 50.37
O2 BMA S . 21.24 28.79 53.39
O3 BMA S . 23.08 29.78 51.79
O4 BMA S . 21.44 31.34 49.81
O5 BMA S . 19.19 30.67 52.64
O6 BMA S . 18.32 30.06 49.77
C1 MAN S . 24.15 30.44 51.11
C2 MAN S . 24.98 29.35 50.46
C3 MAN S . 25.56 28.49 51.57
C4 MAN S . 26.40 29.35 52.49
C5 MAN S . 25.56 30.51 53.02
C6 MAN S . 26.44 31.44 53.84
O2 MAN S . 26.04 29.97 49.76
O3 MAN S . 26.35 27.45 51.03
O4 MAN S . 26.81 28.57 53.57
O5 MAN S . 24.97 31.23 51.95
O6 MAN S . 26.68 32.64 53.12
C1 MAN S . 17.47 29.23 50.60
C2 MAN S . 18.08 27.83 50.68
C3 MAN S . 17.96 27.09 49.35
C4 MAN S . 16.52 27.10 48.87
C5 MAN S . 16.00 28.53 48.87
C6 MAN S . 14.54 28.56 48.40
O2 MAN S . 17.37 27.08 51.64
O3 MAN S . 18.35 25.76 49.52
O4 MAN S . 16.46 26.53 47.56
O5 MAN S . 16.13 29.12 50.15
O6 MAN S . 13.65 28.12 49.41
C1 FUC S . 15.31 28.00 59.92
C2 FUC S . 16.55 27.16 59.83
C3 FUC S . 17.09 27.11 61.24
C4 FUC S . 16.08 26.43 62.14
C5 FUC S . 14.76 27.19 62.04
C6 FUC S . 13.67 26.55 62.90
O2 FUC S . 17.51 27.74 58.97
O3 FUC S . 18.32 26.42 61.27
O4 FUC S . 15.90 25.09 61.76
O5 FUC S . 14.36 27.31 60.68
C1 NAG T . 19.35 17.88 44.32
C2 NAG T . 20.43 17.43 45.31
C3 NAG T . 19.83 17.33 46.70
C4 NAG T . 19.10 18.60 47.12
C5 NAG T . 18.24 19.17 45.98
C6 NAG T . 17.79 20.57 46.32
C7 NAG T . 22.27 16.27 44.22
C8 NAG T . 22.87 14.96 43.81
N2 NAG T . 21.10 16.23 44.88
O3 NAG T . 20.81 16.97 47.65
O4 NAG T . 18.21 18.26 48.16
O5 NAG T . 18.96 19.18 44.75
O6 NAG T . 18.92 21.31 46.69
O7 NAG T . 22.88 17.30 44.01
C1 NAG T . 18.43 19.04 49.34
C2 NAG T . 17.14 19.00 50.15
C3 NAG T . 17.31 19.76 51.46
C4 NAG T . 18.58 19.27 52.16
C5 NAG T . 19.78 19.35 51.20
C6 NAG T . 21.10 18.92 51.87
C7 NAG T . 15.21 18.76 48.68
C8 NAG T . 14.19 19.43 47.80
N2 NAG T . 16.07 19.55 49.31
O3 NAG T . 16.22 19.53 52.33
O4 NAG T . 18.86 20.16 53.21
O5 NAG T . 19.53 18.56 50.07
O6 NAG T . 21.14 17.50 51.95
O7 NAG T . 15.23 17.54 48.81
C1 BMA T . 18.64 19.53 54.48
C2 BMA T . 19.60 20.11 55.51
C3 BMA T . 19.32 19.51 56.88
C4 BMA T . 17.85 19.63 57.25
C5 BMA T . 16.98 19.12 56.11
C6 BMA T . 15.50 19.36 56.35
O2 BMA T . 19.38 21.53 55.59
O3 BMA T . 20.14 20.20 57.82
O4 BMA T . 17.60 18.85 58.40
O5 BMA T . 17.33 19.78 54.92
O6 BMA T . 15.25 20.71 56.74
C1 MAN T . 20.46 19.30 58.87
C2 MAN T . 21.25 20.05 59.94
C3 MAN T . 22.66 20.37 59.43
C4 MAN T . 23.32 19.09 58.93
C5 MAN T . 22.45 18.43 57.86
C6 MAN T . 23.05 17.08 57.44
O2 MAN T . 21.32 19.28 61.12
O3 MAN T . 23.44 20.96 60.44
O4 MAN T . 24.56 19.44 58.37
O5 MAN T . 21.15 18.17 58.36
O6 MAN T . 22.73 16.03 58.32
C1 MAN T . 15.14 21.60 55.61
C2 MAN T . 15.90 22.88 55.97
C3 MAN T . 15.23 23.62 57.13
C4 MAN T . 13.76 23.84 56.81
C5 MAN T . 13.07 22.56 56.36
C6 MAN T . 11.67 22.90 55.87
O2 MAN T . 15.99 23.72 54.85
O3 MAN T . 15.84 24.87 57.32
O4 MAN T . 13.09 24.36 57.91
O5 MAN T . 13.79 21.91 55.32
O6 MAN T . 11.74 23.61 54.64
C1 FUC T . 18.64 22.70 46.90
C2 FUC T . 19.78 23.32 47.68
C3 FUC T . 21.03 23.14 46.82
C4 FUC T . 20.79 23.77 45.45
C5 FUC T . 19.46 23.35 44.84
C6 FUC T . 19.16 24.28 43.66
O2 FUC T . 19.94 22.58 48.85
O3 FUC T . 22.14 23.77 47.44
O4 FUC T . 20.78 25.17 45.61
O5 FUC T . 18.38 23.44 45.75
C1 NAG U . -12.39 39.46 -9.55
C2 NAG U . -10.90 39.59 -9.76
C3 NAG U . -10.65 39.80 -11.25
C4 NAG U . -11.28 38.70 -12.09
C5 NAG U . -12.69 38.38 -11.63
C6 NAG U . -13.19 37.08 -12.23
C7 NAG U . -9.78 40.34 -7.76
C8 NAG U . -9.19 41.51 -7.02
N2 NAG U . -10.32 40.62 -8.96
O3 NAG U . -9.29 39.87 -11.49
O4 NAG U . -11.29 39.15 -13.42
O5 NAG U . -12.71 38.24 -10.22
O6 NAG U . -12.19 36.11 -11.99
O7 NAG U . -9.88 39.24 -7.22
C1 NAG U . -10.64 38.24 -14.33
C2 NAG U . -11.15 38.51 -15.76
C3 NAG U . -10.45 37.62 -16.76
C4 NAG U . -8.94 37.86 -16.65
C5 NAG U . -8.53 37.59 -15.19
C6 NAG U . -7.03 37.78 -15.00
C7 NAG U . -13.45 39.20 -15.49
C8 NAG U . -14.92 38.84 -15.37
N2 NAG U . -12.57 38.24 -15.75
O3 NAG U . -10.88 37.85 -18.08
O4 NAG U . -8.24 36.95 -17.49
O5 NAG U . -9.25 38.42 -14.29
O6 NAG U . -6.63 39.12 -15.27
O7 NAG U . -13.11 40.37 -15.42
C1 BMA U . -7.66 37.62 -18.61
C2 BMA U . -6.34 36.95 -18.96
C3 BMA U . -5.73 37.51 -20.25
C4 BMA U . -6.76 37.54 -21.38
C5 BMA U . -8.06 38.17 -20.87
C6 BMA U . -9.15 38.23 -21.94
O2 BMA U . -6.64 35.56 -19.13
O3 BMA U . -4.65 36.64 -20.58
O4 BMA U . -6.31 38.27 -22.54
O5 BMA U . -8.50 37.44 -19.75
O6 BMA U . -9.44 36.95 -22.53
C1 MAN U . -3.57 37.35 -21.22
C2 MAN U . -2.96 36.37 -22.22
C3 MAN U . -2.36 35.16 -21.50
C4 MAN U . -1.41 35.63 -20.39
C5 MAN U . -2.07 36.70 -19.52
C6 MAN U . -1.07 37.21 -18.49
O2 MAN U . -1.97 37.00 -23.01
O3 MAN U . -1.70 34.34 -22.43
O4 MAN U . -1.10 34.53 -19.55
O5 MAN U . -2.57 37.78 -20.30
O6 MAN U . -0.24 38.19 -19.06
C1 MAN U . -10.31 36.13 -21.70
C2 MAN U . -9.64 34.76 -21.65
C3 MAN U . -9.70 34.10 -23.01
C4 MAN U . -11.11 34.07 -23.57
C5 MAN U . -11.73 35.46 -23.49
C6 MAN U . -13.20 35.37 -23.93
O2 MAN U . -10.24 33.92 -20.69
O3 MAN U . -9.29 32.78 -22.84
O4 MAN U . -11.09 33.64 -24.92
O5 MAN U . -11.64 35.98 -22.18
O6 MAN U . -14.06 35.00 -22.87
C1 FUC U . -12.57 34.79 -12.35
C2 FUC U . -11.36 33.93 -12.57
C3 FUC U . -10.67 33.78 -11.22
C4 FUC U . -11.66 33.18 -10.25
C5 FUC U . -13.01 33.92 -10.21
C6 FUC U . -14.03 33.12 -9.42
O2 FUC U . -10.44 34.54 -13.45
O3 FUC U . -9.53 32.96 -11.35
O4 FUC U . -11.90 31.86 -10.70
O5 FUC U . -13.52 34.16 -11.51
C1 NAG V . -8.57 24.90 -28.33
C2 NAG V . -7.42 24.61 -27.36
C3 NAG V . -7.99 24.47 -25.96
C4 NAG V . -8.70 25.73 -25.55
C5 NAG V . -9.66 26.20 -26.65
C6 NAG V . -10.11 27.61 -26.30
C7 NAG V . -5.65 23.31 -28.42
C8 NAG V . -5.07 21.95 -28.66
N2 NAG V . -6.79 23.35 -27.72
O3 NAG V . -7.02 24.16 -25.00
O4 NAG V . -9.48 25.38 -24.43
O5 NAG V . -9.07 26.17 -27.93
O6 NAG V . -8.94 28.30 -25.98
O7 NAG V . -5.14 24.33 -28.90
C1 NAG V . -9.28 26.16 -23.25
C2 NAG V . -10.58 26.07 -22.42
C3 NAG V . -10.38 26.85 -21.12
C4 NAG V . -9.16 26.27 -20.40
C5 NAG V . -7.98 26.40 -21.35
C6 NAG V . -6.65 25.96 -20.72
C7 NAG V . -12.57 25.82 -23.85
C8 NAG V . -13.60 26.53 -24.73
N2 NAG V . -11.70 26.60 -23.18
O3 NAG V . -11.54 26.74 -20.32
O4 NAG V . -8.93 27.09 -19.27
O5 NAG V . -8.24 25.58 -22.46
O6 NAG V . -6.70 24.62 -20.37
O7 NAG V . -12.50 24.60 -23.90
C1 BMA V . -9.19 26.37 -18.07
C2 BMA V . -8.13 26.74 -17.04
C3 BMA V . -8.43 26.15 -15.69
C4 BMA V . -9.90 26.34 -15.33
C5 BMA V . -10.85 25.94 -16.46
C6 BMA V . -12.29 26.17 -16.03
O2 BMA V . -8.14 28.17 -16.91
O3 BMA V . -7.61 26.82 -14.72
O4 BMA V . -10.20 25.49 -14.23
O5 BMA V . -10.50 26.71 -17.61
O6 BMA V . -12.55 27.53 -15.63
C1 MAN V . -7.17 25.88 -13.75
C2 MAN V . -6.36 26.66 -12.72
C3 MAN V . -5.07 27.14 -13.37
C4 MAN V . -4.31 25.91 -13.80
C5 MAN V . -5.16 25.21 -14.86
C6 MAN V . -4.42 23.98 -15.34
O2 MAN V . -6.07 25.84 -11.60
O3 MAN V . -4.31 27.89 -12.46
O4 MAN V . -3.06 26.26 -14.35
O5 MAN V . -6.41 24.83 -14.32
O6 MAN V . -3.61 23.54 -14.27
C1 MAN V . -12.53 28.42 -16.77
C2 MAN V . -11.74 29.66 -16.34
C3 MAN V . -12.48 30.30 -15.18
C4 MAN V . -13.93 30.63 -15.60
C5 MAN V . -14.61 29.41 -16.18
C6 MAN V . -16.04 29.77 -16.62
O2 MAN V . -11.67 30.55 -17.45
O3 MAN V . -11.84 31.49 -14.82
O4 MAN V . -14.67 31.09 -14.48
O5 MAN V . -13.82 28.85 -17.23
O6 MAN V . -15.99 30.63 -17.73
C1 FUC V . -9.15 29.71 -25.81
C2 FUC V . -8.07 30.28 -24.91
C3 FUC V . -6.74 30.20 -25.65
C4 FUC V . -6.85 30.93 -26.97
C5 FUC V . -8.14 30.54 -27.74
C6 FUC V . -8.41 31.42 -28.97
O2 FUC V . -7.97 29.51 -23.73
O3 FUC V . -5.74 30.74 -24.80
O4 FUC V . -6.83 32.31 -26.69
O5 FUC V . -9.31 30.52 -26.94
C1 NAG W . -8.70 -34.37 -64.85
C2 NAG W . -7.53 -34.84 -65.69
C3 NAG W . -6.30 -35.11 -64.83
C4 NAG W . -5.96 -33.91 -63.96
C5 NAG W . -7.18 -33.38 -63.22
C6 NAG W . -6.96 -31.96 -62.66
C7 NAG W . -8.34 -36.08 -67.62
C8 NAG W . -8.78 -37.40 -68.20
N2 NAG W . -7.90 -36.08 -66.36
O3 NAG W . -5.20 -35.47 -65.64
O4 NAG W . -5.03 -34.41 -63.01
O5 NAG W . -8.31 -33.27 -64.06
O6 NAG W . -6.28 -31.25 -63.66
O7 NAG W . -8.43 -35.03 -68.28
C1 NAG W . -3.87 -33.59 -62.91
C2 NAG W . -3.22 -33.82 -61.51
C3 NAG W . -1.88 -33.07 -61.42
C4 NAG W . -1.03 -33.50 -62.61
C5 NAG W . -1.77 -33.19 -63.91
C6 NAG W . -0.93 -33.51 -65.15
C7 NAG W . -4.96 -34.10 -59.78
C8 NAG W . -5.88 -33.38 -58.84
N2 NAG W . -4.14 -33.34 -60.51
O3 NAG W . -1.15 -33.29 -60.22
O4 NAG W . 0.20 -32.79 -62.55
O5 NAG W . -2.98 -33.91 -63.98
O6 NAG W . -0.66 -34.88 -65.22
O7 NAG W . -5.00 -35.34 -59.83
C1 BMA W . 1.25 -33.65 -62.11
C2 BMA W . 2.47 -33.41 -63.01
C3 BMA W . 3.75 -34.08 -62.50
C4 BMA W . 3.94 -33.91 -60.98
C5 BMA W . 2.63 -34.22 -60.25
C6 BMA W . 2.79 -34.08 -58.75
O2 BMA W . 2.70 -32.00 -63.06
O3 BMA W . 4.85 -33.45 -63.16
O4 BMA W . 5.01 -34.74 -60.50
O5 BMA W . 1.59 -33.37 -60.74
O6 BMA W . 3.23 -32.76 -58.37
C1 MAN W . 5.92 -34.37 -63.44
C2 MAN W . 7.18 -33.53 -63.63
C3 MAN W . 6.96 -32.56 -64.77
C4 MAN W . 6.58 -33.36 -66.01
C5 MAN W . 5.42 -34.29 -65.73
C6 MAN W . 5.14 -35.19 -66.93
O2 MAN W . 8.26 -34.38 -63.93
O3 MAN W . 8.09 -31.76 -65.00
O4 MAN W . 6.25 -32.46 -67.03
O5 MAN W . 5.67 -35.11 -64.61
O6 MAN W . 5.58 -36.49 -66.62
C1 MAN W . 2.15 -31.82 -58.42
C2 MAN W . 2.67 -30.55 -59.10
C3 MAN W . 3.76 -29.94 -58.23
C4 MAN W . 3.16 -29.65 -56.84
C5 MAN W . 2.58 -30.94 -56.26
C6 MAN W . 1.95 -30.67 -54.90
O2 MAN W . 1.60 -29.66 -59.23
O3 MAN W . 4.17 -28.72 -58.81
O4 MAN W . 4.15 -29.15 -55.96
O5 MAN W . 1.63 -31.49 -57.14
O6 MAN W . 0.88 -29.77 -55.05
C1 FUC W . -6.00 -29.90 -63.30
C2 FUC W . -4.95 -29.29 -64.20
C3 FUC W . -5.59 -29.29 -65.59
C4 FUC W . -6.83 -28.42 -65.55
C5 FUC W . -7.78 -28.82 -64.43
C6 FUC W . -8.79 -27.70 -64.20
O2 FUC W . -3.80 -30.11 -64.25
O3 FUC W . -4.70 -28.83 -66.57
O4 FUC W . -6.40 -27.08 -65.39
O5 FUC W . -7.11 -29.06 -63.20
C1 NAG X . 9.79 -21.09 -56.84
C2 NAG X . 9.81 -20.76 -58.32
C3 NAG X . 8.39 -20.47 -58.77
C4 NAG X . 7.45 -21.61 -58.47
C5 NAG X . 7.58 -22.02 -57.02
C6 NAG X . 6.81 -23.32 -56.77
C7 NAG X . 11.96 -19.89 -59.10
C8 NAG X . 12.78 -18.72 -59.51
N2 NAG X . 10.70 -19.67 -58.69
O3 NAG X . 8.40 -20.18 -60.13
O4 NAG X . 6.15 -21.08 -58.62
O5 NAG X . 8.94 -22.22 -56.69
O6 NAG X . 7.33 -24.29 -57.65
O7 NAG X . 12.47 -21.01 -59.07
C1 NAG X . 5.31 -21.89 -59.44
C2 NAG X . 3.85 -21.59 -59.05
C3 NAG X . 2.89 -22.28 -60.00
C4 NAG X . 3.26 -21.97 -61.46
C5 NAG X . 4.74 -22.32 -61.66
C6 NAG X . 5.20 -22.07 -63.09
C7 NAG X . 3.51 -21.02 -56.65
C8 NAG X . 3.35 -21.54 -55.25
N2 NAG X . 3.61 -21.92 -57.65
O3 NAG X . 1.56 -21.90 -59.70
O4 NAG X . 2.47 -22.73 -62.37
O5 NAG X . 5.56 -21.56 -60.79
O6 NAG X . 4.97 -20.71 -63.40
O7 NAG X . 3.57 -19.79 -56.82
C1 BMA X . 1.47 -21.96 -63.08
C2 BMA X . 1.33 -22.50 -64.51
C3 BMA X . 0.17 -21.89 -65.29
C4 BMA X . -1.10 -21.85 -64.47
C5 BMA X . -0.83 -21.30 -63.07
C6 BMA X . -2.06 -21.32 -62.17
O2 BMA X . 1.12 -23.92 -64.51
O3 BMA X . -0.09 -22.71 -66.44
O4 BMA X . -2.06 -21.08 -65.20
O5 BMA X . 0.20 -22.06 -62.43
O6 BMA X . -2.68 -22.61 -62.17
C1 MAN X . -0.41 -21.93 -67.60
C2 MAN X . -1.00 -22.87 -68.66
C3 MAN X . 0.05 -23.93 -68.96
C4 MAN X . 1.37 -23.30 -69.37
C5 MAN X . 1.79 -22.11 -68.50
C6 MAN X . 2.75 -21.26 -69.32
O2 MAN X . -1.32 -22.17 -69.85
O3 MAN X . -0.39 -24.75 -70.01
O4 MAN X . 2.37 -24.28 -69.32
O5 MAN X . 0.71 -21.27 -68.12
O6 MAN X . 2.01 -20.64 -70.36
C1 MAN X . -2.06 -23.49 -61.21
C2 MAN X . -1.90 -24.87 -61.81
C3 MAN X . -3.28 -25.52 -62.01
C4 MAN X . -4.02 -25.54 -60.68
C5 MAN X . -4.07 -24.14 -60.07
C6 MAN X . -4.65 -24.20 -58.66
O2 MAN X . -1.11 -25.65 -60.94
O3 MAN X . -3.15 -26.84 -62.45
O4 MAN X . -5.34 -26.03 -60.88
O5 MAN X . -2.76 -23.58 -60.00
O6 MAN X . -3.76 -24.91 -57.82
C1 FUC X . 6.65 -25.53 -57.54
C2 FUC X . 6.67 -26.26 -58.85
C3 FUC X . 8.12 -26.61 -59.17
C4 FUC X . 8.72 -27.39 -58.01
C5 FUC X . 8.44 -26.70 -56.68
C6 FUC X . 8.89 -27.53 -55.50
O2 FUC X . 6.20 -25.40 -59.84
O3 FUC X . 8.20 -27.37 -60.34
O4 FUC X . 8.13 -28.68 -58.07
O5 FUC X . 7.07 -26.39 -56.52
C1 NAG Y . 26.54 -31.76 -17.68
C2 NAG Y . 26.14 -33.19 -17.22
C3 NAG Y . 27.08 -33.70 -16.14
C4 NAG Y . 28.53 -33.51 -16.59
C5 NAG Y . 28.80 -32.11 -17.13
C6 NAG Y . 30.23 -32.01 -17.70
C7 NAG Y . 23.74 -33.75 -17.45
C8 NAG Y . 22.40 -33.75 -16.77
N2 NAG Y . 24.76 -33.29 -16.72
O3 NAG Y . 26.80 -35.06 -15.93
O4 NAG Y . 29.37 -33.73 -15.47
O5 NAG Y . 27.87 -31.81 -18.15
O6 NAG Y . 30.37 -32.87 -18.81
O7 NAG Y . 23.89 -34.16 -18.62
C1 NAG Y . 30.10 -34.94 -15.69
C2 NAG Y . 31.30 -34.96 -14.74
C3 NAG Y . 31.93 -36.35 -14.59
C4 NAG Y . 30.86 -37.42 -14.45
C5 NAG Y . 29.91 -37.27 -15.63
C6 NAG Y . 28.87 -38.40 -15.70
C7 NAG Y . 32.49 -32.83 -14.76
C8 NAG Y . 33.48 -31.96 -15.50
N2 NAG Y . 32.30 -34.05 -15.26
O3 NAG Y . 32.74 -36.38 -13.43
O4 NAG Y . 31.53 -38.68 -14.48
O5 NAG Y . 29.24 -36.03 -15.51
O6 NAG Y . 28.06 -38.37 -14.55
O7 NAG Y . 31.96 -32.43 -13.73
C1 BMA Y . 31.13 -39.51 -13.39
C2 BMA Y . 31.56 -40.93 -13.73
C3 BMA Y . 31.38 -41.89 -12.57
C4 BMA Y . 31.97 -41.32 -11.28
C5 BMA Y . 31.45 -39.91 -11.05
C6 BMA Y . 32.10 -39.32 -9.81
O2 BMA Y . 32.95 -40.95 -14.12
O3 BMA Y . 32.01 -43.16 -12.86
O4 BMA Y . 31.59 -42.16 -10.18
O5 BMA Y . 31.73 -39.07 -12.16
O6 BMA Y . 31.54 -38.01 -9.64
C1 MAN Y . 31.21 -44.25 -12.36
C2 MAN Y . 31.90 -45.53 -12.77
C3 MAN Y . 31.74 -45.73 -14.28
C4 MAN Y . 30.28 -45.68 -14.71
C5 MAN Y . 29.63 -44.39 -14.17
C6 MAN Y . 28.12 -44.39 -14.42
O2 MAN Y . 31.43 -46.61 -12.00
O3 MAN Y . 32.36 -46.94 -14.66
O4 MAN Y . 30.20 -45.72 -16.13
O5 MAN Y . 29.85 -44.25 -12.78
O6 MAN Y . 27.70 -43.08 -14.73
C1 MAN Y . 30.37 -38.10 -8.81
C2 MAN Y . 30.04 -36.67 -8.37
C3 MAN Y . 30.96 -36.16 -7.28
C4 MAN Y . 31.19 -37.21 -6.19
C5 MAN Y . 31.64 -38.51 -6.86
C6 MAN Y . 32.00 -39.65 -5.89
O2 MAN Y . 28.69 -36.59 -7.99
O3 MAN Y . 30.41 -34.98 -6.73
O4 MAN Y . 32.15 -36.77 -5.26
O5 MAN Y . 30.59 -38.94 -7.70
O6 MAN Y . 31.64 -39.35 -4.56
CL CL Z . 21.47 -25.01 19.74
S 0KY AA . 7.72 -11.39 24.77
C9 0KY AA . 6.43 -12.50 25.02
N2 0KY AA . 5.56 -12.63 23.99
N1 0KY AA . 6.26 -13.19 26.27
C5 0KY AA . 7.23 -13.06 27.37
C3 0KY AA . 6.51 -12.66 28.66
O1 0KY AA . 6.13 -13.84 29.38
C2 0KY AA . 6.36 -13.79 30.80
C1 0KY AA . 5.96 -15.09 31.47
C4 0KY AA . 5.32 -11.77 28.32
C6 0KY AA . 5.22 -14.02 26.38
N4 0KY AA . 4.87 -14.83 27.39
C10 0KY AA . 3.73 -15.48 27.01
N3 0KY AA . 3.36 -15.10 25.75
C7 0KY AA . 4.26 -14.21 25.29
C8 0KY AA . 4.47 -13.42 24.04
O2 0KY AA . 3.62 -13.48 22.99
CHA HEM BA . 10.00 -14.31 20.42
CHB HEM BA . 7.00 -10.59 20.05
CHC HEM BA . 7.03 -11.07 15.22
CHD HEM BA . 9.81 -14.97 15.61
C1A HEM BA . 9.28 -13.20 20.74
C2A HEM BA . 9.07 -12.71 22.08
C3A HEM BA . 8.19 -11.70 21.98
C4A HEM BA . 7.84 -11.54 20.58
CMA HEM BA . 7.70 -10.77 23.09
CAA HEM BA . 9.78 -13.25 23.36
CBA HEM BA . 10.79 -12.21 23.85
CGA HEM BA . 11.67 -12.78 24.94
O1A HEM BA . 11.37 -12.56 26.11
O2A HEM BA . 12.61 -13.55 24.65
C1B HEM BA . 6.67 -10.50 18.72
C2B HEM BA . 5.63 -9.65 18.17
C3B HEM BA . 5.63 -9.77 16.84
C4B HEM BA . 6.67 -10.71 16.50
CMB HEM BA . 4.70 -8.80 19.04
CAB HEM BA . 4.67 -9.10 15.83
CBB HEM BA . 3.49 -8.57 16.22
C1C HEM BA . 7.81 -12.14 14.88
C2C HEM BA . 8.20 -12.54 13.53
C3C HEM BA . 9.04 -13.58 13.65
C4C HEM BA . 9.08 -13.94 15.06
CMC HEM BA . 7.83 -11.77 12.24
CAC HEM BA . 9.67 -14.46 12.57
CBC HEM BA . 9.55 -14.19 11.28
C1D HEM BA . 9.92 -15.23 16.96
C2D HEM BA . 10.30 -16.50 17.52
C3D HEM BA . 10.33 -16.31 19.03
C4D HEM BA . 9.94 -14.94 19.22
CMD HEM BA . 10.53 -17.84 16.79
CAD HEM BA . 10.61 -17.40 20.08
CBD HEM BA . 9.37 -18.28 20.29
CGD HEM BA . 9.69 -19.36 21.30
O1D HEM BA . 10.37 -20.36 20.93
O2D HEM BA . 9.23 -19.25 22.46
NA HEM BA . 8.63 -12.39 19.84
NB HEM BA . 7.37 -11.02 17.66
NC HEM BA . 8.54 -12.89 15.76
ND HEM BA . 9.85 -14.29 17.98
FE HEM BA . 8.65 -12.58 17.81
C1 NAG CA . -21.10 -25.93 16.72
C2 NAG CA . -20.99 -24.53 17.32
C3 NAG CA . -22.32 -23.78 17.27
C4 NAG CA . -22.91 -23.82 15.87
C5 NAG CA . -22.89 -25.24 15.30
C6 NAG CA . -23.36 -25.26 13.84
C7 NAG CA . -19.24 -24.04 18.92
C8 NAG CA . -18.77 -24.04 20.35
N2 NAG CA . -20.46 -24.52 18.67
O3 NAG CA . -22.13 -22.44 17.64
O4 NAG CA . -24.24 -23.38 15.94
O5 NAG CA . -21.62 -25.83 15.41
O6 NAG CA . -22.39 -24.70 12.97
O7 NAG CA . -18.49 -23.60 18.05
C1 NAG DA . -11.94 1.50 23.41
C2 NAG DA . -11.64 2.93 22.99
C3 NAG DA . -12.95 3.74 23.03
C4 NAG DA . -14.10 3.02 22.33
C5 NAG DA . -14.20 1.57 22.78
C6 NAG DA . -15.27 0.83 21.99
C7 NAG DA . -9.31 3.32 23.75
C8 NAG DA . -8.43 3.85 24.85
N2 NAG DA . -10.64 3.45 23.91
O3 NAG DA . -12.80 5.02 22.44
O4 NAG DA . -15.33 3.65 22.60
O5 NAG DA . -12.95 0.96 22.58
O6 NAG DA . -16.36 0.55 22.84
O7 NAG DA . -8.77 2.83 22.76
CA CA EA . 3.89 -27.70 14.91
CL CL FA . 25.46 -41.99 21.64
CHA HEM GA . 32.12 -52.64 31.19
CHB HEM GA . 34.32 -56.39 33.22
CHC HEM GA . 38.13 -55.93 30.23
CHD HEM GA . 36.04 -52.04 28.32
C1A HEM GA . 32.29 -53.75 31.95
C2A HEM GA . 31.40 -54.29 32.96
C3A HEM GA . 32.04 -55.33 33.52
C4A HEM GA . 33.35 -55.45 32.90
CMA HEM GA . 31.50 -56.24 34.64
CAA HEM GA . 29.98 -53.76 33.28
CBA HEM GA . 28.94 -54.83 33.06
CGA HEM GA . 27.59 -54.25 32.76
O1A HEM GA . 26.69 -54.50 33.58
O2A HEM GA . 27.36 -53.65 31.67
C1B HEM GA . 35.58 -56.47 32.68
C2B HEM GA . 36.65 -57.28 33.20
C3B HEM GA . 37.71 -57.16 32.40
C4B HEM GA . 37.33 -56.29 31.31
CMB HEM GA . 36.51 -58.11 34.49
CAB HEM GA . 39.10 -57.88 32.47
CBB HEM GA . 39.86 -57.99 33.58
C1C HEM GA . 37.96 -54.81 29.46
C2C HEM GA . 38.78 -54.35 28.35
C3C HEM GA . 38.18 -53.27 27.83
C4C HEM GA . 36.94 -53.07 28.54
CMC HEM GA . 40.16 -54.97 27.97
CAC HEM GA . 38.68 -52.31 26.71
CBC HEM GA . 39.71 -52.63 25.93
C1D HEM GA . 34.91 -51.76 29.05
C2D HEM GA . 34.24 -50.47 29.09
C3D HEM GA . 33.05 -50.66 30.01
C4D HEM GA . 33.10 -52.04 30.41
CMD HEM GA . 34.58 -49.17 28.34
CAD HEM GA . 32.00 -49.58 30.39
CBD HEM GA . 32.44 -48.88 31.70
CGD HEM GA . 31.45 -47.82 32.12
O1D HEM GA . 31.31 -46.80 31.39
O2D HEM GA . 30.87 -47.95 33.25
NA HEM GA . 33.39 -54.58 31.84
NB HEM GA . 36.00 -55.93 31.48
NC HEM GA . 36.79 -54.06 29.48
ND HEM GA . 34.18 -52.68 29.80
FE HEM GA . 35.06 -54.34 30.59
S 0KY HA . 30.22 -55.59 35.70
C9 0KY HA . 30.98 -54.52 36.82
N2 0KY HA . 32.34 -54.49 36.82
N1 0KY HA . 30.21 -53.70 37.71
C5 0KY HA . 28.73 -53.73 37.73
C3 0KY HA . 28.22 -54.47 38.96
O1 0KY HA . 27.81 -53.53 39.98
C2 0KY HA . 26.39 -53.49 40.20
C1 0KY HA . 25.99 -52.20 40.88
C4 0KY HA . 29.30 -55.40 39.52
C6 0KY HA . 30.86 -52.87 38.53
N4 0KY HA . 30.38 -52.01 39.44
C10 0KY HA . 31.44 -51.41 40.03
N3 0KY HA . 32.61 -51.88 39.52
C7 0KY HA . 32.33 -52.80 38.57
C8 0KY HA . 33.06 -53.70 37.64
O2 0KY HA . 34.42 -53.72 37.60
C1 NAG IA . 54.18 -41.10 53.29
C2 NAG IA . 53.78 -42.53 53.63
C3 NAG IA . 54.72 -43.03 54.73
C4 NAG IA . 56.17 -42.95 54.25
C5 NAG IA . 56.49 -41.51 53.83
C6 NAG IA . 57.88 -41.44 53.22
C7 NAG IA . 51.40 -43.04 53.28
C8 NAG IA . 50.03 -43.05 53.90
N2 NAG IA . 52.40 -42.60 54.06
O3 NAG IA . 54.38 -44.37 55.00
O4 NAG IA . 57.08 -43.51 55.20
O5 NAG IA . 55.52 -41.05 52.85
O6 NAG IA . 57.83 -41.97 51.90
O7 NAG IA . 51.57 -43.43 52.11
C1 NAG JA . 43.97 -68.13 50.38
C2 NAG JA . 44.38 -69.43 49.65
C3 NAG JA . 45.50 -70.22 50.34
C4 NAG JA . 46.60 -69.29 50.83
C5 NAG JA . 45.92 -68.23 51.71
C6 NAG JA . 46.93 -67.35 52.45
C7 NAG JA . 42.52 -70.29 48.33
C8 NAG JA . 41.39 -71.27 48.26
N2 NAG JA . 43.24 -70.31 49.45
O3 NAG JA . 46.04 -71.16 49.44
O4 NAG JA . 47.64 -69.99 51.47
O5 NAG JA . 45.10 -67.43 50.90
O6 NAG JA . 46.23 -66.70 53.49
O7 NAG JA . 42.72 -69.52 47.39
CA CA KA . 40.04 -39.22 32.62
CL CL LA . 4.79 18.25 52.94
CHA HEM MA . -4.79 9.50 61.80
CHB HEM MA . -6.86 6.09 64.48
CHC HEM MA . -3.27 6.31 67.72
CHD HEM MA . -1.32 9.83 65.20
C1A HEM MA . -5.63 8.48 62.15
C2A HEM MA . -6.86 8.09 61.48
C3A HEM MA . -7.43 7.14 62.23
C4A HEM MA . -6.61 6.94 63.43
CMA HEM MA . -8.69 6.29 61.92
CAA HEM MA . -7.28 8.56 60.08
CBA HEM MA . -7.15 7.36 59.13
CGA HEM MA . -7.20 7.78 57.68
O1A HEM MA . -8.18 7.47 56.98
O2A HEM MA . -6.26 8.44 57.21
C1B HEM MA . -6.11 5.97 65.62
C2B HEM MA . -6.51 5.24 66.82
C3B HEM MA . -5.51 5.29 67.69
C4B HEM MA . -4.47 6.09 67.11
CMB HEM MA . -7.87 4.54 67.05
CAB HEM MA . -5.44 4.70 69.12
CBB HEM MA . -6.45 4.80 70.00
C1C HEM MA . -2.39 7.27 67.33
C2C HEM MA . -1.11 7.56 67.92
C3C HEM MA . -0.58 8.55 67.20
C4C HEM MA . -1.50 8.87 66.15
CMC HEM MA . -0.52 6.87 69.16
CAC HEM MA . 0.73 9.31 67.43
CBC HEM MA . 1.64 8.84 68.27
C1D HEM MA . -2.14 10.12 64.16
C2D HEM MA . -2.08 11.34 63.42
C3D HEM MA . -3.14 11.25 62.37
C4D HEM MA . -3.75 9.97 62.55
CMD HEM MA . -1.08 12.49 63.62
CAD HEM MA . -3.49 12.35 61.33
CBD HEM MA . -4.45 13.35 61.97
CGD HEM MA . -4.96 14.35 60.94
O1D HEM MA . -4.21 15.26 60.53
O2D HEM MA . -6.17 14.25 60.60
NA HEM MA . -5.48 7.71 63.28
NB HEM MA . -4.79 6.40 65.78
NC HEM MA . -2.52 7.97 66.19
ND HEM MA . -3.15 9.32 63.64
FE HEM MA . -3.93 7.80 64.72
C1 NAG NA . -21.40 25.03 85.97
C2 NAG NA . -21.94 23.64 85.63
C3 NAG NA . -22.83 23.15 86.76
C4 NAG NA . -22.08 23.26 88.10
C5 NAG NA . -21.54 24.66 88.30
C6 NAG NA . -20.70 24.73 89.57
C7 NAG NA . -22.13 23.09 83.25
C8 NAG NA . -22.94 23.16 81.98
N2 NAG NA . -22.64 23.65 84.34
O3 NAG NA . -23.18 21.81 86.51
O4 NAG NA . -22.96 23.03 89.18
O5 NAG NA . -20.71 25.01 87.21
O6 NAG NA . -19.48 24.09 89.27
O7 NAG NA . -21.02 22.55 83.23
C1 NAG OA . -24.40 -2.55 77.25
C2 NAG OA . -23.19 -3.36 77.70
C3 NAG OA . -23.32 -3.87 79.12
C4 NAG OA . -23.88 -2.78 80.04
C5 NAG OA . -25.18 -2.26 79.43
C6 NAG OA . -25.91 -1.28 80.33
C7 NAG OA . -21.97 -5.33 76.89
C8 NAG OA . -21.81 -6.32 75.77
N2 NAG OA . -22.94 -4.43 76.74
O3 NAG OA . -22.06 -4.30 79.57
O4 NAG OA . -24.14 -3.30 81.32
O5 NAG OA . -24.84 -1.64 78.23
O6 NAG OA . -26.89 -0.64 79.56
O7 NAG OA . -21.26 -5.39 77.90
CA CA PA . -3.04 23.35 68.76
S 0KY QA . -9.91 7.02 60.83
C9 0KY QA . -10.72 8.29 61.66
N2 0KY QA . -10.54 8.37 63.02
N1 0KY QA . -11.62 9.13 60.95
C5 0KY QA . -11.83 9.01 59.51
C3 0KY QA . -13.08 8.19 59.13
O1 0KY QA . -14.27 8.97 59.29
C2 0KY QA . -14.91 9.28 58.05
C1 0KY QA . -16.17 10.10 58.27
C4 0KY QA . -13.19 6.90 59.93
C6 0KY QA . -12.26 10.08 61.64
N4 0KY QA . -13.12 11.02 61.21
C10 0KY QA . -13.49 11.75 62.30
N3 0KY QA . -12.88 11.28 63.43
C7 0KY QA . -12.12 10.23 63.10
C8 0KY QA . -11.17 9.30 63.78
O2 0KY QA . -10.95 9.42 65.11
CL CL RA . 8.21 34.55 47.31
CHA HEM SA . 6.93 44.44 35.16
CHB HEM SA . 7.48 47.98 32.01
CHC HEM SA . 12.10 46.73 31.19
CHD HEM SA . 11.60 43.17 34.39
C1A HEM SA . 6.67 45.58 34.44
C2A HEM SA . 5.41 46.30 34.43
C3A HEM SA . 5.57 47.27 33.52
C4A HEM SA . 6.90 47.15 32.94
CMA HEM SA . 4.54 48.36 33.16
CAA HEM SA . 4.18 45.96 35.34
CBA HEM SA . 4.07 47.02 36.44
CGA HEM SA . 3.07 46.65 37.53
O1A HEM SA . 1.95 47.22 37.59
O2A HEM SA . 3.43 45.83 38.40
C1B HEM SA . 8.70 47.80 31.40
C2B HEM SA . 9.12 48.39 30.16
C3B HEM SA . 10.39 48.05 29.94
C4B HEM SA . 10.82 47.24 31.04
CMB HEM SA . 8.23 49.28 29.27
CAB HEM SA . 11.31 48.43 28.74
CBB HEM SA . 10.86 48.81 27.55
C1C HEM SA . 12.41 45.65 31.97
C2C HEM SA . 13.72 45.06 32.15
C3C HEM SA . 13.59 44.06 33.03
C4C HEM SA . 12.20 44.01 33.47
CMC HEM SA . 14.98 45.56 31.38
CAC HEM SA . 14.71 43.12 33.51
CBC HEM SA . 15.97 43.29 33.08
C1D HEM SA . 10.26 43.08 34.71
C2D HEM SA . 9.59 41.91 35.27
C3D HEM SA . 8.11 42.28 35.44
C4D HEM SA . 8.06 43.67 35.03
CMD HEM SA . 10.17 40.52 35.58
CAD HEM SA . 6.95 41.42 35.99
CBD HEM SA . 6.46 40.41 34.93
CGD HEM SA . 5.36 39.53 35.48
O1D HEM SA . 5.63 38.39 35.93
O2D HEM SA . 4.17 39.96 35.37
NA HEM SA . 7.59 46.24 33.67
NB HEM SA . 9.79 47.18 31.96
NC HEM SA . 11.56 45.07 32.86
ND HEM SA . 9.33 44.12 34.67
FE HEM SA . 9.57 45.72 33.33
C1 NAG TA . 4.08 30.56 5.09
C2 NAG TA . 3.62 32.00 5.10
C3 NAG TA . 3.53 32.60 3.69
C4 NAG TA . 4.84 32.35 2.95
C5 NAG TA . 5.21 30.87 3.02
C6 NAG TA . 6.57 30.68 2.38
C7 NAG TA . 2.18 32.75 6.92
C8 NAG TA . 0.85 32.59 7.63
N2 NAG TA . 2.34 32.04 5.80
O3 NAG TA . 3.36 33.99 3.81
O4 NAG TA . 4.77 32.78 1.60
O5 NAG TA . 5.29 30.44 4.37
O6 NAG TA . 7.55 31.24 3.23
O7 NAG TA . 3.03 33.50 7.36
C1 NAG UA . 1.91 59.13 12.78
C2 NAG UA . 3.08 60.08 13.03
C3 NAG UA . 3.19 61.08 11.89
C4 NAG UA . 3.27 60.33 10.56
C5 NAG UA . 2.08 59.36 10.44
C6 NAG UA . 2.17 58.56 9.14
C7 NAG UA . 4.02 61.12 15.05
C8 NAG UA . 3.75 61.70 16.41
N2 NAG UA . 2.96 60.69 14.34
O3 NAG UA . 4.34 61.86 12.05
O4 NAG UA . 3.25 61.25 9.49
O5 NAG UA . 2.06 58.46 11.54
O6 NAG UA . 0.90 58.01 8.86
O7 NAG UA . 5.17 61.08 14.61
CA CA VA . 9.53 30.10 29.54
S 0KY WA . 2.85 47.83 33.15
C9 0KY WA . 2.38 46.85 31.80
N2 0KY WA . 3.36 46.51 30.90
N1 0KY WA . 1.01 46.49 31.63
C5 0KY WA . 0.01 46.87 32.64
C3 0KY WA . -1.18 47.64 32.06
O1 0KY WA . -2.34 46.79 32.12
C2 0KY WA . -3.52 47.37 31.53
C1 0KY WA . -4.11 46.45 30.49
C4 0KY WA . -0.91 48.14 30.64
C6 0KY WA . 0.69 45.72 30.56
N4 0KY WA . -0.50 45.24 30.16
C10 0KY WA . -0.29 44.58 28.98
N3 0KY WA . 1.01 44.64 28.61
C7 0KY WA . 1.69 45.35 29.55
C8 0KY WA . 3.09 45.79 29.78
O2 0KY WA . 4.08 45.45 28.90
CL CL XA . -23.08 25.27 -19.60
CHA HEM YA . -32.55 16.37 -10.94
CHB HEM YA . -34.72 13.01 -8.25
CHC HEM YA . -31.06 13.10 -5.05
CHD HEM YA . -29.00 16.66 -7.60
C1A HEM YA . -33.47 15.41 -10.54
C2A HEM YA . -34.66 14.99 -11.27
C3A HEM YA . -35.29 14.09 -10.50
C4A HEM YA . -34.48 13.86 -9.30
CMA HEM YA . -36.54 13.28 -10.89
CAA HEM YA . -35.07 15.53 -12.68
CBA HEM YA . -34.85 14.41 -13.70
CGA HEM YA . -34.96 14.91 -15.13
O1A HEM YA . -35.98 14.63 -15.77
O2A HEM YA . -33.97 15.46 -15.66
C1B HEM YA . -33.95 12.85 -7.11
C2B HEM YA . -34.36 12.07 -5.95
C3B HEM YA . -33.38 12.09 -5.06
C4B HEM YA . -32.27 12.84 -5.63
CMB HEM YA . -35.71 11.34 -5.84
CAB HEM YA . -33.38 11.33 -3.71
CBB HEM YA . -34.28 11.55 -2.74
C1C HEM YA . -30.17 14.09 -5.44
C2C HEM YA . -28.93 14.41 -4.77
C3C HEM YA . -28.32 15.36 -5.49
C4C HEM YA . -29.21 15.71 -6.61
CMC HEM YA . -28.46 13.67 -3.49
CAC HEM YA . -27.03 16.14 -5.19
CBC HEM YA . -26.06 15.65 -4.41
C1D HEM YA . -29.87 17.03 -8.61
C2D HEM YA . -29.89 18.30 -9.33
C3D HEM YA . -30.99 18.20 -10.37
C4D HEM YA . -31.53 16.88 -10.19
CMD HEM YA . -29.00 19.55 -9.14
CAD HEM YA . -31.43 19.32 -11.33
CBD HEM YA . -32.30 20.35 -10.60
CGD HEM YA . -32.91 21.29 -11.62
O1D HEM YA . -32.22 22.19 -12.16
O2D HEM YA . -34.11 21.13 -11.93
NA HEM YA . -33.38 14.64 -9.41
NB HEM YA . -32.62 13.25 -6.91
NC HEM YA . -30.17 14.75 -6.65
ND HEM YA . -30.84 16.19 -9.17
FE HEM YA . -31.71 14.64 -8.05
S 0KY ZA . -37.79 14.20 -11.76
C9 0KY ZA . -38.73 15.40 -10.95
N2 0KY ZA . -38.51 15.51 -9.61
N1 0KY ZA . -39.67 16.21 -11.66
C5 0KY ZA . -39.88 16.08 -13.11
C3 0KY ZA . -41.33 15.74 -13.49
O1 0KY ZA . -42.01 16.94 -13.88
C2 0KY ZA . -42.83 16.82 -15.06
C1 0KY ZA . -43.31 18.18 -15.52
C4 0KY ZA . -42.08 15.07 -12.35
C6 0KY ZA . -40.30 17.15 -10.96
N4 0KY ZA . -41.21 18.05 -11.36
C10 0KY ZA . -41.59 18.76 -10.26
N3 0KY ZA . -40.93 18.33 -9.15
C7 0KY ZA . -40.11 17.33 -9.51
C8 0KY ZA . -39.15 16.42 -8.84
O2 0KY ZA . -38.89 16.49 -7.51
C1 NAG AB . -48.49 31.47 14.04
C2 NAG AB . -48.98 30.06 13.72
C3 NAG AB . -49.65 29.36 14.92
C4 NAG AB . -48.96 29.65 16.24
C5 NAG AB . -48.63 31.13 16.35
C6 NAG AB . -47.91 31.43 17.66
C7 NAG AB . -49.59 29.76 11.34
C8 NAG AB . -50.68 29.91 10.31
N2 NAG AB . -49.90 30.14 12.59
O3 NAG AB . -49.59 27.98 14.73
O4 NAG AB . -49.74 29.21 17.35
O5 NAG AB . -47.79 31.45 15.26
O6 NAG AB . -46.68 30.75 17.70
O7 NAG AB . -48.52 29.27 11.00
C1 NAG BB . -51.37 3.92 4.43
C2 NAG BB . -50.77 2.53 4.38
C3 NAG BB . -51.42 1.67 5.46
C4 NAG BB . -51.26 2.34 6.82
C5 NAG BB . -51.85 3.74 6.75
C6 NAG BB . -51.70 4.49 8.07
C7 NAG BB . -50.07 2.17 2.05
C8 NAG BB . -50.39 1.54 0.72
N2 NAG BB . -50.92 1.94 3.05
O3 NAG BB . -50.86 0.38 5.46
O4 NAG BB . -51.91 1.60 7.84
O5 NAG BB . -51.21 4.46 5.73
O6 NAG BB . -52.76 5.42 8.24
O7 NAG BB . -49.07 2.90 2.12
CA CA CB . -30.73 30.05 -3.55
CL CL DB . -19.53 41.64 -24.86
CHA HEM EB . -20.57 51.86 -36.80
CHB HEM EB . -20.13 55.37 -40.07
CHC HEM EB . -15.44 54.14 -40.79
CHD HEM EB . -15.97 50.41 -37.70
C1A HEM EB . -20.84 52.96 -37.56
C2A HEM EB . -22.12 53.66 -37.63
C3A HEM EB . -22.01 54.63 -38.54
C4A HEM EB . -20.66 54.57 -39.09
CMA HEM EB . -23.07 55.66 -38.95
CAA HEM EB . -23.33 53.29 -36.76
CBA HEM EB . -23.47 54.38 -35.70
CGA HEM EB . -24.57 54.01 -34.74
O1A HEM EB . -25.72 54.50 -34.94
O2A HEM EB . -24.26 53.34 -33.72
C1B HEM EB . -18.86 55.25 -40.61
C2B HEM EB . -18.38 56.00 -41.74
C3B HEM EB . -17.11 55.65 -41.97
C4B HEM EB . -16.69 54.73 -40.94
CMB HEM EB . -19.26 56.96 -42.56
CAB HEM EB . -16.20 56.20 -43.11
CBB HEM EB . -16.51 56.04 -44.41
C1C HEM EB . -15.13 53.04 -40.01
C2C HEM EB . -13.82 52.44 -39.81
C3C HEM EB . -13.98 51.40 -38.98
C4C HEM EB . -15.38 51.33 -38.56
CMC HEM EB . -12.54 52.97 -40.49
CAC HEM EB . -12.92 50.39 -38.44
CBC HEM EB . -11.65 50.47 -38.79
C1D HEM EB . -17.30 50.36 -37.28
C2D HEM EB . -18.03 49.19 -36.79
C3D HEM EB . -19.46 49.64 -36.54
C4D HEM EB . -19.46 51.04 -36.92
CMD HEM EB . -17.53 47.74 -36.55
CAD HEM EB . -20.64 48.77 -36.07
CBD HEM EB . -21.12 47.92 -37.26
CGD HEM EB . -22.30 47.04 -36.89
O1D HEM EB . -22.06 45.92 -36.37
O2D HEM EB . -23.47 47.46 -37.14
NA HEM EB . -19.95 53.66 -38.34
NB HEM EB . -17.79 54.52 -40.11
NC HEM EB . -16.02 52.39 -39.16
ND HEM EB . -18.18 51.44 -37.29
FE HEM EB . -17.95 53.07 -38.70
S 0KY FB . -24.78 55.17 -38.88
C9 0KY FB . -25.27 54.08 -40.13
N2 0KY FB . -24.39 53.91 -41.16
N1 0KY FB . -26.55 53.42 -40.10
C5 0KY FB . -27.48 53.59 -38.96
C3 0KY FB . -28.67 54.52 -39.28
O1 0KY FB . -29.78 53.74 -39.73
C2 0KY FB . -31.04 54.17 -39.20
C1 0KY FB . -32.07 53.07 -39.34
C4 0KY FB . -28.31 55.58 -40.32
C6 0KY FB . -26.85 52.59 -41.09
N4 0KY FB . -27.96 51.85 -41.28
C10 0KY FB . -27.80 51.17 -42.46
N3 0KY FB . -26.59 51.48 -43.03
C7 0KY FB . -25.95 52.37 -42.23
C8 0KY FB . -24.65 53.10 -42.22
O2 0KY FB . -23.73 52.97 -43.22
C1 NAG GB . -23.13 38.89 -67.48
C2 NAG GB . -23.53 40.36 -67.42
C3 NAG GB . -23.62 40.99 -68.80
C4 NAG GB . -22.40 40.72 -69.67
C5 NAG GB . -21.92 39.27 -69.55
C6 NAG GB . -20.50 39.13 -70.14
C7 NAG GB . -24.86 41.14 -65.58
C8 NAG GB . -26.21 41.29 -64.94
N2 NAG GB . -24.81 40.56 -66.76
O3 NAG GB . -23.81 42.38 -68.65
O4 NAG GB . -22.74 41.10 -71.02
O5 NAG GB . -21.91 38.79 -68.21
O6 NAG GB . -19.51 39.35 -69.15
O7 NAG GB . -23.83 41.49 -65.01
C1 NAG HB . -24.22 66.89 -59.49
C2 NAG HB . -23.11 67.94 -59.38
C3 NAG HB . -22.57 68.41 -60.72
C4 NAG HB . -22.50 67.30 -61.77
C5 NAG HB . -23.87 66.65 -61.79
C6 NAG HB . -24.07 65.66 -62.93
C7 NAG HB . -23.43 69.15 -57.27
C8 NAG HB . -24.03 70.35 -56.59
N2 NAG HB . -23.62 69.05 -58.59
O3 NAG HB . -21.29 68.97 -60.55
O4 NAG HB . -22.21 67.84 -63.02
O5 NAG HB . -24.00 66.00 -60.56
O6 NAG HB . -25.39 65.82 -63.40
O7 NAG HB . -22.76 68.36 -56.61
CA CA IB . -18.11 37.53 -42.87
CL CL JB . -6.43 -18.40 -52.14
CHA HEM KB . -17.77 -7.55 -52.21
CHB HEM KB . -20.70 -3.81 -52.83
CHC HEM KB . -20.64 -4.62 -57.66
CHD HEM KB . -17.99 -8.59 -56.98
C1A HEM KB . -18.51 -6.44 -51.96
C2A HEM KB . -18.69 -5.85 -50.65
C3A HEM KB . -19.55 -4.83 -50.79
C4A HEM KB . -19.86 -4.71 -52.21
CMA HEM KB . -20.01 -3.89 -49.63
CAA HEM KB . -18.02 -6.37 -49.35
CBA HEM KB . -17.23 -5.25 -48.71
CGA HEM KB . -16.28 -5.76 -47.67
O1A HEM KB . -16.43 -5.34 -46.50
O2A HEM KB . -15.35 -6.52 -47.99
C1B HEM KB . -21.02 -3.84 -54.18
C2B HEM KB . -22.07 -3.04 -54.78
C3B HEM KB . -22.04 -3.24 -56.10
C4B HEM KB . -20.99 -4.19 -56.39
CMB HEM KB . -22.98 -2.13 -53.94
CAB HEM KB . -23.00 -2.66 -57.18
CBB HEM KB . -24.15 -2.08 -56.85
C1C HEM KB . -19.87 -5.73 -57.94
C2C HEM KB . -19.47 -6.22 -59.26
C3C HEM KB . -18.73 -7.32 -59.05
C4C HEM KB . -18.65 -7.56 -57.61
CMC HEM KB . -19.89 -5.62 -60.62
CAC HEM KB . -18.16 -8.30 -60.10
CBC HEM KB . -18.04 -7.99 -61.39
C1D HEM KB . -17.89 -8.76 -55.60
C2D HEM KB . -17.55 -10.01 -54.93
C3D HEM KB . -17.49 -9.69 -53.46
C4D HEM KB . -17.80 -8.28 -53.37
CMD HEM KB . -17.29 -11.41 -55.52
CAD HEM KB . -17.22 -10.71 -52.31
CBD HEM KB . -18.50 -11.48 -51.94
CGD HEM KB . -18.16 -12.49 -50.88
O1D HEM KB . -17.45 -13.48 -51.19
O2D HEM KB . -18.65 -12.35 -49.72
NA HEM KB . -19.12 -5.63 -52.89
NB HEM KB . -20.31 -4.46 -55.20
NC HEM KB . -19.22 -6.48 -56.99
ND HEM KB . -17.95 -7.74 -54.64
FE HEM KB . -19.08 -6.02 -54.92
C1 NAG LB . -48.82 -18.78 -55.45
C2 NAG LB . -48.81 -17.33 -54.97
C3 NAG LB . -50.16 -16.66 -55.20
C4 NAG LB . -50.68 -16.96 -56.61
C5 NAG LB . -50.69 -18.47 -56.86
C6 NAG LB . -51.19 -18.78 -58.26
C7 NAG LB . -47.23 -16.87 -53.17
C8 NAG LB . -46.94 -16.89 -51.69
N2 NAG LB . -48.43 -17.30 -53.57
O3 NAG LB . -50.01 -15.26 -55.05
O4 NAG LB . -51.94 -16.37 -56.81
O5 NAG LB . -49.37 -18.96 -56.75
O6 NAG LB . -50.21 -18.40 -59.21
O7 NAG LB . -46.40 -16.42 -53.96
C1 NAG MB . -40.03 8.49 -50.33
C2 NAG MB . -39.95 9.99 -50.57
C3 NAG MB . -41.33 10.62 -50.40
C4 NAG MB . -42.42 9.82 -51.11
C5 NAG MB . -42.31 8.33 -50.77
C6 NAG MB . -43.38 7.51 -51.49
C7 NAG MB . -37.67 10.56 -49.89
C8 NAG MB . -36.78 11.13 -48.81
N2 NAG MB . -38.99 10.54 -49.64
O3 NAG MB . -41.35 11.95 -50.86
O4 NAG MB . -43.70 10.30 -50.74
O5 NAG MB . -41.02 7.90 -51.15
O6 NAG MB . -44.39 7.14 -50.57
O7 NAG MB . -37.19 10.16 -50.94
CA CA NB . -23.91 -21.30 -56.92
S 0KY OB . -20.34 -4.68 -48.05
C9 0KY OB . -21.83 -5.53 -48.19
N2 0KY OB . -22.35 -5.68 -49.45
N1 0KY OB . -22.52 -6.00 -47.03
C5 0KY OB . -21.97 -5.81 -45.66
C3 0KY OB . -22.71 -4.69 -44.90
O1 0KY OB . -24.04 -4.52 -45.40
C2 0KY OB . -24.86 -3.66 -44.59
C1 0KY OB . -26.32 -3.85 -44.94
C4 0KY OB . -21.93 -3.38 -45.00
C6 0KY OB . -23.69 -6.63 -47.21
N4 0KY OB . -24.51 -7.18 -46.30
C10 0KY OB . -25.58 -7.69 -46.98
N3 0KY OB . -25.45 -7.45 -48.32
C7 0KY OB . -24.29 -6.80 -48.54
C8 0KY OB . -23.52 -6.30 -49.70
O2 0KY OB . -23.97 -6.44 -50.98
CL CL PB . -2.57 -35.35 -48.91
CHA HEM QB . 4.06 -45.25 -38.32
CHB HEM QB . 6.18 -48.94 -36.02
CHC HEM QB . 9.98 -48.51 -39.06
CHD HEM QB . 7.89 -44.77 -41.30
C1A HEM QB . 4.25 -46.32 -37.50
C2A HEM QB . 3.34 -46.76 -36.46
C3A HEM QB . 3.94 -47.77 -35.81
C4A HEM QB . 5.25 -47.98 -36.40
CMA HEM QB . 3.33 -48.58 -34.66
CAA HEM QB . 1.92 -46.19 -36.22
CBA HEM QB . 0.90 -47.18 -36.81
CGA HEM QB . -0.50 -46.60 -36.83
O1A HEM QB . -1.25 -46.82 -35.84
O2A HEM QB . -0.87 -45.98 -37.86
C1B HEM QB . 7.46 -49.04 -36.55
C2B HEM QB . 8.60 -49.75 -35.97
C3B HEM QB . 9.65 -49.60 -36.80
C4B HEM QB . 9.22 -48.80 -37.93
CMB HEM QB . 8.57 -50.48 -34.62
CAB HEM QB . 11.09 -50.15 -36.63
CBB HEM QB . 11.53 -50.72 -35.50
C1C HEM QB . 9.74 -47.50 -39.97
C2C HEM QB . 10.54 -47.18 -41.13
C3C HEM QB . 9.95 -46.15 -41.76
C4C HEM QB . 8.78 -45.78 -41.00
CMC HEM QB . 11.82 -47.90 -41.55
CAC HEM QB . 10.39 -45.37 -43.03
CBC HEM QB . 11.41 -45.77 -43.81
C1D HEM QB . 6.77 -44.45 -40.57
C2D HEM QB . 6.08 -43.18 -40.62
C3D HEM QB . 4.91 -43.32 -39.64
C4D HEM QB . 4.98 -44.67 -39.14
CMD HEM QB . 6.42 -41.94 -41.48
CAD HEM QB . 3.89 -42.22 -39.29
CBD HEM QB . 4.48 -41.35 -38.19
CGD HEM QB . 3.47 -40.31 -37.78
O1D HEM QB . 3.31 -39.31 -38.54
O2D HEM QB . 2.80 -40.54 -36.74
NA HEM QB . 5.36 -47.13 -37.49
NB HEM QB . 7.86 -48.53 -37.78
NC HEM QB . 8.60 -46.74 -40.03
ND HEM QB . 6.06 -45.32 -39.75
FE HEM QB . 6.93 -46.97 -38.80
CA CA RB . 12.09 -31.83 -38.20
C1 NAG SB . 15.73 -58.91 -17.81
C2 NAG SB . 16.18 -60.22 -18.48
C3 NAG SB . 17.20 -60.95 -17.61
C4 NAG SB . 18.35 -60.00 -17.32
C5 NAG SB . 17.75 -58.81 -16.57
C6 NAG SB . 18.80 -57.84 -16.06
C7 NAG SB . 14.73 -61.48 -19.97
C8 NAG SB . 13.48 -62.30 -20.11
N2 NAG SB . 15.02 -61.04 -18.75
O3 NAG SB . 17.68 -62.10 -18.27
O4 NAG SB . 19.40 -60.62 -16.60
O5 NAG SB . 16.86 -58.14 -17.44
O6 NAG SB . 18.33 -57.35 -14.82
O7 NAG SB . 15.43 -61.25 -20.96
S 0KY TB . 2.14 -47.69 -33.69
C9 0KY TB . 3.21 -46.73 -32.72
N2 0KY TB . 4.54 -46.78 -33.04
N1 0KY TB . 2.73 -46.00 -31.60
C5 0KY TB . 1.30 -45.91 -31.27
C3 0KY TB . 0.86 -46.79 -30.11
O1 0KY TB . -0.44 -46.37 -29.68
C2 0KY TB . -0.99 -47.14 -28.62
C1 0KY TB . -1.22 -46.25 -27.40
C4 0KY TB . 1.84 -46.75 -28.94
C6 0KY TB . 3.61 -45.26 -30.91
N4 0KY TB . 3.40 -44.47 -29.85
C10 0KY TB . 4.62 -43.99 -29.47
N3 0KY TB . 5.61 -44.48 -30.28
C7 0KY TB . 5.05 -45.29 -31.20
C8 0KY TB . 5.49 -46.11 -32.36
O2 0KY TB . 6.79 -46.16 -32.75
#